data_5O82
#
_entry.id   5O82
#
_cell.length_a   170.550
_cell.length_b   170.550
_cell.length_c   265.823
_cell.angle_alpha   90.000
_cell.angle_beta   90.000
_cell.angle_gamma   90.000
#
_symmetry.space_group_name_H-M   'P 43 21 2'
#
loop_
_entity.id
_entity.type
_entity.pdbx_description
1 polymer 'Intracellular exo-alpha-(1->5)-L-arabinofuranosidase'
2 non-polymer alpha-L-arabinofuranose
3 water water
#
_entity_poly.entity_id   1
_entity_poly.type   'polypeptide(L)'
_entity_poly.pdbx_seq_one_letter_code
;KKARMTVDKDYKIAEIDKRIYGSFVEHLGRAVYDGLYQPGNSKSDEDGFRKDVIELVKELNVPIIAYPGGNFVSNYFWED
GVGPVEDRPRRLDLAWKSIEPNQVGINEFAKWCKKVNAEIMMAVNLGTRGISDACNLLEYCNHPGGSKYSDMRIKHGVKE
PHNIKVWCLGNAMDGPWQVGHKTMDEYGRIAEETARAMKMIDPSIELVACGSSSKDMPTFPQWEATVLDYAYDYVDYISL
HQYYGNKENDTADFLAKSDDLDDFIRSVIATCDYIKAKKRSKKDIYLSFDEWNVWYHSNNEDANIMQNEPWRIAPPLLED
IYTFEDALLVGLMLITLMKHADRIKIACLAQLINVIAPIVTERNGGAAWRQTIFYPFMHASKYGRGIVLQPVINSPLHDT
SKHEDVTDIESVAIYNEEKEEVTIFAVNRNIHEDIVLVSDVRGMKDYRLLEHIVLEHQDLKIRNSVNGEEVYPKNSDKSS
FDDGILTSMLRRASWNVIRIG
;
_entity_poly.pdbx_strand_id   A,B,C,D,E,F
#
# COMPACT_ATOMS: atom_id res chain seq x y z
N LYS A 1 -55.69 -7.98 13.49
CA LYS A 1 -56.32 -7.58 14.75
C LYS A 1 -55.70 -8.31 15.96
N LYS A 2 -55.14 -9.50 15.75
CA LYS A 2 -54.60 -10.32 16.85
C LYS A 2 -53.10 -10.52 16.67
N ALA A 3 -52.35 -10.30 17.75
CA ALA A 3 -50.92 -10.61 17.76
C ALA A 3 -50.56 -11.16 19.13
N ARG A 4 -49.68 -12.16 19.14
CA ARG A 4 -49.39 -12.92 20.35
C ARG A 4 -47.90 -12.89 20.68
N MET A 5 -47.61 -13.01 21.96
CA MET A 5 -46.25 -12.85 22.43
C MET A 5 -46.10 -13.60 23.75
N THR A 6 -45.05 -14.39 23.87
CA THR A 6 -44.74 -15.12 25.09
C THR A 6 -43.71 -14.34 25.91
N VAL A 7 -44.06 -14.03 27.15
CA VAL A 7 -43.16 -13.38 28.11
C VAL A 7 -42.69 -14.45 29.10
N ASP A 8 -41.38 -14.52 29.33
CA ASP A 8 -40.85 -15.59 30.18
C ASP A 8 -39.50 -15.16 30.75
N LYS A 9 -39.40 -15.09 32.08
CA LYS A 9 -38.17 -14.64 32.74
C LYS A 9 -36.97 -15.56 32.46
N ASP A 10 -37.15 -16.68 31.79
CA ASP A 10 -36.04 -17.57 31.48
C ASP A 10 -35.39 -17.26 30.14
N TYR A 11 -36.09 -16.58 29.24
CA TYR A 11 -35.50 -16.10 28.00
C TYR A 11 -34.94 -14.69 28.19
N LYS A 12 -33.89 -14.58 29.02
CA LYS A 12 -33.27 -13.29 29.24
C LYS A 12 -32.52 -12.84 28.00
N ILE A 13 -32.42 -11.54 27.83
CA ILE A 13 -31.48 -10.94 26.88
C ILE A 13 -30.27 -10.38 27.60
N ALA A 14 -30.50 -9.60 28.66
CA ALA A 14 -29.43 -8.94 29.38
C ALA A 14 -30.03 -8.09 30.48
N GLU A 15 -29.19 -7.71 31.42
CA GLU A 15 -29.53 -6.67 32.37
C GLU A 15 -29.28 -5.30 31.72
N ILE A 16 -30.22 -4.37 31.92
CA ILE A 16 -30.11 -3.04 31.33
C ILE A 16 -29.07 -2.24 32.10
N ASP A 17 -28.06 -1.74 31.38
CA ASP A 17 -27.20 -0.68 31.89
C ASP A 17 -27.96 0.64 31.86
N LYS A 18 -28.14 1.27 33.01
CA LYS A 18 -28.94 2.50 33.04
C LYS A 18 -28.33 3.61 32.20
N ARG A 19 -27.02 3.55 31.90
CA ARG A 19 -26.42 4.54 31.03
C ARG A 19 -26.98 4.51 29.60
N ILE A 20 -27.87 3.57 29.25
CA ILE A 20 -28.55 3.68 27.96
C ILE A 20 -29.66 4.73 27.99
N TYR A 21 -29.96 5.29 29.16
CA TYR A 21 -30.89 6.40 29.28
C TYR A 21 -30.15 7.73 29.40
N GLY A 22 -28.98 7.83 28.78
CA GLY A 22 -28.20 9.04 28.87
C GLY A 22 -28.65 10.08 27.86
N SER A 23 -27.96 11.22 27.91
CA SER A 23 -28.24 12.29 26.96
C SER A 23 -26.94 13.04 26.70
N PHE A 24 -27.07 14.25 26.16
CA PHE A 24 -25.96 14.87 25.43
C PHE A 24 -26.22 16.38 25.43
N VAL A 25 -25.26 17.17 25.91
CA VAL A 25 -25.32 18.62 25.77
C VAL A 25 -24.09 19.06 25.01
N GLU A 26 -24.31 19.69 23.86
CA GLU A 26 -23.23 20.28 23.08
C GLU A 26 -23.33 21.80 23.15
N HIS A 27 -22.16 22.47 23.09
CA HIS A 27 -22.12 23.93 22.98
C HIS A 27 -22.58 24.31 21.58
N LEU A 28 -23.90 24.41 21.45
CA LEU A 28 -24.57 24.46 20.16
C LEU A 28 -25.86 25.23 20.37
N GLY A 29 -26.10 26.22 19.52
CA GLY A 29 -27.35 26.97 19.61
C GLY A 29 -27.64 27.44 21.02
N ARG A 30 -28.87 27.15 21.47
CA ARG A 30 -29.35 27.55 22.79
C ARG A 30 -29.38 26.41 23.79
N ALA A 31 -28.49 25.44 23.62
CA ALA A 31 -28.38 24.34 24.57
C ALA A 31 -27.91 24.86 25.93
N VAL A 32 -26.89 25.72 25.93
CA VAL A 32 -26.27 26.18 27.17
C VAL A 32 -26.69 27.62 27.41
N TYR A 33 -26.23 28.54 26.56
CA TYR A 33 -26.62 29.94 26.66
C TYR A 33 -28.06 30.12 26.17
N ASP A 34 -28.86 30.82 26.97
CA ASP A 34 -30.30 30.92 26.74
C ASP A 34 -30.95 29.54 26.74
N GLY A 35 -30.35 28.61 27.49
CA GLY A 35 -30.84 27.27 27.62
C GLY A 35 -30.78 26.87 29.08
N LEU A 36 -29.87 25.96 29.42
CA LEU A 36 -29.70 25.57 30.81
C LEU A 36 -29.01 26.65 31.62
N TYR A 37 -28.27 27.54 30.97
CA TYR A 37 -27.50 28.59 31.63
C TYR A 37 -28.10 29.94 31.26
N GLN A 38 -28.73 30.59 32.24
CA GLN A 38 -29.40 31.87 32.05
C GLN A 38 -29.20 32.72 33.30
N PRO A 39 -28.14 33.53 33.34
CA PRO A 39 -27.70 34.12 34.61
C PRO A 39 -28.62 35.19 35.17
N GLY A 40 -29.22 36.03 34.33
CA GLY A 40 -30.09 37.05 34.91
C GLY A 40 -31.45 36.53 35.40
N ASN A 41 -31.85 35.33 34.99
CA ASN A 41 -33.26 34.97 34.97
C ASN A 41 -33.84 34.75 36.36
N SER A 42 -35.11 35.15 36.52
CA SER A 42 -35.82 34.94 37.79
C SER A 42 -35.93 33.46 38.15
N LYS A 43 -36.01 32.60 37.15
CA LYS A 43 -36.10 31.16 37.39
C LYS A 43 -34.73 30.50 37.60
N SER A 44 -33.65 31.26 37.75
CA SER A 44 -32.30 30.72 37.80
C SER A 44 -31.74 30.77 39.21
N ASP A 45 -30.86 29.79 39.51
CA ASP A 45 -30.30 29.65 40.85
C ASP A 45 -29.05 30.52 41.01
N GLU A 46 -28.32 30.30 42.11
CA GLU A 46 -27.15 31.13 42.43
C GLU A 46 -26.05 31.01 41.37
N ASP A 47 -26.01 29.89 40.64
CA ASP A 47 -25.01 29.65 39.62
C ASP A 47 -25.47 30.06 38.22
N GLY A 48 -26.68 30.61 38.09
CA GLY A 48 -27.21 30.96 36.79
C GLY A 48 -27.95 29.87 36.06
N PHE A 49 -28.11 28.69 36.66
CA PHE A 49 -28.81 27.58 36.04
C PHE A 49 -30.30 27.75 36.19
N ARG A 50 -31.05 27.55 35.09
CA ARG A 50 -32.51 27.57 35.15
C ARG A 50 -33.03 26.43 36.03
N LYS A 51 -33.71 26.77 37.13
CA LYS A 51 -34.15 25.73 38.07
C LYS A 51 -35.26 24.86 37.51
N ASP A 52 -36.18 25.44 36.73
CA ASP A 52 -37.20 24.63 36.08
C ASP A 52 -36.58 23.68 35.07
N VAL A 53 -35.55 24.12 34.36
CA VAL A 53 -34.85 23.20 33.46
C VAL A 53 -34.24 22.05 34.25
N ILE A 54 -33.62 22.35 35.38
CA ILE A 54 -33.06 21.30 36.23
C ILE A 54 -34.13 20.28 36.63
N GLU A 55 -35.33 20.74 37.00
CA GLU A 55 -36.40 19.83 37.40
C GLU A 55 -36.80 18.90 36.26
N LEU A 56 -36.92 19.44 35.04
CA LEU A 56 -37.34 18.62 33.91
C LEU A 56 -36.31 17.55 33.59
N VAL A 57 -35.03 17.87 33.67
CA VAL A 57 -34.03 16.84 33.41
C VAL A 57 -34.16 15.70 34.42
N LYS A 58 -34.40 16.03 35.68
CA LYS A 58 -34.50 14.99 36.70
C LYS A 58 -35.71 14.08 36.47
N GLU A 59 -36.82 14.63 35.98
CA GLU A 59 -37.95 13.78 35.60
C GLU A 59 -37.56 12.73 34.56
N LEU A 60 -36.52 12.98 33.77
CA LEU A 60 -36.06 12.02 32.78
C LEU A 60 -35.04 11.02 33.35
N ASN A 61 -34.57 11.21 34.58
CA ASN A 61 -33.69 10.24 35.23
C ASN A 61 -32.48 9.92 34.36
N VAL A 62 -31.90 10.96 33.75
CA VAL A 62 -30.73 10.82 32.89
C VAL A 62 -29.51 10.60 33.76
N PRO A 63 -28.78 9.48 33.63
CA PRO A 63 -27.67 9.18 34.55
C PRO A 63 -26.32 9.67 34.06
N ILE A 64 -26.17 9.83 32.74
CA ILE A 64 -24.90 10.23 32.12
C ILE A 64 -25.19 11.19 30.98
N ILE A 65 -24.36 12.23 30.87
CA ILE A 65 -24.55 13.27 29.87
C ILE A 65 -23.24 13.48 29.12
N ALA A 66 -23.28 13.34 27.80
CA ALA A 66 -22.12 13.58 26.96
C ALA A 66 -21.89 15.08 26.81
N TYR A 67 -20.62 15.46 26.74
CA TYR A 67 -20.22 16.86 26.78
C TYR A 67 -18.76 16.98 26.33
N PRO A 68 -18.38 18.03 25.58
CA PRO A 68 -19.24 19.13 25.14
C PRO A 68 -19.56 19.08 23.65
N GLY A 69 -19.30 17.94 23.01
CA GLY A 69 -19.64 17.77 21.62
C GLY A 69 -19.45 16.31 21.24
N GLY A 70 -19.83 15.98 20.01
CA GLY A 70 -20.34 16.95 19.06
C GLY A 70 -19.26 17.48 18.15
N ASN A 71 -19.65 18.04 17.00
CA ASN A 71 -18.67 18.67 16.12
C ASN A 71 -17.89 19.75 16.85
N PHE A 72 -18.50 20.37 17.86
CA PHE A 72 -17.89 21.48 18.60
C PHE A 72 -16.56 21.08 19.23
N VAL A 73 -16.45 19.84 19.73
CA VAL A 73 -15.26 19.48 20.48
C VAL A 73 -14.04 19.41 19.59
N SER A 74 -14.24 19.25 18.29
CA SER A 74 -13.11 18.99 17.38
C SER A 74 -12.23 20.22 17.15
N ASN A 75 -12.66 21.38 17.64
CA ASN A 75 -11.79 22.54 17.60
C ASN A 75 -11.91 23.31 18.92
N TYR A 76 -12.20 22.60 20.00
CA TYR A 76 -12.35 23.19 21.31
C TYR A 76 -11.05 23.12 22.07
N PHE A 77 -10.72 24.21 22.78
CA PHE A 77 -9.51 24.30 23.61
C PHE A 77 -9.99 24.43 25.05
N TRP A 78 -9.89 23.33 25.81
CA TRP A 78 -10.61 23.25 27.09
C TRP A 78 -10.09 24.25 28.10
N GLU A 79 -8.82 24.66 28.00
CA GLU A 79 -8.32 25.71 28.89
C GLU A 79 -9.10 27.00 28.75
N ASP A 80 -9.74 27.23 27.60
CA ASP A 80 -10.52 28.45 27.41
C ASP A 80 -11.75 28.51 28.32
N GLY A 81 -12.22 27.37 28.83
CA GLY A 81 -13.42 27.36 29.66
C GLY A 81 -13.21 27.14 31.14
N VAL A 82 -11.98 27.21 31.64
CA VAL A 82 -11.72 27.06 33.07
C VAL A 82 -10.92 28.26 33.54
N GLY A 83 -10.91 28.46 34.85
CA GLY A 83 -10.23 29.59 35.44
C GLY A 83 -11.12 30.81 35.48
N PRO A 84 -10.59 31.95 35.99
CA PRO A 84 -11.42 33.16 36.18
C PRO A 84 -12.14 33.59 34.92
N VAL A 85 -13.47 33.68 34.99
CA VAL A 85 -14.29 33.91 33.79
C VAL A 85 -13.90 35.20 33.10
N GLU A 86 -13.31 36.15 33.85
CA GLU A 86 -12.91 37.42 33.26
C GLU A 86 -11.85 37.22 32.19
N ASP A 87 -10.93 36.27 32.41
CA ASP A 87 -9.84 36.01 31.49
C ASP A 87 -10.16 34.92 30.48
N ARG A 88 -11.41 34.49 30.39
CA ARG A 88 -11.64 33.50 29.36
C ARG A 88 -11.91 34.17 28.02
N PRO A 89 -11.33 33.65 26.94
CA PRO A 89 -11.51 34.26 25.62
C PRO A 89 -12.86 33.92 25.00
N ARG A 90 -13.22 34.73 24.02
CA ARG A 90 -14.25 34.37 23.07
C ARG A 90 -13.58 33.73 21.86
N ARG A 91 -14.04 32.55 21.48
CA ARG A 91 -13.51 31.82 20.33
C ARG A 91 -14.53 31.74 19.21
N LEU A 92 -14.02 31.61 17.99
CA LEU A 92 -14.84 31.20 16.87
C LEU A 92 -15.11 29.70 17.00
N ASP A 93 -16.37 29.32 16.91
CA ASP A 93 -16.78 27.92 16.86
C ASP A 93 -17.02 27.64 15.40
N LEU A 94 -16.04 26.99 14.75
CA LEU A 94 -16.15 26.81 13.31
C LEU A 94 -17.31 25.90 12.93
N ALA A 95 -17.60 24.88 13.74
CA ALA A 95 -18.62 23.90 13.37
C ALA A 95 -19.98 24.55 13.14
N TRP A 96 -20.38 25.44 14.05
CA TRP A 96 -21.72 26.01 14.02
C TRP A 96 -21.71 27.52 13.75
N LYS A 97 -20.59 28.07 13.25
CA LYS A 97 -20.50 29.48 12.84
C LYS A 97 -21.05 30.41 13.92
N SER A 98 -20.55 30.23 15.13
CA SER A 98 -21.02 30.99 16.27
C SER A 98 -19.82 31.45 17.06
N ILE A 99 -20.05 32.42 17.94
CA ILE A 99 -19.06 32.82 18.92
C ILE A 99 -19.32 32.03 20.20
N GLU A 100 -18.32 31.29 20.67
CA GLU A 100 -18.38 30.64 21.97
C GLU A 100 -17.83 31.58 23.02
N PRO A 101 -18.64 32.09 23.96
CA PRO A 101 -18.10 33.00 24.98
C PRO A 101 -17.36 32.31 26.12
N ASN A 102 -17.52 30.99 26.29
CA ASN A 102 -16.80 30.22 27.30
C ASN A 102 -17.13 30.67 28.72
N GLN A 103 -18.34 31.19 28.93
CA GLN A 103 -18.85 31.40 30.29
C GLN A 103 -19.12 30.08 31.00
N VAL A 104 -19.50 29.05 30.25
CA VAL A 104 -19.70 27.71 30.81
C VAL A 104 -18.57 26.83 30.31
N GLY A 105 -17.81 26.27 31.22
CA GLY A 105 -16.79 25.30 30.87
C GLY A 105 -16.92 24.08 31.74
N ILE A 106 -15.86 23.27 31.81
CA ILE A 106 -15.92 21.96 32.47
C ILE A 106 -16.44 22.10 33.89
N ASN A 107 -15.93 23.08 34.65
CA ASN A 107 -16.29 23.17 36.06
C ASN A 107 -17.73 23.62 36.24
N GLU A 108 -18.23 24.53 35.41
CA GLU A 108 -19.63 24.91 35.52
C GLU A 108 -20.53 23.75 35.10
N PHE A 109 -20.22 23.11 33.98
CA PHE A 109 -21.07 22.02 33.53
C PHE A 109 -21.04 20.83 34.49
N ALA A 110 -19.89 20.54 35.12
CA ALA A 110 -19.83 19.49 36.14
C ALA A 110 -20.74 19.80 37.32
N LYS A 111 -20.81 21.08 37.73
CA LYS A 111 -21.72 21.47 38.81
C LYS A 111 -23.18 21.27 38.40
N TRP A 112 -23.50 21.66 37.17
CA TRP A 112 -24.83 21.43 36.64
C TRP A 112 -25.17 19.95 36.61
N CYS A 113 -24.21 19.10 36.22
CA CYS A 113 -24.48 17.67 36.21
C CYS A 113 -24.77 17.13 37.61
N LYS A 114 -24.11 17.69 38.62
CA LYS A 114 -24.44 17.34 40.01
C LYS A 114 -25.89 17.68 40.35
N LYS A 115 -26.38 18.83 39.90
CA LYS A 115 -27.71 19.24 40.30
C LYS A 115 -28.79 18.42 39.60
N VAL A 116 -28.51 17.88 38.41
CA VAL A 116 -29.49 17.04 37.74
C VAL A 116 -29.17 15.56 38.01
N ASN A 117 -28.27 15.32 38.97
CA ASN A 117 -27.89 13.96 39.40
C ASN A 117 -27.38 13.10 38.25
N ALA A 118 -26.79 13.72 37.23
CA ALA A 118 -26.16 12.96 36.16
C ALA A 118 -24.64 13.09 36.31
N GLU A 119 -23.91 12.36 35.50
CA GLU A 119 -22.48 12.55 35.46
C GLU A 119 -22.00 12.69 34.03
N ILE A 120 -20.77 13.17 33.89
CA ILE A 120 -20.23 13.59 32.61
C ILE A 120 -19.64 12.41 31.89
N MET A 121 -19.89 12.35 30.60
CA MET A 121 -19.06 11.61 29.66
C MET A 121 -18.34 12.66 28.80
N MET A 122 -17.02 12.77 28.97
CA MET A 122 -16.24 13.87 28.43
C MET A 122 -15.58 13.47 27.11
N ALA A 123 -15.85 14.24 26.05
CA ALA A 123 -15.11 14.09 24.80
C ALA A 123 -13.88 15.02 24.80
N VAL A 124 -12.79 14.53 24.24
CA VAL A 124 -11.58 15.33 24.09
C VAL A 124 -11.41 15.71 22.62
N ASN A 125 -10.67 16.77 22.39
CA ASN A 125 -10.45 17.29 21.05
C ASN A 125 -9.34 16.48 20.38
N LEU A 126 -9.72 15.63 19.41
CA LEU A 126 -8.73 14.96 18.56
C LEU A 126 -8.86 15.39 17.11
N GLY A 127 -9.56 16.51 16.85
CA GLY A 127 -9.53 17.19 15.58
C GLY A 127 -8.30 18.06 15.41
N THR A 128 -8.15 19.12 16.21
CA THR A 128 -7.01 20.03 16.08
C THR A 128 -5.99 19.89 17.19
N ARG A 129 -6.24 19.05 18.19
CA ARG A 129 -5.31 18.76 19.28
C ARG A 129 -5.09 17.26 19.28
N GLY A 130 -4.30 16.76 20.24
CA GLY A 130 -3.91 15.35 20.26
C GLY A 130 -3.60 14.81 21.63
N ILE A 131 -2.57 13.96 21.70
CA ILE A 131 -2.31 13.13 22.86
C ILE A 131 -2.13 13.99 24.12
N SER A 132 -1.20 14.94 24.07
CA SER A 132 -0.79 15.55 25.33
C SER A 132 -1.91 16.41 25.91
N ASP A 133 -2.74 17.01 25.06
CA ASP A 133 -3.88 17.79 25.54
C ASP A 133 -4.94 16.91 26.18
N ALA A 134 -5.19 15.71 25.65
CA ALA A 134 -6.13 14.80 26.30
C ALA A 134 -5.60 14.37 27.66
N CYS A 135 -4.30 14.06 27.76
CA CYS A 135 -3.69 13.76 29.04
C CYS A 135 -3.84 14.93 30.03
N ASN A 136 -3.61 16.16 29.58
CA ASN A 136 -3.74 17.31 30.48
C ASN A 136 -5.16 17.48 30.98
N LEU A 137 -6.14 17.31 30.09
CA LEU A 137 -7.52 17.46 30.53
C LEU A 137 -7.89 16.36 31.51
N LEU A 138 -7.45 15.11 31.24
CA LEU A 138 -7.74 14.01 32.16
C LEU A 138 -7.07 14.23 33.51
N GLU A 139 -5.79 14.63 33.50
CA GLU A 139 -5.10 14.94 34.74
C GLU A 139 -5.85 16.00 35.52
N TYR A 140 -6.33 17.02 34.81
CA TYR A 140 -7.09 18.09 35.43
C TYR A 140 -8.37 17.57 36.09
N CYS A 141 -9.04 16.61 35.46
CA CYS A 141 -10.35 16.18 35.94
C CYS A 141 -10.28 15.05 36.97
N ASN A 142 -9.31 14.15 36.85
CA ASN A 142 -9.29 12.90 37.63
C ASN A 142 -8.10 12.75 38.57
N HIS A 143 -7.00 13.49 38.37
CA HIS A 143 -5.87 13.34 39.29
C HIS A 143 -6.10 14.20 40.53
N PRO A 144 -5.87 13.67 41.73
CA PRO A 144 -6.32 14.38 42.94
C PRO A 144 -5.56 15.68 43.21
N GLY A 145 -4.23 15.66 43.13
CA GLY A 145 -3.48 16.86 43.46
C GLY A 145 -2.01 16.57 43.34
N GLY A 146 -1.21 17.60 43.63
CA GLY A 146 0.23 17.44 43.61
C GLY A 146 0.85 17.39 42.24
N SER A 147 0.15 17.88 41.21
CA SER A 147 0.72 17.90 39.87
C SER A 147 0.16 19.10 39.15
N LYS A 148 0.83 19.46 38.04
CA LYS A 148 0.58 20.73 37.38
C LYS A 148 -0.91 20.97 37.14
N TYR A 149 -1.59 20.03 36.48
CA TYR A 149 -2.96 20.30 36.06
C TYR A 149 -3.99 19.96 37.11
N SER A 150 -3.69 18.99 37.99
CA SER A 150 -4.58 18.77 39.13
C SER A 150 -4.55 19.97 40.07
N ASP A 151 -3.34 20.46 40.42
CA ASP A 151 -3.26 21.67 41.24
C ASP A 151 -3.90 22.86 40.55
N MET A 152 -3.90 22.88 39.21
CA MET A 152 -4.59 23.95 38.51
C MET A 152 -6.11 23.88 38.74
N ARG A 153 -6.68 22.67 38.73
CA ARG A 153 -8.10 22.52 39.02
C ARG A 153 -8.43 23.03 40.42
N ILE A 154 -7.62 22.62 41.41
CA ILE A 154 -7.81 23.06 42.79
C ILE A 154 -7.76 24.59 42.89
N LYS A 155 -6.72 25.20 42.35
CA LYS A 155 -6.63 26.66 42.33
C LYS A 155 -7.82 27.31 41.60
N HIS A 156 -8.42 26.62 40.64
CA HIS A 156 -9.60 27.17 39.98
C HIS A 156 -10.85 27.03 40.82
N GLY A 157 -10.76 26.38 41.98
CA GLY A 157 -11.86 26.31 42.91
C GLY A 157 -12.57 24.98 42.99
N VAL A 158 -11.99 23.91 42.47
CA VAL A 158 -12.59 22.57 42.55
C VAL A 158 -11.57 21.70 43.27
N LYS A 159 -11.75 21.59 44.59
CA LYS A 159 -10.79 20.87 45.42
C LYS A 159 -10.74 19.39 45.07
N GLU A 160 -11.94 18.72 45.03
CA GLU A 160 -11.86 17.29 44.74
C GLU A 160 -11.92 17.05 43.22
N PRO A 161 -11.28 15.97 42.76
CA PRO A 161 -11.29 15.67 41.34
C PRO A 161 -12.69 15.29 40.86
N HIS A 162 -13.02 15.68 39.62
CA HIS A 162 -14.31 15.30 39.04
C HIS A 162 -14.43 13.78 38.87
N ASN A 163 -13.32 13.09 38.63
CA ASN A 163 -13.30 11.63 38.45
C ASN A 163 -14.32 11.22 37.39
N ILE A 164 -14.10 11.75 36.19
CA ILE A 164 -14.94 11.41 35.06
C ILE A 164 -14.64 9.99 34.63
N LYS A 165 -15.68 9.17 34.51
CA LYS A 165 -15.55 7.74 34.29
C LYS A 165 -15.40 7.37 32.82
N VAL A 166 -16.08 8.03 31.91
CA VAL A 166 -16.15 7.61 30.52
C VAL A 166 -15.68 8.76 29.64
N TRP A 167 -14.66 8.53 28.82
CA TRP A 167 -14.19 9.55 27.90
C TRP A 167 -14.35 9.09 26.45
N CYS A 168 -14.67 10.04 25.58
N CYS A 168 -14.62 10.05 25.58
CA CYS A 168 -14.79 9.80 24.15
CA CYS A 168 -14.81 9.80 24.15
C CYS A 168 -13.54 10.31 23.46
C CYS A 168 -13.61 10.33 23.39
N LEU A 169 -12.94 9.45 22.64
CA LEU A 169 -11.73 9.81 21.90
C LEU A 169 -12.15 10.61 20.67
N GLY A 170 -12.42 11.89 20.90
CA GLY A 170 -12.83 12.77 19.84
C GLY A 170 -14.32 12.68 19.59
N ASN A 171 -14.70 13.25 18.46
CA ASN A 171 -16.00 13.05 17.85
C ASN A 171 -15.76 12.45 16.47
N ALA A 172 -16.85 12.01 15.85
CA ALA A 172 -16.78 11.52 14.47
C ALA A 172 -16.10 12.54 13.59
N MET A 173 -15.17 12.07 12.76
CA MET A 173 -14.32 12.93 11.98
C MET A 173 -14.18 12.42 10.55
N ASP A 174 -15.17 11.66 10.07
CA ASP A 174 -15.14 11.13 8.71
C ASP A 174 -15.79 12.06 7.70
N GLY A 175 -16.45 13.12 8.16
CA GLY A 175 -17.21 13.99 7.30
C GLY A 175 -16.43 15.18 6.78
N PRO A 176 -16.65 15.53 5.51
CA PRO A 176 -15.96 16.70 4.94
C PRO A 176 -16.39 18.02 5.56
N TRP A 177 -17.48 18.03 6.32
CA TRP A 177 -18.01 19.21 6.96
C TRP A 177 -17.44 19.42 8.37
N GLN A 178 -16.47 18.60 8.79
CA GLN A 178 -15.92 18.65 10.13
C GLN A 178 -14.49 19.17 10.11
N VAL A 179 -14.20 20.15 10.96
CA VAL A 179 -12.82 20.58 11.13
C VAL A 179 -12.02 19.45 11.75
N GLY A 180 -10.81 19.22 11.22
CA GLY A 180 -9.98 18.11 11.64
C GLY A 180 -10.42 16.75 11.11
N HIS A 181 -11.15 16.71 10.00
CA HIS A 181 -11.48 15.46 9.32
C HIS A 181 -10.26 14.56 9.19
N LYS A 182 -10.44 13.28 9.53
CA LYS A 182 -9.38 12.28 9.52
C LYS A 182 -9.73 11.16 8.55
N THR A 183 -8.72 10.52 7.98
CA THR A 183 -8.97 9.20 7.42
C THR A 183 -9.10 8.19 8.56
N MET A 184 -9.62 7.00 8.22
CA MET A 184 -9.85 5.98 9.24
C MET A 184 -8.54 5.53 9.84
N ASP A 185 -7.48 5.44 9.03
CA ASP A 185 -6.16 5.07 9.54
C ASP A 185 -5.56 6.17 10.39
N GLU A 186 -5.76 7.45 10.00
CA GLU A 186 -5.34 8.56 10.85
C GLU A 186 -6.09 8.55 12.18
N TYR A 187 -7.42 8.38 12.13
CA TYR A 187 -8.15 8.41 13.39
C TYR A 187 -7.80 7.21 14.26
N GLY A 188 -7.70 6.03 13.64
CA GLY A 188 -7.29 4.85 14.39
C GLY A 188 -6.01 5.04 15.16
N ARG A 189 -4.99 5.61 14.51
CA ARG A 189 -3.69 5.84 15.14
C ARG A 189 -3.81 6.82 16.31
N ILE A 190 -4.41 8.00 16.10
CA ILE A 190 -4.48 8.95 17.20
C ILE A 190 -5.37 8.43 18.33
N ALA A 191 -6.43 7.67 18.02
CA ALA A 191 -7.26 7.08 19.06
C ALA A 191 -6.49 6.05 19.86
N GLU A 192 -5.69 5.24 19.17
CA GLU A 192 -4.93 4.21 19.85
C GLU A 192 -3.94 4.84 20.81
N GLU A 193 -3.19 5.85 20.35
CA GLU A 193 -2.13 6.43 21.18
C GLU A 193 -2.71 7.28 22.31
N THR A 194 -3.78 8.02 22.05
CA THR A 194 -4.43 8.81 23.08
C THR A 194 -5.00 7.92 24.18
N ALA A 195 -5.58 6.79 23.80
CA ALA A 195 -6.16 5.86 24.77
C ALA A 195 -5.06 5.22 25.61
N ARG A 196 -3.97 4.76 24.97
CA ARG A 196 -2.80 4.23 25.66
C ARG A 196 -2.29 5.19 26.74
N ALA A 197 -2.05 6.45 26.36
CA ALA A 197 -1.57 7.43 27.33
C ALA A 197 -2.59 7.68 28.43
N MET A 198 -3.87 7.84 28.06
CA MET A 198 -4.89 8.17 29.05
C MET A 198 -4.99 7.10 30.13
N LYS A 199 -4.89 5.83 29.74
CA LYS A 199 -5.01 4.74 30.70
C LYS A 199 -3.75 4.61 31.56
N MET A 200 -2.62 5.19 31.13
CA MET A 200 -1.48 5.28 32.02
C MET A 200 -1.73 6.31 33.13
N ILE A 201 -2.56 7.31 32.88
CA ILE A 201 -2.83 8.33 33.89
C ILE A 201 -3.89 7.85 34.87
N ASP A 202 -4.97 7.25 34.35
CA ASP A 202 -6.08 6.79 35.18
C ASP A 202 -6.58 5.49 34.55
N PRO A 203 -6.13 4.35 35.06
CA PRO A 203 -6.55 3.07 34.45
C PRO A 203 -8.00 2.71 34.76
N SER A 204 -8.67 3.44 35.64
CA SER A 204 -10.04 3.09 35.97
C SER A 204 -11.09 3.72 35.03
N ILE A 205 -10.69 4.59 34.10
CA ILE A 205 -11.65 5.17 33.17
C ILE A 205 -12.01 4.16 32.09
N GLU A 206 -13.13 4.39 31.43
CA GLU A 206 -13.48 3.69 30.20
C GLU A 206 -13.39 4.64 29.01
N LEU A 207 -13.05 4.10 27.84
CA LEU A 207 -12.85 4.94 26.65
C LEU A 207 -13.77 4.51 25.53
N VAL A 208 -14.30 5.50 24.80
CA VAL A 208 -15.18 5.27 23.65
C VAL A 208 -14.44 5.67 22.38
N ALA A 209 -14.30 4.74 21.44
CA ALA A 209 -13.77 5.06 20.13
C ALA A 209 -14.92 5.49 19.21
N CYS A 210 -14.68 6.50 18.36
CA CYS A 210 -15.77 7.04 17.54
C CYS A 210 -16.03 6.17 16.32
N GLY A 211 -17.29 5.90 16.06
CA GLY A 211 -17.70 5.28 14.82
C GLY A 211 -17.88 6.30 13.70
N SER A 212 -18.37 5.79 12.57
CA SER A 212 -18.75 6.63 11.45
C SER A 212 -19.74 7.70 11.92
N SER A 213 -19.77 8.84 11.22
CA SER A 213 -20.77 9.83 11.63
C SER A 213 -22.19 9.37 11.32
N SER A 214 -22.37 8.42 10.41
CA SER A 214 -23.67 7.79 10.19
C SER A 214 -23.47 6.49 9.40
N LYS A 215 -24.49 5.64 9.41
CA LYS A 215 -24.42 4.41 8.62
C LYS A 215 -24.33 4.66 7.13
N ASP A 216 -24.59 5.88 6.67
CA ASP A 216 -24.65 6.15 5.24
C ASP A 216 -23.32 6.62 4.67
N MET A 217 -22.30 6.82 5.51
CA MET A 217 -21.00 7.19 4.96
C MET A 217 -20.41 6.01 4.19
N PRO A 218 -19.76 6.24 3.05
CA PRO A 218 -19.13 5.12 2.33
C PRO A 218 -18.11 4.38 3.17
N THR A 219 -17.52 5.01 4.19
CA THR A 219 -16.50 4.41 5.01
C THR A 219 -17.05 3.65 6.23
N PHE A 220 -18.35 3.68 6.43
CA PHE A 220 -18.97 2.73 7.35
C PHE A 220 -19.17 1.42 6.60
N PRO A 221 -18.82 0.26 7.19
CA PRO A 221 -18.32 0.07 8.56
C PRO A 221 -16.80 -0.21 8.60
N GLN A 222 -16.10 0.01 7.49
CA GLN A 222 -14.65 -0.18 7.50
C GLN A 222 -13.97 0.75 8.48
N TRP A 223 -14.51 1.98 8.64
CA TRP A 223 -14.00 2.91 9.65
C TRP A 223 -13.98 2.26 11.04
N GLU A 224 -15.12 1.67 11.45
CA GLU A 224 -15.22 0.99 12.74
C GLU A 224 -14.20 -0.14 12.84
N ALA A 225 -14.14 -1.00 11.83
CA ALA A 225 -13.14 -2.07 11.77
C ALA A 225 -11.72 -1.51 11.98
N THR A 226 -11.37 -0.46 11.24
CA THR A 226 -10.00 0.04 11.28
C THR A 226 -9.66 0.64 12.64
N VAL A 227 -10.55 1.48 13.17
CA VAL A 227 -10.34 2.05 14.51
C VAL A 227 -10.18 0.95 15.55
N LEU A 228 -11.10 -0.03 15.55
CA LEU A 228 -11.01 -1.12 16.53
C LEU A 228 -9.75 -1.95 16.33
N ASP A 229 -9.31 -2.13 15.08
CA ASP A 229 -8.10 -2.88 14.82
C ASP A 229 -6.90 -2.23 15.50
N TYR A 230 -6.77 -0.90 15.35
CA TYR A 230 -5.68 -0.17 15.99
C TYR A 230 -5.82 -0.15 17.51
N ALA A 231 -7.01 0.16 18.02
CA ALA A 231 -7.14 0.59 19.41
C ALA A 231 -7.77 -0.44 20.32
N TYR A 232 -7.98 -1.68 19.84
CA TYR A 232 -8.82 -2.66 20.54
C TYR A 232 -8.46 -2.80 22.02
N ASP A 233 -7.16 -2.95 22.32
CA ASP A 233 -6.76 -3.26 23.68
C ASP A 233 -7.02 -2.14 24.66
N TYR A 234 -7.24 -0.92 24.19
CA TYR A 234 -7.31 0.22 25.10
C TYR A 234 -8.67 0.85 25.17
N VAL A 235 -9.62 0.45 24.33
CA VAL A 235 -10.92 1.08 24.33
C VAL A 235 -11.95 0.08 24.83
N ASP A 236 -13.09 0.60 25.22
CA ASP A 236 -14.16 -0.21 25.77
C ASP A 236 -15.43 -0.13 24.97
N TYR A 237 -15.61 0.91 24.14
CA TYR A 237 -16.83 1.08 23.38
C TYR A 237 -16.51 1.59 21.99
N ILE A 238 -17.44 1.32 21.09
CA ILE A 238 -17.51 1.97 19.79
C ILE A 238 -18.81 2.75 19.78
N SER A 239 -18.79 3.94 19.16
CA SER A 239 -19.99 4.77 19.12
C SER A 239 -20.73 4.62 17.78
N LEU A 240 -22.06 4.82 17.87
CA LEU A 240 -22.99 4.82 16.74
C LEU A 240 -23.82 6.08 16.80
N HIS A 241 -24.20 6.59 15.62
CA HIS A 241 -24.99 7.81 15.48
C HIS A 241 -26.14 7.50 14.53
N GLN A 242 -27.36 7.90 14.91
CA GLN A 242 -28.45 7.67 13.96
C GLN A 242 -29.57 8.67 14.20
N TYR A 243 -29.97 9.37 13.14
CA TYR A 243 -31.13 10.23 13.14
C TYR A 243 -32.10 9.78 12.06
N TYR A 244 -33.40 9.96 12.34
CA TYR A 244 -34.44 9.64 11.38
C TYR A 244 -35.26 10.88 11.11
N GLY A 245 -35.86 10.94 9.92
CA GLY A 245 -36.63 12.10 9.51
C GLY A 245 -37.87 11.69 8.72
N ASN A 246 -38.89 12.55 8.77
CA ASN A 246 -40.13 12.33 8.01
C ASN A 246 -40.38 13.47 7.01
N LYS A 247 -39.32 13.91 6.35
CA LYS A 247 -39.44 14.92 5.31
C LYS A 247 -40.35 14.46 4.16
N GLU A 248 -40.48 13.16 3.94
CA GLU A 248 -41.29 12.63 2.84
C GLU A 248 -42.78 12.56 3.16
N ASN A 249 -43.16 12.90 4.39
CA ASN A 249 -44.55 12.85 4.86
C ASN A 249 -45.19 11.54 4.48
N ASP A 250 -44.84 10.50 5.24
CA ASP A 250 -45.25 9.12 5.03
C ASP A 250 -45.07 8.44 6.40
N THR A 251 -46.06 8.63 7.27
CA THR A 251 -45.99 8.14 8.63
C THR A 251 -45.78 6.63 8.69
N ALA A 252 -46.32 5.88 7.73
CA ALA A 252 -46.18 4.42 7.80
C ALA A 252 -44.73 4.01 7.58
N ASP A 253 -44.12 4.51 6.51
CA ASP A 253 -42.72 4.21 6.23
C ASP A 253 -41.80 4.83 7.26
N PHE A 254 -42.21 5.97 7.84
CA PHE A 254 -41.44 6.62 8.91
C PHE A 254 -41.32 5.70 10.13
N LEU A 255 -42.45 5.20 10.63
CA LEU A 255 -42.43 4.34 11.80
C LEU A 255 -41.75 3.00 11.54
N ALA A 256 -41.59 2.61 10.28
CA ALA A 256 -40.90 1.37 9.97
C ALA A 256 -39.38 1.47 10.16
N LYS A 257 -38.87 2.66 10.49
CA LYS A 257 -37.44 2.90 10.39
C LYS A 257 -36.63 2.30 11.54
N SER A 258 -37.28 1.96 12.66
CA SER A 258 -36.53 1.27 13.71
C SER A 258 -36.03 -0.11 13.25
N ASP A 259 -36.59 -0.64 12.15
CA ASP A 259 -36.04 -1.85 11.55
C ASP A 259 -34.64 -1.62 11.02
N ASP A 260 -34.42 -0.51 10.32
CA ASP A 260 -33.07 -0.19 9.88
C ASP A 260 -32.16 0.12 11.06
N LEU A 261 -32.71 0.68 12.14
CA LEU A 261 -31.93 0.86 13.36
C LEU A 261 -31.39 -0.48 13.88
N ASP A 262 -32.29 -1.45 14.01
CA ASP A 262 -31.92 -2.82 14.39
C ASP A 262 -30.83 -3.39 13.48
N ASP A 263 -31.01 -3.28 12.16
CA ASP A 263 -29.98 -3.76 11.23
C ASP A 263 -28.66 -3.02 11.43
N PHE A 264 -28.73 -1.71 11.62
CA PHE A 264 -27.54 -0.90 11.84
C PHE A 264 -26.80 -1.40 13.08
N ILE A 265 -27.53 -1.63 14.17
CA ILE A 265 -26.92 -2.13 15.39
C ILE A 265 -26.27 -3.48 15.15
N ARG A 266 -26.96 -4.37 14.42
CA ARG A 266 -26.38 -5.68 14.13
C ARG A 266 -25.08 -5.54 13.34
N SER A 267 -25.06 -4.65 12.35
CA SER A 267 -23.85 -4.42 11.55
C SER A 267 -22.68 -4.03 12.42
N VAL A 268 -22.89 -3.11 13.36
CA VAL A 268 -21.79 -2.67 14.21
C VAL A 268 -21.35 -3.79 15.13
N ILE A 269 -22.30 -4.58 15.67
CA ILE A 269 -21.93 -5.70 16.52
C ILE A 269 -21.11 -6.73 15.73
N ALA A 270 -21.50 -7.01 14.49
CA ALA A 270 -20.72 -7.94 13.69
C ALA A 270 -19.30 -7.41 13.48
N THR A 271 -19.18 -6.10 13.21
CA THR A 271 -17.87 -5.49 13.00
C THR A 271 -16.98 -5.68 14.22
N CYS A 272 -17.53 -5.39 15.40
CA CYS A 272 -16.79 -5.60 16.65
C CYS A 272 -16.33 -7.05 16.79
N ASP A 273 -17.22 -8.00 16.52
CA ASP A 273 -16.84 -9.39 16.73
C ASP A 273 -15.86 -9.87 15.67
N TYR A 274 -15.94 -9.33 14.45
CA TYR A 274 -14.91 -9.63 13.47
C TYR A 274 -13.53 -9.23 13.97
N ILE A 275 -13.41 -8.04 14.56
CA ILE A 275 -12.12 -7.58 15.08
C ILE A 275 -11.72 -8.37 16.32
N LYS A 276 -12.68 -8.70 17.18
CA LYS A 276 -12.35 -9.51 18.35
C LYS A 276 -11.69 -10.82 17.93
N ALA A 277 -12.19 -11.44 16.86
CA ALA A 277 -11.57 -12.67 16.37
C ALA A 277 -10.16 -12.39 15.85
N LYS A 278 -10.02 -11.34 15.04
CA LYS A 278 -8.72 -10.91 14.54
C LYS A 278 -7.70 -10.70 15.65
N LYS A 279 -8.14 -10.20 16.81
CA LYS A 279 -7.26 -9.94 17.94
C LYS A 279 -7.08 -11.13 18.86
N ARG A 280 -7.96 -12.14 18.76
CA ARG A 280 -8.04 -13.23 19.74
C ARG A 280 -8.20 -12.69 21.16
N SER A 281 -9.01 -11.64 21.30
CA SER A 281 -9.29 -11.06 22.58
C SER A 281 -10.44 -11.79 23.25
N LYS A 282 -10.42 -11.83 24.58
CA LYS A 282 -11.59 -12.29 25.31
C LYS A 282 -12.50 -11.14 25.73
N LYS A 283 -12.19 -9.92 25.33
CA LYS A 283 -13.01 -8.77 25.67
C LYS A 283 -13.99 -8.49 24.54
N ASP A 284 -15.25 -8.25 24.89
CA ASP A 284 -16.24 -7.78 23.92
C ASP A 284 -16.24 -6.25 23.91
N ILE A 285 -16.19 -5.67 22.72
CA ILE A 285 -16.46 -4.24 22.60
C ILE A 285 -17.95 -4.00 22.83
N TYR A 286 -18.29 -3.05 23.68
CA TYR A 286 -19.68 -2.69 23.85
C TYR A 286 -20.00 -1.45 22.98
N LEU A 287 -21.28 -1.18 22.82
CA LEU A 287 -21.72 -0.13 21.92
C LEU A 287 -22.16 1.07 22.73
N SER A 288 -21.78 2.26 22.28
CA SER A 288 -22.20 3.50 22.93
C SER A 288 -22.99 4.28 21.90
N PHE A 289 -24.31 4.32 22.04
CA PHE A 289 -25.17 4.98 21.04
C PHE A 289 -25.32 6.47 21.39
N ASP A 290 -24.19 7.18 21.30
CA ASP A 290 -24.21 8.48 21.96
C ASP A 290 -24.81 9.59 21.10
N GLU A 291 -25.40 9.28 19.95
CA GLU A 291 -26.29 10.22 19.26
C GLU A 291 -27.42 9.45 18.61
N TRP A 292 -28.64 9.69 19.08
CA TRP A 292 -29.84 9.17 18.42
C TRP A 292 -30.99 10.11 18.73
N ASN A 293 -31.87 10.29 17.74
CA ASN A 293 -33.10 11.09 17.87
C ASN A 293 -33.79 11.16 16.52
N VAL A 294 -35.02 11.68 16.53
CA VAL A 294 -35.61 12.27 15.33
C VAL A 294 -35.03 13.66 15.14
N TRP A 295 -34.74 14.01 13.89
CA TRP A 295 -34.19 15.33 13.58
C TRP A 295 -34.42 15.60 12.11
N TYR A 296 -35.26 16.59 11.80
CA TYR A 296 -35.43 17.03 10.41
C TYR A 296 -36.21 18.32 10.28
N HIS A 297 -36.98 18.68 11.32
CA HIS A 297 -37.93 19.78 11.17
C HIS A 297 -37.22 21.10 10.88
N SER A 298 -36.18 21.39 11.66
CA SER A 298 -35.51 22.68 11.63
C SER A 298 -34.41 22.77 10.58
N ASN A 299 -34.37 21.85 9.60
CA ASN A 299 -33.19 21.78 8.72
C ASN A 299 -33.01 23.05 7.89
N ASN A 300 -34.10 23.65 7.40
CA ASN A 300 -33.93 24.78 6.48
C ASN A 300 -33.60 26.08 7.21
N GLU A 301 -34.16 26.33 8.39
CA GLU A 301 -33.79 27.55 9.12
C GLU A 301 -32.32 27.54 9.54
N ASP A 302 -31.75 26.35 9.79
CA ASP A 302 -30.35 26.25 10.18
C ASP A 302 -29.42 26.62 9.04
N ALA A 303 -29.81 26.30 7.79
CA ALA A 303 -29.07 26.76 6.63
C ALA A 303 -29.07 28.29 6.56
N ASN A 304 -30.24 28.90 6.75
CA ASN A 304 -30.32 30.36 6.79
C ASN A 304 -29.31 30.94 7.78
N ILE A 305 -29.30 30.40 9.01
CA ILE A 305 -28.54 31.00 10.09
C ILE A 305 -27.03 30.83 9.90
N MET A 306 -26.60 29.62 9.62
CA MET A 306 -25.18 29.44 9.50
C MET A 306 -24.61 30.20 8.33
N GLN A 307 -25.45 30.48 7.35
CA GLN A 307 -24.95 30.99 6.10
C GLN A 307 -25.06 32.49 5.98
N ASN A 308 -25.94 33.11 6.75
CA ASN A 308 -26.12 34.55 6.62
C ASN A 308 -26.12 35.36 7.89
N GLU A 309 -26.24 34.71 9.03
CA GLU A 309 -26.24 35.40 10.30
C GLU A 309 -25.21 34.69 11.16
N PRO A 310 -23.98 34.70 10.72
CA PRO A 310 -22.96 33.93 11.46
C PRO A 310 -22.33 34.76 12.57
N TRP A 311 -21.71 34.05 13.51
CA TRP A 311 -20.91 34.61 14.59
C TRP A 311 -21.76 35.29 15.66
N ARG A 312 -23.01 34.88 15.81
CA ARG A 312 -23.79 35.24 16.98
C ARG A 312 -23.42 34.33 18.16
N ILE A 313 -23.71 34.82 19.36
CA ILE A 313 -23.85 33.96 20.53
C ILE A 313 -25.29 33.42 20.55
N ALA A 314 -25.43 32.14 20.87
CA ALA A 314 -26.74 31.50 20.99
C ALA A 314 -27.70 31.72 19.82
N PRO A 315 -27.29 31.44 18.59
CA PRO A 315 -28.27 31.41 17.50
C PRO A 315 -29.23 30.25 17.70
N PRO A 316 -30.49 30.41 17.30
CA PRO A 316 -31.45 29.31 17.60
C PRO A 316 -31.38 28.16 16.60
N LEU A 317 -30.34 27.33 16.71
CA LEU A 317 -30.09 26.28 15.73
C LEU A 317 -30.73 24.96 16.18
N LEU A 318 -31.06 24.12 15.19
CA LEU A 318 -31.57 22.76 15.42
C LEU A 318 -32.80 22.73 16.33
N GLU A 319 -33.64 23.76 16.32
CA GLU A 319 -34.79 23.79 17.23
C GLU A 319 -35.99 23.07 16.59
N ASP A 320 -35.82 21.76 16.38
CA ASP A 320 -36.95 20.95 15.92
C ASP A 320 -38.10 21.07 16.92
N ILE A 321 -39.32 21.22 16.40
CA ILE A 321 -40.55 21.11 17.19
C ILE A 321 -41.19 19.76 16.85
N TYR A 322 -41.30 18.89 17.84
CA TYR A 322 -41.67 17.50 17.54
C TYR A 322 -43.18 17.27 17.52
N THR A 323 -43.58 16.35 16.65
CA THR A 323 -44.97 15.94 16.54
C THR A 323 -45.23 14.64 17.28
N PHE A 324 -46.50 14.25 17.32
CA PHE A 324 -46.87 13.03 18.02
C PHE A 324 -46.23 11.80 17.38
N GLU A 325 -46.21 11.75 16.04
CA GLU A 325 -45.60 10.62 15.35
C GLU A 325 -44.10 10.54 15.63
N ASP A 326 -43.43 11.71 15.76
CA ASP A 326 -42.04 11.72 16.17
C ASP A 326 -41.86 11.04 17.52
N ALA A 327 -42.85 11.17 18.40
CA ALA A 327 -42.74 10.54 19.69
C ALA A 327 -42.90 9.03 19.57
N LEU A 328 -43.73 8.58 18.63
CA LEU A 328 -43.88 7.15 18.37
C LEU A 328 -42.55 6.54 17.91
N LEU A 329 -41.87 7.22 16.98
CA LEU A 329 -40.61 6.69 16.45
C LEU A 329 -39.51 6.69 17.51
N VAL A 330 -39.46 7.74 18.33
CA VAL A 330 -38.56 7.74 19.48
C VAL A 330 -38.85 6.52 20.36
N GLY A 331 -40.13 6.17 20.54
CA GLY A 331 -40.46 4.98 21.32
C GLY A 331 -39.98 3.70 20.66
N LEU A 332 -40.22 3.57 19.35
CA LEU A 332 -39.68 2.45 18.58
C LEU A 332 -38.16 2.36 18.68
N MET A 333 -37.48 3.49 18.82
CA MET A 333 -36.03 3.49 18.95
C MET A 333 -35.61 3.04 20.33
N LEU A 334 -36.34 3.48 21.36
CA LEU A 334 -36.04 3.03 22.72
C LEU A 334 -36.27 1.53 22.88
N ILE A 335 -37.33 1.00 22.24
CA ILE A 335 -37.56 -0.43 22.29
C ILE A 335 -36.41 -1.17 21.64
N THR A 336 -35.93 -0.67 20.49
CA THR A 336 -34.82 -1.32 19.79
C THR A 336 -33.54 -1.27 20.63
N LEU A 337 -33.27 -0.14 21.29
CA LEU A 337 -32.12 -0.08 22.20
C LEU A 337 -32.24 -1.15 23.27
N MET A 338 -33.44 -1.27 23.84
CA MET A 338 -33.68 -2.27 24.88
C MET A 338 -33.43 -3.68 24.33
N LYS A 339 -33.84 -3.93 23.09
CA LYS A 339 -33.65 -5.26 22.52
C LYS A 339 -32.18 -5.64 22.39
N HIS A 340 -31.27 -4.67 22.47
CA HIS A 340 -29.85 -4.91 22.26
C HIS A 340 -29.04 -4.52 23.48
N ALA A 341 -29.68 -4.53 24.65
CA ALA A 341 -29.02 -4.17 25.89
C ALA A 341 -27.92 -5.15 26.29
N ASP A 342 -27.75 -6.26 25.58
CA ASP A 342 -26.60 -7.11 25.85
C ASP A 342 -25.32 -6.48 25.33
N ARG A 343 -25.39 -5.72 24.24
CA ARG A 343 -24.20 -5.06 23.70
C ARG A 343 -24.20 -3.54 23.81
N ILE A 344 -25.36 -2.88 23.85
CA ILE A 344 -25.44 -1.42 23.98
C ILE A 344 -25.50 -1.10 25.46
N LYS A 345 -24.45 -0.45 25.98
CA LYS A 345 -24.37 -0.13 27.40
C LYS A 345 -24.45 1.36 27.71
N ILE A 346 -24.17 2.22 26.74
CA ILE A 346 -24.36 3.65 26.87
C ILE A 346 -25.18 4.10 25.68
N ALA A 347 -26.13 5.01 25.91
CA ALA A 347 -26.77 5.65 24.77
C ALA A 347 -27.16 7.07 25.18
N CYS A 348 -27.25 7.96 24.21
CA CYS A 348 -27.48 9.39 24.49
C CYS A 348 -28.52 9.94 23.53
N LEU A 349 -29.66 10.33 24.07
CA LEU A 349 -30.60 11.19 23.37
C LEU A 349 -29.93 12.50 23.00
N ALA A 350 -29.83 12.77 21.69
CA ALA A 350 -29.22 13.99 21.16
C ALA A 350 -30.32 14.97 20.74
N GLN A 351 -30.52 16.06 21.49
CA GLN A 351 -29.73 16.45 22.68
C GLN A 351 -30.70 16.78 23.82
N LEU A 352 -30.21 17.24 24.96
CA LEU A 352 -31.03 17.39 26.15
C LEU A 352 -31.84 18.69 26.23
N ILE A 353 -31.32 19.82 25.74
CA ILE A 353 -31.93 21.15 25.95
C ILE A 353 -31.97 21.91 24.62
N ASN A 354 -33.18 22.36 24.23
CA ASN A 354 -33.40 23.25 23.08
C ASN A 354 -32.94 22.67 21.74
N VAL A 355 -31.75 22.09 21.69
CA VAL A 355 -31.23 21.51 20.45
C VAL A 355 -31.80 20.11 20.30
N ILE A 356 -32.59 19.88 19.23
CA ILE A 356 -33.31 18.64 18.93
C ILE A 356 -33.58 17.90 20.24
N ALA A 357 -34.42 18.49 21.08
CA ALA A 357 -34.42 18.15 22.49
C ALA A 357 -35.82 17.85 22.99
N PRO A 358 -35.94 17.06 24.06
CA PRO A 358 -37.26 16.87 24.70
C PRO A 358 -37.65 18.04 25.60
N ILE A 359 -36.72 18.95 25.86
CA ILE A 359 -36.92 20.07 26.77
C ILE A 359 -36.57 21.35 26.01
N VAL A 360 -37.48 22.33 26.05
CA VAL A 360 -37.34 23.58 25.32
C VAL A 360 -37.55 24.74 26.28
N THR A 361 -36.65 25.72 26.24
CA THR A 361 -36.89 27.03 26.85
C THR A 361 -37.22 28.00 25.73
N GLU A 362 -38.16 28.91 26.01
CA GLU A 362 -38.77 29.64 24.92
C GLU A 362 -37.76 30.41 24.07
N ARG A 363 -37.12 31.41 24.63
CA ARG A 363 -36.17 32.20 23.89
C ARG A 363 -36.24 33.55 24.51
N ASN A 364 -35.10 33.99 24.94
CA ASN A 364 -34.93 35.22 25.63
C ASN A 364 -35.55 35.10 26.98
N GLY A 365 -35.23 34.01 27.63
CA GLY A 365 -35.62 33.73 28.98
C GLY A 365 -36.99 33.25 29.30
N GLY A 366 -37.69 32.74 28.33
CA GLY A 366 -39.04 32.24 28.51
C GLY A 366 -39.16 30.92 29.22
N ALA A 367 -40.38 30.51 29.45
CA ALA A 367 -40.64 29.29 30.17
C ALA A 367 -40.22 28.02 29.49
N ALA A 368 -40.08 26.99 30.28
CA ALA A 368 -39.66 25.72 29.79
C ALA A 368 -40.86 24.81 29.55
N TRP A 369 -40.75 23.88 28.64
CA TRP A 369 -41.88 22.98 28.43
C TRP A 369 -41.37 21.69 27.77
N ARG A 370 -42.26 20.69 27.72
CA ARG A 370 -41.94 19.34 27.26
C ARG A 370 -42.44 19.09 25.85
N GLN A 371 -41.54 18.63 24.99
CA GLN A 371 -41.95 18.20 23.68
C GLN A 371 -42.61 16.83 23.77
N THR A 372 -43.16 16.39 22.63
CA THR A 372 -43.80 15.08 22.58
C THR A 372 -42.79 13.98 22.89
N ILE A 373 -41.58 14.08 22.34
CA ILE A 373 -40.61 13.01 22.56
C ILE A 373 -40.19 12.88 24.02
N PHE A 374 -40.51 13.87 24.85
CA PHE A 374 -40.12 13.80 26.26
C PHE A 374 -40.68 12.56 26.95
N TYR A 375 -41.94 12.19 26.64
CA TYR A 375 -42.63 11.18 27.45
C TYR A 375 -42.27 9.73 27.11
N PRO A 376 -42.13 9.33 25.84
CA PRO A 376 -41.55 7.99 25.60
C PRO A 376 -40.23 7.82 26.35
N PHE A 377 -39.30 8.79 26.25
CA PHE A 377 -38.04 8.68 26.98
C PHE A 377 -38.25 8.61 28.49
N MET A 378 -39.14 9.44 29.04
CA MET A 378 -39.34 9.40 30.49
C MET A 378 -39.88 8.04 30.94
N HIS A 379 -40.83 7.48 30.20
CA HIS A 379 -41.36 6.17 30.51
C HIS A 379 -40.28 5.10 30.46
N ALA A 380 -39.50 5.08 29.37
CA ALA A 380 -38.46 4.08 29.20
C ALA A 380 -37.41 4.20 30.30
N SER A 381 -37.00 5.42 30.64
CA SER A 381 -35.99 5.54 31.69
C SER A 381 -36.57 5.22 33.06
N LYS A 382 -37.84 5.51 33.28
CA LYS A 382 -38.44 5.30 34.59
C LYS A 382 -38.71 3.82 34.85
N TYR A 383 -39.33 3.12 33.90
CA TYR A 383 -39.75 1.74 34.09
C TYR A 383 -38.92 0.70 33.34
N GLY A 384 -38.04 1.13 32.44
CA GLY A 384 -37.20 0.18 31.74
C GLY A 384 -35.88 -0.11 32.43
N ARG A 385 -35.88 -0.35 33.74
CA ARG A 385 -34.70 -0.82 34.45
C ARG A 385 -34.94 -2.24 34.96
N GLY A 386 -33.98 -3.13 34.70
CA GLY A 386 -34.09 -4.54 35.06
C GLY A 386 -33.50 -5.46 34.01
N ILE A 387 -34.23 -6.51 33.65
CA ILE A 387 -33.74 -7.55 32.74
C ILE A 387 -34.56 -7.49 31.45
N VAL A 388 -33.88 -7.35 30.32
CA VAL A 388 -34.60 -7.42 29.05
C VAL A 388 -34.91 -8.88 28.76
N LEU A 389 -36.19 -9.18 28.56
CA LEU A 389 -36.64 -10.52 28.24
C LEU A 389 -36.75 -10.69 26.73
N GLN A 390 -36.39 -11.86 26.25
CA GLN A 390 -36.43 -12.10 24.83
C GLN A 390 -37.88 -11.98 24.35
N PRO A 391 -38.13 -11.20 23.34
CA PRO A 391 -39.48 -11.17 22.76
C PRO A 391 -39.66 -12.35 21.81
N VAL A 392 -40.51 -13.29 22.19
CA VAL A 392 -41.05 -14.25 21.25
C VAL A 392 -42.41 -13.72 20.86
N ILE A 393 -42.52 -13.24 19.63
CA ILE A 393 -43.72 -12.50 19.20
C ILE A 393 -44.07 -12.93 17.78
N ASN A 394 -45.37 -13.11 17.55
CA ASN A 394 -45.93 -13.30 16.21
C ASN A 394 -46.96 -12.19 16.03
N SER A 395 -46.68 -11.28 15.12
CA SER A 395 -47.53 -10.11 14.91
C SER A 395 -47.88 -9.99 13.44
N PRO A 396 -49.01 -9.36 13.11
CA PRO A 396 -49.28 -9.05 11.70
C PRO A 396 -48.15 -8.23 11.13
N LEU A 397 -48.01 -8.26 9.81
CA LEU A 397 -47.03 -7.46 9.09
C LEU A 397 -47.72 -6.52 8.12
N HIS A 398 -46.95 -5.56 7.59
CA HIS A 398 -47.43 -4.73 6.50
C HIS A 398 -46.26 -4.27 5.65
N ASP A 399 -46.57 -3.93 4.41
CA ASP A 399 -45.65 -3.19 3.57
C ASP A 399 -45.85 -1.69 3.74
N THR A 400 -44.79 -0.93 3.53
CA THR A 400 -44.86 0.51 3.39
C THR A 400 -44.17 0.85 2.07
N SER A 401 -44.02 2.16 1.80
CA SER A 401 -43.50 2.55 0.48
C SER A 401 -42.09 1.99 0.25
N LYS A 402 -41.26 1.94 1.30
CA LYS A 402 -39.87 1.51 1.14
C LYS A 402 -39.45 0.44 2.13
N HIS A 403 -40.38 -0.19 2.83
CA HIS A 403 -40.07 -1.25 3.78
C HIS A 403 -41.06 -2.39 3.59
N GLU A 404 -40.56 -3.63 3.68
CA GLU A 404 -41.36 -4.83 3.46
C GLU A 404 -41.45 -5.64 4.74
N ASP A 405 -42.63 -6.21 4.98
CA ASP A 405 -42.85 -7.12 6.10
C ASP A 405 -42.48 -6.47 7.43
N VAL A 406 -42.99 -5.27 7.63
CA VAL A 406 -42.81 -4.51 8.88
C VAL A 406 -43.81 -5.00 9.91
N THR A 407 -43.31 -5.42 11.07
CA THR A 407 -44.21 -5.88 12.13
C THR A 407 -45.11 -4.77 12.61
N ASP A 408 -46.38 -5.07 12.80
CA ASP A 408 -47.35 -4.08 13.26
C ASP A 408 -47.12 -3.72 14.73
N ILE A 409 -46.81 -4.71 15.56
CA ILE A 409 -46.60 -4.49 16.99
C ILE A 409 -45.14 -4.74 17.29
N GLU A 410 -44.49 -3.76 17.91
CA GLU A 410 -43.10 -3.84 18.33
C GLU A 410 -43.11 -3.81 19.85
N SER A 411 -42.43 -4.74 20.48
CA SER A 411 -42.62 -4.89 21.91
C SER A 411 -41.41 -5.55 22.55
N VAL A 412 -41.18 -5.20 23.81
CA VAL A 412 -40.24 -5.89 24.69
C VAL A 412 -40.77 -5.74 26.10
N ALA A 413 -40.42 -6.70 26.95
CA ALA A 413 -40.75 -6.67 28.36
C ALA A 413 -39.47 -6.60 29.17
N ILE A 414 -39.48 -5.75 30.19
CA ILE A 414 -38.39 -5.62 31.15
C ILE A 414 -38.90 -6.16 32.46
N TYR A 415 -38.10 -7.00 33.11
CA TYR A 415 -38.47 -7.66 34.34
C TYR A 415 -37.58 -7.13 35.45
N ASN A 416 -38.14 -6.29 36.32
CA ASN A 416 -37.46 -5.76 37.50
C ASN A 416 -37.88 -6.65 38.66
N GLU A 417 -37.00 -7.54 39.10
CA GLU A 417 -37.37 -8.46 40.15
C GLU A 417 -37.13 -7.92 41.55
N GLU A 418 -36.43 -6.80 41.71
CA GLU A 418 -36.33 -6.19 43.04
C GLU A 418 -37.58 -5.41 43.40
N LYS A 419 -38.44 -5.11 42.44
CA LYS A 419 -39.74 -4.51 42.70
C LYS A 419 -40.90 -5.46 42.37
N GLU A 420 -40.58 -6.69 41.97
CA GLU A 420 -41.46 -7.61 41.25
C GLU A 420 -42.50 -6.85 40.43
N GLU A 421 -42.06 -6.34 39.28
CA GLU A 421 -42.92 -5.85 38.22
C GLU A 421 -42.40 -6.39 36.90
N VAL A 422 -43.29 -6.50 35.92
CA VAL A 422 -42.90 -6.73 34.54
C VAL A 422 -43.54 -5.63 33.72
N THR A 423 -42.72 -4.79 33.09
CA THR A 423 -43.22 -3.69 32.27
C THR A 423 -43.11 -4.08 30.80
N ILE A 424 -44.24 -4.03 30.09
CA ILE A 424 -44.26 -4.29 28.66
C ILE A 424 -44.30 -2.96 27.93
N PHE A 425 -43.35 -2.77 27.02
CA PHE A 425 -43.30 -1.61 26.14
C PHE A 425 -43.79 -2.06 24.77
N ALA A 426 -44.82 -1.40 24.26
CA ALA A 426 -45.34 -1.80 22.97
C ALA A 426 -45.80 -0.57 22.20
N VAL A 427 -45.55 -0.60 20.92
CA VAL A 427 -46.01 0.42 19.98
C VAL A 427 -46.81 -0.31 18.91
N ASN A 428 -47.99 0.20 18.61
CA ASN A 428 -48.70 -0.23 17.41
C ASN A 428 -48.38 0.79 16.34
N ARG A 429 -47.54 0.41 15.39
CA ARG A 429 -47.18 1.32 14.33
C ARG A 429 -47.92 0.99 13.05
N ASN A 430 -48.92 0.13 13.13
CA ASN A 430 -50.02 0.14 12.17
C ASN A 430 -50.90 1.34 12.51
N ILE A 431 -50.86 2.36 11.65
CA ILE A 431 -51.61 3.59 11.92
C ILE A 431 -53.08 3.45 11.54
N HIS A 432 -53.43 2.49 10.69
CA HIS A 432 -54.80 2.34 10.22
C HIS A 432 -55.65 1.33 11.00
N GLU A 433 -55.03 0.43 11.78
CA GLU A 433 -55.76 -0.65 12.45
C GLU A 433 -55.42 -0.69 13.93
N ASP A 434 -56.42 -0.93 14.76
CA ASP A 434 -56.19 -1.28 16.15
C ASP A 434 -55.94 -2.80 16.25
N ILE A 435 -55.15 -3.18 17.26
CA ILE A 435 -54.63 -4.55 17.36
C ILE A 435 -54.62 -4.97 18.82
N VAL A 436 -54.95 -6.23 19.06
CA VAL A 436 -55.02 -6.80 20.41
C VAL A 436 -53.79 -7.65 20.64
N LEU A 437 -53.09 -7.37 21.74
CA LEU A 437 -51.85 -8.04 22.08
C LEU A 437 -52.15 -9.08 23.16
N VAL A 438 -52.04 -10.35 22.79
CA VAL A 438 -52.24 -11.46 23.71
C VAL A 438 -50.86 -11.90 24.19
N SER A 439 -50.60 -11.72 25.48
CA SER A 439 -49.26 -11.90 26.04
C SER A 439 -49.26 -13.02 27.08
N ASP A 440 -48.71 -14.16 26.69
CA ASP A 440 -48.63 -15.33 27.55
C ASP A 440 -47.52 -15.12 28.58
N VAL A 441 -47.91 -14.90 29.84
CA VAL A 441 -46.97 -14.53 30.90
C VAL A 441 -46.70 -15.78 31.72
N ARG A 442 -45.69 -16.56 31.31
CA ARG A 442 -45.32 -17.77 32.04
C ARG A 442 -44.79 -17.37 33.41
N GLY A 443 -45.72 -17.26 34.37
CA GLY A 443 -45.56 -16.59 35.65
C GLY A 443 -44.28 -16.83 36.43
N MET A 444 -43.94 -16.01 37.43
CA MET A 444 -44.75 -14.90 38.04
C MET A 444 -46.09 -15.38 38.60
N ARG A 448 -51.03 -9.98 38.14
CA ARG A 448 -51.72 -8.76 38.55
C ARG A 448 -51.32 -7.51 37.75
N LEU A 449 -52.29 -6.81 37.18
CA LEU A 449 -52.03 -5.63 36.35
C LEU A 449 -52.19 -4.35 37.17
N LEU A 450 -51.18 -3.48 37.11
CA LEU A 450 -51.16 -2.25 37.91
C LEU A 450 -51.54 -1.01 37.12
N GLU A 451 -51.35 -1.01 35.78
CA GLU A 451 -51.77 0.08 34.90
C GLU A 451 -51.34 -0.16 33.46
N HIS A 452 -52.14 0.34 32.54
CA HIS A 452 -51.80 0.50 31.13
C HIS A 452 -51.68 2.00 30.92
N ILE A 453 -50.50 2.46 30.48
CA ILE A 453 -50.28 3.88 30.18
C ILE A 453 -50.11 4.02 28.68
N VAL A 454 -50.60 5.13 28.13
CA VAL A 454 -50.62 5.35 26.69
C VAL A 454 -50.18 6.77 26.37
N LEU A 455 -49.60 6.90 25.18
CA LEU A 455 -49.56 8.14 24.44
C LEU A 455 -50.30 7.83 23.15
N GLU A 456 -51.44 8.49 22.95
CA GLU A 456 -52.15 8.42 21.68
C GLU A 456 -52.69 9.80 21.33
N HIS A 457 -53.06 9.95 20.06
CA HIS A 457 -53.69 11.17 19.61
C HIS A 457 -54.29 10.91 18.25
N GLN A 458 -55.39 11.60 17.96
CA GLN A 458 -55.98 11.52 16.62
C GLN A 458 -55.08 12.18 15.58
N ASP A 459 -54.43 13.26 15.96
CA ASP A 459 -53.68 14.08 15.01
C ASP A 459 -52.22 13.71 15.11
N LEU A 460 -51.74 12.92 14.13
CA LEU A 460 -50.37 12.44 14.20
C LEU A 460 -49.34 13.56 14.03
N LYS A 461 -49.75 14.74 13.59
CA LYS A 461 -48.84 15.86 13.42
C LYS A 461 -48.92 16.86 14.56
N ILE A 462 -49.68 16.58 15.62
CA ILE A 462 -49.85 17.58 16.66
C ILE A 462 -48.57 17.72 17.47
N ARG A 463 -48.34 18.92 18.00
CA ARG A 463 -47.13 19.24 18.74
C ARG A 463 -47.51 19.63 20.16
N ASN A 464 -46.50 19.72 21.01
CA ASN A 464 -46.64 20.40 22.28
C ASN A 464 -46.12 21.83 22.10
N SER A 465 -46.38 22.68 23.10
CA SER A 465 -45.88 24.04 23.03
C SER A 465 -45.89 24.62 24.44
N VAL A 466 -45.34 25.83 24.56
CA VAL A 466 -45.32 26.54 25.83
C VAL A 466 -46.73 26.87 26.30
N ASN A 467 -47.72 26.79 25.41
CA ASN A 467 -49.12 27.07 25.75
C ASN A 467 -49.89 25.82 26.21
N GLY A 468 -49.38 24.62 25.89
CA GLY A 468 -49.91 23.40 26.48
C GLY A 468 -49.36 22.13 25.87
N GLU A 469 -49.43 21.04 26.61
CA GLU A 469 -49.10 19.73 26.06
C GLU A 469 -50.37 19.08 25.52
N GLU A 470 -50.35 18.76 24.23
CA GLU A 470 -51.36 17.94 23.58
C GLU A 470 -51.03 16.46 23.61
N VAL A 471 -49.75 16.11 23.76
CA VAL A 471 -49.32 14.73 23.88
C VAL A 471 -48.72 14.57 25.27
N TYR A 472 -49.31 13.69 26.07
CA TYR A 472 -48.86 13.50 27.44
C TYR A 472 -49.45 12.18 27.97
N PRO A 473 -48.89 11.63 29.04
CA PRO A 473 -49.34 10.31 29.48
C PRO A 473 -50.79 10.35 29.93
N LYS A 474 -51.59 9.44 29.38
CA LYS A 474 -52.96 9.25 29.81
C LYS A 474 -53.11 7.86 30.45
N ASN A 475 -53.81 7.81 31.57
CA ASN A 475 -53.93 6.62 32.39
C ASN A 475 -54.88 5.58 31.82
N SER A 476 -55.13 5.67 30.52
CA SER A 476 -56.21 4.90 29.91
C SER A 476 -55.91 3.40 29.92
N ASP A 477 -56.95 2.61 30.20
CA ASP A 477 -56.96 1.21 29.78
C ASP A 477 -56.85 1.21 28.24
N PHE A 481 -56.19 -8.14 31.90
CA PHE A 481 -55.62 -9.45 32.18
C PHE A 481 -55.85 -9.91 33.62
N ASP A 482 -56.08 -11.21 33.76
CA ASP A 482 -56.70 -11.81 34.94
C ASP A 482 -56.11 -13.19 35.21
N ASP A 483 -56.00 -13.98 34.14
CA ASP A 483 -55.55 -15.37 34.19
C ASP A 483 -54.05 -15.46 34.47
N GLY A 484 -53.28 -15.87 33.46
CA GLY A 484 -51.85 -15.69 33.39
C GLY A 484 -51.57 -15.11 32.02
N ILE A 485 -52.65 -14.82 31.31
CA ILE A 485 -52.61 -14.39 29.92
C ILE A 485 -52.97 -12.91 29.88
N LEU A 486 -51.96 -12.06 29.62
CA LEU A 486 -52.15 -10.62 29.51
C LEU A 486 -52.77 -10.27 28.16
N THR A 487 -53.95 -9.70 28.21
CA THR A 487 -54.70 -9.30 27.01
C THR A 487 -54.81 -7.79 27.03
N SER A 488 -54.18 -7.14 26.05
CA SER A 488 -54.09 -5.69 26.01
C SER A 488 -54.45 -5.20 24.62
N MET A 489 -55.25 -4.14 24.58
CA MET A 489 -55.69 -3.51 23.35
C MET A 489 -54.78 -2.33 23.04
N LEU A 490 -54.19 -2.34 21.86
CA LEU A 490 -53.20 -1.35 21.45
C LEU A 490 -53.78 -0.51 20.33
N ARG A 491 -54.20 0.71 20.68
CA ARG A 491 -54.78 1.63 19.71
C ARG A 491 -53.82 1.86 18.54
N ARG A 492 -54.39 2.06 17.35
CA ARG A 492 -53.56 2.33 16.17
C ARG A 492 -52.67 3.55 16.41
N ALA A 493 -51.44 3.47 15.93
CA ALA A 493 -50.43 4.53 16.12
C ALA A 493 -50.37 5.01 17.57
N SER A 494 -50.02 4.09 18.47
CA SER A 494 -50.00 4.41 19.90
C SER A 494 -48.79 3.80 20.58
N TRP A 495 -48.41 4.39 21.70
CA TRP A 495 -47.29 3.94 22.52
C TRP A 495 -47.84 3.47 23.86
N ASN A 496 -47.39 2.29 24.33
CA ASN A 496 -48.04 1.62 25.44
C ASN A 496 -47.03 1.13 26.46
N VAL A 497 -47.34 1.38 27.73
CA VAL A 497 -46.52 0.96 28.86
C VAL A 497 -47.45 0.20 29.81
N ILE A 498 -47.50 -1.12 29.65
CA ILE A 498 -48.39 -1.98 30.43
C ILE A 498 -47.55 -2.66 31.50
N ARG A 499 -47.89 -2.41 32.76
CA ARG A 499 -47.13 -2.91 33.89
C ARG A 499 -47.93 -3.97 34.62
N ILE A 500 -47.28 -5.10 34.92
CA ILE A 500 -47.89 -6.16 35.72
C ILE A 500 -46.95 -6.48 36.87
N GLY A 501 -47.54 -6.87 38.01
CA GLY A 501 -46.79 -7.25 39.21
C GLY A 501 -47.61 -8.13 40.14
N LYS B 1 14.57 37.39 -41.91
CA LYS B 1 14.51 38.85 -42.01
C LYS B 1 13.08 39.37 -41.82
N LYS B 2 12.07 38.56 -42.12
CA LYS B 2 10.68 39.01 -42.11
C LYS B 2 9.83 38.06 -41.30
N ALA B 3 9.07 38.61 -40.35
CA ALA B 3 8.09 37.83 -39.59
C ALA B 3 6.75 38.57 -39.65
N ARG B 4 5.67 37.80 -39.78
CA ARG B 4 4.34 38.37 -40.02
C ARG B 4 3.36 37.93 -38.95
N MET B 5 2.57 38.89 -38.48
CA MET B 5 1.67 38.70 -37.37
C MET B 5 0.29 39.25 -37.73
N THR B 6 -0.75 38.60 -37.19
CA THR B 6 -2.14 39.00 -37.44
C THR B 6 -2.83 39.22 -36.11
N VAL B 7 -3.17 40.48 -35.83
CA VAL B 7 -3.79 40.91 -34.58
C VAL B 7 -5.26 41.18 -34.85
N ASP B 8 -6.14 40.30 -34.39
CA ASP B 8 -7.58 40.54 -34.45
C ASP B 8 -8.16 40.56 -33.05
N LYS B 9 -8.85 41.65 -32.73
CA LYS B 9 -9.45 41.83 -31.41
C LYS B 9 -10.63 40.89 -31.17
N ASP B 10 -11.03 40.11 -32.15
CA ASP B 10 -12.11 39.14 -31.97
C ASP B 10 -11.61 37.72 -31.78
N TYR B 11 -10.29 37.53 -31.82
CA TYR B 11 -9.66 36.23 -31.56
C TYR B 11 -8.95 36.35 -30.21
N LYS B 12 -9.72 36.28 -29.12
CA LYS B 12 -9.20 36.53 -27.79
C LYS B 12 -8.77 35.24 -27.11
N ILE B 13 -7.78 35.37 -26.22
CA ILE B 13 -7.36 34.29 -25.35
C ILE B 13 -8.03 34.40 -23.99
N ALA B 14 -8.00 35.57 -23.38
CA ALA B 14 -8.57 35.82 -22.07
C ALA B 14 -8.36 37.27 -21.67
N GLU B 15 -9.07 37.67 -20.62
CA GLU B 15 -8.82 38.92 -19.95
C GLU B 15 -7.64 38.75 -18.99
N ILE B 16 -6.71 39.71 -19.01
CA ILE B 16 -5.54 39.66 -18.15
C ILE B 16 -5.97 39.94 -16.72
N ASP B 17 -5.65 39.01 -15.82
CA ASP B 17 -5.78 39.30 -14.40
C ASP B 17 -4.57 40.11 -13.96
N LYS B 18 -4.79 41.29 -13.40
CA LYS B 18 -3.63 42.09 -13.06
C LYS B 18 -2.74 41.44 -12.01
N ARG B 19 -3.22 40.41 -11.32
CA ARG B 19 -2.33 39.77 -10.36
C ARG B 19 -1.23 38.94 -11.02
N ILE B 20 -1.19 38.81 -12.35
CA ILE B 20 -0.01 38.22 -12.97
C ILE B 20 1.20 39.14 -12.91
N TYR B 21 1.01 40.43 -12.60
CA TYR B 21 2.10 41.38 -12.37
C TYR B 21 2.44 41.52 -10.88
N GLY B 22 2.21 40.47 -10.10
CA GLY B 22 2.58 40.53 -8.71
C GLY B 22 4.07 40.30 -8.51
N SER B 23 4.47 40.43 -7.26
CA SER B 23 5.84 40.08 -6.89
C SER B 23 5.82 39.45 -5.51
N PHE B 24 6.93 39.58 -4.78
CA PHE B 24 7.22 38.67 -3.69
C PHE B 24 8.31 39.24 -2.79
N VAL B 25 8.09 39.28 -1.48
CA VAL B 25 9.11 39.67 -0.51
C VAL B 25 9.22 38.56 0.53
N GLU B 26 10.39 37.96 0.63
CA GLU B 26 10.69 37.03 1.70
C GLU B 26 11.58 37.71 2.75
N HIS B 27 11.46 37.27 3.99
CA HIS B 27 12.44 37.61 5.02
C HIS B 27 13.73 36.89 4.68
N LEU B 28 14.44 37.47 3.71
CA LEU B 28 15.65 36.86 3.19
C LEU B 28 16.65 37.99 2.94
N GLY B 29 17.90 37.75 3.31
CA GLY B 29 18.96 38.69 3.01
C GLY B 29 18.62 40.12 3.34
N ARG B 30 18.66 41.01 2.35
CA ARG B 30 18.43 42.42 2.57
C ARG B 30 17.15 42.89 1.91
N ALA B 31 16.20 41.97 1.73
CA ALA B 31 14.89 42.32 1.23
C ALA B 31 14.18 43.28 2.17
N VAL B 32 14.20 42.97 3.46
CA VAL B 32 13.48 43.75 4.46
C VAL B 32 14.46 44.64 5.20
N TYR B 33 15.42 44.02 5.88
CA TYR B 33 16.42 44.72 6.69
C TYR B 33 17.56 45.13 5.78
N ASP B 34 17.91 46.42 5.84
CA ASP B 34 18.82 47.03 4.87
C ASP B 34 18.25 46.93 3.46
N GLY B 35 16.93 47.02 3.37
CA GLY B 35 16.23 47.03 2.11
C GLY B 35 15.03 47.93 2.23
N LEU B 36 13.82 47.37 2.19
CA LEU B 36 12.65 48.24 2.28
C LEU B 36 12.56 48.90 3.65
N TYR B 37 13.09 48.26 4.68
CA TYR B 37 12.93 48.73 6.05
C TYR B 37 14.28 49.17 6.61
N GLN B 38 14.42 50.47 6.82
CA GLN B 38 15.67 51.06 7.32
C GLN B 38 15.33 52.20 8.27
N PRO B 39 15.23 51.92 9.57
CA PRO B 39 14.79 52.96 10.53
C PRO B 39 15.65 54.23 10.58
N GLY B 40 16.97 54.10 10.62
CA GLY B 40 17.77 55.32 10.83
C GLY B 40 17.77 56.30 9.67
N ASN B 41 17.37 55.86 8.47
CA ASN B 41 17.82 56.50 7.24
C ASN B 41 17.16 57.85 7.01
N SER B 42 17.89 58.71 6.29
CA SER B 42 17.36 60.01 5.89
C SER B 42 16.31 59.86 4.82
N LYS B 43 16.41 58.79 4.03
CA LYS B 43 15.44 58.51 2.98
C LYS B 43 14.20 57.80 3.49
N SER B 44 14.11 57.48 4.79
CA SER B 44 13.04 56.67 5.35
C SER B 44 11.98 57.54 6.01
N ASP B 45 10.73 57.05 6.01
CA ASP B 45 9.59 57.79 6.51
C ASP B 45 9.39 57.52 7.99
N GLU B 46 8.26 57.97 8.54
CA GLU B 46 7.94 57.81 9.96
C GLU B 46 8.00 56.35 10.41
N ASP B 47 7.70 55.42 9.50
CA ASP B 47 7.68 54.01 9.90
C ASP B 47 9.01 53.31 9.73
N GLY B 48 9.98 53.94 9.08
CA GLY B 48 11.25 53.31 8.82
C GLY B 48 11.38 52.78 7.42
N PHE B 49 10.44 53.12 6.54
CA PHE B 49 10.37 52.60 5.19
C PHE B 49 11.12 53.55 4.25
N ARG B 50 12.12 53.03 3.54
CA ARG B 50 12.78 53.78 2.49
C ARG B 50 11.77 54.36 1.51
N LYS B 51 11.67 55.70 1.47
CA LYS B 51 10.72 56.36 0.57
C LYS B 51 11.13 56.24 -0.89
N ASP B 52 12.43 56.17 -1.17
CA ASP B 52 12.85 56.02 -2.56
C ASP B 52 12.44 54.66 -3.10
N VAL B 53 12.65 53.60 -2.30
CA VAL B 53 12.19 52.26 -2.66
C VAL B 53 10.68 52.24 -2.86
N ILE B 54 9.92 52.89 -1.98
CA ILE B 54 8.47 52.86 -2.11
C ILE B 54 8.06 53.36 -3.48
N GLU B 55 8.66 54.49 -3.91
CA GLU B 55 8.34 55.06 -5.22
C GLU B 55 8.80 54.16 -6.36
N LEU B 56 9.96 53.49 -6.21
CA LEU B 56 10.39 52.53 -7.22
C LEU B 56 9.38 51.39 -7.38
N VAL B 57 8.89 50.83 -6.26
CA VAL B 57 7.88 49.78 -6.35
C VAL B 57 6.63 50.30 -7.06
N LYS B 58 6.21 51.53 -6.74
CA LYS B 58 4.96 52.04 -7.30
C LYS B 58 5.03 52.16 -8.82
N GLU B 59 6.23 52.41 -9.37
CA GLU B 59 6.39 52.44 -10.83
C GLU B 59 6.20 51.07 -11.48
N LEU B 60 6.36 49.97 -10.74
CA LEU B 60 6.09 48.66 -11.33
C LEU B 60 4.61 48.29 -11.29
N ASN B 61 3.79 49.07 -10.59
CA ASN B 61 2.33 48.88 -10.53
C ASN B 61 1.99 47.45 -10.10
N VAL B 62 2.70 46.98 -9.06
CA VAL B 62 2.56 45.65 -8.48
C VAL B 62 1.28 45.60 -7.65
N PRO B 63 0.24 44.84 -8.07
CA PRO B 63 -1.01 44.82 -7.29
C PRO B 63 -1.01 43.86 -6.09
N ILE B 64 -0.13 42.85 -6.05
CA ILE B 64 -0.17 41.85 -4.99
C ILE B 64 1.26 41.38 -4.72
N ILE B 65 1.58 41.14 -3.46
CA ILE B 65 2.93 40.76 -3.03
C ILE B 65 2.79 39.58 -2.08
N ALA B 66 3.46 38.48 -2.40
CA ALA B 66 3.47 37.31 -1.54
C ALA B 66 4.45 37.53 -0.39
N TYR B 67 4.11 36.97 0.76
CA TYR B 67 4.77 37.28 2.02
C TYR B 67 4.38 36.22 3.03
N PRO B 68 5.28 35.78 3.94
CA PRO B 68 6.68 36.17 4.16
C PRO B 68 7.71 35.21 3.55
N GLY B 69 7.25 34.24 2.77
CA GLY B 69 8.11 33.25 2.14
C GLY B 69 7.26 32.41 1.20
N GLY B 70 7.94 31.53 0.44
CA GLY B 70 9.37 31.28 0.54
C GLY B 70 9.76 30.29 1.64
N ASN B 71 10.99 29.76 1.55
CA ASN B 71 11.45 28.80 2.53
C ASN B 71 11.27 29.31 3.96
N PHE B 72 11.47 30.62 4.18
CA PHE B 72 11.38 31.20 5.51
C PHE B 72 10.10 30.80 6.23
N VAL B 73 8.97 30.74 5.51
CA VAL B 73 7.68 30.59 6.17
C VAL B 73 7.56 29.22 6.81
N SER B 74 8.33 28.25 6.34
CA SER B 74 8.14 26.87 6.75
C SER B 74 8.59 26.61 8.17
N ASN B 75 9.22 27.58 8.83
CA ASN B 75 9.52 27.48 10.26
C ASN B 75 9.30 28.83 10.97
N TYR B 76 8.42 29.65 10.42
CA TYR B 76 8.08 30.95 10.96
C TYR B 76 6.97 30.80 11.97
N PHE B 77 7.08 31.52 13.08
CA PHE B 77 5.99 31.63 14.04
C PHE B 77 5.48 33.07 13.99
N TRP B 78 4.29 33.24 13.41
CA TRP B 78 3.80 34.59 13.11
C TRP B 78 3.64 35.45 14.37
N GLU B 79 3.34 34.86 15.53
CA GLU B 79 3.15 35.67 16.73
C GLU B 79 4.42 36.40 17.12
N ASP B 80 5.58 35.88 16.72
CA ASP B 80 6.85 36.52 17.00
C ASP B 80 6.97 37.92 16.37
N GLY B 81 6.12 38.24 15.38
CA GLY B 81 6.20 39.46 14.62
C GLY B 81 5.08 40.45 14.84
N VAL B 82 4.22 40.23 15.84
CA VAL B 82 3.18 41.18 16.19
C VAL B 82 3.32 41.51 17.67
N GLY B 83 2.57 42.52 18.10
CA GLY B 83 2.63 42.97 19.46
C GLY B 83 3.74 43.99 19.65
N PRO B 84 3.90 44.47 20.88
CA PRO B 84 4.96 45.46 21.15
C PRO B 84 6.32 44.95 20.68
N VAL B 85 7.06 45.83 19.99
CA VAL B 85 8.31 45.44 19.33
C VAL B 85 9.38 45.05 20.35
N GLU B 86 9.39 45.69 21.52
CA GLU B 86 10.36 45.35 22.55
C GLU B 86 10.24 43.90 23.02
N ASP B 87 9.08 43.25 22.83
CA ASP B 87 8.87 41.89 23.32
C ASP B 87 8.93 40.84 22.22
N ARG B 88 9.28 41.23 21.00
CA ARG B 88 9.37 40.28 19.89
C ARG B 88 10.71 39.57 19.94
N PRO B 89 10.73 38.24 19.94
CA PRO B 89 12.01 37.53 20.09
C PRO B 89 12.86 37.65 18.83
N ARG B 90 14.15 37.38 18.96
CA ARG B 90 14.98 37.05 17.80
C ARG B 90 14.95 35.54 17.60
N ARG B 91 14.91 35.10 16.35
CA ARG B 91 14.77 33.67 16.04
C ARG B 91 15.81 33.25 15.02
N LEU B 92 16.25 31.99 15.13
CA LEU B 92 17.06 31.40 14.09
C LEU B 92 16.20 31.15 12.85
N ASP B 93 16.68 31.61 11.69
CA ASP B 93 16.08 31.33 10.38
C ASP B 93 16.87 30.16 9.78
N LEU B 94 16.38 28.92 9.98
CA LEU B 94 17.16 27.78 9.54
C LEU B 94 17.30 27.76 8.02
N ALA B 95 16.31 28.27 7.30
CA ALA B 95 16.34 28.21 5.85
C ALA B 95 17.56 28.94 5.30
N TRP B 96 17.84 30.15 5.81
CA TRP B 96 18.91 30.97 5.26
C TRP B 96 20.03 31.27 6.25
N LYS B 97 20.09 30.51 7.35
CA LYS B 97 21.18 30.64 8.34
C LYS B 97 21.40 32.11 8.75
N SER B 98 20.31 32.76 9.13
CA SER B 98 20.30 34.15 9.55
C SER B 98 19.54 34.28 10.85
N ILE B 99 19.73 35.41 11.51
CA ILE B 99 18.93 35.79 12.66
C ILE B 99 17.81 36.69 12.17
N GLU B 100 16.58 36.33 12.52
CA GLU B 100 15.43 37.16 12.16
C GLU B 100 15.01 37.96 13.38
N PRO B 101 15.20 39.28 13.41
CA PRO B 101 14.87 40.05 14.61
C PRO B 101 13.39 40.37 14.76
N ASN B 102 12.59 40.19 13.72
CA ASN B 102 11.14 40.33 13.77
C ASN B 102 10.70 41.76 14.04
N GLN B 103 11.49 42.74 13.60
CA GLN B 103 11.06 44.13 13.71
C GLN B 103 9.98 44.45 12.69
N VAL B 104 9.98 43.76 11.56
CA VAL B 104 8.90 43.80 10.60
C VAL B 104 8.12 42.50 10.71
N GLY B 105 6.84 42.62 11.04
CA GLY B 105 5.93 41.49 11.08
C GLY B 105 4.72 41.83 10.25
N ILE B 106 3.63 41.09 10.42
CA ILE B 106 2.53 41.21 9.48
C ILE B 106 1.95 42.63 9.49
N ASN B 107 1.91 43.28 10.64
CA ASN B 107 1.26 44.60 10.65
C ASN B 107 2.14 45.69 10.03
N GLU B 108 3.46 45.61 10.21
CA GLU B 108 4.33 46.54 9.50
C GLU B 108 4.33 46.28 8.00
N PHE B 109 4.38 45.00 7.61
CA PHE B 109 4.39 44.71 6.19
C PHE B 109 3.05 45.05 5.54
N ALA B 110 1.95 44.93 6.29
CA ALA B 110 0.66 45.36 5.75
C ALA B 110 0.63 46.86 5.51
N LYS B 111 1.20 47.63 6.44
CA LYS B 111 1.28 49.07 6.25
C LYS B 111 2.12 49.41 5.03
N TRP B 112 3.26 48.75 4.86
CA TRP B 112 4.10 48.99 3.70
C TRP B 112 3.36 48.71 2.40
N CYS B 113 2.63 47.59 2.31
CA CYS B 113 1.88 47.29 1.07
C CYS B 113 0.84 48.38 0.76
N LYS B 114 0.20 48.94 1.79
CA LYS B 114 -0.69 50.08 1.57
C LYS B 114 0.06 51.22 0.87
N LYS B 115 1.30 51.50 1.31
CA LYS B 115 2.06 52.62 0.77
C LYS B 115 2.52 52.38 -0.67
N VAL B 116 2.60 51.13 -1.13
CA VAL B 116 2.96 50.84 -2.52
C VAL B 116 1.75 50.38 -3.33
N ASN B 117 0.55 50.49 -2.76
CA ASN B 117 -0.72 50.19 -3.43
C ASN B 117 -0.86 48.72 -3.80
N ALA B 118 -0.29 47.85 -2.98
CA ALA B 118 -0.37 46.42 -3.18
C ALA B 118 -1.17 45.79 -2.06
N GLU B 119 -1.45 44.50 -2.24
CA GLU B 119 -2.08 43.66 -1.23
C GLU B 119 -1.14 42.52 -0.90
N ILE B 120 -1.36 41.92 0.25
CA ILE B 120 -0.62 40.73 0.64
C ILE B 120 -1.33 39.50 0.10
N MET B 121 -0.57 38.60 -0.49
CA MET B 121 -0.90 37.19 -0.54
C MET B 121 -0.08 36.52 0.56
N MET B 122 -0.76 36.07 1.61
CA MET B 122 -0.09 35.55 2.80
C MET B 122 0.12 34.05 2.74
N ALA B 123 1.34 33.63 3.08
CA ALA B 123 1.68 32.22 3.24
C ALA B 123 1.64 31.87 4.73
N VAL B 124 1.07 30.71 5.05
CA VAL B 124 1.03 30.22 6.41
C VAL B 124 2.08 29.13 6.55
N ASN B 125 2.51 28.89 7.78
CA ASN B 125 3.51 27.86 8.07
C ASN B 125 2.80 26.50 8.17
N LEU B 126 3.05 25.64 7.20
CA LEU B 126 2.65 24.24 7.23
C LEU B 126 3.86 23.32 7.29
N GLY B 127 5.04 23.85 7.59
CA GLY B 127 6.24 23.06 7.77
C GLY B 127 6.30 22.44 9.15
N THR B 128 6.48 23.28 10.18
CA THR B 128 6.47 22.84 11.56
C THR B 128 5.19 23.22 12.29
N ARG B 129 4.20 23.79 11.60
CA ARG B 129 2.94 24.15 12.25
C ARG B 129 1.81 23.66 11.37
N GLY B 130 0.57 23.95 11.72
CA GLY B 130 -0.53 23.32 11.02
C GLY B 130 -1.87 24.04 11.05
N ILE B 131 -2.94 23.24 11.14
CA ILE B 131 -4.29 23.73 10.97
C ILE B 131 -4.58 24.87 11.94
N SER B 132 -4.34 24.64 13.23
CA SER B 132 -4.88 25.60 14.20
C SER B 132 -4.09 26.90 14.17
N ASP B 133 -2.80 26.85 13.84
CA ASP B 133 -2.04 28.09 13.70
C ASP B 133 -2.47 28.87 12.46
N ALA B 134 -2.80 28.18 11.35
CA ALA B 134 -3.30 28.89 10.19
C ALA B 134 -4.65 29.54 10.49
N CYS B 135 -5.49 28.85 11.26
CA CYS B 135 -6.76 29.43 11.65
C CYS B 135 -6.54 30.68 12.50
N ASN B 136 -5.57 30.63 13.39
CA ASN B 136 -5.33 31.79 14.27
C ASN B 136 -4.89 32.98 13.45
N LEU B 137 -3.94 32.77 12.52
CA LEU B 137 -3.48 33.87 11.69
C LEU B 137 -4.62 34.44 10.85
N LEU B 138 -5.46 33.55 10.29
CA LEU B 138 -6.53 34.03 9.42
C LEU B 138 -7.56 34.82 10.22
N GLU B 139 -7.84 34.39 11.45
CA GLU B 139 -8.72 35.14 12.32
C GLU B 139 -8.09 36.48 12.71
N TYR B 140 -6.81 36.47 13.06
CA TYR B 140 -6.10 37.71 13.40
C TYR B 140 -6.22 38.73 12.28
N CYS B 141 -6.10 38.28 11.02
CA CYS B 141 -6.05 39.15 9.86
C CYS B 141 -7.41 39.53 9.30
N ASN B 142 -8.43 38.63 9.33
CA ASN B 142 -9.66 38.84 8.55
C ASN B 142 -10.93 38.95 9.37
N HIS B 143 -10.93 38.49 10.59
CA HIS B 143 -12.15 38.58 11.41
C HIS B 143 -12.25 39.96 12.03
N PRO B 144 -13.42 40.60 11.98
CA PRO B 144 -13.52 42.03 12.39
C PRO B 144 -13.14 42.30 13.85
N GLY B 145 -13.75 41.58 14.78
CA GLY B 145 -13.49 41.78 16.20
C GLY B 145 -14.39 40.83 16.94
N GLY B 146 -14.27 40.85 18.26
CA GLY B 146 -15.14 40.04 19.10
C GLY B 146 -14.68 38.63 19.38
N SER B 147 -13.46 38.28 18.99
CA SER B 147 -12.90 36.96 19.27
C SER B 147 -11.47 37.15 19.72
N LYS B 148 -10.87 36.06 20.20
CA LYS B 148 -9.52 36.10 20.74
C LYS B 148 -8.54 36.79 19.80
N TYR B 149 -8.37 36.26 18.59
CA TYR B 149 -7.30 36.77 17.75
C TYR B 149 -7.69 38.03 16.99
N SER B 150 -8.97 38.28 16.75
CA SER B 150 -9.33 39.55 16.15
C SER B 150 -9.11 40.69 17.14
N ASP B 151 -9.50 40.49 18.41
CA ASP B 151 -9.27 41.54 19.40
C ASP B 151 -7.78 41.73 19.64
N MET B 152 -7.02 40.65 19.60
CA MET B 152 -5.57 40.78 19.73
C MET B 152 -5.01 41.69 18.64
N ARG B 153 -5.51 41.55 17.40
CA ARG B 153 -5.11 42.47 16.35
C ARG B 153 -5.41 43.92 16.73
N ILE B 154 -6.66 44.18 17.14
CA ILE B 154 -7.05 45.52 17.58
C ILE B 154 -6.14 46.02 18.70
N LYS B 155 -5.92 45.19 19.72
CA LYS B 155 -5.02 45.58 20.80
C LYS B 155 -3.62 45.94 20.30
N HIS B 156 -3.16 45.28 19.24
CA HIS B 156 -1.86 45.60 18.67
C HIS B 156 -1.88 46.86 17.82
N GLY B 157 -3.02 47.54 17.69
CA GLY B 157 -3.07 48.81 17.00
C GLY B 157 -3.60 48.82 15.58
N VAL B 158 -4.20 47.72 15.11
CA VAL B 158 -4.83 47.69 13.79
C VAL B 158 -6.31 47.41 14.01
N LYS B 159 -7.13 48.45 13.96
CA LYS B 159 -8.55 48.30 14.27
C LYS B 159 -9.28 47.61 13.13
N GLU B 160 -9.00 48.00 11.90
CA GLU B 160 -9.67 47.33 10.79
C GLU B 160 -8.95 46.03 10.45
N PRO B 161 -9.68 44.99 10.05
CA PRO B 161 -9.01 43.76 9.59
C PRO B 161 -8.28 43.98 8.27
N HIS B 162 -7.10 43.37 8.14
CA HIS B 162 -6.38 43.42 6.87
C HIS B 162 -7.19 42.82 5.72
N ASN B 163 -8.05 41.84 5.99
CA ASN B 163 -8.92 41.24 4.99
C ASN B 163 -8.10 40.72 3.80
N ILE B 164 -7.14 39.86 4.12
CA ILE B 164 -6.26 39.32 3.10
C ILE B 164 -7.05 38.33 2.26
N LYS B 165 -6.93 38.46 0.93
CA LYS B 165 -7.80 37.78 -0.02
C LYS B 165 -7.25 36.43 -0.46
N VAL B 166 -5.93 36.31 -0.65
CA VAL B 166 -5.30 35.11 -1.19
C VAL B 166 -4.31 34.60 -0.15
N TRP B 167 -4.49 33.35 0.26
CA TRP B 167 -3.60 32.70 1.20
C TRP B 167 -2.94 31.52 0.52
N CYS B 168 -1.67 31.33 0.84
CA CYS B 168 -0.87 30.27 0.27
C CYS B 168 -0.63 29.21 1.34
N LEU B 169 -0.97 27.96 1.02
CA LEU B 169 -0.96 26.90 2.02
C LEU B 169 0.47 26.37 2.14
N GLY B 170 1.25 27.00 2.98
CA GLY B 170 2.62 26.59 3.12
C GLY B 170 3.44 27.06 1.94
N ASN B 171 4.65 26.54 1.89
CA ASN B 171 5.52 26.69 0.75
C ASN B 171 5.75 25.31 0.16
N ALA B 172 6.28 25.28 -1.06
CA ALA B 172 6.72 24.01 -1.62
C ALA B 172 7.62 23.29 -0.61
N MET B 173 7.33 22.02 -0.39
CA MET B 173 7.94 21.27 0.71
C MET B 173 8.43 19.91 0.24
N ASP B 174 8.74 19.77 -1.04
CA ASP B 174 9.16 18.50 -1.59
C ASP B 174 10.66 18.30 -1.53
N GLY B 175 11.42 19.36 -1.31
CA GLY B 175 12.86 19.30 -1.38
C GLY B 175 13.49 18.92 -0.06
N PRO B 176 14.64 18.26 -0.10
CA PRO B 176 15.33 17.89 1.13
C PRO B 176 16.13 19.01 1.76
N TRP B 177 16.11 20.21 1.19
CA TRP B 177 16.75 21.38 1.78
C TRP B 177 15.79 22.21 2.62
N GLN B 178 14.58 21.71 2.85
CA GLN B 178 13.49 22.48 3.42
C GLN B 178 13.14 21.95 4.81
N VAL B 179 12.99 22.87 5.77
CA VAL B 179 12.44 22.52 7.07
C VAL B 179 11.00 22.06 6.88
N GLY B 180 10.63 20.98 7.57
CA GLY B 180 9.29 20.43 7.45
C GLY B 180 8.96 19.83 6.10
N HIS B 181 9.97 19.30 5.40
CA HIS B 181 9.73 18.60 4.14
C HIS B 181 8.65 17.53 4.28
N LYS B 182 7.83 17.41 3.25
CA LYS B 182 6.69 16.50 3.29
C LYS B 182 6.68 15.63 2.04
N THR B 183 6.18 14.40 2.20
CA THR B 183 5.78 13.65 1.02
C THR B 183 4.53 14.29 0.43
N MET B 184 4.23 13.92 -0.82
CA MET B 184 3.03 14.45 -1.45
C MET B 184 1.75 14.07 -0.70
N ASP B 185 1.70 12.89 -0.08
CA ASP B 185 0.46 12.53 0.60
C ASP B 185 0.32 13.28 1.91
N GLU B 186 1.44 13.48 2.63
CA GLU B 186 1.41 14.31 3.84
C GLU B 186 0.97 15.73 3.50
N TYR B 187 1.60 16.34 2.50
CA TYR B 187 1.24 17.71 2.18
C TYR B 187 -0.19 17.79 1.67
N GLY B 188 -0.59 16.84 0.81
CA GLY B 188 -1.98 16.77 0.37
C GLY B 188 -2.96 16.80 1.52
N ARG B 189 -2.73 15.96 2.54
CA ARG B 189 -3.63 15.88 3.69
C ARG B 189 -3.63 17.18 4.49
N ILE B 190 -2.44 17.73 4.80
CA ILE B 190 -2.39 18.93 5.61
C ILE B 190 -3.00 20.12 4.85
N ALA B 191 -2.76 20.20 3.55
CA ALA B 191 -3.33 21.29 2.77
C ALA B 191 -4.85 21.18 2.72
N GLU B 192 -5.36 19.95 2.58
CA GLU B 192 -6.79 19.73 2.54
C GLU B 192 -7.44 20.25 3.80
N GLU B 193 -6.92 19.83 4.96
CA GLU B 193 -7.59 20.16 6.21
C GLU B 193 -7.36 21.60 6.64
N THR B 194 -6.19 22.16 6.33
CA THR B 194 -5.99 23.58 6.57
C THR B 194 -6.97 24.39 5.74
N ALA B 195 -7.10 24.05 4.45
CA ALA B 195 -7.99 24.79 3.57
C ALA B 195 -9.43 24.70 4.07
N ARG B 196 -9.87 23.48 4.39
CA ARG B 196 -11.24 23.25 4.87
C ARG B 196 -11.55 24.11 6.09
N ALA B 197 -10.68 24.06 7.11
CA ALA B 197 -10.93 24.84 8.32
C ALA B 197 -10.84 26.35 8.06
N MET B 198 -9.86 26.80 7.27
CA MET B 198 -9.75 28.22 6.97
C MET B 198 -11.01 28.76 6.27
N LYS B 199 -11.57 28.00 5.31
CA LYS B 199 -12.77 28.47 4.62
C LYS B 199 -14.01 28.44 5.52
N MET B 200 -13.96 27.74 6.65
CA MET B 200 -15.03 27.91 7.65
C MET B 200 -14.91 29.23 8.40
N ILE B 201 -13.69 29.75 8.58
CA ILE B 201 -13.53 31.05 9.23
C ILE B 201 -13.93 32.18 8.28
N ASP B 202 -13.46 32.14 7.03
CA ASP B 202 -13.67 33.21 6.07
C ASP B 202 -13.93 32.57 4.71
N PRO B 203 -15.18 32.40 4.31
CA PRO B 203 -15.47 31.72 3.04
C PRO B 203 -15.13 32.54 1.83
N SER B 204 -14.74 33.81 1.99
CA SER B 204 -14.48 34.64 0.84
C SER B 204 -13.01 34.66 0.42
N ILE B 205 -12.11 34.09 1.21
CA ILE B 205 -10.69 34.03 0.79
C ILE B 205 -10.51 33.08 -0.39
N GLU B 206 -9.34 33.11 -0.99
CA GLU B 206 -8.95 32.16 -2.01
C GLU B 206 -7.67 31.48 -1.56
N LEU B 207 -7.50 30.22 -1.93
CA LEU B 207 -6.38 29.45 -1.40
C LEU B 207 -5.53 28.89 -2.53
N VAL B 208 -4.21 28.91 -2.31
CA VAL B 208 -3.23 28.36 -3.23
C VAL B 208 -2.63 27.11 -2.59
N ALA B 209 -2.69 25.98 -3.31
CA ALA B 209 -1.97 24.78 -2.94
C ALA B 209 -0.60 24.80 -3.60
N CYS B 210 0.41 24.31 -2.90
CA CYS B 210 1.76 24.38 -3.44
C CYS B 210 2.04 23.24 -4.40
N GLY B 211 2.58 23.57 -5.57
CA GLY B 211 3.13 22.59 -6.46
C GLY B 211 4.55 22.25 -6.09
N SER B 212 5.23 21.55 -7.01
CA SER B 212 6.61 21.15 -6.79
C SER B 212 7.53 22.36 -6.70
N SER B 213 8.72 22.14 -6.15
CA SER B 213 9.72 23.20 -6.10
C SER B 213 10.17 23.64 -7.48
N SER B 214 10.22 22.71 -8.44
CA SER B 214 10.53 22.99 -9.84
C SER B 214 10.08 21.78 -10.66
N LYS B 215 9.97 21.98 -11.97
CA LYS B 215 9.61 20.88 -12.85
C LYS B 215 10.63 19.77 -12.81
N ASP B 216 11.85 20.05 -12.35
CA ASP B 216 12.93 19.06 -12.36
C ASP B 216 12.84 18.10 -11.20
N MET B 217 12.00 18.37 -10.20
CA MET B 217 11.90 17.44 -9.10
C MET B 217 11.32 16.14 -9.62
N PRO B 218 11.86 15.00 -9.18
CA PRO B 218 11.33 13.70 -9.65
C PRO B 218 9.86 13.52 -9.37
N THR B 219 9.32 14.16 -8.33
CA THR B 219 7.91 14.02 -7.99
C THR B 219 7.04 14.98 -8.76
N PHE B 220 7.63 15.76 -9.68
CA PHE B 220 6.72 16.54 -10.51
C PHE B 220 6.35 15.72 -11.75
N PRO B 221 5.08 15.67 -12.20
CA PRO B 221 3.90 16.40 -11.72
C PRO B 221 3.01 15.56 -10.80
N GLN B 222 3.52 14.46 -10.29
CA GLN B 222 2.66 13.63 -9.46
C GLN B 222 2.31 14.31 -8.14
N TRP B 223 3.22 15.15 -7.63
CA TRP B 223 2.92 15.99 -6.47
C TRP B 223 1.67 16.83 -6.69
N GLU B 224 1.61 17.55 -7.83
CA GLU B 224 0.47 18.41 -8.14
C GLU B 224 -0.82 17.61 -8.22
N ALA B 225 -0.77 16.45 -8.87
CA ALA B 225 -1.98 15.65 -9.00
C ALA B 225 -2.44 15.12 -7.64
N THR B 226 -1.52 14.71 -6.77
CA THR B 226 -1.93 14.18 -5.47
C THR B 226 -2.52 15.28 -4.59
N VAL B 227 -1.85 16.44 -4.53
CA VAL B 227 -2.37 17.51 -3.68
C VAL B 227 -3.74 17.96 -4.17
N LEU B 228 -3.89 18.11 -5.48
CA LEU B 228 -5.18 18.52 -6.01
C LEU B 228 -6.22 17.44 -5.78
N ASP B 229 -5.81 16.17 -5.87
CA ASP B 229 -6.75 15.08 -5.58
C ASP B 229 -7.29 15.21 -4.18
N TYR B 230 -6.44 15.54 -3.21
CA TYR B 230 -6.92 15.68 -1.83
C TYR B 230 -7.77 16.94 -1.66
N ALA B 231 -7.27 18.08 -2.12
CA ALA B 231 -7.80 19.37 -1.67
C ALA B 231 -8.63 20.08 -2.71
N TYR B 232 -8.88 19.47 -3.87
CA TYR B 232 -9.60 20.10 -4.99
C TYR B 232 -10.77 20.98 -4.55
N ASP B 233 -11.66 20.45 -3.71
CA ASP B 233 -12.86 21.24 -3.45
C ASP B 233 -12.59 22.47 -2.62
N TYR B 234 -11.42 22.59 -2.01
CA TYR B 234 -11.20 23.64 -1.05
C TYR B 234 -10.19 24.67 -1.50
N VAL B 235 -9.50 24.46 -2.63
CA VAL B 235 -8.47 25.39 -3.08
C VAL B 235 -8.86 25.94 -4.44
N ASP B 236 -8.22 27.06 -4.80
CA ASP B 236 -8.48 27.71 -6.08
C ASP B 236 -7.30 27.73 -7.03
N TYR B 237 -6.07 27.61 -6.54
CA TYR B 237 -4.90 27.68 -7.39
C TYR B 237 -3.93 26.59 -7.00
N ILE B 238 -3.07 26.26 -7.98
CA ILE B 238 -1.88 25.45 -7.79
C ILE B 238 -0.71 26.33 -8.19
N SER B 239 0.38 26.22 -7.45
CA SER B 239 1.51 27.11 -7.66
C SER B 239 2.58 26.46 -8.54
N LEU B 240 3.30 27.30 -9.27
CA LEU B 240 4.46 26.91 -10.05
C LEU B 240 5.62 27.83 -9.70
N HIS B 241 6.83 27.28 -9.79
CA HIS B 241 8.08 27.96 -9.52
C HIS B 241 9.03 27.68 -10.68
N GLN B 242 9.65 28.71 -11.24
CA GLN B 242 10.64 28.48 -12.28
C GLN B 242 11.72 29.55 -12.29
N TYR B 243 12.97 29.13 -12.23
CA TYR B 243 14.12 30.02 -12.38
C TYR B 243 14.98 29.54 -13.53
N TYR B 244 15.66 30.47 -14.21
CA TYR B 244 16.60 30.15 -15.29
C TYR B 244 17.97 30.78 -15.03
N GLY B 245 19.00 30.15 -15.58
CA GLY B 245 20.35 30.65 -15.42
C GLY B 245 21.13 30.49 -16.71
N ASN B 246 22.26 31.20 -16.77
CA ASN B 246 23.15 31.19 -17.93
C ASN B 246 24.57 30.92 -17.48
N LYS B 247 24.73 29.94 -16.60
CA LYS B 247 26.07 29.51 -16.21
C LYS B 247 26.84 28.88 -17.37
N GLU B 248 26.14 28.28 -18.35
CA GLU B 248 26.85 27.79 -19.53
C GLU B 248 27.29 28.91 -20.44
N ASN B 249 26.82 30.14 -20.17
CA ASN B 249 27.21 31.30 -20.95
C ASN B 249 26.96 31.08 -22.45
N ASP B 250 25.70 30.79 -22.77
CA ASP B 250 25.24 30.51 -24.13
C ASP B 250 23.98 31.33 -24.31
N THR B 251 24.13 32.55 -24.84
CA THR B 251 23.02 33.50 -24.84
C THR B 251 21.83 33.00 -25.65
N ALA B 252 22.08 32.36 -26.80
CA ALA B 252 20.99 31.96 -27.66
C ALA B 252 20.14 30.89 -27.00
N ASP B 253 20.79 29.82 -26.54
CA ASP B 253 20.10 28.80 -25.76
C ASP B 253 19.41 29.40 -24.55
N PHE B 254 20.10 30.30 -23.83
CA PHE B 254 19.50 30.95 -22.66
C PHE B 254 18.14 31.55 -23.00
N LEU B 255 18.07 32.35 -24.06
CA LEU B 255 16.83 33.01 -24.45
C LEU B 255 15.80 32.04 -25.03
N ALA B 256 16.19 30.83 -25.39
CA ALA B 256 15.21 29.83 -25.80
C ALA B 256 14.45 29.21 -24.62
N LYS B 257 14.76 29.57 -23.37
CA LYS B 257 14.21 28.83 -22.24
C LYS B 257 12.78 29.23 -21.91
N SER B 258 12.26 30.32 -22.47
CA SER B 258 10.83 30.56 -22.35
C SER B 258 10.02 29.45 -23.02
N ASP B 259 10.59 28.75 -24.01
CA ASP B 259 9.91 27.58 -24.58
C ASP B 259 9.68 26.50 -23.53
N ASP B 260 10.70 26.24 -22.69
CA ASP B 260 10.53 25.31 -21.58
C ASP B 260 9.49 25.81 -20.59
N LEU B 261 9.46 27.13 -20.34
CA LEU B 261 8.43 27.70 -19.48
C LEU B 261 7.04 27.37 -20.00
N ASP B 262 6.85 27.54 -21.31
CA ASP B 262 5.57 27.25 -21.95
C ASP B 262 5.20 25.78 -21.79
N ASP B 263 6.17 24.89 -22.03
CA ASP B 263 5.93 23.46 -21.82
C ASP B 263 5.55 23.15 -20.37
N PHE B 264 6.24 23.80 -19.41
CA PHE B 264 5.97 23.60 -18.00
C PHE B 264 4.53 24.00 -17.65
N ILE B 265 4.10 25.16 -18.12
CA ILE B 265 2.75 25.63 -17.84
C ILE B 265 1.72 24.66 -18.39
N ARG B 266 1.91 24.19 -19.62
CA ARG B 266 0.94 23.28 -20.22
C ARG B 266 0.89 21.97 -19.45
N SER B 267 2.05 21.46 -19.04
CA SER B 267 2.08 20.24 -18.23
C SER B 267 1.25 20.40 -16.96
N VAL B 268 1.31 21.58 -16.34
CA VAL B 268 0.56 21.76 -15.11
C VAL B 268 -0.92 21.90 -15.41
N ILE B 269 -1.27 22.53 -16.52
CA ILE B 269 -2.67 22.64 -16.91
C ILE B 269 -3.25 21.26 -17.19
N ALA B 270 -2.52 20.45 -17.95
CA ALA B 270 -2.97 19.08 -18.18
C ALA B 270 -3.21 18.36 -16.87
N THR B 271 -2.30 18.53 -15.90
CA THR B 271 -2.47 17.89 -14.61
C THR B 271 -3.74 18.36 -13.91
N CYS B 272 -4.01 19.67 -13.94
CA CYS B 272 -5.25 20.17 -13.37
C CYS B 272 -6.46 19.54 -14.05
N ASP B 273 -6.44 19.46 -15.39
CA ASP B 273 -7.59 18.94 -16.13
C ASP B 273 -7.79 17.45 -15.89
N TYR B 274 -6.69 16.73 -15.70
CA TYR B 274 -6.77 15.32 -15.32
C TYR B 274 -7.57 15.15 -14.04
N ILE B 275 -7.18 15.87 -12.98
CA ILE B 275 -7.85 15.75 -11.69
C ILE B 275 -9.28 16.23 -11.80
N LYS B 276 -9.49 17.31 -12.56
CA LYS B 276 -10.85 17.82 -12.78
C LYS B 276 -11.76 16.74 -13.37
N ALA B 277 -11.27 15.99 -14.36
CA ALA B 277 -12.06 14.88 -14.91
C ALA B 277 -12.26 13.79 -13.86
N LYS B 278 -11.23 13.52 -13.07
CA LYS B 278 -11.33 12.53 -12.00
C LYS B 278 -12.39 12.92 -10.97
N LYS B 279 -12.52 14.22 -10.67
CA LYS B 279 -13.49 14.67 -9.69
C LYS B 279 -14.86 14.95 -10.30
N ARG B 280 -15.03 14.83 -11.61
CA ARG B 280 -16.26 15.25 -12.30
C ARG B 280 -16.68 16.64 -11.85
N SER B 281 -15.71 17.51 -11.64
CA SER B 281 -15.99 18.82 -11.10
C SER B 281 -16.28 19.80 -12.23
N LYS B 282 -17.07 20.82 -11.91
CA LYS B 282 -17.32 21.89 -12.87
C LYS B 282 -16.32 23.03 -12.76
N LYS B 283 -15.39 22.96 -11.82
CA LYS B 283 -14.50 24.06 -11.47
C LYS B 283 -13.12 23.77 -12.01
N ASP B 284 -12.52 24.77 -12.66
CA ASP B 284 -11.12 24.70 -13.06
C ASP B 284 -10.24 25.26 -11.96
N ILE B 285 -9.13 24.57 -11.74
CA ILE B 285 -8.07 25.11 -10.89
C ILE B 285 -7.27 26.12 -11.71
N TYR B 286 -6.95 27.27 -11.13
CA TYR B 286 -6.16 28.26 -11.84
C TYR B 286 -4.72 28.22 -11.35
N LEU B 287 -3.83 28.78 -12.16
CA LEU B 287 -2.40 28.70 -11.87
C LEU B 287 -1.92 29.98 -11.16
N SER B 288 -1.07 29.78 -10.16
CA SER B 288 -0.40 30.87 -9.45
C SER B 288 1.10 30.69 -9.63
N PHE B 289 1.71 31.47 -10.52
CA PHE B 289 3.14 31.36 -10.80
C PHE B 289 3.93 32.20 -9.80
N ASP B 290 3.97 31.76 -8.54
CA ASP B 290 4.35 32.73 -7.53
C ASP B 290 5.84 32.73 -7.19
N GLU B 291 6.68 32.04 -7.97
CA GLU B 291 8.12 32.33 -8.01
C GLU B 291 8.57 32.17 -9.45
N TRP B 292 9.02 33.27 -10.06
CA TRP B 292 9.72 33.18 -11.34
C TRP B 292 10.71 34.33 -11.46
N ASN B 293 11.88 34.04 -12.04
CA ASN B 293 12.91 35.03 -12.31
C ASN B 293 14.09 34.34 -12.95
N VAL B 294 15.04 35.15 -13.40
CA VAL B 294 16.40 34.71 -13.66
C VAL B 294 17.13 34.69 -12.33
N TRP B 295 17.94 33.65 -12.10
CA TRP B 295 18.64 33.50 -10.81
C TRP B 295 19.83 32.57 -11.00
N TYR B 296 21.05 33.12 -10.96
CA TYR B 296 22.26 32.29 -11.04
C TYR B 296 23.57 33.01 -10.71
N HIS B 297 23.59 34.35 -10.80
CA HIS B 297 24.87 35.07 -10.70
C HIS B 297 25.51 34.88 -9.33
N SER B 298 24.69 34.83 -8.27
CA SER B 298 25.12 34.93 -6.89
C SER B 298 25.22 33.59 -6.17
N ASN B 299 25.15 32.46 -6.88
CA ASN B 299 25.12 31.17 -6.20
C ASN B 299 26.36 30.97 -5.33
N ASN B 300 27.55 31.24 -5.88
CA ASN B 300 28.80 30.94 -5.17
C ASN B 300 29.01 31.84 -3.96
N GLU B 301 28.79 33.15 -4.08
CA GLU B 301 28.90 33.99 -2.91
C GLU B 301 27.88 33.61 -1.84
N ASP B 302 26.71 33.09 -2.26
CA ASP B 302 25.72 32.64 -1.29
C ASP B 302 26.20 31.42 -0.52
N ALA B 303 26.81 30.45 -1.22
CA ALA B 303 27.32 29.27 -0.54
C ALA B 303 28.39 29.65 0.47
N ASN B 304 29.20 30.65 0.17
CA ASN B 304 30.22 31.08 1.13
C ASN B 304 29.56 31.65 2.39
N ILE B 305 28.55 32.52 2.23
CA ILE B 305 27.90 33.17 3.36
C ILE B 305 27.25 32.19 4.35
N MET B 306 27.03 30.93 3.97
CA MET B 306 26.64 29.89 4.92
C MET B 306 27.40 28.61 4.56
N GLN B 307 28.39 28.19 5.37
CA GLN B 307 28.67 28.72 6.69
C GLN B 307 29.65 29.87 6.61
N ASN B 308 30.78 29.75 7.30
CA ASN B 308 31.74 30.84 7.37
C ASN B 308 31.15 32.06 8.08
N GLU B 309 30.06 32.62 7.57
CA GLU B 309 29.41 33.80 8.16
C GLU B 309 27.91 33.57 8.38
N PRO B 310 27.53 32.60 9.20
CA PRO B 310 26.11 32.36 9.46
C PRO B 310 25.60 33.15 10.66
N TRP B 311 24.27 33.24 10.74
CA TRP B 311 23.54 33.86 11.86
C TRP B 311 23.79 35.37 11.92
N ARG B 312 23.81 36.02 10.76
CA ARG B 312 23.80 37.47 10.75
C ARG B 312 22.38 37.97 10.59
N ILE B 313 22.11 39.16 11.11
CA ILE B 313 20.96 39.91 10.61
C ILE B 313 21.33 40.38 9.21
N ALA B 314 20.43 40.20 8.27
CA ALA B 314 20.57 40.79 6.94
C ALA B 314 21.88 40.53 6.22
N PRO B 315 22.30 39.26 6.08
CA PRO B 315 23.44 38.97 5.22
C PRO B 315 23.08 39.24 3.76
N PRO B 316 24.06 39.59 2.92
CA PRO B 316 23.69 39.95 1.52
C PRO B 316 23.52 38.74 0.61
N LEU B 317 22.41 38.02 0.80
CA LEU B 317 22.13 36.79 0.07
C LEU B 317 21.38 37.06 -1.23
N LEU B 318 21.64 36.22 -2.24
CA LEU B 318 20.91 36.21 -3.52
C LEU B 318 20.95 37.56 -4.25
N GLU B 319 22.06 38.30 -4.14
CA GLU B 319 22.17 39.61 -4.78
C GLU B 319 22.74 39.45 -6.19
N ASP B 320 21.92 38.83 -7.03
CA ASP B 320 22.17 38.77 -8.47
C ASP B 320 22.19 40.19 -9.03
N ILE B 321 23.19 40.49 -9.86
CA ILE B 321 23.26 41.74 -10.63
C ILE B 321 22.99 41.40 -12.09
N TYR B 322 21.88 41.90 -12.62
CA TYR B 322 21.35 41.39 -13.88
C TYR B 322 21.99 42.07 -15.10
N THR B 323 22.24 41.25 -16.12
CA THR B 323 22.77 41.72 -17.39
C THR B 323 21.62 42.07 -18.32
N PHE B 324 21.95 42.54 -19.50
CA PHE B 324 20.93 42.90 -20.47
C PHE B 324 20.29 41.65 -21.03
N GLU B 325 21.07 40.60 -21.29
CA GLU B 325 20.47 39.36 -21.76
C GLU B 325 19.51 38.77 -20.72
N ASP B 326 19.79 38.96 -19.42
CA ASP B 326 18.83 38.53 -18.40
C ASP B 326 17.51 39.27 -18.55
N ALA B 327 17.56 40.57 -18.83
CA ALA B 327 16.32 41.31 -18.98
C ALA B 327 15.52 40.82 -20.19
N LEU B 328 16.20 40.30 -21.21
CA LEU B 328 15.51 39.78 -22.38
C LEU B 328 14.74 38.50 -22.03
N LEU B 329 15.38 37.57 -21.31
CA LEU B 329 14.66 36.39 -20.86
C LEU B 329 13.51 36.74 -19.93
N VAL B 330 13.70 37.71 -19.04
CA VAL B 330 12.59 38.18 -18.21
C VAL B 330 11.45 38.68 -19.10
N GLY B 331 11.77 39.42 -20.17
CA GLY B 331 10.71 39.87 -21.07
C GLY B 331 10.05 38.72 -21.80
N LEU B 332 10.85 37.72 -22.18
CA LEU B 332 10.30 36.52 -22.82
C LEU B 332 9.39 35.74 -21.88
N MET B 333 9.75 35.65 -20.59
CA MET B 333 8.90 34.96 -19.62
C MET B 333 7.58 35.70 -19.41
N LEU B 334 7.61 37.04 -19.36
CA LEU B 334 6.38 37.80 -19.22
C LEU B 334 5.47 37.60 -20.43
N ILE B 335 6.06 37.48 -21.62
CA ILE B 335 5.27 37.22 -22.81
C ILE B 335 4.62 35.84 -22.69
N THR B 336 5.38 34.84 -22.26
CA THR B 336 4.83 33.52 -22.05
C THR B 336 3.72 33.54 -21.02
N LEU B 337 3.91 34.26 -19.91
CA LEU B 337 2.87 34.39 -18.90
C LEU B 337 1.60 34.99 -19.51
N MET B 338 1.78 36.03 -20.34
CA MET B 338 0.62 36.68 -20.95
C MET B 338 -0.15 35.74 -21.86
N LYS B 339 0.56 34.92 -22.63
CA LYS B 339 -0.08 33.98 -23.54
C LYS B 339 -0.90 32.93 -22.81
N HIS B 340 -0.72 32.78 -21.50
CA HIS B 340 -1.47 31.78 -20.74
C HIS B 340 -2.35 32.44 -19.70
N ALA B 341 -2.80 33.66 -19.99
CA ALA B 341 -3.61 34.44 -19.06
C ALA B 341 -4.98 33.82 -18.82
N ASP B 342 -5.38 32.84 -19.62
CA ASP B 342 -6.64 32.16 -19.37
C ASP B 342 -6.54 31.20 -18.20
N ARG B 343 -5.34 30.73 -17.85
CA ARG B 343 -5.25 29.88 -16.66
C ARG B 343 -4.34 30.45 -15.58
N ILE B 344 -3.34 31.25 -15.95
CA ILE B 344 -2.48 31.89 -14.97
C ILE B 344 -3.12 33.20 -14.58
N LYS B 345 -3.51 33.31 -13.31
CA LYS B 345 -4.21 34.47 -12.78
C LYS B 345 -3.42 35.20 -11.72
N ILE B 346 -2.36 34.60 -11.19
CA ILE B 346 -1.48 35.23 -10.22
C ILE B 346 -0.07 34.83 -10.63
N ALA B 347 0.83 35.80 -10.65
CA ALA B 347 2.25 35.51 -10.87
C ALA B 347 3.07 36.49 -10.04
N CYS B 348 4.24 36.04 -9.59
CA CYS B 348 5.04 36.79 -8.63
C CYS B 348 6.49 36.77 -9.09
N LEU B 349 6.96 37.92 -9.57
CA LEU B 349 8.38 38.12 -9.78
C LEU B 349 9.13 37.91 -8.48
N ALA B 350 10.03 36.95 -8.45
CA ALA B 350 10.77 36.63 -7.24
C ALA B 350 12.20 37.16 -7.36
N GLN B 351 12.54 38.21 -6.61
CA GLN B 351 11.71 38.86 -5.61
C GLN B 351 11.79 40.35 -5.90
N LEU B 352 11.23 41.18 -5.01
CA LEU B 352 11.03 42.59 -5.29
C LEU B 352 12.21 43.50 -4.87
N ILE B 353 12.85 43.24 -3.73
CA ILE B 353 13.85 44.15 -3.17
C ILE B 353 15.13 43.40 -2.87
N ASN B 354 16.22 43.81 -3.52
CA ASN B 354 17.58 43.33 -3.27
C ASN B 354 17.79 41.85 -3.55
N VAL B 355 16.86 41.01 -3.10
CA VAL B 355 16.97 39.55 -3.25
C VAL B 355 16.47 39.20 -4.66
N ILE B 356 17.38 38.80 -5.54
CA ILE B 356 17.14 38.57 -6.97
C ILE B 356 16.03 39.49 -7.49
N ALA B 357 16.31 40.78 -7.51
CA ALA B 357 15.24 41.77 -7.57
C ALA B 357 15.44 42.75 -8.72
N PRO B 358 14.37 43.40 -9.18
CA PRO B 358 14.52 44.55 -10.08
C PRO B 358 14.99 45.83 -9.36
N ILE B 359 14.96 45.85 -8.04
CA ILE B 359 15.23 47.06 -7.26
C ILE B 359 16.29 46.72 -6.23
N VAL B 360 17.37 47.51 -6.21
CA VAL B 360 18.50 47.26 -5.30
C VAL B 360 18.74 48.51 -4.46
N THR B 361 19.10 48.30 -3.19
CA THR B 361 19.69 49.35 -2.36
C THR B 361 21.08 48.90 -1.94
N GLU B 362 22.04 49.85 -1.97
CA GLU B 362 23.46 49.50 -2.17
C GLU B 362 24.15 48.92 -0.94
N ARG B 363 23.55 48.97 0.25
CA ARG B 363 23.98 48.23 1.44
C ARG B 363 24.60 49.18 2.46
N ASN B 364 24.18 49.05 3.72
CA ASN B 364 24.47 50.01 4.79
C ASN B 364 23.86 51.40 4.52
N GLY B 365 22.72 51.45 3.84
CA GLY B 365 21.87 52.63 3.87
C GLY B 365 21.89 53.61 2.70
N GLY B 366 22.11 53.15 1.48
CA GLY B 366 21.80 53.94 0.29
C GLY B 366 22.23 53.09 -0.87
N ALA B 367 21.84 53.49 -2.09
CA ALA B 367 21.14 54.69 -2.48
C ALA B 367 19.92 54.36 -3.37
N ALA B 368 19.86 53.12 -3.84
CA ALA B 368 18.68 52.57 -4.53
C ALA B 368 18.64 52.86 -6.03
N TRP B 369 18.70 51.79 -6.84
CA TRP B 369 18.72 51.84 -8.30
C TRP B 369 17.94 50.66 -8.89
N ARG B 370 17.79 50.70 -10.21
CA ARG B 370 16.99 49.76 -10.99
C ARG B 370 17.87 48.82 -11.80
N GLN B 371 17.63 47.52 -11.66
CA GLN B 371 18.34 46.54 -12.44
C GLN B 371 17.81 46.51 -13.88
N THR B 372 18.52 45.80 -14.74
CA THR B 372 18.07 45.67 -16.13
C THR B 372 16.68 45.06 -16.21
N ILE B 373 16.34 44.13 -15.29
CA ILE B 373 15.08 43.40 -15.38
C ILE B 373 13.90 44.24 -14.92
N PHE B 374 14.17 45.37 -14.28
CA PHE B 374 13.14 46.32 -13.89
C PHE B 374 12.26 46.74 -15.06
N TYR B 375 12.85 46.88 -16.25
CA TYR B 375 12.13 47.64 -17.27
C TYR B 375 11.14 46.83 -18.11
N PRO B 376 11.47 45.60 -18.54
CA PRO B 376 10.41 44.79 -19.18
C PRO B 376 9.24 44.55 -18.23
N PHE B 377 9.53 44.29 -16.95
CA PHE B 377 8.44 44.14 -15.98
C PHE B 377 7.62 45.42 -15.88
N MET B 378 8.28 46.58 -15.86
CA MET B 378 7.52 47.83 -15.80
C MET B 378 6.64 48.02 -17.04
N HIS B 379 7.17 47.72 -18.22
CA HIS B 379 6.37 47.85 -19.43
C HIS B 379 5.19 46.88 -19.43
N ALA B 380 5.47 45.59 -19.24
CA ALA B 380 4.43 44.57 -19.19
C ALA B 380 3.31 44.95 -18.23
N SER B 381 3.66 45.48 -17.06
CA SER B 381 2.66 45.80 -16.05
C SER B 381 1.90 47.09 -16.35
N LYS B 382 2.54 48.06 -17.00
CA LYS B 382 1.88 49.33 -17.28
C LYS B 382 0.98 49.25 -18.51
N TYR B 383 1.41 48.56 -19.56
CA TYR B 383 0.68 48.56 -20.83
C TYR B 383 0.04 47.22 -21.15
N GLY B 384 0.24 46.20 -20.31
CA GLY B 384 -0.25 44.87 -20.59
C GLY B 384 -1.47 44.51 -19.74
N ARG B 385 -2.45 45.41 -19.76
CA ARG B 385 -3.75 45.21 -19.10
C ARG B 385 -4.86 45.34 -20.14
N GLY B 386 -5.73 44.35 -20.17
CA GLY B 386 -6.75 44.29 -21.20
C GLY B 386 -7.06 42.85 -21.57
N ILE B 387 -7.12 42.55 -22.85
CA ILE B 387 -7.45 41.21 -23.36
C ILE B 387 -6.24 40.70 -24.09
N VAL B 388 -5.80 39.49 -23.77
CA VAL B 388 -4.74 38.89 -24.57
C VAL B 388 -5.38 38.41 -25.87
N LEU B 389 -4.94 38.96 -26.99
CA LEU B 389 -5.42 38.47 -28.26
C LEU B 389 -4.59 37.26 -28.67
N GLN B 390 -5.12 36.49 -29.57
CA GLN B 390 -4.45 35.26 -29.96
C GLN B 390 -3.30 35.58 -30.90
N PRO B 391 -2.08 35.12 -30.60
CA PRO B 391 -0.94 35.38 -31.49
C PRO B 391 -0.91 34.42 -32.68
N VAL B 392 -1.15 34.97 -33.87
CA VAL B 392 -0.95 34.25 -35.12
C VAL B 392 0.36 34.78 -35.69
N ILE B 393 1.44 33.99 -35.59
CA ILE B 393 2.77 34.47 -35.94
C ILE B 393 3.40 33.50 -36.92
N ASN B 394 3.95 34.04 -38.00
CA ASN B 394 4.86 33.30 -38.87
C ASN B 394 6.25 33.82 -38.54
N SER B 395 6.89 33.18 -37.62
CA SER B 395 8.21 33.69 -37.36
C SER B 395 9.25 32.75 -37.93
N PRO B 396 10.37 33.28 -38.42
CA PRO B 396 11.50 32.42 -38.76
C PRO B 396 11.98 31.71 -37.51
N LEU B 397 12.63 30.57 -37.70
CA LEU B 397 13.06 29.75 -36.60
C LEU B 397 14.58 29.58 -36.62
N HIS B 398 15.09 29.03 -35.53
CA HIS B 398 16.52 28.76 -35.43
C HIS B 398 16.74 27.71 -34.37
N ASP B 399 17.83 26.97 -34.52
CA ASP B 399 18.21 26.01 -33.51
C ASP B 399 19.30 26.61 -32.62
N THR B 400 19.47 25.98 -31.45
CA THR B 400 20.48 26.37 -30.49
C THR B 400 21.08 25.09 -29.93
N SER B 401 22.06 25.23 -29.04
CA SER B 401 22.81 24.06 -28.60
C SER B 401 21.91 22.98 -28.03
N LYS B 402 20.83 23.37 -27.32
CA LYS B 402 19.98 22.39 -26.66
C LYS B 402 18.49 22.59 -26.94
N HIS B 403 18.13 23.33 -27.99
CA HIS B 403 16.73 23.59 -28.32
C HIS B 403 16.58 23.60 -29.84
N GLU B 404 15.41 23.19 -30.32
CA GLU B 404 15.16 23.17 -31.76
C GLU B 404 13.91 23.98 -32.08
N ASP B 405 13.89 24.53 -33.29
CA ASP B 405 12.73 25.22 -33.86
C ASP B 405 12.22 26.29 -32.91
N VAL B 406 13.14 27.19 -32.57
CA VAL B 406 12.92 28.29 -31.62
C VAL B 406 12.52 29.50 -32.43
N THR B 407 11.35 30.08 -32.13
CA THR B 407 10.94 31.25 -32.88
C THR B 407 11.93 32.39 -32.67
N ASP B 408 12.24 33.08 -33.75
CA ASP B 408 13.08 34.27 -33.66
C ASP B 408 12.37 35.38 -32.92
N ILE B 409 11.07 35.52 -33.16
CA ILE B 409 10.26 36.56 -32.55
C ILE B 409 9.25 35.90 -31.62
N GLU B 410 9.12 36.45 -30.43
CA GLU B 410 8.04 36.12 -29.53
C GLU B 410 7.19 37.37 -29.37
N SER B 411 5.88 37.23 -29.52
CA SER B 411 5.04 38.42 -29.47
C SER B 411 3.68 38.08 -28.91
N VAL B 412 3.03 39.09 -28.35
CA VAL B 412 1.66 38.98 -27.88
C VAL B 412 1.04 40.37 -27.89
N ALA B 413 -0.26 40.43 -28.16
CA ALA B 413 -0.98 41.69 -28.27
C ALA B 413 -2.03 41.80 -27.17
N ILE B 414 -2.01 42.91 -26.44
CA ILE B 414 -2.94 43.13 -25.35
C ILE B 414 -3.81 44.32 -25.74
N TYR B 415 -5.11 44.09 -25.89
CA TYR B 415 -6.08 45.09 -26.31
C TYR B 415 -6.78 45.66 -25.09
N ASN B 416 -6.57 46.95 -24.85
CA ASN B 416 -7.29 47.65 -23.79
C ASN B 416 -8.47 48.37 -24.44
N GLU B 417 -9.69 48.08 -23.96
CA GLU B 417 -10.87 48.71 -24.57
C GLU B 417 -11.24 50.03 -23.91
N GLU B 418 -10.90 50.22 -22.63
CA GLU B 418 -11.14 51.51 -22.01
C GLU B 418 -10.17 52.58 -22.47
N LYS B 419 -9.26 52.25 -23.39
CA LYS B 419 -8.26 53.21 -23.85
C LYS B 419 -8.07 53.23 -25.35
N GLU B 420 -8.76 52.35 -26.07
CA GLU B 420 -8.51 52.06 -27.48
C GLU B 420 -7.00 51.90 -27.74
N GLU B 421 -6.22 51.43 -26.79
CA GLU B 421 -4.84 51.05 -27.10
C GLU B 421 -4.77 49.56 -27.38
N VAL B 422 -3.98 49.23 -28.37
CA VAL B 422 -3.40 47.92 -28.46
C VAL B 422 -1.91 48.08 -28.16
N THR B 423 -1.35 47.11 -27.44
CA THR B 423 0.09 47.09 -27.19
C THR B 423 0.66 45.78 -27.69
N ILE B 424 1.70 45.86 -28.51
CA ILE B 424 2.40 44.69 -29.02
C ILE B 424 3.73 44.57 -28.27
N PHE B 425 3.82 43.57 -27.39
CA PHE B 425 5.09 43.17 -26.80
C PHE B 425 5.78 42.17 -27.71
N ALA B 426 7.04 42.43 -28.06
CA ALA B 426 7.79 41.59 -28.97
C ALA B 426 9.24 41.54 -28.56
N VAL B 427 9.82 40.35 -28.68
CA VAL B 427 11.23 40.11 -28.40
C VAL B 427 11.83 39.47 -29.63
N ASN B 428 12.95 40.01 -30.09
CA ASN B 428 13.75 39.35 -31.10
C ASN B 428 14.88 38.66 -30.35
N ARG B 429 14.77 37.34 -30.23
CA ARG B 429 15.78 36.53 -29.56
C ARG B 429 16.69 35.82 -30.56
N ASN B 430 16.68 36.28 -31.81
CA ASN B 430 17.78 35.98 -32.73
C ASN B 430 18.87 36.99 -32.43
N ILE B 431 19.94 36.52 -31.78
CA ILE B 431 21.04 37.37 -31.32
C ILE B 431 21.79 38.04 -32.47
N HIS B 432 21.62 37.56 -33.70
CA HIS B 432 22.53 37.89 -34.79
C HIS B 432 21.91 38.73 -35.90
N GLU B 433 20.59 38.71 -36.08
CA GLU B 433 19.96 39.29 -37.26
C GLU B 433 18.76 40.14 -36.86
N ASP B 434 18.76 41.38 -37.31
CA ASP B 434 17.56 42.19 -37.24
C ASP B 434 16.45 41.50 -38.02
N ILE B 435 15.21 41.76 -37.60
CA ILE B 435 14.03 41.15 -38.20
C ILE B 435 12.92 42.18 -38.20
N VAL B 436 12.24 42.31 -39.35
CA VAL B 436 11.10 43.21 -39.50
C VAL B 436 9.84 42.41 -39.19
N LEU B 437 8.97 42.96 -38.35
CA LEU B 437 7.74 42.29 -37.97
C LEU B 437 6.58 43.03 -38.62
N VAL B 438 5.82 42.31 -39.45
CA VAL B 438 4.67 42.86 -40.16
C VAL B 438 3.41 42.43 -39.42
N SER B 439 2.75 43.39 -38.76
CA SER B 439 1.54 43.12 -38.00
C SER B 439 0.32 43.61 -38.77
N ASP B 440 -0.60 42.69 -39.10
CA ASP B 440 -1.86 43.01 -39.77
C ASP B 440 -2.94 43.20 -38.71
N VAL B 441 -3.14 44.45 -38.30
CA VAL B 441 -4.16 44.75 -37.29
C VAL B 441 -5.52 44.80 -37.95
N ARG B 442 -6.09 43.62 -38.24
CA ARG B 442 -7.45 43.53 -38.76
C ARG B 442 -8.42 44.13 -37.76
N GLY B 443 -8.45 45.47 -37.68
CA GLY B 443 -9.03 46.12 -36.52
C GLY B 443 -10.22 47.02 -36.76
N MET B 444 -10.08 48.36 -36.81
CA MET B 444 -8.87 49.20 -36.59
C MET B 444 -7.64 48.78 -37.40
N ARG B 448 -3.61 54.19 -35.61
CA ARG B 448 -2.64 55.26 -35.39
C ARG B 448 -1.47 54.84 -34.46
N LEU B 449 -0.26 54.74 -35.02
CA LEU B 449 0.92 54.34 -34.27
C LEU B 449 1.27 55.36 -33.21
N LEU B 450 1.14 54.99 -31.93
CA LEU B 450 1.42 55.94 -30.84
C LEU B 450 2.90 55.99 -30.46
N GLU B 451 3.55 54.84 -30.24
CA GLU B 451 4.99 54.82 -29.99
C GLU B 451 5.51 53.39 -30.14
N HIS B 452 6.83 53.28 -30.10
CA HIS B 452 7.54 52.01 -30.21
C HIS B 452 8.68 52.10 -29.20
N ILE B 453 8.51 51.50 -28.02
CA ILE B 453 9.52 51.58 -26.99
C ILE B 453 10.48 50.41 -27.16
N VAL B 454 11.73 50.61 -26.82
CA VAL B 454 12.75 49.61 -27.13
C VAL B 454 13.70 49.48 -25.94
N LEU B 455 14.20 48.25 -25.75
CA LEU B 455 15.26 47.95 -24.80
C LEU B 455 16.33 47.20 -25.57
N GLU B 456 17.49 47.81 -25.80
CA GLU B 456 18.52 47.18 -26.61
C GLU B 456 19.90 47.59 -26.09
N HIS B 457 20.92 46.85 -26.52
CA HIS B 457 22.29 47.19 -26.14
C HIS B 457 23.26 46.40 -27.00
N GLN B 458 24.48 46.91 -27.09
CA GLN B 458 25.50 46.23 -27.87
C GLN B 458 26.21 45.17 -27.04
N ASP B 459 26.25 45.36 -25.71
CA ASP B 459 26.87 44.41 -24.79
C ASP B 459 25.76 43.63 -24.10
N LEU B 460 25.61 42.34 -24.44
CA LEU B 460 24.60 41.51 -23.79
C LEU B 460 24.94 41.26 -22.33
N LYS B 461 26.19 41.51 -21.93
CA LYS B 461 26.63 41.33 -20.57
C LYS B 461 26.63 42.62 -19.76
N ILE B 462 26.15 43.73 -20.33
CA ILE B 462 26.20 44.98 -19.58
C ILE B 462 25.16 44.97 -18.48
N ARG B 463 25.49 45.57 -17.34
CA ARG B 463 24.63 45.63 -16.16
C ARG B 463 24.29 47.08 -15.82
N ASN B 464 23.20 47.27 -15.08
CA ASN B 464 23.00 48.54 -14.40
C ASN B 464 23.76 48.52 -13.08
N SER B 465 23.77 49.67 -12.40
CA SER B 465 24.45 49.82 -11.12
C SER B 465 24.00 51.13 -10.49
N VAL B 466 24.44 51.37 -9.26
CA VAL B 466 24.12 52.63 -8.60
C VAL B 466 24.74 53.81 -9.34
N ASN B 467 25.85 53.59 -10.05
CA ASN B 467 26.48 54.67 -10.79
C ASN B 467 25.78 55.01 -12.10
N GLY B 468 24.72 54.32 -12.46
CA GLY B 468 23.96 54.69 -13.63
C GLY B 468 23.29 53.50 -14.28
N GLU B 469 22.22 53.79 -15.02
CA GLU B 469 21.54 52.81 -15.83
C GLU B 469 22.18 52.76 -17.21
N GLU B 470 22.77 51.60 -17.56
CA GLU B 470 23.18 51.32 -18.92
C GLU B 470 22.03 50.83 -19.78
N VAL B 471 21.06 50.17 -19.17
CA VAL B 471 19.89 49.64 -19.86
C VAL B 471 18.71 50.44 -19.36
N TYR B 472 17.96 51.02 -20.27
CA TYR B 472 16.80 51.85 -19.96
C TYR B 472 16.02 52.05 -21.26
N PRO B 473 14.73 52.38 -21.17
CA PRO B 473 13.90 52.45 -22.38
C PRO B 473 14.27 53.61 -23.29
N LYS B 474 14.18 53.37 -24.61
CA LYS B 474 14.32 54.40 -25.64
C LYS B 474 13.24 54.18 -26.69
N ASN B 475 13.01 55.20 -27.54
CA ASN B 475 12.27 55.07 -28.80
C ASN B 475 13.27 55.03 -29.94
N SER B 476 12.99 54.30 -31.04
CA SER B 476 11.85 53.45 -31.40
C SER B 476 12.32 52.56 -32.60
N ASP B 477 11.71 52.73 -33.81
CA ASP B 477 12.30 52.51 -35.16
C ASP B 477 11.56 51.71 -36.25
N LYS B 478 10.30 51.99 -36.63
CA LYS B 478 9.28 52.75 -35.92
C LYS B 478 7.92 52.10 -36.27
N PHE B 481 3.16 51.98 -39.43
CA PHE B 481 1.69 51.83 -39.45
C PHE B 481 0.95 52.80 -40.36
N ASP B 482 0.43 52.33 -41.49
CA ASP B 482 -0.27 53.24 -42.40
C ASP B 482 -1.68 52.78 -42.75
N ASP B 483 -1.83 51.54 -43.21
CA ASP B 483 -3.18 51.05 -43.48
C ASP B 483 -3.69 50.28 -42.27
N GLY B 484 -4.00 49.02 -42.47
CA GLY B 484 -4.20 48.15 -41.32
C GLY B 484 -2.96 47.31 -41.14
N ILE B 485 -1.82 47.85 -41.58
CA ILE B 485 -0.55 47.14 -41.58
C ILE B 485 0.45 47.94 -40.75
N LEU B 486 0.84 47.38 -39.61
CA LEU B 486 1.94 47.91 -38.80
C LEU B 486 3.21 47.16 -39.17
N THR B 487 4.20 47.88 -39.65
CA THR B 487 5.54 47.33 -39.89
C THR B 487 6.49 47.95 -38.87
N SER B 488 7.31 47.11 -38.26
CA SER B 488 8.26 47.54 -37.24
C SER B 488 9.49 46.65 -37.32
N MET B 489 10.66 47.28 -37.47
CA MET B 489 11.92 46.55 -37.44
C MET B 489 12.34 46.35 -35.98
N LEU B 490 12.63 45.10 -35.62
CA LEU B 490 12.98 44.75 -34.24
C LEU B 490 14.44 44.38 -34.22
N ARG B 491 15.23 45.14 -33.46
CA ARG B 491 16.66 44.93 -33.48
C ARG B 491 17.04 43.54 -33.00
N ARG B 492 18.13 43.01 -33.54
CA ARG B 492 18.98 42.01 -32.88
C ARG B 492 18.80 42.08 -31.37
N ALA B 493 18.44 40.96 -30.73
CA ALA B 493 18.44 40.83 -29.27
C ALA B 493 17.76 42.01 -28.59
N SER B 494 16.46 42.20 -28.85
CA SER B 494 15.80 43.37 -28.32
C SER B 494 14.43 43.05 -27.72
N TRP B 495 14.01 43.91 -26.81
CA TRP B 495 12.68 43.94 -26.21
C TRP B 495 11.92 45.11 -26.80
N ASN B 496 10.69 44.87 -27.26
CA ASN B 496 9.91 45.83 -28.05
C ASN B 496 8.51 46.01 -27.49
N VAL B 497 8.11 47.27 -27.29
CA VAL B 497 6.78 47.64 -26.84
C VAL B 497 6.24 48.64 -27.87
N ILE B 498 5.41 48.16 -28.81
CA ILE B 498 4.84 48.96 -29.90
C ILE B 498 3.36 49.20 -29.60
N ARG B 499 2.95 50.46 -29.49
CA ARG B 499 1.62 50.83 -29.04
C ARG B 499 0.83 51.58 -30.12
N ILE B 500 -0.45 51.19 -30.26
CA ILE B 500 -1.37 51.64 -31.30
C ILE B 500 -2.56 52.34 -30.64
N GLY B 501 -3.09 53.36 -31.30
CA GLY B 501 -4.29 54.07 -30.83
C GLY B 501 -5.20 54.55 -31.94
N LYS C 1 57.73 -1.03 -4.04
CA LYS C 1 58.61 -2.15 -4.37
C LYS C 1 58.51 -3.26 -3.32
N LYS C 2 58.05 -2.92 -2.12
CA LYS C 2 57.92 -3.87 -1.02
C LYS C 2 56.44 -4.09 -0.72
N ALA C 3 56.00 -5.35 -0.75
CA ALA C 3 54.66 -5.73 -0.28
C ALA C 3 54.78 -7.06 0.47
N ARG C 4 54.21 -7.10 1.68
CA ARG C 4 54.41 -8.21 2.61
C ARG C 4 53.08 -8.83 2.97
N MET C 5 53.03 -10.16 2.95
CA MET C 5 51.80 -10.89 3.23
C MET C 5 52.10 -12.08 4.13
N THR C 6 51.36 -12.20 5.22
CA THR C 6 51.50 -13.35 6.10
C THR C 6 50.43 -14.38 5.74
N VAL C 7 50.84 -15.63 5.63
CA VAL C 7 49.93 -16.73 5.44
C VAL C 7 50.09 -17.68 6.62
N ASP C 8 48.98 -18.35 7.01
CA ASP C 8 48.94 -19.16 8.23
C ASP C 8 47.97 -20.32 8.01
N LYS C 9 48.52 -21.55 7.89
CA LYS C 9 47.77 -22.79 7.65
C LYS C 9 46.70 -23.09 8.69
N ASP C 10 46.37 -22.09 9.46
CA ASP C 10 45.52 -22.25 10.63
C ASP C 10 44.61 -21.03 10.69
N TYR C 11 44.59 -20.21 9.64
CA TYR C 11 43.78 -19.01 9.64
C TYR C 11 42.76 -19.02 8.49
N LYS C 12 41.96 -20.09 8.44
CA LYS C 12 41.09 -20.36 7.31
C LYS C 12 40.00 -19.28 7.16
N ILE C 13 39.58 -19.09 5.91
CA ILE C 13 38.34 -18.38 5.60
C ILE C 13 37.21 -19.36 5.35
N ALA C 14 37.48 -20.40 4.56
CA ALA C 14 36.51 -21.42 4.20
C ALA C 14 37.22 -22.49 3.38
N GLU C 15 36.54 -23.60 3.21
CA GLU C 15 36.92 -24.59 2.21
C GLU C 15 36.28 -24.20 0.88
N ILE C 16 36.96 -24.52 -0.22
CA ILE C 16 36.48 -24.16 -1.55
C ILE C 16 35.44 -25.17 -2.00
N ASP C 17 34.25 -24.68 -2.34
CA ASP C 17 33.31 -25.45 -3.13
C ASP C 17 33.80 -25.45 -4.58
N LYS C 18 33.99 -26.64 -5.15
CA LYS C 18 34.53 -26.69 -6.50
C LYS C 18 33.59 -26.04 -7.52
N ARG C 19 32.30 -25.94 -7.20
CA ARG C 19 31.34 -25.35 -8.14
C ARG C 19 31.53 -23.85 -8.34
N ILE C 20 32.41 -23.20 -7.56
CA ILE C 20 32.79 -21.85 -7.94
C ILE C 20 33.61 -21.83 -9.22
N TYR C 21 34.08 -22.98 -9.69
CA TYR C 21 34.73 -23.09 -10.99
C TYR C 21 33.76 -23.59 -12.05
N GLY C 22 32.50 -23.18 -11.96
CA GLY C 22 31.51 -23.54 -12.95
C GLY C 22 31.51 -22.58 -14.13
N SER C 23 30.68 -22.92 -15.10
CA SER C 23 30.45 -22.07 -16.25
C SER C 23 28.99 -22.22 -16.67
N PHE C 24 28.71 -21.88 -17.93
CA PHE C 24 27.39 -21.42 -18.34
C PHE C 24 27.33 -21.52 -19.86
N VAL C 25 26.34 -22.23 -20.38
CA VAL C 25 26.08 -22.29 -21.82
C VAL C 25 24.65 -21.81 -22.07
N GLU C 26 24.52 -20.75 -22.84
CA GLU C 26 23.21 -20.25 -23.22
C GLU C 26 22.95 -20.60 -24.69
N HIS C 27 21.69 -20.80 -25.03
CA HIS C 27 21.30 -20.89 -26.44
C HIS C 27 21.36 -19.49 -27.02
N LEU C 28 22.56 -19.11 -27.44
CA LEU C 28 22.90 -17.74 -27.75
C LEU C 28 24.03 -17.80 -28.76
N GLY C 29 23.86 -17.11 -29.89
CA GLY C 29 24.90 -17.06 -30.90
C GLY C 29 25.39 -18.43 -31.27
N ARG C 30 26.72 -18.58 -31.28
CA ARG C 30 27.38 -19.81 -31.70
C ARG C 30 27.86 -20.64 -30.52
N ALA C 31 27.24 -20.47 -29.35
CA ALA C 31 27.61 -21.25 -28.18
C ALA C 31 27.32 -22.73 -28.41
N VAL C 32 26.12 -23.04 -28.93
CA VAL C 32 25.71 -24.40 -29.21
C VAL C 32 25.89 -24.67 -30.69
N TYR C 33 25.10 -24.01 -31.54
CA TYR C 33 25.15 -24.27 -32.96
C TYR C 33 26.37 -23.59 -33.56
N ASP C 34 27.08 -24.32 -34.41
CA ASP C 34 28.40 -23.91 -34.87
C ASP C 34 29.28 -23.59 -33.67
N GLY C 35 29.06 -24.31 -32.57
CA GLY C 35 29.84 -24.19 -31.35
C GLY C 35 30.15 -25.57 -30.82
N LEU C 36 29.59 -25.94 -29.65
CA LEU C 36 29.85 -27.27 -29.14
C LEU C 36 29.22 -28.35 -30.00
N TYR C 37 28.25 -27.99 -30.84
CA TYR C 37 27.43 -28.94 -31.58
C TYR C 37 27.54 -28.66 -33.07
N GLN C 38 28.24 -29.53 -33.79
CA GLN C 38 28.47 -29.38 -35.23
C GLN C 38 28.33 -30.76 -35.88
N PRO C 39 27.11 -31.14 -36.26
CA PRO C 39 26.84 -32.55 -36.54
C PRO C 39 27.66 -33.16 -37.67
N GLY C 40 27.94 -32.40 -38.73
CA GLY C 40 28.68 -33.06 -39.80
C GLY C 40 30.18 -32.92 -39.78
N ASN C 41 30.73 -32.18 -38.82
CA ASN C 41 32.13 -31.79 -38.87
C ASN C 41 33.06 -33.00 -38.75
N SER C 42 34.23 -32.89 -39.38
CA SER C 42 35.24 -33.94 -39.28
C SER C 42 35.75 -34.10 -37.85
N LYS C 43 35.71 -33.04 -37.04
CA LYS C 43 36.20 -33.13 -35.67
C LYS C 43 35.12 -33.53 -34.65
N SER C 44 33.95 -34.01 -35.11
CA SER C 44 32.82 -34.24 -34.23
C SER C 44 32.59 -35.73 -34.00
N ASP C 45 31.98 -36.04 -32.87
CA ASP C 45 31.77 -37.43 -32.47
C ASP C 45 30.43 -37.91 -33.02
N GLU C 46 30.04 -39.15 -32.63
CA GLU C 46 28.80 -39.75 -33.13
C GLU C 46 27.55 -38.98 -32.74
N ASP C 47 27.64 -38.10 -31.74
CA ASP C 47 26.52 -37.29 -31.28
C ASP C 47 26.52 -35.88 -31.88
N GLY C 48 27.52 -35.54 -32.69
CA GLY C 48 27.59 -34.22 -33.26
C GLY C 48 28.44 -33.24 -32.49
N PHE C 49 29.05 -33.69 -31.39
CA PHE C 49 29.80 -32.82 -30.49
C PHE C 49 31.24 -32.71 -30.94
N ARG C 50 31.74 -31.48 -30.98
CA ARG C 50 33.13 -31.23 -31.36
C ARG C 50 34.07 -31.79 -30.30
N LYS C 51 34.88 -32.78 -30.70
CA LYS C 51 35.76 -33.46 -29.73
C LYS C 51 36.87 -32.55 -29.23
N ASP C 52 37.39 -31.67 -30.09
CA ASP C 52 38.41 -30.73 -29.64
C ASP C 52 37.84 -29.75 -28.62
N VAL C 53 36.59 -29.32 -28.81
CA VAL C 53 35.94 -28.47 -27.80
C VAL C 53 35.80 -29.23 -26.48
N ILE C 54 35.38 -30.50 -26.54
CA ILE C 54 35.21 -31.32 -25.35
C ILE C 54 36.52 -31.38 -24.56
N GLU C 55 37.64 -31.64 -25.26
CA GLU C 55 38.95 -31.66 -24.61
C GLU C 55 39.31 -30.33 -23.97
N LEU C 56 39.08 -29.22 -24.70
CA LEU C 56 39.39 -27.89 -24.14
C LEU C 56 38.54 -27.59 -22.91
N VAL C 57 37.31 -28.10 -22.84
CA VAL C 57 36.48 -27.85 -21.68
C VAL C 57 37.01 -28.62 -20.48
N LYS C 58 37.36 -29.90 -20.68
CA LYS C 58 37.91 -30.71 -19.60
C LYS C 58 39.16 -30.07 -19.00
N GLU C 59 39.99 -29.41 -19.81
CA GLU C 59 41.18 -28.76 -19.29
C GLU C 59 40.83 -27.63 -18.34
N LEU C 60 39.60 -27.13 -18.39
CA LEU C 60 39.19 -26.15 -17.41
C LEU C 60 38.66 -26.79 -16.12
N ASN C 61 38.50 -28.12 -16.10
CA ASN C 61 37.97 -28.84 -14.93
C ASN C 61 36.71 -28.17 -14.38
N VAL C 62 35.78 -27.88 -15.29
CA VAL C 62 34.50 -27.24 -14.94
C VAL C 62 33.55 -28.29 -14.35
N PRO C 63 33.13 -28.13 -13.09
CA PRO C 63 32.28 -29.16 -12.47
C PRO C 63 30.78 -29.00 -12.72
N ILE C 64 30.31 -27.79 -13.02
CA ILE C 64 28.87 -27.54 -13.16
C ILE C 64 28.67 -26.47 -14.23
N ILE C 65 27.65 -26.66 -15.07
CA ILE C 65 27.39 -25.73 -16.16
C ILE C 65 25.92 -25.29 -16.11
N ALA C 66 25.69 -24.00 -15.88
CA ALA C 66 24.36 -23.42 -15.98
C ALA C 66 23.85 -23.54 -17.41
N TYR C 67 22.55 -23.77 -17.54
CA TYR C 67 21.90 -24.08 -18.80
C TYR C 67 20.40 -23.93 -18.62
N PRO C 68 19.64 -23.45 -19.64
CA PRO C 68 20.13 -22.99 -20.95
C PRO C 68 20.05 -21.47 -21.08
N GLY C 69 19.98 -20.76 -19.96
CA GLY C 69 19.95 -19.31 -19.99
C GLY C 69 19.98 -18.78 -18.57
N GLY C 70 20.13 -17.45 -18.45
CA GLY C 70 20.24 -16.56 -19.60
C GLY C 70 18.87 -16.03 -19.97
N ASN C 71 18.84 -14.88 -20.65
CA ASN C 71 17.58 -14.34 -21.12
C ASN C 71 16.79 -15.37 -21.95
N PHE C 72 17.48 -16.25 -22.67
CA PHE C 72 16.83 -17.26 -23.50
C PHE C 72 15.77 -18.06 -22.74
N VAL C 73 16.01 -18.34 -21.45
CA VAL C 73 15.11 -19.25 -20.75
C VAL C 73 13.77 -18.60 -20.45
N SER C 74 13.68 -17.27 -20.50
CA SER C 74 12.47 -16.59 -20.05
C SER C 74 11.31 -16.73 -21.03
N ASN C 75 11.55 -17.19 -22.25
CA ASN C 75 10.50 -17.51 -23.20
C ASN C 75 10.75 -18.87 -23.85
N TYR C 76 11.32 -19.81 -23.10
CA TYR C 76 11.68 -21.13 -23.63
C TYR C 76 10.63 -22.13 -23.18
N PHE C 77 10.27 -23.04 -24.09
CA PHE C 77 9.31 -24.11 -23.80
C PHE C 77 10.07 -25.43 -23.93
N TRP C 78 10.38 -26.04 -22.77
CA TRP C 78 11.38 -27.11 -22.76
C TRP C 78 10.93 -28.33 -23.55
N GLU C 79 9.62 -28.50 -23.76
CA GLU C 79 9.13 -29.65 -24.50
C GLU C 79 9.56 -29.59 -25.95
N ASP C 80 9.82 -28.39 -26.47
CA ASP C 80 10.31 -28.23 -27.83
C ASP C 80 11.67 -28.86 -28.04
N GLY C 81 12.41 -29.16 -26.96
CA GLY C 81 13.76 -29.68 -27.12
C GLY C 81 13.93 -31.15 -26.81
N VAL C 82 12.84 -31.88 -26.52
CA VAL C 82 12.91 -33.30 -26.22
C VAL C 82 12.02 -34.08 -27.19
N GLY C 83 12.29 -35.38 -27.30
CA GLY C 83 11.59 -36.23 -28.22
C GLY C 83 12.27 -36.34 -29.58
N PRO C 84 11.65 -37.08 -30.50
CA PRO C 84 12.23 -37.24 -31.84
C PRO C 84 12.56 -35.90 -32.50
N VAL C 85 13.79 -35.77 -32.97
CA VAL C 85 14.32 -34.46 -33.34
C VAL C 85 13.58 -33.86 -34.53
N GLU C 86 13.06 -34.69 -35.43
CA GLU C 86 12.30 -34.18 -36.58
C GLU C 86 10.94 -33.62 -36.18
N ASP C 87 10.41 -33.98 -35.00
CA ASP C 87 9.17 -33.40 -34.49
C ASP C 87 9.42 -32.20 -33.57
N ARG C 88 10.61 -31.59 -33.59
CA ARG C 88 10.81 -30.44 -32.72
C ARG C 88 10.57 -29.17 -33.51
N PRO C 89 9.83 -28.21 -32.97
CA PRO C 89 9.54 -27.00 -33.72
C PRO C 89 10.74 -26.06 -33.74
N ARG C 90 10.77 -25.21 -34.74
CA ARG C 90 11.61 -24.02 -34.71
C ARG C 90 10.86 -22.90 -34.00
N ARG C 91 11.53 -22.21 -33.09
CA ARG C 91 10.92 -21.11 -32.36
C ARG C 91 11.72 -19.82 -32.54
N LEU C 92 10.99 -18.71 -32.55
CA LEU C 92 11.57 -17.40 -32.35
C LEU C 92 12.21 -17.32 -30.97
N ASP C 93 13.48 -16.90 -30.93
CA ASP C 93 14.16 -16.53 -29.69
C ASP C 93 14.03 -15.02 -29.61
N LEU C 94 13.12 -14.54 -28.77
CA LEU C 94 12.91 -13.10 -28.69
C LEU C 94 14.07 -12.39 -28.02
N ALA C 95 14.79 -13.07 -27.11
CA ALA C 95 15.88 -12.39 -26.40
C ALA C 95 16.96 -11.94 -27.37
N TRP C 96 17.39 -12.84 -28.25
CA TRP C 96 18.53 -12.64 -29.13
C TRP C 96 18.14 -12.56 -30.60
N LYS C 97 16.85 -12.30 -30.87
CA LYS C 97 16.28 -12.18 -32.22
C LYS C 97 16.81 -13.24 -33.19
N SER C 98 16.79 -14.50 -32.75
CA SER C 98 17.31 -15.63 -33.51
C SER C 98 16.21 -16.67 -33.67
N ILE C 99 16.42 -17.60 -34.58
CA ILE C 99 15.56 -18.76 -34.71
C ILE C 99 16.23 -19.90 -33.98
N GLU C 100 15.55 -20.43 -32.96
CA GLU C 100 16.07 -21.59 -32.23
C GLU C 100 15.50 -22.87 -32.86
N PRO C 101 16.34 -23.74 -33.42
CA PRO C 101 15.83 -24.99 -34.03
C PRO C 101 15.68 -26.16 -33.08
N ASN C 102 16.17 -26.05 -31.85
CA ASN C 102 15.96 -27.06 -30.83
C ASN C 102 16.54 -28.43 -31.20
N GLN C 103 17.58 -28.48 -32.05
CA GLN C 103 18.34 -29.72 -32.25
C GLN C 103 19.02 -30.16 -30.96
N VAL C 104 19.43 -29.21 -30.12
CA VAL C 104 19.91 -29.51 -28.79
C VAL C 104 18.83 -29.09 -27.80
N GLY C 105 18.38 -30.06 -27.00
CA GLY C 105 17.52 -29.86 -25.86
C GLY C 105 18.15 -30.48 -24.61
N ILE C 106 17.36 -30.75 -23.56
CA ILE C 106 17.99 -31.11 -22.29
C ILE C 106 18.76 -32.42 -22.41
N ASN C 107 18.26 -33.36 -23.20
CA ASN C 107 18.88 -34.69 -23.25
C ASN C 107 20.20 -34.67 -24.02
N GLU C 108 20.26 -33.95 -25.14
CA GLU C 108 21.53 -33.78 -25.83
C GLU C 108 22.51 -33.02 -24.94
N PHE C 109 22.07 -31.94 -24.30
CA PHE C 109 23.03 -31.18 -23.50
C PHE C 109 23.46 -31.94 -22.27
N ALA C 110 22.58 -32.76 -21.70
CA ALA C 110 22.99 -33.62 -20.59
C ALA C 110 24.10 -34.59 -21.00
N LYS C 111 23.98 -35.19 -22.20
CA LYS C 111 25.03 -36.10 -22.69
C LYS C 111 26.34 -35.35 -22.86
N TRP C 112 26.27 -34.16 -23.43
CA TRP C 112 27.49 -33.36 -23.59
C TRP C 112 28.13 -33.09 -22.25
N CYS C 113 27.30 -32.81 -21.24
CA CYS C 113 27.82 -32.51 -19.93
C CYS C 113 28.52 -33.71 -19.33
N LYS C 114 28.04 -34.92 -19.63
CA LYS C 114 28.77 -36.10 -19.19
C LYS C 114 30.15 -36.17 -19.85
N LYS C 115 30.22 -35.83 -21.14
CA LYS C 115 31.48 -35.98 -21.86
C LYS C 115 32.52 -34.95 -21.44
N VAL C 116 32.14 -33.88 -20.75
CA VAL C 116 33.10 -32.98 -20.16
C VAL C 116 33.14 -33.10 -18.64
N ASN C 117 32.54 -34.15 -18.09
CA ASN C 117 32.55 -34.42 -16.64
C ASN C 117 31.92 -33.29 -15.85
N ALA C 118 30.91 -32.65 -16.40
CA ALA C 118 30.18 -31.60 -15.70
C ALA C 118 28.78 -32.09 -15.35
N GLU C 119 28.10 -31.28 -14.54
CA GLU C 119 26.71 -31.42 -14.18
C GLU C 119 25.94 -30.22 -14.70
N ILE C 120 24.65 -30.41 -14.92
CA ILE C 120 23.78 -29.29 -15.29
C ILE C 120 23.30 -28.58 -14.04
N MET C 121 23.29 -27.27 -14.11
CA MET C 121 22.50 -26.45 -13.21
C MET C 121 21.40 -25.85 -14.09
N MET C 122 20.17 -26.32 -13.90
CA MET C 122 19.08 -26.10 -14.85
C MET C 122 18.25 -24.89 -14.45
N ALA C 123 18.04 -23.97 -15.40
CA ALA C 123 17.11 -22.86 -15.22
C ALA C 123 15.73 -23.23 -15.74
N VAL C 124 14.69 -22.83 -15.01
CA VAL C 124 13.32 -23.02 -15.47
C VAL C 124 12.77 -21.67 -15.93
N ASN C 125 11.82 -21.73 -16.86
CA ASN C 125 11.22 -20.52 -17.45
C ASN C 125 10.16 -19.97 -16.50
N LEU C 126 10.48 -18.91 -15.77
CA LEU C 126 9.49 -18.17 -14.99
C LEU C 126 9.18 -16.83 -15.62
N GLY C 127 9.50 -16.66 -16.90
CA GLY C 127 9.11 -15.47 -17.63
C GLY C 127 7.69 -15.59 -18.16
N THR C 128 7.50 -16.43 -19.18
CA THR C 128 6.19 -16.69 -19.75
C THR C 128 5.53 -17.96 -19.23
N ARG C 129 6.17 -18.70 -18.32
CA ARG C 129 5.61 -19.93 -17.74
C ARG C 129 5.72 -19.89 -16.22
N GLY C 130 5.20 -20.91 -15.56
CA GLY C 130 5.11 -20.88 -14.10
C GLY C 130 5.31 -22.20 -13.38
N ILE C 131 4.54 -22.39 -12.30
CA ILE C 131 4.77 -23.47 -11.35
C ILE C 131 4.66 -24.81 -12.04
N SER C 132 3.58 -25.04 -12.76
CA SER C 132 3.33 -26.39 -13.24
C SER C 132 4.39 -26.80 -14.26
N ASP C 133 4.87 -25.87 -15.09
CA ASP C 133 5.86 -26.24 -16.08
C ASP C 133 7.21 -26.52 -15.45
N ALA C 134 7.50 -25.88 -14.32
CA ALA C 134 8.74 -26.19 -13.60
C ALA C 134 8.63 -27.54 -12.91
N CYS C 135 7.44 -27.85 -12.39
CA CYS C 135 7.20 -29.17 -11.84
C CYS C 135 7.37 -30.26 -12.90
N ASN C 136 6.81 -30.04 -14.10
CA ASN C 136 6.91 -31.08 -15.13
C ASN C 136 8.37 -31.28 -15.55
N LEU C 137 9.11 -30.20 -15.77
CA LEU C 137 10.49 -30.35 -16.17
C LEU C 137 11.30 -31.08 -15.11
N LEU C 138 11.08 -30.74 -13.83
CA LEU C 138 11.80 -31.41 -12.75
C LEU C 138 11.42 -32.89 -12.68
N GLU C 139 10.14 -33.19 -12.77
CA GLU C 139 9.70 -34.58 -12.77
C GLU C 139 10.32 -35.34 -13.95
N TYR C 140 10.35 -34.71 -15.12
CA TYR C 140 10.99 -35.31 -16.27
C TYR C 140 12.48 -35.61 -16.02
N CYS C 141 13.18 -34.71 -15.33
CA CYS C 141 14.61 -34.89 -15.18
C CYS C 141 14.98 -35.74 -13.96
N ASN C 142 14.19 -35.71 -12.89
CA ASN C 142 14.63 -36.31 -11.63
C ASN C 142 13.76 -37.45 -11.15
N HIS C 143 12.54 -37.58 -11.68
CA HIS C 143 11.75 -38.68 -11.13
C HIS C 143 12.07 -39.98 -11.87
N PRO C 144 12.19 -41.09 -11.14
CA PRO C 144 12.71 -42.32 -11.76
C PRO C 144 11.83 -42.87 -12.88
N GLY C 145 10.55 -43.06 -12.62
CA GLY C 145 9.66 -43.68 -13.59
C GLY C 145 8.28 -43.79 -12.98
N GLY C 146 7.35 -44.33 -13.77
CA GLY C 146 6.00 -44.55 -13.28
C GLY C 146 5.15 -43.30 -13.09
N SER C 147 5.46 -42.23 -13.79
CA SER C 147 4.59 -41.06 -13.84
C SER C 147 4.67 -40.50 -15.25
N LYS C 148 3.78 -39.54 -15.54
CA LYS C 148 3.63 -39.07 -16.90
C LYS C 148 4.92 -38.51 -17.47
N TYR C 149 5.64 -37.67 -16.72
CA TYR C 149 6.80 -37.03 -17.31
C TYR C 149 8.07 -37.85 -17.16
N SER C 150 8.22 -38.61 -16.08
CA SER C 150 9.39 -39.47 -15.99
C SER C 150 9.32 -40.57 -17.04
N ASP C 151 8.12 -41.10 -17.31
CA ASP C 151 7.99 -42.09 -18.37
C ASP C 151 8.19 -41.47 -19.73
N MET C 152 7.78 -40.22 -19.90
CA MET C 152 8.08 -39.53 -21.14
C MET C 152 9.59 -39.45 -21.37
N ARG C 153 10.36 -39.12 -20.33
CA ARG C 153 11.83 -39.10 -20.48
C ARG C 153 12.33 -40.46 -20.95
N ILE C 154 11.77 -41.54 -20.40
CA ILE C 154 12.20 -42.87 -20.78
C ILE C 154 11.83 -43.18 -22.22
N LYS C 155 10.62 -42.80 -22.64
CA LYS C 155 10.24 -43.03 -24.04
C LYS C 155 11.09 -42.21 -25.01
N HIS C 156 11.77 -41.17 -24.52
CA HIS C 156 12.62 -40.35 -25.38
C HIS C 156 14.03 -40.89 -25.51
N GLY C 157 14.38 -41.90 -24.72
CA GLY C 157 15.65 -42.59 -24.87
C GLY C 157 16.53 -42.53 -23.66
N VAL C 158 16.09 -41.98 -22.54
CA VAL C 158 16.95 -41.77 -21.37
C VAL C 158 16.32 -42.50 -20.18
N LYS C 159 16.79 -43.73 -19.91
CA LYS C 159 16.17 -44.56 -18.87
C LYS C 159 16.46 -44.02 -17.48
N GLU C 160 17.72 -43.65 -17.22
CA GLU C 160 17.95 -43.17 -15.86
C GLU C 160 17.66 -41.68 -15.76
N PRO C 161 17.14 -41.22 -14.63
CA PRO C 161 16.90 -39.78 -14.47
C PRO C 161 18.22 -39.03 -14.41
N HIS C 162 18.23 -37.82 -14.98
CA HIS C 162 19.42 -36.97 -14.93
C HIS C 162 19.78 -36.56 -13.50
N ASN C 163 18.79 -36.49 -12.61
CA ASN C 163 18.95 -36.08 -11.20
C ASN C 163 19.82 -34.82 -11.10
N ILE C 164 19.30 -33.76 -11.71
CA ILE C 164 19.90 -32.46 -11.63
C ILE C 164 19.74 -31.90 -10.22
N LYS C 165 20.83 -31.46 -9.64
CA LYS C 165 20.87 -31.10 -8.24
C LYS C 165 20.61 -29.64 -7.97
N VAL C 166 21.02 -28.75 -8.86
CA VAL C 166 20.81 -27.32 -8.64
C VAL C 166 19.95 -26.80 -9.77
N TRP C 167 18.85 -26.15 -9.40
CA TRP C 167 17.92 -25.55 -10.33
C TRP C 167 17.89 -24.06 -10.04
N CYS C 168 17.75 -23.27 -11.10
CA CYS C 168 17.69 -21.82 -10.97
C CYS C 168 16.29 -21.36 -11.35
N LEU C 169 15.69 -20.54 -10.48
CA LEU C 169 14.27 -20.18 -10.56
C LEU C 169 14.10 -18.99 -11.50
N GLY C 170 14.08 -19.28 -12.78
CA GLY C 170 14.03 -18.25 -13.79
C GLY C 170 15.42 -17.71 -14.09
N ASN C 171 15.43 -16.62 -14.83
CA ASN C 171 16.58 -15.75 -14.95
C ASN C 171 16.20 -14.42 -14.33
N ALA C 172 17.21 -13.59 -14.03
CA ALA C 172 16.95 -12.22 -13.61
C ALA C 172 15.93 -11.58 -14.55
N MET C 173 14.94 -10.92 -13.98
CA MET C 173 13.80 -10.46 -14.76
C MET C 173 13.48 -9.01 -14.46
N ASP C 174 14.46 -8.26 -13.93
CA ASP C 174 14.25 -6.90 -13.46
C ASP C 174 14.40 -5.84 -14.53
N GLY C 175 14.91 -6.20 -15.71
CA GLY C 175 15.20 -5.25 -16.76
C GLY C 175 14.14 -5.17 -17.84
N PRO C 176 14.00 -3.99 -18.46
CA PRO C 176 13.02 -3.82 -19.55
C PRO C 176 13.36 -4.54 -20.86
N TRP C 177 14.55 -5.11 -21.01
CA TRP C 177 14.90 -5.86 -22.21
C TRP C 177 14.50 -7.31 -22.14
N GLN C 178 13.97 -7.76 -21.00
CA GLN C 178 13.67 -9.17 -20.75
C GLN C 178 12.20 -9.46 -21.07
N VAL C 179 11.96 -10.49 -21.89
CA VAL C 179 10.62 -11.05 -21.96
C VAL C 179 10.18 -11.50 -20.58
N GLY C 180 8.95 -11.16 -20.20
CA GLY C 180 8.42 -11.59 -18.92
C GLY C 180 8.95 -10.81 -17.74
N HIS C 181 9.37 -9.56 -17.96
CA HIS C 181 9.85 -8.70 -16.89
C HIS C 181 8.87 -8.70 -15.74
N LYS C 182 9.40 -8.74 -14.51
CA LYS C 182 8.60 -8.80 -13.30
C LYS C 182 9.02 -7.71 -12.32
N THR C 183 8.05 -7.24 -11.53
CA THR C 183 8.38 -6.51 -10.31
C THR C 183 9.01 -7.47 -9.29
N MET C 184 9.67 -6.90 -8.30
CA MET C 184 10.30 -7.75 -7.30
C MET C 184 9.25 -8.53 -6.50
N ASP C 185 8.10 -7.93 -6.24
CA ASP C 185 7.03 -8.63 -5.54
C ASP C 185 6.44 -9.75 -6.39
N GLU C 186 6.19 -9.48 -7.68
CA GLU C 186 5.72 -10.54 -8.57
C GLU C 186 6.74 -11.68 -8.65
N TYR C 187 8.03 -11.36 -8.82
CA TYR C 187 9.02 -12.43 -8.94
C TYR C 187 9.17 -13.17 -7.61
N GLY C 188 9.22 -12.43 -6.50
CA GLY C 188 9.24 -13.05 -5.19
C GLY C 188 8.16 -14.10 -5.02
N ARG C 189 6.92 -13.76 -5.42
CA ARG C 189 5.82 -14.70 -5.24
C ARG C 189 5.98 -15.93 -6.13
N ILE C 190 6.35 -15.75 -7.39
CA ILE C 190 6.42 -16.90 -8.28
C ILE C 190 7.65 -17.76 -7.92
N ALA C 191 8.74 -17.15 -7.44
CA ALA C 191 9.88 -17.94 -6.98
C ALA C 191 9.54 -18.76 -5.74
N GLU C 192 8.90 -18.13 -4.75
CA GLU C 192 8.45 -18.85 -3.56
C GLU C 192 7.56 -20.05 -3.94
N GLU C 193 6.53 -19.82 -4.73
CA GLU C 193 5.57 -20.89 -5.01
C GLU C 193 6.19 -21.97 -5.89
N THR C 194 7.05 -21.58 -6.84
CA THR C 194 7.72 -22.59 -7.64
C THR C 194 8.70 -23.39 -6.80
N ALA C 195 9.47 -22.72 -5.94
CA ALA C 195 10.40 -23.42 -5.03
C ALA C 195 9.64 -24.36 -4.12
N ARG C 196 8.56 -23.87 -3.51
CA ARG C 196 7.80 -24.70 -2.58
C ARG C 196 7.31 -25.96 -3.26
N ALA C 197 6.77 -25.83 -4.49
CA ALA C 197 6.25 -27.00 -5.18
C ALA C 197 7.38 -27.92 -5.62
N MET C 198 8.48 -27.36 -6.13
CA MET C 198 9.55 -28.20 -6.64
C MET C 198 10.13 -29.11 -5.55
N LYS C 199 10.28 -28.58 -4.34
CA LYS C 199 10.80 -29.40 -3.25
C LYS C 199 9.83 -30.48 -2.80
N MET C 200 8.53 -30.35 -3.08
CA MET C 200 7.62 -31.48 -2.84
C MET C 200 7.86 -32.61 -3.83
N ILE C 201 8.44 -32.33 -5.00
CA ILE C 201 8.72 -33.40 -5.94
C ILE C 201 10.06 -34.07 -5.62
N ASP C 202 11.09 -33.27 -5.37
CA ASP C 202 12.44 -33.77 -5.09
C ASP C 202 13.06 -32.94 -3.98
N PRO C 203 12.96 -33.39 -2.73
CA PRO C 203 13.46 -32.57 -1.62
C PRO C 203 14.99 -32.50 -1.56
N SER C 204 15.70 -33.26 -2.37
CA SER C 204 17.17 -33.20 -2.31
C SER C 204 17.77 -32.18 -3.27
N ILE C 205 16.98 -31.53 -4.14
CA ILE C 205 17.56 -30.51 -5.01
C ILE C 205 17.86 -29.27 -4.19
N GLU C 206 18.69 -28.40 -4.76
CA GLU C 206 18.97 -27.07 -4.24
C GLU C 206 18.42 -26.05 -5.24
N LEU C 207 18.06 -24.88 -4.74
CA LEU C 207 17.35 -23.91 -5.55
C LEU C 207 18.02 -22.55 -5.43
N VAL C 208 18.11 -21.85 -6.56
CA VAL C 208 18.73 -20.55 -6.68
C VAL C 208 17.66 -19.53 -7.03
N ALA C 209 17.49 -18.52 -6.18
CA ALA C 209 16.65 -17.37 -6.47
C ALA C 209 17.46 -16.33 -7.22
N CYS C 210 16.84 -15.67 -8.20
CA CYS C 210 17.54 -14.72 -9.04
C CYS C 210 17.70 -13.38 -8.34
N GLY C 211 18.92 -12.85 -8.40
CA GLY C 211 19.16 -11.49 -7.96
C GLY C 211 18.91 -10.50 -9.09
N SER C 212 19.20 -9.23 -8.77
CA SER C 212 19.20 -8.19 -9.77
C SER C 212 20.07 -8.59 -10.96
N SER C 213 19.69 -8.14 -12.15
CA SER C 213 20.54 -8.44 -13.28
C SER C 213 21.89 -7.72 -13.20
N SER C 214 22.02 -6.67 -12.39
CA SER C 214 23.32 -6.07 -12.13
C SER C 214 23.24 -5.14 -10.92
N LYS C 215 24.38 -4.94 -10.25
CA LYS C 215 24.47 -4.00 -9.14
C LYS C 215 23.92 -2.62 -9.47
N ASP C 216 23.93 -2.22 -10.73
CA ASP C 216 23.53 -0.88 -11.16
C ASP C 216 22.03 -0.70 -11.30
N MET C 217 21.24 -1.77 -11.24
CA MET C 217 19.80 -1.60 -11.41
C MET C 217 19.26 -0.75 -10.27
N PRO C 218 18.27 0.11 -10.54
CA PRO C 218 17.67 0.91 -9.46
C PRO C 218 17.16 0.09 -8.31
N THR C 219 16.66 -1.11 -8.60
CA THR C 219 16.03 -1.99 -7.62
C THR C 219 17.01 -2.93 -6.93
N PHE C 220 18.29 -2.87 -7.26
CA PHE C 220 19.28 -3.54 -6.41
C PHE C 220 19.62 -2.65 -5.22
N PRO C 221 19.63 -3.17 -3.99
CA PRO C 221 19.47 -4.57 -3.61
C PRO C 221 18.14 -4.89 -2.97
N GLN C 222 17.15 -4.04 -3.17
CA GLN C 222 15.85 -4.34 -2.57
C GLN C 222 15.20 -5.54 -3.24
N TRP C 223 15.53 -5.79 -4.51
CA TRP C 223 15.03 -6.97 -5.20
C TRP C 223 15.44 -8.23 -4.48
N GLU C 224 16.74 -8.38 -4.22
CA GLU C 224 17.25 -9.52 -3.47
C GLU C 224 16.52 -9.64 -2.12
N ALA C 225 16.37 -8.52 -1.41
CA ALA C 225 15.74 -8.53 -0.09
C ALA C 225 14.27 -8.94 -0.17
N THR C 226 13.53 -8.36 -1.13
CA THR C 226 12.14 -8.76 -1.34
C THR C 226 12.03 -10.24 -1.68
N VAL C 227 12.89 -10.72 -2.58
CA VAL C 227 12.74 -12.09 -3.07
C VAL C 227 13.10 -13.09 -1.97
N LEU C 228 14.14 -12.79 -1.19
CA LEU C 228 14.49 -13.66 -0.08
C LEU C 228 13.45 -13.60 1.04
N ASP C 229 12.82 -12.44 1.22
CA ASP C 229 11.73 -12.37 2.20
C ASP C 229 10.61 -13.36 1.85
N TYR C 230 10.27 -13.50 0.56
CA TYR C 230 9.19 -14.41 0.17
C TYR C 230 9.64 -15.86 0.22
N ALA C 231 10.80 -16.17 -0.33
CA ALA C 231 11.18 -17.53 -0.66
C ALA C 231 12.23 -18.13 0.26
N TYR C 232 12.68 -17.39 1.30
CA TYR C 232 13.78 -17.80 2.16
C TYR C 232 13.75 -19.28 2.54
N ASP C 233 12.60 -19.75 2.99
CA ASP C 233 12.49 -21.12 3.49
C ASP C 233 12.69 -22.18 2.41
N TYR C 234 12.49 -21.86 1.14
CA TYR C 234 12.58 -22.89 0.11
C TYR C 234 13.77 -22.76 -0.83
N VAL C 235 14.61 -21.73 -0.70
CA VAL C 235 15.75 -21.58 -1.59
C VAL C 235 17.05 -21.63 -0.82
N ASP C 236 18.13 -21.93 -1.54
CA ASP C 236 19.45 -22.10 -0.96
C ASP C 236 20.46 -21.07 -1.39
N TYR C 237 20.22 -20.37 -2.49
CA TYR C 237 21.17 -19.47 -3.11
C TYR C 237 20.47 -18.22 -3.60
N ILE C 238 21.19 -17.10 -3.58
CA ILE C 238 20.81 -15.91 -4.32
C ILE C 238 21.90 -15.69 -5.36
N SER C 239 21.50 -15.29 -6.57
CA SER C 239 22.45 -15.14 -7.67
C SER C 239 22.97 -13.71 -7.80
N LEU C 240 24.15 -13.58 -8.38
CA LEU C 240 24.81 -12.30 -8.66
C LEU C 240 25.33 -12.30 -10.08
N HIS C 241 25.24 -11.17 -10.74
CA HIS C 241 25.71 -11.03 -12.11
C HIS C 241 26.62 -9.80 -12.16
N GLN C 242 27.80 -9.95 -12.79
CA GLN C 242 28.72 -8.82 -12.86
C GLN C 242 29.59 -8.92 -14.12
N TYR C 243 29.62 -7.86 -14.92
CA TYR C 243 30.55 -7.78 -16.04
C TYR C 243 31.34 -6.47 -15.96
N TYR C 244 32.61 -6.53 -16.39
CA TYR C 244 33.43 -5.33 -16.47
C TYR C 244 33.96 -5.14 -17.89
N GLY C 245 34.14 -3.87 -18.27
CA GLY C 245 34.67 -3.54 -19.58
C GLY C 245 35.70 -2.42 -19.50
N ASN C 246 36.44 -2.27 -20.59
CA ASN C 246 37.48 -1.26 -20.68
C ASN C 246 37.25 -0.34 -21.87
N LYS C 247 36.01 0.10 -22.06
CA LYS C 247 35.69 1.00 -23.15
C LYS C 247 36.37 2.36 -23.00
N GLU C 248 36.82 2.72 -21.79
CA GLU C 248 37.52 3.98 -21.62
C GLU C 248 38.99 3.89 -21.99
N ASN C 249 39.51 2.69 -22.22
CA ASN C 249 40.93 2.48 -22.50
C ASN C 249 41.78 3.13 -21.41
N ASP C 250 41.76 2.48 -20.25
CA ASP C 250 42.33 3.00 -19.01
C ASP C 250 42.66 1.78 -18.14
N THR C 251 43.78 1.13 -18.48
CA THR C 251 44.05 -0.20 -17.95
C THR C 251 44.17 -0.21 -16.44
N ALA C 252 44.66 0.87 -15.84
CA ALA C 252 44.87 0.89 -14.39
C ALA C 252 43.54 0.90 -13.65
N ASP C 253 42.63 1.80 -14.04
CA ASP C 253 41.30 1.79 -13.48
C ASP C 253 40.56 0.49 -13.81
N PHE C 254 40.78 -0.07 -15.00
CA PHE C 254 40.20 -1.34 -15.35
C PHE C 254 40.62 -2.43 -14.37
N LEU C 255 41.93 -2.60 -14.19
CA LEU C 255 42.42 -3.62 -13.27
C LEU C 255 41.99 -3.35 -11.83
N ALA C 256 41.50 -2.16 -11.52
CA ALA C 256 41.05 -1.90 -10.16
C ALA C 256 39.62 -2.34 -9.91
N LYS C 257 38.95 -2.92 -10.90
CA LYS C 257 37.52 -3.12 -10.77
C LYS C 257 37.18 -4.30 -9.88
N SER C 258 38.09 -5.24 -9.68
CA SER C 258 37.85 -6.30 -8.72
C SER C 258 37.58 -5.77 -7.30
N ASP C 259 37.85 -4.48 -7.05
CA ASP C 259 37.48 -3.89 -5.78
C ASP C 259 36.00 -3.59 -5.69
N ASP C 260 35.39 -3.10 -6.78
CA ASP C 260 33.94 -2.96 -6.77
C ASP C 260 33.26 -4.30 -6.71
N LEU C 261 33.93 -5.35 -7.20
CA LEU C 261 33.39 -6.70 -7.11
C LEU C 261 33.37 -7.19 -5.66
N ASP C 262 34.46 -6.95 -4.93
CA ASP C 262 34.49 -7.20 -3.49
C ASP C 262 33.33 -6.49 -2.78
N ASP C 263 33.16 -5.19 -3.06
CA ASP C 263 32.08 -4.44 -2.44
C ASP C 263 30.70 -4.99 -2.84
N PHE C 264 30.55 -5.43 -4.10
CA PHE C 264 29.28 -5.98 -4.57
C PHE C 264 28.92 -7.22 -3.76
N ILE C 265 29.87 -8.15 -3.65
CA ILE C 265 29.67 -9.38 -2.90
C ILE C 265 29.26 -9.09 -1.45
N ARG C 266 29.91 -8.11 -0.79
CA ARG C 266 29.57 -7.83 0.60
C ARG C 266 28.18 -7.20 0.73
N SER C 267 27.79 -6.37 -0.23
CA SER C 267 26.45 -5.79 -0.19
C SER C 267 25.38 -6.88 -0.21
N VAL C 268 25.59 -7.91 -1.02
CA VAL C 268 24.62 -8.99 -1.18
C VAL C 268 24.64 -9.89 0.05
N ILE C 269 25.82 -10.17 0.59
CA ILE C 269 25.89 -10.89 1.85
C ILE C 269 25.14 -10.14 2.94
N ALA C 270 25.36 -8.84 3.02
CA ALA C 270 24.66 -8.05 4.04
C ALA C 270 23.16 -8.13 3.85
N THR C 271 22.72 -8.14 2.58
CA THR C 271 21.30 -8.31 2.28
C THR C 271 20.80 -9.67 2.73
N CYS C 272 21.56 -10.73 2.47
CA CYS C 272 21.16 -12.06 2.91
C CYS C 272 20.98 -12.11 4.42
N ASP C 273 21.94 -11.55 5.17
CA ASP C 273 21.90 -11.65 6.62
C ASP C 273 20.88 -10.72 7.25
N TYR C 274 20.50 -9.64 6.58
CA TYR C 274 19.38 -8.84 7.05
C TYR C 274 18.06 -9.64 6.98
N ILE C 275 17.81 -10.35 5.88
CA ILE C 275 16.60 -11.17 5.80
C ILE C 275 16.67 -12.32 6.79
N LYS C 276 17.85 -12.91 6.95
CA LYS C 276 18.04 -13.98 7.91
C LYS C 276 17.54 -13.58 9.29
N ALA C 277 18.00 -12.40 9.77
CA ALA C 277 17.53 -11.86 11.04
C ALA C 277 16.02 -11.65 11.03
N LYS C 278 15.49 -11.09 9.95
CA LYS C 278 14.04 -10.88 9.84
C LYS C 278 13.26 -12.19 9.94
N LYS C 279 13.86 -13.31 9.50
CA LYS C 279 13.22 -14.62 9.51
C LYS C 279 13.52 -15.40 10.78
N ARG C 280 14.49 -14.95 11.58
CA ARG C 280 14.98 -15.71 12.70
C ARG C 280 15.44 -17.09 12.26
N SER C 281 15.97 -17.18 11.05
CA SER C 281 16.40 -18.45 10.49
C SER C 281 17.80 -18.76 10.96
N LYS C 282 18.06 -20.04 11.19
CA LYS C 282 19.41 -20.52 11.41
C LYS C 282 20.14 -20.78 10.10
N LYS C 283 19.40 -20.91 8.99
CA LYS C 283 19.99 -21.19 7.70
C LYS C 283 20.66 -19.93 7.14
N ASP C 284 21.87 -20.09 6.60
CA ASP C 284 22.53 -19.02 5.87
C ASP C 284 22.24 -19.16 4.38
N ILE C 285 21.92 -18.05 3.72
CA ILE C 285 21.80 -18.10 2.26
C ILE C 285 23.19 -18.01 1.66
N TYR C 286 23.45 -18.83 0.64
CA TYR C 286 24.73 -18.78 -0.03
C TYR C 286 24.59 -18.03 -1.36
N LEU C 287 25.72 -17.83 -2.03
CA LEU C 287 25.78 -16.97 -3.20
C LEU C 287 26.13 -17.81 -4.43
N SER C 288 25.35 -17.65 -5.48
CA SER C 288 25.63 -18.22 -6.79
C SER C 288 26.02 -17.06 -7.69
N PHE C 289 27.32 -16.94 -7.98
CA PHE C 289 27.80 -15.93 -8.94
C PHE C 289 27.75 -16.49 -10.37
N ASP C 290 26.51 -16.72 -10.84
CA ASP C 290 26.32 -17.55 -12.04
C ASP C 290 26.41 -16.77 -13.35
N GLU C 291 26.79 -15.49 -13.32
CA GLU C 291 27.26 -14.77 -14.52
C GLU C 291 28.38 -13.85 -14.10
N TRP C 292 29.60 -14.09 -14.59
CA TRP C 292 30.70 -13.14 -14.37
C TRP C 292 31.72 -13.27 -15.48
N ASN C 293 32.33 -12.13 -15.87
CA ASN C 293 33.35 -12.06 -16.92
C ASN C 293 33.70 -10.63 -17.31
N VAL C 294 34.72 -10.47 -18.13
CA VAL C 294 34.88 -9.28 -18.95
C VAL C 294 33.94 -9.37 -20.15
N TRP C 295 33.36 -8.23 -20.56
CA TRP C 295 32.47 -8.21 -21.72
C TRP C 295 32.26 -6.78 -22.19
N TYR C 296 32.79 -6.44 -23.37
CA TYR C 296 32.61 -5.10 -23.93
C TYR C 296 33.09 -5.00 -25.37
N HIS C 297 34.02 -5.87 -25.76
CA HIS C 297 34.66 -5.73 -27.08
C HIS C 297 33.65 -5.74 -28.21
N SER C 298 32.64 -6.60 -28.11
CA SER C 298 31.73 -6.83 -29.24
C SER C 298 30.39 -6.09 -29.10
N ASN C 299 30.32 -5.02 -28.29
CA ASN C 299 29.04 -4.34 -28.10
C ASN C 299 28.50 -3.73 -29.40
N ASN C 300 29.35 -3.00 -30.15
CA ASN C 300 28.90 -2.40 -31.40
C ASN C 300 28.45 -3.45 -32.43
N GLU C 301 29.22 -4.54 -32.58
CA GLU C 301 28.92 -5.50 -33.63
C GLU C 301 27.71 -6.38 -33.31
N ASP C 302 27.14 -6.27 -32.10
CA ASP C 302 25.91 -6.99 -31.79
C ASP C 302 24.64 -6.18 -32.01
N ALA C 303 24.73 -4.84 -32.06
CA ALA C 303 23.60 -4.01 -32.47
C ALA C 303 23.14 -4.45 -33.86
N ASN C 304 23.99 -4.19 -34.86
CA ASN C 304 24.09 -4.91 -36.13
C ASN C 304 23.06 -6.02 -36.33
N ILE C 305 23.21 -7.13 -35.59
CA ILE C 305 22.40 -8.32 -35.85
C ILE C 305 20.95 -8.12 -35.39
N MET C 306 20.74 -7.31 -34.36
CA MET C 306 19.40 -7.03 -33.80
C MET C 306 19.20 -5.52 -33.73
N GLN C 307 18.59 -4.92 -34.75
CA GLN C 307 17.94 -5.69 -35.80
C GLN C 307 18.20 -5.18 -37.22
N ASN C 308 19.30 -5.66 -37.81
CA ASN C 308 19.47 -5.58 -39.25
C ASN C 308 19.52 -6.95 -39.91
N GLU C 309 19.92 -7.99 -39.19
CA GLU C 309 19.85 -9.36 -39.70
C GLU C 309 19.20 -10.30 -38.69
N PRO C 310 17.93 -10.08 -38.35
CA PRO C 310 17.29 -10.93 -37.34
C PRO C 310 16.90 -12.31 -37.87
N TRP C 311 16.55 -13.17 -36.93
CA TRP C 311 15.94 -14.48 -37.21
C TRP C 311 16.89 -15.40 -37.95
N ARG C 312 18.19 -15.21 -37.74
CA ARG C 312 19.11 -16.24 -38.21
C ARG C 312 19.26 -17.34 -37.15
N ILE C 313 19.67 -18.50 -37.61
CA ILE C 313 20.17 -19.55 -36.74
C ILE C 313 21.66 -19.28 -36.51
N ALA C 314 22.05 -19.16 -35.25
CA ALA C 314 23.47 -19.03 -34.89
C ALA C 314 24.20 -17.81 -35.45
N PRO C 315 23.65 -16.61 -35.32
CA PRO C 315 24.43 -15.43 -35.70
C PRO C 315 25.63 -15.28 -34.78
N PRO C 316 26.67 -14.55 -35.20
CA PRO C 316 27.89 -14.49 -34.35
C PRO C 316 27.84 -13.38 -33.29
N LEU C 317 27.07 -13.63 -32.21
CA LEU C 317 26.78 -12.64 -31.19
C LEU C 317 27.76 -12.75 -30.02
N LEU C 318 28.08 -11.60 -29.41
CA LEU C 318 28.88 -11.53 -28.19
C LEU C 318 30.26 -12.20 -28.34
N GLU C 319 30.87 -12.09 -29.51
CA GLU C 319 32.14 -12.78 -29.74
C GLU C 319 33.34 -11.87 -29.42
N ASP C 320 33.40 -11.44 -28.15
CA ASP C 320 34.57 -10.68 -27.69
C ASP C 320 35.85 -11.45 -27.94
N ILE C 321 36.88 -10.73 -28.39
CA ILE C 321 38.22 -11.28 -28.50
C ILE C 321 39.03 -10.70 -27.35
N TYR C 322 39.55 -11.57 -26.48
CA TYR C 322 40.11 -11.13 -25.22
C TYR C 322 41.61 -10.82 -25.34
N THR C 323 42.01 -9.75 -24.65
CA THR C 323 43.38 -9.28 -24.60
C THR C 323 44.08 -9.84 -23.36
N PHE C 324 45.31 -9.37 -23.11
CA PHE C 324 46.06 -9.81 -21.94
C PHE C 324 45.57 -9.09 -20.69
N GLU C 325 45.28 -7.80 -20.82
CA GLU C 325 44.71 -7.09 -19.69
C GLU C 325 43.36 -7.66 -19.27
N ASP C 326 42.60 -8.25 -20.22
CA ASP C 326 41.35 -8.91 -19.85
C ASP C 326 41.62 -10.16 -19.03
N ALA C 327 42.68 -10.90 -19.37
CA ALA C 327 42.99 -12.10 -18.60
C ALA C 327 43.48 -11.75 -17.20
N LEU C 328 44.06 -10.55 -17.03
CA LEU C 328 44.47 -10.13 -15.70
C LEU C 328 43.24 -9.85 -14.85
N LEU C 329 42.28 -9.09 -15.40
CA LEU C 329 41.09 -8.77 -14.64
C LEU C 329 40.26 -10.02 -14.31
N VAL C 330 40.26 -11.03 -15.19
CA VAL C 330 39.61 -12.31 -14.88
C VAL C 330 40.36 -13.03 -13.76
N GLY C 331 41.68 -12.86 -13.70
CA GLY C 331 42.43 -13.41 -12.59
C GLY C 331 42.16 -12.67 -11.29
N LEU C 332 42.05 -11.35 -11.36
CA LEU C 332 41.65 -10.58 -10.18
C LEU C 332 40.27 -11.00 -9.68
N MET C 333 39.33 -11.26 -10.60
CA MET C 333 38.00 -11.70 -10.21
C MET C 333 38.04 -13.08 -9.56
N LEU C 334 38.83 -14.00 -10.12
CA LEU C 334 38.94 -15.35 -9.55
C LEU C 334 39.54 -15.32 -8.14
N ILE C 335 40.37 -14.31 -7.86
CA ILE C 335 40.95 -14.15 -6.53
C ILE C 335 39.90 -13.59 -5.58
N THR C 336 39.12 -12.61 -6.05
CA THR C 336 38.05 -12.06 -5.22
C THR C 336 37.01 -13.11 -4.89
N LEU C 337 36.72 -14.03 -5.84
CA LEU C 337 35.75 -15.07 -5.56
C LEU C 337 36.26 -16.02 -4.48
N MET C 338 37.50 -16.49 -4.63
CA MET C 338 38.15 -17.30 -3.60
C MET C 338 38.08 -16.62 -2.23
N LYS C 339 38.34 -15.31 -2.19
CA LYS C 339 38.42 -14.60 -0.91
C LYS C 339 37.08 -14.60 -0.17
N HIS C 340 35.99 -14.90 -0.88
CA HIS C 340 34.65 -14.96 -0.33
C HIS C 340 34.06 -16.35 -0.47
N ALA C 341 34.92 -17.38 -0.53
CA ALA C 341 34.44 -18.74 -0.67
C ALA C 341 33.69 -19.25 0.57
N ASP C 342 33.51 -18.40 1.59
CA ASP C 342 32.71 -18.82 2.73
C ASP C 342 31.22 -18.66 2.45
N ARG C 343 30.84 -17.71 1.59
CA ARG C 343 29.45 -17.54 1.18
C ARG C 343 29.18 -17.86 -0.30
N ILE C 344 30.16 -17.66 -1.18
CA ILE C 344 29.99 -18.05 -2.58
C ILE C 344 30.36 -19.52 -2.74
N LYS C 345 29.36 -20.35 -3.10
CA LYS C 345 29.58 -21.78 -3.31
C LYS C 345 29.39 -22.22 -4.76
N ILE C 346 28.82 -21.36 -5.61
CA ILE C 346 28.67 -21.64 -7.04
C ILE C 346 29.04 -20.38 -7.78
N ALA C 347 29.81 -20.52 -8.86
CA ALA C 347 30.07 -19.41 -9.77
C ALA C 347 30.22 -19.95 -11.18
N CYS C 348 29.84 -19.13 -12.15
CA CYS C 348 29.81 -19.55 -13.54
C CYS C 348 30.48 -18.48 -14.38
N LEU C 349 31.63 -18.82 -14.96
CA LEU C 349 32.20 -17.98 -16.01
C LEU C 349 31.20 -17.91 -17.16
N ALA C 350 30.75 -16.71 -17.49
CA ALA C 350 29.78 -16.51 -18.56
C ALA C 350 30.52 -15.99 -19.80
N GLN C 351 30.68 -16.83 -20.83
CA GLN C 351 30.15 -18.19 -20.97
C GLN C 351 31.26 -19.10 -21.47
N LEU C 352 30.92 -20.37 -21.66
CA LEU C 352 31.93 -21.39 -21.86
C LEU C 352 32.45 -21.43 -23.30
N ILE C 353 31.57 -21.25 -24.30
CA ILE C 353 31.90 -21.50 -25.71
C ILE C 353 31.47 -20.31 -26.58
N ASN C 354 32.42 -19.76 -27.36
CA ASN C 354 32.20 -18.74 -28.38
C ASN C 354 31.61 -17.43 -27.86
N VAL C 355 30.61 -17.50 -26.99
CA VAL C 355 29.95 -16.32 -26.44
C VAL C 355 30.76 -15.85 -25.23
N ILE C 356 31.33 -14.63 -25.33
CA ILE C 356 32.23 -14.05 -24.33
C ILE C 356 32.99 -15.15 -23.58
N ALA C 357 33.79 -15.90 -24.31
CA ALA C 357 34.18 -17.22 -23.82
C ALA C 357 35.68 -17.41 -23.80
N PRO C 358 36.16 -18.35 -22.98
CA PRO C 358 37.56 -18.76 -23.05
C PRO C 358 37.88 -19.65 -24.23
N ILE C 359 36.87 -20.27 -24.84
CA ILE C 359 37.03 -21.26 -25.91
C ILE C 359 36.25 -20.75 -27.12
N VAL C 360 36.93 -20.68 -28.28
CA VAL C 360 36.36 -20.17 -29.51
C VAL C 360 36.49 -21.22 -30.59
N THR C 361 35.45 -21.40 -31.40
CA THR C 361 35.58 -22.09 -32.68
C THR C 361 35.36 -21.10 -33.80
N GLU C 362 36.13 -21.28 -34.88
CA GLU C 362 36.44 -20.18 -35.78
C GLU C 362 35.20 -19.65 -36.49
N ARG C 363 34.38 -20.54 -37.07
CA ARG C 363 33.12 -20.21 -37.76
C ARG C 363 32.97 -21.08 -39.00
N ASN C 364 31.79 -21.69 -39.18
CA ASN C 364 31.53 -22.68 -40.23
C ASN C 364 32.48 -23.87 -40.08
N GLY C 365 32.41 -24.47 -38.93
CA GLY C 365 33.40 -25.46 -38.57
C GLY C 365 34.65 -24.67 -38.24
N GLY C 366 35.78 -25.32 -38.30
CA GLY C 366 37.02 -24.63 -38.04
C GLY C 366 37.56 -24.77 -36.66
N ALA C 367 38.87 -24.70 -36.62
CA ALA C 367 39.67 -24.86 -35.45
C ALA C 367 39.25 -24.16 -34.19
N ALA C 368 39.46 -24.83 -33.09
CA ALA C 368 39.19 -24.28 -31.80
C ALA C 368 40.46 -23.71 -31.20
N TRP C 369 40.35 -22.70 -30.38
CA TRP C 369 41.51 -22.13 -29.74
C TRP C 369 41.17 -21.49 -28.40
N ARG C 370 42.20 -21.26 -27.60
CA ARG C 370 42.05 -20.69 -26.28
C ARG C 370 42.26 -19.20 -26.31
N GLN C 371 41.33 -18.46 -25.73
CA GLN C 371 41.50 -17.04 -25.53
C GLN C 371 42.47 -16.79 -24.36
N THR C 372 42.82 -15.52 -24.15
CA THR C 372 43.71 -15.20 -23.04
C THR C 372 43.10 -15.62 -21.71
N ILE C 373 41.82 -15.27 -21.50
CA ILE C 373 41.18 -15.52 -20.22
C ILE C 373 41.05 -17.00 -19.90
N PHE C 374 41.23 -17.87 -20.89
CA PHE C 374 41.23 -19.31 -20.63
C PHE C 374 42.21 -19.69 -19.53
N TYR C 375 43.31 -18.95 -19.39
CA TYR C 375 44.43 -19.48 -18.64
C TYR C 375 44.37 -19.12 -17.16
N PRO C 376 44.06 -17.88 -16.78
CA PRO C 376 43.76 -17.65 -15.35
C PRO C 376 42.69 -18.59 -14.84
N PHE C 377 41.62 -18.79 -15.61
CA PHE C 377 40.56 -19.69 -15.15
C PHE C 377 41.10 -21.09 -14.96
N MET C 378 41.88 -21.58 -15.93
CA MET C 378 42.41 -22.93 -15.83
C MET C 378 43.27 -23.11 -14.58
N HIS C 379 44.09 -22.11 -14.25
CA HIS C 379 44.95 -22.18 -13.06
C HIS C 379 44.13 -22.28 -11.79
N ALA C 380 43.20 -21.32 -11.60
CA ALA C 380 42.35 -21.31 -10.42
C ALA C 380 41.67 -22.65 -10.20
N SER C 381 41.16 -23.27 -11.26
CA SER C 381 40.40 -24.51 -11.08
C SER C 381 41.30 -25.73 -10.93
N LYS C 382 42.52 -25.67 -11.45
CA LYS C 382 43.47 -26.76 -11.18
C LYS C 382 43.97 -26.71 -9.74
N TYR C 383 44.47 -25.54 -9.31
CA TYR C 383 45.26 -25.40 -8.10
C TYR C 383 44.55 -24.74 -6.92
N GLY C 384 43.47 -23.98 -7.15
CA GLY C 384 42.74 -23.35 -6.07
C GLY C 384 41.59 -24.18 -5.50
N ARG C 385 41.81 -25.47 -5.33
CA ARG C 385 40.83 -26.35 -4.70
C ARG C 385 41.42 -26.82 -3.36
N GLY C 386 40.99 -26.18 -2.27
CA GLY C 386 41.49 -26.52 -0.96
C GLY C 386 40.83 -25.74 0.15
N ILE C 387 41.59 -24.89 0.86
CA ILE C 387 41.05 -24.06 1.94
C ILE C 387 41.64 -22.67 1.78
N VAL C 388 40.80 -21.63 1.84
CA VAL C 388 41.28 -20.27 1.63
C VAL C 388 41.77 -19.70 2.95
N LEU C 389 43.04 -19.31 2.98
CA LEU C 389 43.66 -18.70 4.13
C LEU C 389 43.44 -17.19 4.09
N GLN C 390 43.16 -16.63 5.25
CA GLN C 390 42.82 -15.21 5.33
C GLN C 390 43.99 -14.38 4.81
N PRO C 391 43.76 -13.44 3.90
CA PRO C 391 44.86 -12.63 3.38
C PRO C 391 45.13 -11.39 4.22
N VAL C 392 46.05 -11.49 5.15
CA VAL C 392 46.60 -10.30 5.79
C VAL C 392 47.80 -9.85 4.98
N ILE C 393 47.82 -8.57 4.64
CA ILE C 393 48.70 -8.08 3.59
C ILE C 393 48.80 -6.56 3.68
N ASN C 394 50.02 -6.06 3.81
CA ASN C 394 50.31 -4.67 3.50
C ASN C 394 50.93 -4.64 2.11
N SER C 395 50.36 -3.83 1.24
CA SER C 395 50.77 -3.77 -0.14
C SER C 395 50.76 -2.29 -0.49
N PRO C 396 51.69 -1.85 -1.32
CA PRO C 396 51.66 -0.47 -1.79
C PRO C 396 50.33 -0.15 -2.43
N LEU C 397 50.00 1.12 -2.45
CA LEU C 397 48.72 1.60 -2.95
C LEU C 397 48.94 2.29 -4.29
N HIS C 398 47.89 2.95 -4.77
CA HIS C 398 47.93 3.96 -5.83
C HIS C 398 46.52 4.46 -6.04
N ASP C 399 46.39 5.60 -6.70
CA ASP C 399 45.09 5.97 -7.20
C ASP C 399 44.95 5.49 -8.64
N THR C 400 43.74 5.64 -9.18
CA THR C 400 43.49 5.55 -10.61
C THR C 400 42.58 6.72 -10.96
N SER C 401 42.26 6.84 -12.25
CA SER C 401 41.41 7.95 -12.67
C SER C 401 40.09 7.97 -11.90
N LYS C 402 39.59 6.80 -11.52
CA LYS C 402 38.28 6.72 -10.89
C LYS C 402 38.26 5.95 -9.58
N HIS C 403 39.37 5.35 -9.18
CA HIS C 403 39.47 4.69 -7.88
C HIS C 403 40.60 5.31 -7.08
N GLU C 404 40.41 5.37 -5.76
CA GLU C 404 41.41 5.88 -4.83
C GLU C 404 41.83 4.75 -3.89
N ASP C 405 43.12 4.75 -3.54
CA ASP C 405 43.73 3.73 -2.68
C ASP C 405 43.37 2.32 -3.13
N VAL C 406 44.25 1.69 -3.91
CA VAL C 406 43.99 0.44 -4.59
C VAL C 406 45.21 -0.45 -4.38
N THR C 407 45.01 -1.62 -3.81
CA THR C 407 46.09 -2.59 -3.65
C THR C 407 46.86 -2.77 -4.95
N ASP C 408 48.18 -2.91 -4.84
CA ASP C 408 49.01 -3.21 -6.01
C ASP C 408 49.21 -4.70 -6.20
N ILE C 409 49.23 -5.47 -5.13
CA ILE C 409 49.45 -6.91 -5.21
C ILE C 409 48.27 -7.58 -4.52
N GLU C 410 47.28 -7.98 -5.31
CA GLU C 410 46.14 -8.72 -4.81
C GLU C 410 46.51 -10.19 -4.77
N SER C 411 46.22 -10.86 -3.65
CA SER C 411 46.68 -12.23 -3.52
C SER C 411 45.82 -13.00 -2.52
N VAL C 412 45.89 -14.33 -2.64
CA VAL C 412 45.21 -15.24 -1.74
C VAL C 412 45.91 -16.58 -1.84
N ALA C 413 45.98 -17.29 -0.72
CA ALA C 413 46.62 -18.59 -0.67
C ALA C 413 45.55 -19.65 -0.47
N ILE C 414 45.55 -20.64 -1.34
CA ILE C 414 44.66 -21.79 -1.20
C ILE C 414 45.53 -22.93 -0.70
N TYR C 415 45.02 -23.65 0.30
CA TYR C 415 45.84 -24.50 1.14
C TYR C 415 45.27 -25.92 1.09
N ASN C 416 45.91 -26.76 0.28
CA ASN C 416 45.45 -28.11 -0.01
C ASN C 416 46.21 -29.10 0.86
N GLU C 417 45.49 -29.88 1.67
CA GLU C 417 46.07 -31.05 2.31
C GLU C 417 46.21 -32.14 1.27
N GLU C 418 45.80 -33.35 1.61
CA GLU C 418 45.55 -34.38 0.60
C GLU C 418 46.73 -34.63 -0.34
N LYS C 419 47.39 -33.57 -0.81
CA LYS C 419 48.63 -33.66 -1.55
C LYS C 419 49.70 -32.69 -1.03
N GLU C 420 49.41 -31.96 0.05
CA GLU C 420 50.40 -31.31 0.92
C GLU C 420 50.95 -30.02 0.34
N GLU C 421 50.14 -29.29 -0.42
CA GLU C 421 50.61 -28.11 -1.13
C GLU C 421 49.95 -26.83 -0.62
N VAL C 422 50.63 -25.72 -0.85
CA VAL C 422 50.02 -24.39 -0.79
C VAL C 422 50.15 -23.79 -2.19
N THR C 423 49.17 -23.00 -2.58
CA THR C 423 49.18 -22.35 -3.88
C THR C 423 48.79 -20.90 -3.67
N ILE C 424 49.69 -20.00 -4.00
CA ILE C 424 49.43 -18.58 -3.93
C ILE C 424 49.05 -18.09 -5.33
N PHE C 425 48.00 -17.28 -5.40
CA PHE C 425 47.59 -16.61 -6.62
C PHE C 425 47.86 -15.13 -6.37
N ALA C 426 48.65 -14.51 -7.26
CA ALA C 426 48.94 -13.10 -7.08
C ALA C 426 48.91 -12.38 -8.42
N VAL C 427 48.37 -11.17 -8.39
CA VAL C 427 48.31 -10.29 -9.55
C VAL C 427 48.94 -8.96 -9.18
N ASN C 428 49.95 -8.56 -9.93
CA ASN C 428 50.51 -7.23 -9.82
C ASN C 428 49.72 -6.36 -10.78
N ARG C 429 48.79 -5.58 -10.26
CA ARG C 429 48.31 -4.44 -11.03
C ARG C 429 49.20 -3.26 -10.69
N ASN C 430 49.17 -2.24 -11.56
CA ASN C 430 50.36 -1.40 -11.72
C ASN C 430 51.47 -2.38 -12.12
N ILE C 431 51.69 -2.66 -13.42
CA ILE C 431 51.39 -1.93 -14.70
C ILE C 431 52.29 -0.69 -14.76
N HIS C 432 53.36 -0.71 -13.97
CA HIS C 432 54.48 0.24 -14.11
C HIS C 432 55.66 -0.34 -13.36
N GLU C 433 55.55 -0.41 -12.04
CA GLU C 433 56.61 -0.94 -11.20
C GLU C 433 56.40 -2.43 -10.95
N ASP C 434 57.41 -3.21 -11.25
CA ASP C 434 57.59 -4.52 -10.67
C ASP C 434 57.60 -4.44 -9.14
N ILE C 435 57.13 -5.52 -8.49
CA ILE C 435 56.97 -5.52 -7.05
C ILE C 435 57.37 -6.89 -6.50
N VAL C 436 58.10 -6.89 -5.38
CA VAL C 436 58.45 -8.13 -4.68
C VAL C 436 57.36 -8.43 -3.66
N LEU C 437 56.82 -9.62 -3.74
CA LEU C 437 55.95 -10.13 -2.68
C LEU C 437 56.78 -11.12 -1.87
N VAL C 438 57.21 -10.68 -0.73
CA VAL C 438 57.75 -11.61 0.25
C VAL C 438 56.62 -11.99 1.18
N SER C 439 56.48 -13.30 1.43
CA SER C 439 55.29 -13.81 2.11
C SER C 439 55.68 -14.81 3.20
N ASP C 440 55.46 -14.39 4.45
CA ASP C 440 55.82 -15.15 5.66
C ASP C 440 54.88 -16.34 5.83
N VAL C 441 55.40 -17.55 5.70
CA VAL C 441 54.60 -18.76 5.90
C VAL C 441 54.97 -19.38 7.24
N ARG C 442 53.96 -19.74 8.03
CA ARG C 442 54.14 -20.53 9.24
C ARG C 442 53.97 -21.99 8.82
N GLY C 443 55.04 -22.55 8.25
CA GLY C 443 54.95 -23.77 7.45
C GLY C 443 54.59 -25.05 8.20
N MET C 444 55.13 -26.22 7.88
CA MET C 444 55.94 -26.59 6.69
C MET C 444 57.33 -25.94 6.61
N ARG C 448 59.56 -25.45 0.82
CA ARG C 448 59.78 -25.96 -0.54
C ARG C 448 59.36 -24.92 -1.60
N LEU C 449 59.63 -25.18 -2.88
CA LEU C 449 59.19 -24.32 -3.98
C LEU C 449 59.05 -25.19 -5.22
N LEU C 450 57.81 -25.44 -5.64
CA LEU C 450 57.53 -26.47 -6.63
C LEU C 450 57.59 -25.96 -8.06
N GLU C 451 57.12 -24.74 -8.27
CA GLU C 451 57.21 -24.01 -9.53
C GLU C 451 56.56 -22.66 -9.32
N HIS C 452 56.84 -21.76 -10.24
CA HIS C 452 56.26 -20.42 -10.25
C HIS C 452 55.72 -20.21 -11.67
N ILE C 453 54.49 -20.67 -11.89
CA ILE C 453 53.79 -20.46 -13.15
C ILE C 453 53.40 -18.99 -13.28
N VAL C 454 53.46 -18.46 -14.49
CA VAL C 454 53.19 -17.05 -14.67
C VAL C 454 52.56 -16.81 -16.04
N LEU C 455 52.00 -15.62 -16.20
CA LEU C 455 51.26 -15.18 -17.39
C LEU C 455 51.61 -13.71 -17.54
N GLU C 456 52.61 -13.42 -18.37
CA GLU C 456 53.02 -12.04 -18.61
C GLU C 456 53.06 -11.78 -20.11
N HIS C 457 52.97 -10.50 -20.46
CA HIS C 457 53.22 -10.07 -21.83
C HIS C 457 53.52 -8.58 -21.89
N GLN C 458 54.38 -8.24 -22.85
CA GLN C 458 54.75 -6.86 -23.15
C GLN C 458 53.55 -6.01 -23.57
N ASP C 459 52.80 -6.49 -24.56
CA ASP C 459 51.66 -5.74 -25.05
C ASP C 459 50.47 -6.03 -24.15
N LEU C 460 49.88 -4.97 -23.59
CA LEU C 460 48.69 -5.17 -22.77
C LEU C 460 47.47 -5.50 -23.62
N LYS C 461 47.43 -5.02 -24.86
CA LYS C 461 46.30 -5.27 -25.77
C LYS C 461 46.49 -6.51 -26.63
N ILE C 462 47.54 -7.30 -26.42
CA ILE C 462 47.76 -8.46 -27.26
C ILE C 462 46.65 -9.49 -27.04
N ARG C 463 46.35 -10.25 -28.09
CA ARG C 463 45.25 -11.20 -28.12
C ARG C 463 45.77 -12.57 -28.53
N ASN C 464 44.95 -13.59 -28.28
CA ASN C 464 45.17 -14.89 -28.87
C ASN C 464 44.33 -15.05 -30.15
N SER C 465 44.64 -16.08 -30.94
CA SER C 465 43.90 -16.32 -32.18
C SER C 465 44.06 -17.78 -32.57
N VAL C 466 43.29 -18.17 -33.58
CA VAL C 466 43.42 -19.49 -34.19
C VAL C 466 44.82 -19.72 -34.74
N ASN C 467 45.52 -18.64 -35.10
CA ASN C 467 46.91 -18.72 -35.55
C ASN C 467 47.89 -18.52 -34.42
N GLY C 468 47.42 -17.94 -33.31
CA GLY C 468 48.25 -17.32 -32.31
C GLY C 468 48.35 -18.10 -31.02
N GLU C 469 47.93 -17.46 -29.93
CA GLU C 469 48.30 -17.77 -28.54
C GLU C 469 49.62 -17.06 -28.24
N GLU C 470 49.51 -15.75 -28.05
CA GLU C 470 50.56 -14.94 -27.46
C GLU C 470 50.58 -15.06 -25.94
N VAL C 471 49.42 -15.28 -25.32
CA VAL C 471 49.26 -15.32 -23.87
C VAL C 471 49.06 -16.78 -23.49
N TYR C 472 50.04 -17.37 -22.82
CA TYR C 472 49.98 -18.77 -22.40
C TYR C 472 50.89 -18.95 -21.20
N PRO C 473 50.68 -20.00 -20.40
CA PRO C 473 51.49 -20.17 -19.18
C PRO C 473 52.94 -20.44 -19.51
N LYS C 474 53.82 -19.57 -19.00
CA LYS C 474 55.26 -19.74 -19.11
C LYS C 474 55.78 -20.19 -17.75
N ASN C 475 56.25 -21.45 -17.67
CA ASN C 475 56.97 -21.91 -16.49
C ASN C 475 58.20 -21.05 -16.29
N SER C 476 58.37 -20.54 -15.08
CA SER C 476 59.25 -19.39 -14.99
C SER C 476 59.82 -19.22 -13.59
N ASP C 477 60.76 -18.28 -13.50
CA ASP C 477 61.10 -17.57 -12.28
C ASP C 477 62.10 -18.35 -11.41
N LYS C 478 62.73 -17.80 -10.36
CA LYS C 478 62.61 -16.45 -9.80
C LYS C 478 61.30 -16.35 -9.00
N PHE C 481 61.87 -18.66 -1.78
CA PHE C 481 61.49 -19.23 -0.49
C PHE C 481 62.67 -19.88 0.22
N ASP C 482 63.19 -19.16 1.22
CA ASP C 482 64.46 -19.50 1.85
C ASP C 482 64.20 -20.14 3.18
N ASP C 483 64.29 -19.42 4.30
CA ASP C 483 64.11 -20.00 5.62
C ASP C 483 62.66 -20.44 5.79
N GLY C 484 61.80 -19.50 6.11
CA GLY C 484 60.36 -19.73 6.13
C GLY C 484 59.68 -18.54 5.50
N ILE C 485 60.47 -17.78 4.75
CA ILE C 485 60.05 -16.50 4.17
C ILE C 485 60.10 -16.66 2.65
N LEU C 486 58.94 -16.56 1.99
CA LEU C 486 58.84 -16.81 0.56
C LEU C 486 59.10 -15.52 -0.21
N THR C 487 60.09 -15.58 -1.10
CA THR C 487 60.52 -14.41 -1.87
C THR C 487 60.12 -14.59 -3.33
N SER C 488 59.23 -13.73 -3.81
CA SER C 488 58.83 -13.78 -5.22
C SER C 488 58.44 -12.38 -5.65
N MET C 489 59.10 -11.85 -6.66
CA MET C 489 58.60 -10.64 -7.27
C MET C 489 57.69 -10.95 -8.43
N LEU C 490 56.91 -9.93 -8.78
CA LEU C 490 55.83 -10.06 -9.75
C LEU C 490 55.99 -8.92 -10.72
N ARG C 491 56.27 -9.25 -11.99
CA ARG C 491 56.39 -8.24 -13.03
C ARG C 491 55.15 -7.34 -13.01
N ARG C 492 55.33 -6.07 -13.35
CA ARG C 492 54.18 -5.19 -13.52
C ARG C 492 53.16 -5.84 -14.44
N ALA C 493 51.89 -5.79 -14.04
CA ALA C 493 50.77 -6.31 -14.82
C ALA C 493 50.99 -7.79 -15.18
N SER C 494 51.06 -8.63 -14.16
CA SER C 494 51.31 -10.05 -14.35
C SER C 494 50.40 -10.87 -13.44
N TRP C 495 50.33 -12.17 -13.73
CA TRP C 495 49.46 -13.09 -13.02
C TRP C 495 50.31 -14.26 -12.58
N ASN C 496 50.34 -14.52 -11.27
CA ASN C 496 51.28 -15.48 -10.69
C ASN C 496 50.56 -16.58 -9.94
N VAL C 497 50.97 -17.81 -10.22
CA VAL C 497 50.58 -19.00 -9.44
C VAL C 497 51.88 -19.58 -8.87
N ILE C 498 52.02 -19.58 -7.55
CA ILE C 498 53.25 -20.03 -6.90
C ILE C 498 52.93 -21.19 -5.97
N ARG C 499 53.54 -22.34 -6.23
CA ARG C 499 53.27 -23.56 -5.50
C ARG C 499 54.40 -23.86 -4.49
N ILE C 500 54.15 -24.85 -3.63
CA ILE C 500 54.92 -25.10 -2.40
C ILE C 500 54.54 -26.48 -1.88
N GLY C 501 55.50 -27.22 -1.33
CA GLY C 501 55.23 -28.58 -0.89
C GLY C 501 55.93 -28.99 0.39
N LYS D 1 -26.36 -32.35 38.93
CA LYS D 1 -27.32 -33.46 39.00
C LYS D 1 -28.62 -33.12 38.25
N LYS D 2 -29.17 -31.92 38.43
CA LYS D 2 -30.38 -31.49 37.74
C LYS D 2 -30.03 -30.50 36.64
N ALA D 3 -30.72 -30.60 35.51
CA ALA D 3 -30.50 -29.70 34.36
C ALA D 3 -31.79 -29.63 33.55
N ARG D 4 -32.26 -28.42 33.27
CA ARG D 4 -33.63 -28.25 32.81
C ARG D 4 -33.69 -27.62 31.42
N MET D 5 -34.79 -27.91 30.71
CA MET D 5 -34.95 -27.51 29.32
C MET D 5 -36.39 -27.11 29.02
N THR D 6 -36.56 -25.94 28.41
CA THR D 6 -37.82 -25.59 27.75
C THR D 6 -37.72 -25.95 26.27
N VAL D 7 -38.83 -26.42 25.70
CA VAL D 7 -38.84 -26.80 24.28
C VAL D 7 -40.04 -26.15 23.61
N ASP D 8 -39.96 -24.84 23.39
CA ASP D 8 -41.02 -24.10 22.72
C ASP D 8 -40.81 -24.15 21.21
N LYS D 9 -41.74 -24.79 20.51
CA LYS D 9 -41.76 -24.77 19.06
C LYS D 9 -41.97 -23.36 18.49
N ASP D 10 -42.34 -22.38 19.32
CA ASP D 10 -42.42 -21.00 18.85
C ASP D 10 -41.07 -20.31 18.86
N TYR D 11 -40.11 -20.83 19.61
CA TYR D 11 -38.77 -20.26 19.73
C TYR D 11 -37.83 -21.06 18.82
N LYS D 12 -37.99 -20.85 17.51
CA LYS D 12 -37.25 -21.60 16.49
C LYS D 12 -35.98 -20.86 16.05
N ILE D 13 -35.04 -21.65 15.53
CA ILE D 13 -33.82 -21.12 14.96
C ILE D 13 -33.86 -21.16 13.43
N ALA D 14 -34.11 -22.34 12.86
CA ALA D 14 -34.20 -22.47 11.42
C ALA D 14 -34.62 -23.89 11.07
N GLU D 15 -35.01 -24.06 9.81
CA GLU D 15 -35.13 -25.38 9.26
C GLU D 15 -33.75 -25.93 8.93
N ILE D 16 -33.61 -27.25 9.10
CA ILE D 16 -32.38 -27.93 8.75
C ILE D 16 -32.29 -28.05 7.23
N ASP D 17 -31.17 -27.62 6.67
CA ASP D 17 -30.77 -28.03 5.33
C ASP D 17 -30.12 -29.40 5.44
N LYS D 18 -30.61 -30.37 4.69
CA LYS D 18 -30.08 -31.72 4.86
C LYS D 18 -28.61 -31.78 4.47
N ARG D 19 -28.13 -30.82 3.69
CA ARG D 19 -26.74 -30.85 3.24
C ARG D 19 -25.75 -30.64 4.38
N ILE D 20 -26.21 -30.28 5.59
CA ILE D 20 -25.31 -30.30 6.74
C ILE D 20 -24.90 -31.70 7.16
N TYR D 21 -25.54 -32.74 6.63
CA TYR D 21 -25.11 -34.13 6.86
C TYR D 21 -24.33 -34.67 5.68
N GLY D 22 -23.51 -33.83 5.04
CA GLY D 22 -22.70 -34.26 3.92
C GLY D 22 -21.35 -34.82 4.36
N SER D 23 -20.62 -35.32 3.38
CA SER D 23 -19.28 -35.80 3.68
C SER D 23 -18.35 -35.45 2.52
N PHE D 24 -17.27 -36.19 2.37
CA PHE D 24 -16.12 -35.68 1.64
C PHE D 24 -15.21 -36.85 1.29
N VAL D 25 -14.87 -36.98 0.01
CA VAL D 25 -13.91 -37.95 -0.49
C VAL D 25 -12.78 -37.20 -1.18
N GLU D 26 -11.57 -37.33 -0.66
CA GLU D 26 -10.39 -36.82 -1.33
C GLU D 26 -9.64 -37.98 -1.96
N HIS D 27 -8.88 -37.72 -3.03
CA HIS D 27 -7.92 -38.71 -3.55
C HIS D 27 -6.71 -38.71 -2.62
N LEU D 28 -6.86 -39.40 -1.50
CA LEU D 28 -5.91 -39.40 -0.41
C LEU D 28 -5.88 -40.81 0.17
N GLY D 29 -4.69 -41.40 0.27
CA GLY D 29 -4.55 -42.64 1.02
C GLY D 29 -5.39 -43.74 0.40
N ARG D 30 -6.15 -44.44 1.24
CA ARG D 30 -7.00 -45.55 0.81
C ARG D 30 -8.49 -45.17 0.74
N ALA D 31 -8.79 -43.88 0.54
CA ALA D 31 -10.19 -43.45 0.46
C ALA D 31 -10.84 -43.98 -0.80
N VAL D 32 -10.15 -43.90 -1.92
CA VAL D 32 -10.65 -44.39 -3.21
C VAL D 32 -10.06 -45.76 -3.50
N TYR D 33 -8.75 -45.80 -3.74
CA TYR D 33 -8.08 -47.05 -4.09
C TYR D 33 -7.85 -47.86 -2.83
N ASP D 34 -8.17 -49.16 -2.91
CA ASP D 34 -8.25 -50.00 -1.72
C ASP D 34 -9.22 -49.42 -0.71
N GLY D 35 -10.25 -48.73 -1.21
CA GLY D 35 -11.30 -48.15 -0.38
C GLY D 35 -12.64 -48.34 -1.07
N LEU D 36 -13.31 -47.26 -1.47
CA LEU D 36 -14.58 -47.43 -2.18
C LEU D 36 -14.40 -48.15 -3.50
N TYR D 37 -13.22 -48.02 -4.13
CA TYR D 37 -12.96 -48.54 -5.46
C TYR D 37 -12.01 -49.73 -5.36
N GLN D 38 -12.51 -50.94 -5.65
CA GLN D 38 -11.68 -52.14 -5.65
C GLN D 38 -12.11 -53.06 -6.79
N PRO D 39 -11.54 -52.87 -7.98
CA PRO D 39 -12.02 -53.56 -9.19
C PRO D 39 -12.34 -55.05 -9.08
N GLY D 40 -11.38 -55.88 -8.80
CA GLY D 40 -11.77 -57.27 -8.94
C GLY D 40 -12.31 -57.94 -7.69
N ASN D 41 -12.61 -57.19 -6.63
CA ASN D 41 -12.90 -57.79 -5.33
C ASN D 41 -14.27 -58.46 -5.34
N SER D 42 -14.35 -59.58 -4.64
CA SER D 42 -15.58 -60.37 -4.64
C SER D 42 -16.72 -59.62 -3.98
N LYS D 43 -16.42 -58.56 -3.23
CA LYS D 43 -17.45 -57.73 -2.65
C LYS D 43 -17.75 -56.48 -3.47
N SER D 44 -17.23 -56.39 -4.71
CA SER D 44 -17.40 -55.22 -5.55
C SER D 44 -18.37 -55.52 -6.69
N ASP D 45 -19.08 -54.48 -7.13
CA ASP D 45 -19.96 -54.68 -8.27
C ASP D 45 -19.17 -54.74 -9.57
N GLU D 46 -19.86 -54.59 -10.69
CA GLU D 46 -19.21 -54.68 -12.00
C GLU D 46 -18.34 -53.48 -12.28
N ASP D 47 -18.72 -52.32 -11.77
CA ASP D 47 -17.95 -51.11 -12.02
C ASP D 47 -16.75 -50.97 -11.08
N GLY D 48 -16.53 -51.94 -10.19
CA GLY D 48 -15.42 -51.87 -9.28
C GLY D 48 -15.73 -51.34 -7.89
N PHE D 49 -16.96 -50.92 -7.65
CA PHE D 49 -17.30 -50.29 -6.37
C PHE D 49 -17.65 -51.34 -5.34
N ARG D 50 -17.05 -51.20 -4.15
CA ARG D 50 -17.32 -52.13 -3.07
C ARG D 50 -18.76 -51.98 -2.58
N LYS D 51 -19.54 -53.08 -2.68
CA LYS D 51 -20.97 -52.99 -2.40
C LYS D 51 -21.25 -52.84 -0.91
N ASP D 52 -20.42 -53.43 -0.06
CA ASP D 52 -20.65 -53.26 1.36
C ASP D 52 -20.39 -51.82 1.80
N VAL D 53 -19.36 -51.20 1.23
CA VAL D 53 -19.08 -49.78 1.52
C VAL D 53 -20.25 -48.92 1.07
N ILE D 54 -20.78 -49.20 -0.12
CA ILE D 54 -21.92 -48.44 -0.62
C ILE D 54 -23.08 -48.54 0.36
N GLU D 55 -23.37 -49.75 0.84
CA GLU D 55 -24.45 -49.94 1.82
C GLU D 55 -24.20 -49.13 3.08
N LEU D 56 -22.95 -49.06 3.55
CA LEU D 56 -22.67 -48.35 4.78
C LEU D 56 -22.77 -46.84 4.61
N VAL D 57 -22.46 -46.33 3.41
CA VAL D 57 -22.62 -44.90 3.17
C VAL D 57 -24.11 -44.52 3.22
N LYS D 58 -24.96 -45.35 2.60
CA LYS D 58 -26.39 -45.08 2.61
C LYS D 58 -26.97 -45.13 4.02
N GLU D 59 -26.38 -45.94 4.90
CA GLU D 59 -26.83 -45.93 6.28
C GLU D 59 -26.64 -44.57 6.92
N LEU D 60 -25.66 -43.79 6.43
CA LEU D 60 -25.41 -42.46 6.99
C LEU D 60 -26.28 -41.40 6.35
N ASN D 61 -26.97 -41.72 5.25
CA ASN D 61 -27.91 -40.81 4.63
C ASN D 61 -27.22 -39.53 4.14
N VAL D 62 -26.05 -39.68 3.51
CA VAL D 62 -25.25 -38.54 3.08
C VAL D 62 -25.87 -37.96 1.82
N PRO D 63 -26.40 -36.74 1.84
CA PRO D 63 -26.99 -36.16 0.62
C PRO D 63 -26.00 -35.52 -0.34
N ILE D 64 -24.81 -35.10 0.12
CA ILE D 64 -23.86 -34.38 -0.73
C ILE D 64 -22.45 -34.78 -0.31
N ILE D 65 -21.55 -34.91 -1.29
CA ILE D 65 -20.20 -35.37 -1.02
C ILE D 65 -19.21 -34.46 -1.72
N ALA D 66 -18.35 -33.82 -0.94
CA ALA D 66 -17.28 -33.00 -1.50
C ALA D 66 -16.22 -33.87 -2.19
N TYR D 67 -15.78 -33.42 -3.37
CA TYR D 67 -14.81 -34.18 -4.17
C TYR D 67 -14.08 -33.18 -5.04
N PRO D 68 -12.80 -33.43 -5.40
CA PRO D 68 -11.86 -34.49 -5.03
C PRO D 68 -10.80 -34.04 -4.04
N GLY D 69 -10.93 -32.82 -3.51
CA GLY D 69 -10.07 -32.34 -2.43
C GLY D 69 -10.67 -31.10 -1.83
N GLY D 70 -10.04 -30.60 -0.77
CA GLY D 70 -8.79 -31.15 -0.26
C GLY D 70 -7.55 -30.64 -0.97
N ASN D 71 -6.38 -30.80 -0.32
CA ASN D 71 -5.11 -30.34 -0.89
C ASN D 71 -4.83 -30.97 -2.26
N PHE D 72 -5.28 -32.20 -2.47
CA PHE D 72 -5.12 -32.88 -3.74
C PHE D 72 -5.57 -32.02 -4.93
N VAL D 73 -6.65 -31.26 -4.78
CA VAL D 73 -7.22 -30.59 -5.94
C VAL D 73 -6.34 -29.41 -6.36
N SER D 74 -5.50 -28.90 -5.47
CA SER D 74 -4.73 -27.70 -5.79
C SER D 74 -3.69 -27.94 -6.86
N ASN D 75 -3.38 -29.20 -7.20
CA ASN D 75 -2.50 -29.49 -8.33
C ASN D 75 -3.05 -30.63 -9.18
N TYR D 76 -4.37 -30.74 -9.24
CA TYR D 76 -5.07 -31.76 -10.02
C TYR D 76 -5.42 -31.24 -11.40
N PHE D 77 -5.19 -32.06 -12.44
CA PHE D 77 -5.64 -31.74 -13.79
C PHE D 77 -6.79 -32.68 -14.18
N TRP D 78 -8.03 -32.16 -14.19
CA TRP D 78 -9.21 -33.01 -14.26
C TRP D 78 -9.26 -33.85 -15.53
N GLU D 79 -8.68 -33.37 -16.64
CA GLU D 79 -8.67 -34.15 -17.88
C GLU D 79 -7.90 -35.46 -17.71
N ASP D 80 -6.99 -35.53 -16.74
CA ASP D 80 -6.28 -36.77 -16.46
C ASP D 80 -7.24 -37.87 -16.00
N GLY D 81 -8.40 -37.50 -15.45
CA GLY D 81 -9.33 -38.44 -14.87
C GLY D 81 -10.54 -38.79 -15.73
N VAL D 82 -10.60 -38.35 -16.98
CA VAL D 82 -11.71 -38.71 -17.86
C VAL D 82 -11.16 -39.33 -19.16
N GLY D 83 -12.07 -39.95 -19.91
CA GLY D 83 -11.73 -40.59 -21.16
C GLY D 83 -11.29 -42.03 -20.96
N PRO D 84 -10.88 -42.68 -22.05
CA PRO D 84 -10.47 -44.09 -21.96
C PRO D 84 -9.40 -44.29 -20.90
N VAL D 85 -9.63 -45.26 -20.00
CA VAL D 85 -8.71 -45.46 -18.89
C VAL D 85 -7.31 -45.80 -19.39
N GLU D 86 -7.22 -46.50 -20.53
CA GLU D 86 -5.94 -46.81 -21.15
C GLU D 86 -5.06 -45.57 -21.29
N ASP D 87 -5.68 -44.40 -21.48
CA ASP D 87 -4.99 -43.18 -21.85
C ASP D 87 -4.81 -42.22 -20.69
N ARG D 88 -5.11 -42.62 -19.52
CA ARG D 88 -5.03 -41.70 -18.41
C ARG D 88 -3.66 -41.81 -17.77
N PRO D 89 -2.96 -40.70 -17.59
CA PRO D 89 -1.59 -40.76 -17.05
C PRO D 89 -1.62 -41.02 -15.55
N ARG D 90 -0.52 -41.57 -15.06
CA ARG D 90 -0.22 -41.50 -13.64
C ARG D 90 0.50 -40.19 -13.34
N ARG D 91 0.18 -39.60 -12.20
CA ARG D 91 0.66 -38.27 -11.83
C ARG D 91 1.20 -38.31 -10.41
N LEU D 92 2.24 -37.51 -10.18
CA LEU D 92 2.69 -37.26 -8.83
C LEU D 92 1.64 -36.42 -8.12
N ASP D 93 1.24 -36.86 -6.94
CA ASP D 93 0.35 -36.08 -6.09
C ASP D 93 1.23 -35.43 -5.03
N LEU D 94 1.41 -34.11 -5.16
CA LEU D 94 2.42 -33.43 -4.36
C LEU D 94 1.97 -33.30 -2.91
N ALA D 95 0.67 -33.15 -2.68
CA ALA D 95 0.16 -32.97 -1.33
C ALA D 95 0.47 -34.17 -0.45
N TRP D 96 0.29 -35.38 -0.98
CA TRP D 96 0.41 -36.58 -0.16
C TRP D 96 1.53 -37.51 -0.64
N LYS D 97 2.47 -37.00 -1.44
CA LYS D 97 3.63 -37.75 -1.92
C LYS D 97 3.24 -39.16 -2.33
N SER D 98 2.17 -39.23 -3.13
CA SER D 98 1.67 -40.46 -3.72
C SER D 98 1.60 -40.33 -5.22
N ILE D 99 1.32 -41.46 -5.87
CA ILE D 99 1.09 -41.51 -7.30
C ILE D 99 -0.40 -41.76 -7.51
N GLU D 100 -1.02 -40.88 -8.30
CA GLU D 100 -2.43 -40.99 -8.61
C GLU D 100 -2.56 -41.64 -9.96
N PRO D 101 -3.16 -42.84 -10.08
CA PRO D 101 -3.29 -43.48 -11.40
C PRO D 101 -4.50 -43.00 -12.18
N ASN D 102 -5.41 -42.27 -11.54
CA ASN D 102 -6.53 -41.61 -12.20
C ASN D 102 -7.48 -42.63 -12.81
N GLN D 103 -7.54 -43.82 -12.21
CA GLN D 103 -8.56 -44.78 -12.63
C GLN D 103 -9.95 -44.28 -12.24
N VAL D 104 -10.08 -43.67 -11.07
CA VAL D 104 -11.30 -42.95 -10.71
C VAL D 104 -11.13 -41.47 -11.05
N GLY D 105 -11.95 -40.95 -11.96
CA GLY D 105 -12.08 -39.51 -12.12
C GLY D 105 -13.41 -39.01 -12.67
N ILE D 106 -14.16 -38.29 -11.85
CA ILE D 106 -15.37 -37.52 -12.19
C ILE D 106 -16.52 -38.35 -12.73
N ASN D 107 -16.37 -39.00 -13.88
CA ASN D 107 -17.47 -39.85 -14.35
C ASN D 107 -17.64 -41.08 -13.47
N GLU D 108 -16.53 -41.72 -13.05
CA GLU D 108 -16.64 -42.85 -12.14
C GLU D 108 -17.17 -42.42 -10.80
N PHE D 109 -16.69 -41.28 -10.30
CA PHE D 109 -17.14 -40.83 -8.99
C PHE D 109 -18.59 -40.36 -9.03
N ALA D 110 -19.02 -39.75 -10.14
CA ALA D 110 -20.43 -39.45 -10.32
C ALA D 110 -21.26 -40.74 -10.30
N LYS D 111 -20.79 -41.77 -10.99
CA LYS D 111 -21.48 -43.07 -10.91
C LYS D 111 -21.58 -43.55 -9.47
N TRP D 112 -20.45 -43.51 -8.74
CA TRP D 112 -20.48 -43.90 -7.34
C TRP D 112 -21.50 -43.07 -6.52
N CYS D 113 -21.64 -41.78 -6.84
CA CYS D 113 -22.54 -40.94 -6.04
C CYS D 113 -24.01 -41.26 -6.33
N LYS D 114 -24.36 -41.58 -7.58
CA LYS D 114 -25.68 -42.17 -7.85
C LYS D 114 -25.93 -43.35 -6.92
N LYS D 115 -24.94 -44.26 -6.80
CA LYS D 115 -25.17 -45.50 -6.07
C LYS D 115 -25.34 -45.29 -4.56
N VAL D 116 -24.87 -44.18 -3.99
CA VAL D 116 -25.09 -43.95 -2.57
C VAL D 116 -26.13 -42.85 -2.32
N ASN D 117 -26.85 -42.43 -3.36
CA ASN D 117 -27.91 -41.42 -3.27
C ASN D 117 -27.39 -40.06 -2.81
N ALA D 118 -26.20 -39.69 -3.29
CA ALA D 118 -25.57 -38.43 -2.98
C ALA D 118 -25.33 -37.63 -4.25
N GLU D 119 -25.15 -36.33 -4.09
CA GLU D 119 -24.68 -35.45 -5.15
C GLU D 119 -23.23 -35.10 -4.89
N ILE D 120 -22.56 -34.66 -5.96
CA ILE D 120 -21.19 -34.17 -5.86
C ILE D 120 -21.20 -32.68 -5.53
N MET D 121 -20.35 -32.28 -4.60
CA MET D 121 -19.95 -30.88 -4.46
C MET D 121 -18.50 -30.82 -4.95
N MET D 122 -18.27 -30.16 -6.06
CA MET D 122 -17.04 -30.31 -6.83
C MET D 122 -16.09 -29.12 -6.65
N ALA D 123 -14.85 -29.42 -6.27
CA ALA D 123 -13.80 -28.42 -6.13
C ALA D 123 -13.00 -28.32 -7.43
N VAL D 124 -12.63 -27.09 -7.81
CA VAL D 124 -11.79 -26.86 -8.97
C VAL D 124 -10.41 -26.47 -8.50
N ASN D 125 -9.41 -26.78 -9.33
CA ASN D 125 -8.01 -26.44 -9.05
C ASN D 125 -7.79 -24.95 -9.30
N LEU D 126 -7.61 -24.17 -8.22
CA LEU D 126 -7.15 -22.78 -8.33
C LEU D 126 -5.76 -22.60 -7.70
N GLY D 127 -5.04 -23.70 -7.51
CA GLY D 127 -3.67 -23.69 -7.07
C GLY D 127 -2.73 -23.49 -8.24
N THR D 128 -2.66 -24.45 -9.13
CA THR D 128 -1.85 -24.34 -10.31
C THR D 128 -2.64 -24.04 -11.56
N ARG D 129 -3.93 -23.96 -11.45
CA ARG D 129 -4.79 -23.65 -12.58
C ARG D 129 -5.69 -22.47 -12.30
N GLY D 130 -6.45 -22.04 -13.29
CA GLY D 130 -7.30 -20.89 -13.14
C GLY D 130 -8.69 -20.79 -13.73
N ILE D 131 -9.04 -19.63 -14.26
CA ILE D 131 -10.39 -19.34 -14.73
C ILE D 131 -10.80 -20.33 -15.83
N SER D 132 -10.01 -20.40 -16.90
CA SER D 132 -10.48 -21.11 -18.07
C SER D 132 -10.61 -22.60 -17.81
N ASP D 133 -9.83 -23.16 -16.87
CA ASP D 133 -9.99 -24.58 -16.57
C ASP D 133 -11.18 -24.84 -15.64
N ALA D 134 -11.54 -23.87 -14.81
CA ALA D 134 -12.80 -23.99 -14.08
C ALA D 134 -13.99 -23.97 -15.04
N CYS D 135 -13.95 -23.06 -16.01
CA CYS D 135 -14.99 -23.00 -17.03
C CYS D 135 -15.11 -24.32 -17.77
N ASN D 136 -13.96 -24.87 -18.22
CA ASN D 136 -13.96 -26.14 -18.96
C ASN D 136 -14.59 -27.27 -18.16
N LEU D 137 -14.24 -27.40 -16.90
CA LEU D 137 -14.80 -28.47 -16.09
C LEU D 137 -16.29 -28.29 -15.90
N LEU D 138 -16.73 -27.05 -15.64
CA LEU D 138 -18.17 -26.80 -15.48
C LEU D 138 -18.92 -27.12 -16.75
N GLU D 139 -18.39 -26.68 -17.90
CA GLU D 139 -19.01 -26.97 -19.18
C GLU D 139 -19.14 -28.48 -19.39
N TYR D 140 -18.03 -29.20 -19.24
CA TYR D 140 -18.03 -30.66 -19.28
C TYR D 140 -19.16 -31.26 -18.43
N CYS D 141 -19.33 -30.76 -17.19
CA CYS D 141 -20.25 -31.38 -16.25
C CYS D 141 -21.71 -30.94 -16.41
N ASN D 142 -21.96 -29.68 -16.81
CA ASN D 142 -23.30 -29.10 -16.72
C ASN D 142 -23.88 -28.62 -18.04
N HIS D 143 -23.07 -28.37 -19.06
CA HIS D 143 -23.71 -27.97 -20.31
C HIS D 143 -24.26 -29.20 -21.04
N PRO D 144 -25.46 -29.11 -21.63
CA PRO D 144 -26.13 -30.32 -22.15
C PRO D 144 -25.34 -31.01 -23.24
N GLY D 145 -25.06 -30.29 -24.32
CA GLY D 145 -24.26 -30.81 -25.42
C GLY D 145 -24.08 -29.70 -26.41
N GLY D 146 -23.46 -30.04 -27.54
CA GLY D 146 -23.31 -29.06 -28.61
C GLY D 146 -22.17 -28.06 -28.45
N SER D 147 -21.32 -28.23 -27.44
CA SER D 147 -20.10 -27.44 -27.31
C SER D 147 -18.94 -28.40 -27.06
N LYS D 148 -17.73 -27.86 -27.16
CA LYS D 148 -16.52 -28.68 -27.14
C LYS D 148 -16.46 -29.59 -25.91
N TYR D 149 -16.61 -29.04 -24.71
CA TYR D 149 -16.44 -29.87 -23.53
C TYR D 149 -17.70 -30.62 -23.17
N SER D 150 -18.88 -30.10 -23.52
CA SER D 150 -20.09 -30.88 -23.30
C SER D 150 -20.10 -32.12 -24.20
N ASP D 151 -19.75 -31.94 -25.48
CA ASP D 151 -19.67 -33.09 -26.38
C ASP D 151 -18.60 -34.05 -25.92
N MET D 152 -17.50 -33.55 -25.36
CA MET D 152 -16.43 -34.43 -24.92
C MET D 152 -16.92 -35.39 -23.84
N ARG D 153 -17.72 -34.89 -22.88
CA ARG D 153 -18.34 -35.77 -21.90
C ARG D 153 -19.23 -36.82 -22.57
N ILE D 154 -20.03 -36.42 -23.57
CA ILE D 154 -20.90 -37.36 -24.25
C ILE D 154 -20.08 -38.45 -24.92
N LYS D 155 -19.00 -38.03 -25.60
CA LYS D 155 -18.09 -38.95 -26.28
C LYS D 155 -17.41 -39.87 -25.30
N HIS D 156 -17.22 -39.43 -24.05
CA HIS D 156 -16.76 -40.30 -23.00
C HIS D 156 -17.89 -41.19 -22.47
N GLY D 157 -19.10 -41.07 -23.01
CA GLY D 157 -20.16 -41.98 -22.65
C GLY D 157 -21.01 -41.58 -21.47
N VAL D 158 -21.19 -40.29 -21.22
CA VAL D 158 -22.16 -39.81 -20.25
C VAL D 158 -23.04 -38.81 -21.00
N LYS D 159 -24.17 -39.30 -21.52
CA LYS D 159 -25.01 -38.50 -22.39
C LYS D 159 -25.61 -37.30 -21.66
N GLU D 160 -26.08 -37.53 -20.44
CA GLU D 160 -26.77 -36.52 -19.62
C GLU D 160 -25.75 -35.79 -18.77
N PRO D 161 -25.82 -34.46 -18.70
CA PRO D 161 -24.86 -33.71 -17.88
C PRO D 161 -25.06 -34.08 -16.42
N HIS D 162 -23.96 -34.09 -15.65
CA HIS D 162 -24.05 -34.39 -14.23
C HIS D 162 -24.84 -33.33 -13.46
N ASN D 163 -24.91 -32.11 -14.00
CA ASN D 163 -25.58 -30.98 -13.37
C ASN D 163 -25.20 -30.86 -11.88
N ILE D 164 -23.91 -30.67 -11.65
CA ILE D 164 -23.41 -30.45 -10.30
C ILE D 164 -23.84 -29.07 -9.81
N LYS D 165 -24.42 -29.03 -8.63
CA LYS D 165 -25.11 -27.84 -8.14
C LYS D 165 -24.23 -26.91 -7.31
N VAL D 166 -23.31 -27.45 -6.51
CA VAL D 166 -22.45 -26.66 -5.64
C VAL D 166 -21.00 -26.91 -6.02
N TRP D 167 -20.28 -25.84 -6.36
CA TRP D 167 -18.86 -25.87 -6.67
C TRP D 167 -18.07 -25.07 -5.63
N CYS D 168 -16.90 -25.57 -5.28
CA CYS D 168 -15.98 -24.92 -4.35
C CYS D 168 -14.82 -24.29 -5.13
N LEU D 169 -14.55 -22.99 -4.86
CA LEU D 169 -13.51 -22.26 -5.59
C LEU D 169 -12.13 -22.61 -5.00
N GLY D 170 -11.59 -23.72 -5.46
CA GLY D 170 -10.32 -24.16 -4.95
C GLY D 170 -10.44 -24.87 -3.62
N ASN D 171 -9.29 -25.04 -2.99
CA ASN D 171 -9.17 -25.46 -1.61
C ASN D 171 -8.50 -24.32 -0.85
N ALA D 172 -8.60 -24.36 0.47
CA ALA D 172 -7.86 -23.39 1.28
C ALA D 172 -6.41 -23.36 0.83
N MET D 173 -5.86 -22.16 0.64
CA MET D 173 -4.51 -22.05 0.13
C MET D 173 -3.66 -21.09 0.96
N ASP D 174 -4.05 -20.85 2.21
CA ASP D 174 -3.33 -19.91 3.06
C ASP D 174 -2.11 -20.52 3.74
N GLY D 175 -1.93 -21.83 3.66
CA GLY D 175 -0.89 -22.50 4.41
C GLY D 175 0.33 -22.81 3.58
N PRO D 176 1.50 -22.79 4.22
CA PRO D 176 2.75 -23.02 3.49
C PRO D 176 3.01 -24.48 3.14
N TRP D 177 2.09 -25.38 3.43
CA TRP D 177 2.22 -26.76 3.01
C TRP D 177 1.50 -27.04 1.70
N GLN D 178 0.77 -26.06 1.17
CA GLN D 178 -0.12 -26.27 0.04
C GLN D 178 0.55 -25.85 -1.27
N VAL D 179 0.45 -26.71 -2.29
CA VAL D 179 0.80 -26.25 -3.64
C VAL D 179 -0.09 -25.09 -4.06
N GLY D 180 0.49 -24.12 -4.77
CA GLY D 180 -0.25 -22.91 -5.15
C GLY D 180 -0.76 -22.11 -3.97
N HIS D 181 -0.03 -22.09 -2.87
CA HIS D 181 -0.34 -21.19 -1.76
C HIS D 181 -0.57 -19.76 -2.26
N LYS D 182 -1.54 -19.09 -1.67
CA LYS D 182 -1.90 -17.76 -2.13
C LYS D 182 -2.08 -16.82 -0.94
N THR D 183 -1.86 -15.53 -1.20
CA THR D 183 -2.20 -14.47 -0.25
C THR D 183 -3.70 -14.21 -0.34
N MET D 184 -4.23 -13.61 0.74
CA MET D 184 -5.63 -13.23 0.77
C MET D 184 -6.04 -12.50 -0.50
N ASP D 185 -5.22 -11.55 -0.97
CA ASP D 185 -5.65 -10.75 -2.11
C ASP D 185 -5.58 -11.56 -3.40
N GLU D 186 -4.52 -12.35 -3.59
CA GLU D 186 -4.45 -13.23 -4.74
C GLU D 186 -5.66 -14.17 -4.79
N TYR D 187 -5.98 -14.84 -3.67
CA TYR D 187 -7.08 -15.79 -3.70
C TYR D 187 -8.40 -15.07 -3.94
N GLY D 188 -8.61 -13.93 -3.26
CA GLY D 188 -9.83 -13.16 -3.46
C GLY D 188 -10.06 -12.77 -4.90
N ARG D 189 -9.00 -12.38 -5.60
CA ARG D 189 -9.14 -11.99 -7.00
C ARG D 189 -9.45 -13.19 -7.89
N ILE D 190 -8.72 -14.30 -7.71
CA ILE D 190 -8.95 -15.45 -8.59
C ILE D 190 -10.30 -16.08 -8.29
N ALA D 191 -10.75 -16.05 -7.03
CA ALA D 191 -12.06 -16.58 -6.71
C ALA D 191 -13.16 -15.69 -7.26
N GLU D 192 -12.96 -14.37 -7.22
CA GLU D 192 -13.93 -13.45 -7.82
C GLU D 192 -14.07 -13.71 -9.32
N GLU D 193 -12.95 -13.76 -10.03
CA GLU D 193 -13.02 -13.85 -11.50
C GLU D 193 -13.52 -15.21 -11.92
N THR D 194 -13.12 -16.27 -11.20
CA THR D 194 -13.60 -17.60 -11.52
C THR D 194 -15.10 -17.71 -11.27
N ALA D 195 -15.61 -17.12 -10.19
CA ALA D 195 -17.04 -17.17 -9.93
C ALA D 195 -17.81 -16.41 -11.00
N ARG D 196 -17.32 -15.24 -11.39
CA ARG D 196 -17.97 -14.44 -12.41
C ARG D 196 -18.12 -15.22 -13.71
N ALA D 197 -17.03 -15.84 -14.17
CA ALA D 197 -17.09 -16.60 -15.42
C ALA D 197 -17.97 -17.83 -15.27
N MET D 198 -17.82 -18.56 -14.16
CA MET D 198 -18.60 -19.78 -13.97
C MET D 198 -20.10 -19.49 -13.99
N LYS D 199 -20.52 -18.41 -13.33
CA LYS D 199 -21.94 -18.12 -13.28
C LYS D 199 -22.48 -17.67 -14.64
N MET D 200 -21.60 -17.25 -15.54
CA MET D 200 -22.03 -16.96 -16.92
C MET D 200 -22.27 -18.24 -17.72
N ILE D 201 -21.59 -19.34 -17.40
CA ILE D 201 -21.85 -20.60 -18.06
C ILE D 201 -23.15 -21.20 -17.53
N ASP D 202 -23.35 -21.16 -16.22
CA ASP D 202 -24.51 -21.83 -15.61
C ASP D 202 -24.94 -20.98 -14.42
N PRO D 203 -25.94 -20.11 -14.60
CA PRO D 203 -26.40 -19.25 -13.48
C PRO D 203 -27.05 -20.01 -12.35
N SER D 204 -27.36 -21.29 -12.50
CA SER D 204 -28.08 -21.99 -11.45
C SER D 204 -27.18 -22.56 -10.37
N ILE D 205 -25.86 -22.64 -10.59
CA ILE D 205 -24.99 -23.23 -9.57
C ILE D 205 -24.87 -22.30 -8.37
N GLU D 206 -24.45 -22.87 -7.24
CA GLU D 206 -23.97 -22.13 -6.09
C GLU D 206 -22.46 -22.31 -5.94
N LEU D 207 -21.79 -21.30 -5.39
CA LEU D 207 -20.33 -21.27 -5.30
C LEU D 207 -19.89 -21.07 -3.85
N VAL D 208 -18.86 -21.83 -3.44
CA VAL D 208 -18.24 -21.75 -2.12
C VAL D 208 -16.89 -21.05 -2.27
N ALA D 209 -16.70 -19.96 -1.53
CA ALA D 209 -15.37 -19.39 -1.35
C ALA D 209 -14.68 -20.05 -0.18
N CYS D 210 -13.37 -20.26 -0.32
CA CYS D 210 -12.59 -20.94 0.71
C CYS D 210 -12.21 -19.99 1.83
N GLY D 211 -12.52 -20.38 3.07
CA GLY D 211 -12.02 -19.66 4.23
C GLY D 211 -10.60 -20.08 4.55
N SER D 212 -10.18 -19.77 5.79
CA SER D 212 -8.84 -20.12 6.21
C SER D 212 -8.67 -21.63 6.33
N SER D 213 -7.43 -22.10 6.21
CA SER D 213 -7.08 -23.48 6.61
C SER D 213 -7.71 -23.87 7.94
N SER D 214 -7.59 -22.99 8.93
CA SER D 214 -8.08 -23.23 10.27
C SER D 214 -8.16 -21.88 10.99
N LYS D 215 -8.85 -21.86 12.12
CA LYS D 215 -8.94 -20.61 12.88
C LYS D 215 -7.62 -20.19 13.49
N ASP D 216 -6.60 -21.04 13.46
CA ASP D 216 -5.31 -20.70 14.06
C ASP D 216 -4.36 -20.06 13.08
N MET D 217 -4.68 -20.08 11.80
CA MET D 217 -3.90 -19.32 10.86
C MET D 217 -3.90 -17.86 11.32
N PRO D 218 -2.75 -17.20 11.32
CA PRO D 218 -2.75 -15.76 11.67
C PRO D 218 -3.58 -14.93 10.70
N THR D 219 -3.69 -15.35 9.44
CA THR D 219 -4.52 -14.60 8.50
C THR D 219 -6.02 -14.87 8.69
N PHE D 220 -6.43 -15.66 9.64
CA PHE D 220 -7.84 -15.76 9.90
C PHE D 220 -8.16 -14.73 10.98
N PRO D 221 -9.21 -13.93 10.83
CA PRO D 221 -10.24 -14.11 9.85
C PRO D 221 -10.19 -13.05 8.78
N GLN D 222 -9.05 -12.41 8.61
CA GLN D 222 -8.90 -11.42 7.60
C GLN D 222 -9.02 -12.04 6.24
N TRP D 223 -8.61 -13.28 6.11
CA TRP D 223 -8.70 -13.98 4.83
C TRP D 223 -10.14 -14.04 4.37
N GLU D 224 -11.02 -14.58 5.22
CA GLU D 224 -12.45 -14.65 4.93
C GLU D 224 -12.98 -13.30 4.48
N ALA D 225 -12.61 -12.24 5.22
CA ALA D 225 -13.13 -10.90 4.96
C ALA D 225 -12.67 -10.39 3.61
N THR D 226 -11.39 -10.55 3.31
CA THR D 226 -10.85 -10.11 2.03
C THR D 226 -11.48 -10.85 0.86
N VAL D 227 -11.64 -12.18 0.98
CA VAL D 227 -12.22 -12.95 -0.12
C VAL D 227 -13.65 -12.54 -0.37
N LEU D 228 -14.41 -12.31 0.70
CA LEU D 228 -15.81 -11.94 0.52
C LEU D 228 -15.91 -10.52 -0.01
N ASP D 229 -14.98 -9.65 0.38
CA ASP D 229 -14.95 -8.30 -0.15
C ASP D 229 -14.79 -8.33 -1.67
N TYR D 230 -13.96 -9.24 -2.18
CA TYR D 230 -13.77 -9.33 -3.62
C TYR D 230 -14.97 -9.98 -4.32
N ALA D 231 -15.48 -11.09 -3.77
CA ALA D 231 -16.32 -12.00 -4.52
C ALA D 231 -17.78 -12.01 -4.05
N TYR D 232 -18.15 -11.13 -3.10
CA TYR D 232 -19.44 -11.19 -2.43
C TYR D 232 -20.60 -11.41 -3.39
N ASP D 233 -20.64 -10.66 -4.48
CA ASP D 233 -21.80 -10.74 -5.35
C ASP D 233 -21.85 -12.03 -6.17
N TYR D 234 -20.79 -12.84 -6.18
CA TYR D 234 -20.74 -14.02 -7.03
C TYR D 234 -20.71 -15.33 -6.27
N VAL D 235 -20.71 -15.30 -4.94
CA VAL D 235 -20.60 -16.52 -4.16
C VAL D 235 -21.75 -16.62 -3.17
N ASP D 236 -21.98 -17.83 -2.70
CA ASP D 236 -23.08 -18.12 -1.80
C ASP D 236 -22.63 -18.62 -0.45
N TYR D 237 -21.43 -19.17 -0.34
CA TYR D 237 -20.97 -19.73 0.91
C TYR D 237 -19.53 -19.33 1.13
N ILE D 238 -19.16 -19.30 2.40
CA ILE D 238 -17.78 -19.30 2.85
C ILE D 238 -17.54 -20.62 3.56
N SER D 239 -16.33 -21.16 3.44
CA SER D 239 -16.07 -22.46 4.05
C SER D 239 -15.24 -22.32 5.34
N LEU D 240 -15.44 -23.29 6.23
CA LEU D 240 -14.72 -23.41 7.49
C LEU D 240 -14.20 -24.84 7.62
N HIS D 241 -13.04 -24.96 8.25
CA HIS D 241 -12.40 -26.24 8.51
C HIS D 241 -12.09 -26.32 10.00
N GLN D 242 -12.33 -27.47 10.62
CA GLN D 242 -11.98 -27.61 12.03
C GLN D 242 -11.77 -29.07 12.39
N TYR D 243 -10.66 -29.36 13.05
CA TYR D 243 -10.37 -30.67 13.60
C TYR D 243 -9.92 -30.51 15.05
N TYR D 244 -10.15 -31.55 15.84
CA TYR D 244 -9.75 -31.60 17.24
C TYR D 244 -9.04 -32.91 17.53
N GLY D 245 -8.07 -32.85 18.46
CA GLY D 245 -7.36 -34.02 18.91
C GLY D 245 -7.29 -34.09 20.42
N ASN D 246 -6.81 -35.23 20.92
CA ASN D 246 -6.66 -35.43 22.37
C ASN D 246 -5.29 -36.00 22.68
N LYS D 247 -4.26 -35.42 22.08
CA LYS D 247 -2.90 -35.78 22.47
C LYS D 247 -2.64 -35.44 23.93
N GLU D 248 -3.20 -34.32 24.42
CA GLU D 248 -3.04 -33.97 25.83
C GLU D 248 -3.58 -35.07 26.74
N ASN D 249 -4.54 -35.85 26.23
CA ASN D 249 -5.20 -36.93 26.98
C ASN D 249 -5.97 -36.39 28.18
N ASP D 250 -6.69 -35.30 27.96
CA ASP D 250 -7.61 -34.73 28.94
C ASP D 250 -9.00 -34.89 28.36
N THR D 251 -9.68 -35.97 28.74
CA THR D 251 -10.98 -36.25 28.14
C THR D 251 -11.99 -35.15 28.45
N ALA D 252 -12.02 -34.66 29.68
CA ALA D 252 -13.01 -33.64 30.03
C ALA D 252 -12.76 -32.34 29.27
N ASP D 253 -11.50 -31.95 29.14
CA ASP D 253 -11.15 -30.79 28.33
C ASP D 253 -11.42 -31.06 26.85
N PHE D 254 -11.06 -32.25 26.37
CA PHE D 254 -11.30 -32.63 24.99
C PHE D 254 -12.78 -32.48 24.62
N LEU D 255 -13.68 -32.84 25.53
CA LEU D 255 -15.11 -32.72 25.24
C LEU D 255 -15.63 -31.30 25.40
N ALA D 256 -14.86 -30.41 26.01
CA ALA D 256 -15.26 -29.01 26.08
C ALA D 256 -15.04 -28.25 24.77
N LYS D 257 -14.21 -28.81 23.85
CA LYS D 257 -13.76 -28.07 22.69
C LYS D 257 -14.87 -27.74 21.70
N SER D 258 -16.05 -28.38 21.80
CA SER D 258 -17.19 -27.97 20.98
C SER D 258 -17.59 -26.53 21.30
N ASP D 259 -17.26 -26.04 22.49
CA ASP D 259 -17.46 -24.63 22.81
C ASP D 259 -16.54 -23.73 21.98
N ASP D 260 -15.34 -24.22 21.64
CA ASP D 260 -14.51 -23.47 20.71
C ASP D 260 -15.07 -23.52 19.30
N LEU D 261 -15.70 -24.64 18.92
CA LEU D 261 -16.39 -24.71 17.64
C LEU D 261 -17.50 -23.67 17.57
N ASP D 262 -18.25 -23.53 18.66
CA ASP D 262 -19.29 -22.51 18.74
C ASP D 262 -18.72 -21.11 18.48
N ASP D 263 -17.66 -20.73 19.19
CA ASP D 263 -17.05 -19.41 19.00
C ASP D 263 -16.54 -19.24 17.56
N PHE D 264 -15.92 -20.27 17.00
CA PHE D 264 -15.38 -20.21 15.64
C PHE D 264 -16.48 -19.89 14.63
N ILE D 265 -17.60 -20.60 14.70
CA ILE D 265 -18.72 -20.39 13.78
C ILE D 265 -19.22 -18.95 13.91
N ARG D 266 -19.41 -18.51 15.15
CA ARG D 266 -19.88 -17.14 15.37
C ARG D 266 -18.88 -16.13 14.85
N SER D 267 -17.58 -16.43 14.88
CA SER D 267 -16.60 -15.50 14.33
C SER D 267 -16.75 -15.37 12.82
N VAL D 268 -16.95 -16.49 12.13
CA VAL D 268 -17.09 -16.46 10.69
C VAL D 268 -18.37 -15.73 10.31
N ILE D 269 -19.44 -15.96 11.06
CA ILE D 269 -20.70 -15.27 10.77
C ILE D 269 -20.53 -13.76 10.90
N ALA D 270 -19.92 -13.31 12.00
CA ALA D 270 -19.71 -11.87 12.17
C ALA D 270 -18.92 -11.29 11.00
N THR D 271 -17.89 -12.02 10.55
CA THR D 271 -17.14 -11.59 9.38
C THR D 271 -18.02 -11.46 8.16
N CYS D 272 -18.92 -12.43 7.94
CA CYS D 272 -19.82 -12.33 6.80
C CYS D 272 -20.69 -11.08 6.90
N ASP D 273 -21.26 -10.85 8.08
CA ASP D 273 -22.19 -9.73 8.25
C ASP D 273 -21.45 -8.40 8.22
N TYR D 274 -20.18 -8.39 8.63
CA TYR D 274 -19.38 -7.20 8.45
C TYR D 274 -19.26 -6.83 6.98
N ILE D 275 -18.92 -7.81 6.14
CA ILE D 275 -18.73 -7.54 4.71
C ILE D 275 -20.07 -7.22 4.05
N LYS D 276 -21.14 -7.86 4.49
CA LYS D 276 -22.48 -7.58 3.97
C LYS D 276 -22.84 -6.10 4.13
N ALA D 277 -22.67 -5.58 5.35
CA ALA D 277 -22.91 -4.17 5.64
C ALA D 277 -22.01 -3.27 4.80
N LYS D 278 -20.76 -3.68 4.60
CA LYS D 278 -19.83 -2.95 3.73
C LYS D 278 -20.33 -2.88 2.29
N LYS D 279 -20.90 -3.97 1.78
CA LYS D 279 -21.42 -3.99 0.42
C LYS D 279 -22.83 -3.46 0.31
N ARG D 280 -23.53 -3.30 1.45
CA ARG D 280 -24.95 -2.92 1.46
C ARG D 280 -25.78 -3.92 0.67
N SER D 281 -25.44 -5.19 0.80
CA SER D 281 -26.15 -6.25 0.12
C SER D 281 -27.33 -6.72 0.95
N LYS D 282 -28.41 -7.09 0.28
CA LYS D 282 -29.46 -7.80 0.99
C LYS D 282 -29.14 -9.29 1.17
N LYS D 283 -28.15 -9.81 0.45
CA LYS D 283 -27.83 -11.23 0.51
C LYS D 283 -26.99 -11.57 1.74
N ASP D 284 -27.37 -12.66 2.40
CA ASP D 284 -26.59 -13.25 3.47
C ASP D 284 -25.68 -14.32 2.88
N ILE D 285 -24.41 -14.32 3.28
CA ILE D 285 -23.53 -15.42 2.96
C ILE D 285 -23.81 -16.56 3.93
N TYR D 286 -23.92 -17.79 3.41
CA TYR D 286 -24.11 -18.95 4.28
C TYR D 286 -22.79 -19.69 4.47
N LEU D 287 -22.75 -20.55 5.47
CA LEU D 287 -21.53 -21.25 5.84
C LEU D 287 -21.57 -22.69 5.33
N SER D 288 -20.45 -23.13 4.74
CA SER D 288 -20.26 -24.50 4.31
C SER D 288 -19.09 -25.05 5.14
N PHE D 289 -19.42 -25.81 6.19
CA PHE D 289 -18.42 -26.36 7.10
C PHE D 289 -17.89 -27.67 6.51
N ASP D 290 -17.10 -27.53 5.44
CA ASP D 290 -16.85 -28.65 4.55
C ASP D 290 -15.62 -29.45 4.92
N GLU D 291 -15.03 -29.21 6.09
CA GLU D 291 -14.08 -30.14 6.69
C GLU D 291 -14.27 -30.07 8.19
N TRP D 292 -14.73 -31.17 8.79
CA TRP D 292 -14.81 -31.23 10.24
C TRP D 292 -14.76 -32.69 10.68
N ASN D 293 -14.06 -32.93 11.79
CA ASN D 293 -13.93 -34.25 12.40
C ASN D 293 -12.95 -34.22 13.57
N VAL D 294 -12.76 -35.38 14.24
CA VAL D 294 -11.63 -35.61 15.12
C VAL D 294 -10.50 -36.18 14.27
N TRP D 295 -9.26 -35.79 14.57
CA TRP D 295 -8.10 -36.21 13.78
C TRP D 295 -6.84 -35.98 14.64
N TYR D 296 -6.20 -37.06 15.09
CA TYR D 296 -4.96 -36.95 15.85
C TYR D 296 -4.20 -38.26 15.98
N HIS D 297 -4.91 -39.39 15.91
CA HIS D 297 -4.29 -40.69 16.19
C HIS D 297 -3.16 -41.01 15.23
N SER D 298 -3.41 -40.91 13.93
CA SER D 298 -2.45 -41.41 12.97
C SER D 298 -1.32 -40.44 12.64
N ASN D 299 -1.16 -39.36 13.42
CA ASN D 299 -0.21 -38.31 13.04
C ASN D 299 1.21 -38.83 12.88
N ASN D 300 1.66 -39.70 13.80
CA ASN D 300 3.05 -40.15 13.71
C ASN D 300 3.27 -41.12 12.54
N GLU D 301 2.35 -42.05 12.32
CA GLU D 301 2.52 -42.99 11.22
C GLU D 301 2.50 -42.28 9.87
N ASP D 302 1.70 -41.22 9.74
CA ASP D 302 1.67 -40.49 8.48
C ASP D 302 3.04 -39.94 8.13
N ALA D 303 3.81 -39.53 9.15
CA ALA D 303 5.14 -38.96 8.94
C ALA D 303 6.17 -40.02 8.54
N ASN D 304 5.98 -41.29 8.92
CA ASN D 304 6.86 -42.34 8.38
C ASN D 304 6.70 -42.45 6.88
N ILE D 305 5.45 -42.62 6.43
CA ILE D 305 5.16 -42.92 5.03
C ILE D 305 5.62 -41.77 4.14
N MET D 306 5.33 -40.52 4.53
CA MET D 306 5.93 -39.34 3.94
C MET D 306 6.93 -38.78 4.93
N GLN D 307 8.23 -38.88 4.62
CA GLN D 307 8.66 -39.39 3.34
C GLN D 307 9.79 -40.39 3.52
N ASN D 308 9.44 -41.61 3.89
CA ASN D 308 10.34 -42.76 3.84
C ASN D 308 9.77 -43.88 2.96
N GLU D 309 8.56 -43.73 2.47
CA GLU D 309 8.00 -44.63 1.49
C GLU D 309 7.11 -43.83 0.54
N PRO D 310 7.62 -42.78 -0.10
CA PRO D 310 6.75 -41.95 -0.94
C PRO D 310 6.57 -42.54 -2.32
N TRP D 311 5.55 -42.03 -3.00
CA TRP D 311 5.22 -42.37 -4.39
C TRP D 311 4.63 -43.77 -4.51
N ARG D 312 3.92 -44.23 -3.48
CA ARG D 312 3.07 -45.39 -3.59
C ARG D 312 1.68 -44.98 -4.05
N ILE D 313 0.95 -45.94 -4.62
CA ILE D 313 -0.48 -45.78 -4.81
C ILE D 313 -1.15 -46.20 -3.50
N ALA D 314 -2.07 -45.39 -3.03
CA ALA D 314 -2.84 -45.79 -1.85
C ALA D 314 -2.06 -46.14 -0.58
N PRO D 315 -1.09 -45.36 -0.14
CA PRO D 315 -0.49 -45.64 1.17
C PRO D 315 -1.52 -45.47 2.25
N PRO D 316 -1.36 -46.13 3.38
CA PRO D 316 -2.41 -46.03 4.43
C PRO D 316 -2.31 -44.77 5.29
N LEU D 317 -2.58 -43.62 4.65
CA LEU D 317 -2.51 -42.33 5.32
C LEU D 317 -3.78 -42.01 6.11
N LEU D 318 -3.59 -41.24 7.20
CA LEU D 318 -4.68 -40.65 7.98
C LEU D 318 -5.67 -41.69 8.54
N GLU D 319 -5.24 -42.94 8.69
CA GLU D 319 -6.14 -44.01 9.14
C GLU D 319 -6.25 -43.99 10.66
N ASP D 320 -6.94 -42.96 11.16
CA ASP D 320 -7.27 -42.90 12.57
C ASP D 320 -8.22 -44.04 12.93
N ILE D 321 -8.03 -44.61 14.12
CA ILE D 321 -8.98 -45.55 14.70
C ILE D 321 -9.58 -44.88 15.93
N TYR D 322 -10.88 -44.64 15.87
CA TYR D 322 -11.54 -43.76 16.80
C TYR D 322 -11.96 -44.50 18.05
N THR D 323 -11.86 -43.81 19.19
CA THR D 323 -12.27 -44.28 20.48
C THR D 323 -13.70 -43.80 20.77
N PHE D 324 -14.20 -44.13 21.96
CA PHE D 324 -15.58 -43.75 22.27
C PHE D 324 -15.68 -42.27 22.66
N GLU D 325 -14.68 -41.74 23.34
CA GLU D 325 -14.61 -40.30 23.58
C GLU D 325 -14.60 -39.53 22.26
N ASP D 326 -13.85 -40.00 21.25
CA ASP D 326 -13.88 -39.39 19.93
C ASP D 326 -15.31 -39.29 19.40
N ALA D 327 -16.08 -40.36 19.58
CA ALA D 327 -17.47 -40.35 19.13
C ALA D 327 -18.32 -39.37 19.94
N LEU D 328 -17.98 -39.18 21.21
CA LEU D 328 -18.70 -38.19 22.01
C LEU D 328 -18.52 -36.80 21.42
N LEU D 329 -17.26 -36.41 21.16
CA LEU D 329 -17.00 -35.08 20.59
C LEU D 329 -17.56 -34.92 19.19
N VAL D 330 -17.59 -35.99 18.40
CA VAL D 330 -18.27 -35.91 17.10
C VAL D 330 -19.74 -35.58 17.30
N GLY D 331 -20.38 -36.22 18.30
CA GLY D 331 -21.76 -35.89 18.61
C GLY D 331 -21.95 -34.47 19.11
N LEU D 332 -20.94 -33.93 19.82
CA LEU D 332 -21.00 -32.55 20.29
C LEU D 332 -20.88 -31.58 19.12
N MET D 333 -19.88 -31.80 18.26
CA MET D 333 -19.78 -31.05 17.02
C MET D 333 -21.09 -31.06 16.24
N LEU D 334 -21.76 -32.22 16.16
CA LEU D 334 -23.01 -32.25 15.42
C LEU D 334 -24.09 -31.40 16.10
N ILE D 335 -24.15 -31.43 17.44
CA ILE D 335 -25.11 -30.61 18.15
C ILE D 335 -24.82 -29.12 17.92
N THR D 336 -23.54 -28.75 17.99
CA THR D 336 -23.14 -27.38 17.68
C THR D 336 -23.53 -26.98 16.25
N LEU D 337 -23.29 -27.84 15.27
CA LEU D 337 -23.69 -27.55 13.89
C LEU D 337 -25.20 -27.33 13.78
N MET D 338 -25.99 -28.17 14.46
CA MET D 338 -27.44 -27.97 14.45
C MET D 338 -27.83 -26.62 15.03
N LYS D 339 -27.21 -26.24 16.16
CA LYS D 339 -27.53 -24.97 16.80
C LYS D 339 -27.29 -23.76 15.90
N HIS D 340 -26.60 -23.96 14.76
CA HIS D 340 -26.29 -22.88 13.84
C HIS D 340 -26.87 -23.14 12.46
N ALA D 341 -27.93 -23.94 12.38
CA ALA D 341 -28.54 -24.27 11.11
C ALA D 341 -29.12 -23.04 10.41
N ASP D 342 -29.28 -21.91 11.12
CA ASP D 342 -29.75 -20.71 10.45
C ASP D 342 -28.74 -20.20 9.43
N ARG D 343 -27.44 -20.45 9.66
CA ARG D 343 -26.42 -20.00 8.73
C ARG D 343 -25.52 -21.09 8.17
N ILE D 344 -25.43 -22.25 8.81
CA ILE D 344 -24.66 -23.37 8.27
C ILE D 344 -25.61 -24.22 7.42
N LYS D 345 -25.42 -24.22 6.11
CA LYS D 345 -26.32 -24.94 5.21
C LYS D 345 -25.66 -26.11 4.52
N ILE D 346 -24.34 -26.22 4.56
CA ILE D 346 -23.59 -27.37 4.08
C ILE D 346 -22.57 -27.72 5.14
N ALA D 347 -22.38 -29.02 5.40
CA ALA D 347 -21.30 -29.48 6.26
C ALA D 347 -20.81 -30.82 5.73
N CYS D 348 -19.52 -31.10 5.90
CA CYS D 348 -18.90 -32.32 5.38
C CYS D 348 -18.02 -32.93 6.44
N LEU D 349 -18.44 -34.06 7.00
CA LEU D 349 -17.55 -34.83 7.85
C LEU D 349 -16.37 -35.31 7.02
N ALA D 350 -15.16 -34.95 7.47
CA ALA D 350 -13.94 -35.25 6.72
C ALA D 350 -13.26 -36.43 7.39
N GLN D 351 -13.10 -37.55 6.67
CA GLN D 351 -13.71 -37.83 5.39
C GLN D 351 -14.56 -39.10 5.52
N LEU D 352 -14.97 -39.68 4.39
CA LEU D 352 -15.99 -40.73 4.39
C LEU D 352 -15.43 -42.16 4.46
N ILE D 353 -14.38 -42.47 3.70
CA ILE D 353 -13.85 -43.84 3.57
C ILE D 353 -12.39 -43.83 3.98
N ASN D 354 -12.06 -44.66 4.97
CA ASN D 354 -10.71 -44.99 5.41
C ASN D 354 -9.92 -43.81 5.97
N VAL D 355 -9.97 -42.67 5.29
CA VAL D 355 -9.26 -41.47 5.73
C VAL D 355 -10.10 -40.76 6.78
N ILE D 356 -9.59 -40.67 8.00
CA ILE D 356 -10.27 -40.12 9.17
C ILE D 356 -11.77 -40.33 9.05
N ALA D 357 -12.17 -41.61 9.02
CA ALA D 357 -13.46 -41.94 8.46
C ALA D 357 -14.34 -42.73 9.42
N PRO D 358 -15.67 -42.60 9.27
CA PRO D 358 -16.58 -43.51 9.98
C PRO D 358 -16.59 -44.93 9.40
N ILE D 359 -16.22 -45.10 8.13
CA ILE D 359 -16.23 -46.38 7.43
C ILE D 359 -14.77 -46.73 7.11
N VAL D 360 -14.25 -47.82 7.73
CA VAL D 360 -12.94 -48.41 7.41
C VAL D 360 -13.15 -49.67 6.58
N THR D 361 -12.23 -49.93 5.65
CA THR D 361 -12.07 -51.25 5.05
C THR D 361 -10.65 -51.73 5.32
N GLU D 362 -10.53 -52.97 5.78
CA GLU D 362 -9.22 -53.54 6.04
C GLU D 362 -8.36 -53.50 4.79
N ARG D 363 -7.06 -53.28 5.00
CA ARG D 363 -6.09 -53.12 3.93
C ARG D 363 -6.12 -54.33 3.00
N ASN D 364 -5.91 -54.07 1.72
CA ASN D 364 -5.70 -55.12 0.73
C ASN D 364 -6.94 -56.00 0.57
N GLY D 365 -8.08 -55.35 0.44
CA GLY D 365 -9.23 -55.98 -0.12
C GLY D 365 -10.30 -56.51 0.80
N GLY D 366 -10.41 -56.00 2.02
CA GLY D 366 -11.62 -56.19 2.82
C GLY D 366 -11.23 -56.57 4.22
N ALA D 367 -12.20 -56.49 5.13
CA ALA D 367 -13.64 -56.51 4.93
C ALA D 367 -14.20 -55.10 4.84
N ALA D 368 -14.76 -54.60 5.95
CA ALA D 368 -15.44 -53.31 6.05
C ALA D 368 -16.17 -53.22 7.40
N TRP D 369 -16.01 -52.13 8.14
CA TRP D 369 -16.68 -51.99 9.42
C TRP D 369 -16.92 -50.53 9.74
N ARG D 370 -17.57 -50.28 10.88
CA ARG D 370 -17.94 -48.96 11.34
C ARG D 370 -17.11 -48.57 12.55
N GLN D 371 -16.53 -47.37 12.51
CA GLN D 371 -15.84 -46.85 13.67
C GLN D 371 -16.85 -46.32 14.68
N THR D 372 -16.36 -45.93 15.86
CA THR D 372 -17.25 -45.40 16.89
C THR D 372 -17.98 -44.14 16.42
N ILE D 373 -17.35 -43.32 15.58
CA ILE D 373 -17.98 -42.05 15.19
C ILE D 373 -19.10 -42.24 14.19
N PHE D 374 -19.17 -43.41 13.55
CA PHE D 374 -20.26 -43.70 12.62
C PHE D 374 -21.62 -43.37 13.22
N TYR D 375 -21.81 -43.64 14.53
CA TYR D 375 -23.18 -43.72 15.04
C TYR D 375 -23.79 -42.37 15.43
N PRO D 376 -23.07 -41.45 16.08
CA PRO D 376 -23.67 -40.11 16.29
C PRO D 376 -24.04 -39.44 14.98
N PHE D 377 -23.20 -39.59 13.95
CA PHE D 377 -23.52 -39.02 12.64
C PHE D 377 -24.76 -39.68 12.04
N MET D 378 -24.85 -41.01 12.10
CA MET D 378 -26.01 -41.67 11.52
C MET D 378 -27.30 -41.24 12.21
N HIS D 379 -27.27 -41.14 13.54
CA HIS D 379 -28.42 -40.68 14.30
C HIS D 379 -28.81 -39.26 13.92
N ALA D 380 -27.83 -38.34 13.99
CA ALA D 380 -28.07 -36.94 13.64
C ALA D 380 -28.63 -36.81 12.23
N SER D 381 -28.14 -37.61 11.29
CA SER D 381 -28.64 -37.52 9.92
C SER D 381 -29.99 -38.20 9.76
N LYS D 382 -30.25 -39.26 10.53
CA LYS D 382 -31.54 -39.96 10.41
C LYS D 382 -32.67 -39.16 11.06
N TYR D 383 -32.41 -38.58 12.23
CA TYR D 383 -33.45 -37.97 13.05
C TYR D 383 -33.45 -36.45 13.05
N GLY D 384 -32.35 -35.80 12.64
CA GLY D 384 -32.23 -34.37 12.74
C GLY D 384 -32.62 -33.62 11.48
N ARG D 385 -33.70 -34.04 10.85
CA ARG D 385 -34.22 -33.40 9.65
C ARG D 385 -35.61 -32.86 9.97
N GLY D 386 -35.67 -31.62 10.39
CA GLY D 386 -36.90 -30.92 10.64
C GLY D 386 -36.61 -29.46 10.86
N ILE D 387 -36.92 -28.95 12.05
CA ILE D 387 -36.78 -27.52 12.35
C ILE D 387 -36.09 -27.41 13.70
N VAL D 388 -34.94 -26.74 13.75
CA VAL D 388 -34.19 -26.63 14.99
C VAL D 388 -34.90 -25.64 15.93
N LEU D 389 -35.10 -26.05 17.18
CA LEU D 389 -35.70 -25.19 18.18
C LEU D 389 -34.60 -24.55 19.03
N GLN D 390 -34.93 -23.43 19.66
CA GLN D 390 -33.94 -22.69 20.43
C GLN D 390 -33.68 -23.39 21.76
N PRO D 391 -32.47 -23.76 22.06
CA PRO D 391 -32.19 -24.45 23.32
C PRO D 391 -32.23 -23.52 24.52
N VAL D 392 -33.39 -23.40 25.17
CA VAL D 392 -33.49 -22.61 26.39
C VAL D 392 -33.07 -23.52 27.54
N ILE D 393 -31.82 -23.39 27.98
CA ILE D 393 -31.19 -24.35 28.91
C ILE D 393 -30.55 -23.59 30.06
N ASN D 394 -30.85 -24.01 31.28
CA ASN D 394 -29.96 -23.80 32.43
C ASN D 394 -29.46 -25.17 32.84
N SER D 395 -28.15 -25.36 32.76
CA SER D 395 -27.53 -26.63 33.05
C SER D 395 -26.33 -26.39 33.95
N PRO D 396 -25.98 -27.35 34.80
CA PRO D 396 -24.79 -27.16 35.66
C PRO D 396 -23.55 -26.96 34.81
N LEU D 397 -22.57 -26.27 35.38
CA LEU D 397 -21.34 -25.95 34.69
C LEU D 397 -20.18 -26.61 35.41
N HIS D 398 -19.02 -26.59 34.73
CA HIS D 398 -17.79 -27.08 35.34
C HIS D 398 -16.61 -26.47 34.61
N ASP D 399 -15.46 -26.50 35.26
CA ASP D 399 -14.21 -26.11 34.65
C ASP D 399 -13.49 -27.36 34.13
N THR D 400 -12.51 -27.14 33.28
CA THR D 400 -11.62 -28.20 32.85
C THR D 400 -10.22 -27.60 32.82
N SER D 401 -9.26 -28.36 32.28
CA SER D 401 -7.89 -27.88 32.17
C SER D 401 -7.84 -26.47 31.59
N LYS D 402 -8.27 -26.32 30.34
CA LYS D 402 -8.16 -25.05 29.62
C LYS D 402 -9.51 -24.46 29.23
N HIS D 403 -10.56 -24.80 29.97
CA HIS D 403 -11.90 -24.30 29.66
C HIS D 403 -12.65 -23.97 30.94
N GLU D 404 -13.38 -22.86 30.90
CA GLU D 404 -14.08 -22.31 32.04
C GLU D 404 -15.58 -22.39 31.81
N ASP D 405 -16.32 -22.72 32.87
CA ASP D 405 -17.79 -22.77 32.84
C ASP D 405 -18.30 -23.58 31.65
N VAL D 406 -17.65 -24.73 31.41
CA VAL D 406 -18.13 -25.68 30.41
C VAL D 406 -19.47 -26.24 30.85
N THR D 407 -20.42 -26.28 29.93
CA THR D 407 -21.73 -26.82 30.27
C THR D 407 -21.68 -28.34 30.26
N ASP D 408 -21.99 -28.96 31.40
CA ASP D 408 -22.48 -30.33 31.35
C ASP D 408 -23.73 -30.33 30.50
N ILE D 409 -24.02 -31.45 29.84
CA ILE D 409 -25.23 -31.54 29.06
C ILE D 409 -25.29 -30.49 27.97
N GLU D 410 -24.87 -30.86 26.76
CA GLU D 410 -25.08 -30.04 25.58
C GLU D 410 -26.25 -30.64 24.81
N SER D 411 -27.21 -29.81 24.41
CA SER D 411 -28.44 -30.37 23.89
C SER D 411 -29.11 -29.43 22.89
N VAL D 412 -29.93 -30.02 22.01
CA VAL D 412 -30.70 -29.30 21.01
C VAL D 412 -31.82 -30.21 20.55
N ALA D 413 -32.93 -29.62 20.12
CA ALA D 413 -34.13 -30.35 19.75
C ALA D 413 -34.56 -29.94 18.35
N ILE D 414 -34.89 -30.93 17.53
CA ILE D 414 -35.34 -30.74 16.16
C ILE D 414 -36.78 -31.24 16.05
N TYR D 415 -37.69 -30.36 15.72
CA TYR D 415 -39.10 -30.70 15.63
C TYR D 415 -39.45 -30.91 14.16
N ASN D 416 -39.89 -32.11 13.81
CA ASN D 416 -40.35 -32.37 12.46
C ASN D 416 -41.87 -32.28 12.43
N GLU D 417 -42.37 -31.31 11.66
CA GLU D 417 -43.82 -31.12 11.56
C GLU D 417 -44.48 -32.27 10.80
N GLU D 418 -43.82 -32.76 9.74
CA GLU D 418 -44.37 -33.86 8.96
C GLU D 418 -44.52 -35.12 9.82
N LYS D 419 -43.41 -35.64 10.35
CA LYS D 419 -43.51 -36.80 11.21
C LYS D 419 -44.26 -36.53 12.51
N GLU D 420 -44.53 -35.25 12.83
CA GLU D 420 -45.06 -34.82 14.13
C GLU D 420 -44.31 -35.43 15.30
N GLU D 421 -43.01 -35.71 15.12
CA GLU D 421 -42.12 -36.09 16.20
C GLU D 421 -41.21 -34.93 16.57
N VAL D 422 -40.72 -34.96 17.80
CA VAL D 422 -39.68 -34.08 18.28
C VAL D 422 -38.53 -34.95 18.75
N THR D 423 -37.32 -34.66 18.28
CA THR D 423 -36.13 -35.43 18.61
C THR D 423 -35.16 -34.53 19.37
N ILE D 424 -34.75 -34.98 20.55
CA ILE D 424 -33.76 -34.25 21.35
C ILE D 424 -32.44 -35.00 21.23
N PHE D 425 -31.38 -34.28 20.86
CA PHE D 425 -30.02 -34.79 20.93
C PHE D 425 -29.36 -34.18 22.15
N ALA D 426 -28.71 -35.02 22.94
CA ALA D 426 -28.08 -34.50 24.14
C ALA D 426 -26.89 -35.38 24.46
N VAL D 427 -25.79 -34.73 24.83
CA VAL D 427 -24.59 -35.40 25.29
C VAL D 427 -24.40 -34.99 26.73
N ASN D 428 -24.07 -35.96 27.60
CA ASN D 428 -23.82 -35.59 28.99
C ASN D 428 -22.58 -34.73 29.10
N ARG D 429 -21.44 -35.26 28.67
CA ARG D 429 -20.20 -34.52 28.52
C ARG D 429 -19.52 -34.30 29.87
N ASN D 430 -20.22 -34.50 30.98
CA ASN D 430 -19.58 -34.61 32.29
C ASN D 430 -19.08 -36.04 32.46
N ILE D 431 -17.76 -36.20 32.57
CA ILE D 431 -17.16 -37.53 32.64
C ILE D 431 -17.62 -38.28 33.89
N HIS D 432 -17.90 -37.55 34.96
CA HIS D 432 -18.05 -38.16 36.27
C HIS D 432 -19.50 -38.21 36.75
N GLU D 433 -20.21 -37.08 36.79
CA GLU D 433 -21.57 -37.07 37.31
C GLU D 433 -22.57 -37.49 36.24
N ASP D 434 -23.47 -38.41 36.59
CA ASP D 434 -24.71 -38.56 35.83
C ASP D 434 -25.62 -37.38 36.14
N ILE D 435 -26.52 -37.08 35.19
CA ILE D 435 -27.32 -35.87 35.28
C ILE D 435 -28.73 -36.16 34.75
N VAL D 436 -29.72 -35.67 35.48
CA VAL D 436 -31.11 -35.71 35.05
C VAL D 436 -31.37 -34.49 34.20
N LEU D 437 -32.06 -34.68 33.08
CA LEU D 437 -32.47 -33.56 32.22
C LEU D 437 -33.99 -33.50 32.16
N VAL D 438 -34.54 -32.38 32.64
CA VAL D 438 -35.98 -32.15 32.71
C VAL D 438 -36.37 -31.25 31.55
N SER D 439 -37.19 -31.76 30.63
CA SER D 439 -37.51 -31.06 29.37
C SER D 439 -38.97 -30.64 29.37
N ASP D 440 -39.23 -29.40 29.79
CA ASP D 440 -40.56 -28.79 29.74
C ASP D 440 -40.96 -28.61 28.28
N VAL D 441 -41.46 -29.68 27.69
CA VAL D 441 -41.96 -29.59 26.32
C VAL D 441 -43.23 -28.74 26.35
N ARG D 442 -43.11 -27.44 26.08
CA ARG D 442 -44.27 -26.58 25.92
C ARG D 442 -45.05 -27.04 24.69
N GLY D 443 -45.46 -28.31 24.69
CA GLY D 443 -45.92 -28.99 23.50
C GLY D 443 -47.42 -28.99 23.26
N MET D 444 -48.03 -30.09 22.78
CA MET D 444 -47.51 -31.46 22.64
C MET D 444 -47.01 -32.02 23.96
N ARG D 448 -46.16 -38.06 24.09
CA ARG D 448 -46.00 -39.48 23.86
C ARG D 448 -44.54 -39.85 23.55
N LEU D 449 -43.86 -40.50 24.49
CA LEU D 449 -42.49 -40.94 24.26
C LEU D 449 -42.45 -42.06 23.21
N LEU D 450 -41.34 -42.14 22.48
CA LEU D 450 -41.17 -43.21 21.50
C LEU D 450 -39.96 -44.09 21.75
N GLU D 451 -38.79 -43.52 22.04
CA GLU D 451 -37.62 -44.33 22.42
C GLU D 451 -36.55 -43.41 22.97
N HIS D 452 -35.44 -44.01 23.37
CA HIS D 452 -34.33 -43.33 24.02
C HIS D 452 -33.09 -44.11 23.61
N ILE D 453 -32.60 -43.81 22.39
CA ILE D 453 -31.39 -44.45 21.88
C ILE D 453 -30.19 -43.84 22.59
N VAL D 454 -29.15 -44.64 22.79
CA VAL D 454 -28.03 -44.24 23.62
C VAL D 454 -26.74 -44.84 23.06
N LEU D 455 -25.63 -44.11 23.26
CA LEU D 455 -24.28 -44.56 22.99
C LEU D 455 -23.46 -44.33 24.26
N GLU D 456 -23.29 -45.37 25.09
CA GLU D 456 -22.49 -45.27 26.30
C GLU D 456 -21.49 -46.41 26.36
N HIS D 457 -20.50 -46.27 27.24
CA HIS D 457 -19.50 -47.31 27.44
C HIS D 457 -18.67 -46.97 28.66
N GLN D 458 -18.23 -48.03 29.37
CA GLN D 458 -17.43 -47.83 30.57
C GLN D 458 -16.02 -47.32 30.26
N ASP D 459 -15.52 -47.58 29.06
CA ASP D 459 -14.14 -47.30 28.69
C ASP D 459 -14.15 -46.27 27.57
N LEU D 460 -13.76 -45.04 27.88
CA LEU D 460 -13.83 -44.01 26.85
C LEU D 460 -12.67 -44.06 25.88
N LYS D 461 -11.74 -44.98 26.04
CA LYS D 461 -10.69 -45.19 25.06
C LYS D 461 -10.91 -46.45 24.23
N ILE D 462 -12.08 -47.06 24.36
CA ILE D 462 -12.36 -48.29 23.64
C ILE D 462 -12.70 -47.98 22.18
N ARG D 463 -12.29 -48.87 21.29
CA ARG D 463 -12.43 -48.67 19.87
C ARG D 463 -13.30 -49.76 19.26
N ASN D 464 -13.64 -49.58 17.99
CA ASN D 464 -14.25 -50.62 17.19
C ASN D 464 -13.18 -51.21 16.27
N SER D 465 -13.54 -52.29 15.59
CA SER D 465 -12.59 -52.99 14.73
C SER D 465 -13.38 -53.89 13.79
N VAL D 466 -12.67 -54.49 12.84
CA VAL D 466 -13.31 -55.45 11.95
C VAL D 466 -13.83 -56.66 12.74
N ASN D 467 -13.28 -56.89 13.94
CA ASN D 467 -13.66 -58.02 14.79
C ASN D 467 -14.92 -57.78 15.60
N GLY D 468 -15.52 -56.59 15.53
CA GLY D 468 -16.74 -56.30 16.27
C GLY D 468 -16.82 -54.85 16.73
N GLU D 469 -18.04 -54.42 17.01
CA GLU D 469 -18.32 -53.07 17.45
C GLU D 469 -18.47 -53.07 18.97
N GLU D 470 -17.50 -52.48 19.67
CA GLU D 470 -17.62 -52.25 21.09
C GLU D 470 -18.55 -51.07 21.39
N VAL D 471 -18.76 -50.18 20.43
CA VAL D 471 -19.66 -49.06 20.60
C VAL D 471 -20.71 -49.15 19.51
N TYR D 472 -21.98 -49.14 19.91
CA TYR D 472 -23.11 -49.28 19.00
C TYR D 472 -24.38 -48.87 19.75
N PRO D 473 -25.43 -48.47 19.03
CA PRO D 473 -26.59 -47.86 19.70
C PRO D 473 -27.39 -48.89 20.48
N LYS D 474 -27.67 -48.58 21.75
CA LYS D 474 -28.51 -49.40 22.60
C LYS D 474 -29.84 -48.68 22.84
N ASN D 475 -30.94 -49.45 22.76
CA ASN D 475 -32.28 -48.93 23.00
C ASN D 475 -32.54 -48.73 24.47
N SER D 476 -31.52 -48.54 25.28
CA SER D 476 -31.66 -48.52 26.73
C SER D 476 -32.63 -47.47 27.22
N ASP D 477 -32.88 -47.43 28.55
CA ASP D 477 -33.48 -46.32 29.31
C ASP D 477 -34.99 -46.43 29.44
N LYS D 478 -35.66 -45.74 30.41
CA LYS D 478 -35.18 -44.73 31.39
C LYS D 478 -34.89 -43.33 30.82
N PHE D 481 -41.55 -39.35 30.37
CA PHE D 481 -42.35 -38.27 29.81
C PHE D 481 -43.81 -38.34 30.23
N ASP D 482 -44.25 -37.40 31.07
CA ASP D 482 -45.57 -37.50 31.70
C ASP D 482 -46.46 -36.30 31.41
N ASP D 483 -46.67 -35.47 32.44
CA ASP D 483 -47.55 -34.30 32.43
C ASP D 483 -47.47 -33.58 31.10
N GLY D 484 -46.42 -32.80 30.94
CA GLY D 484 -45.98 -32.29 29.65
C GLY D 484 -44.48 -32.18 29.77
N ILE D 485 -43.93 -32.99 30.67
CA ILE D 485 -42.54 -32.84 31.08
C ILE D 485 -41.79 -34.13 30.77
N LEU D 486 -40.84 -34.02 29.85
CA LEU D 486 -39.90 -35.09 29.56
C LEU D 486 -38.91 -35.23 30.71
N THR D 487 -38.74 -36.45 31.20
CA THR D 487 -37.74 -36.74 32.22
C THR D 487 -36.79 -37.81 31.69
N SER D 488 -35.51 -37.47 31.64
CA SER D 488 -34.51 -38.35 31.04
C SER D 488 -33.24 -38.32 31.87
N MET D 489 -32.68 -39.50 32.10
CA MET D 489 -31.38 -39.62 32.76
C MET D 489 -30.29 -39.70 31.69
N LEU D 490 -29.26 -38.89 31.85
CA LEU D 490 -28.13 -38.86 30.92
C LEU D 490 -26.92 -39.37 31.69
N ARG D 491 -26.55 -40.62 31.41
CA ARG D 491 -25.39 -41.25 32.03
C ARG D 491 -24.14 -40.42 31.77
N ARG D 492 -23.16 -40.52 32.69
CA ARG D 492 -21.86 -39.86 32.50
C ARG D 492 -21.33 -40.17 31.11
N ALA D 493 -20.85 -39.14 30.41
CA ALA D 493 -20.19 -39.29 29.11
C ALA D 493 -21.00 -40.19 28.17
N SER D 494 -22.17 -39.70 27.78
CA SER D 494 -23.02 -40.46 26.89
C SER D 494 -23.57 -39.59 25.78
N TRP D 495 -23.96 -40.26 24.70
CA TRP D 495 -24.70 -39.67 23.58
C TRP D 495 -26.15 -40.16 23.63
N ASN D 496 -27.10 -39.23 23.62
CA ASN D 496 -28.50 -39.58 23.82
C ASN D 496 -29.38 -39.01 22.71
N VAL D 497 -30.33 -39.82 22.24
CA VAL D 497 -31.28 -39.43 21.18
C VAL D 497 -32.68 -39.77 21.69
N ILE D 498 -33.33 -38.79 22.31
CA ILE D 498 -34.66 -38.98 22.91
C ILE D 498 -35.72 -38.49 21.94
N ARG D 499 -36.76 -39.29 21.73
CA ARG D 499 -37.77 -39.04 20.71
C ARG D 499 -39.17 -39.11 21.30
N ILE D 500 -40.00 -38.10 20.98
CA ILE D 500 -41.39 -38.03 21.44
C ILE D 500 -42.28 -37.72 20.23
N GLY D 501 -43.59 -37.90 20.44
CA GLY D 501 -44.59 -37.61 19.41
C GLY D 501 -46.00 -38.06 19.74
N LYS E 1 -30.93 33.41 -36.39
CA LYS E 1 -31.16 33.13 -37.80
C LYS E 1 -29.84 32.92 -38.57
N LYS E 2 -28.77 33.61 -38.18
CA LYS E 2 -27.50 33.56 -38.90
C LYS E 2 -26.38 33.03 -38.02
N ALA E 3 -25.46 32.29 -38.64
CA ALA E 3 -24.22 31.91 -37.99
C ALA E 3 -23.07 32.20 -38.94
N ARG E 4 -22.03 32.85 -38.43
CA ARG E 4 -20.87 33.21 -39.24
C ARG E 4 -19.70 32.31 -38.87
N MET E 5 -18.87 31.98 -39.86
CA MET E 5 -17.62 31.26 -39.57
C MET E 5 -16.57 31.60 -40.62
N THR E 6 -15.31 31.66 -40.18
CA THR E 6 -14.18 31.86 -41.06
C THR E 6 -13.58 30.52 -41.47
N VAL E 7 -13.11 30.45 -42.71
CA VAL E 7 -12.54 29.24 -43.29
C VAL E 7 -11.27 29.60 -44.05
N ASP E 8 -10.13 29.63 -43.36
CA ASP E 8 -8.87 29.92 -44.04
C ASP E 8 -7.99 28.68 -44.05
N LYS E 9 -7.61 28.25 -45.25
CA LYS E 9 -6.66 27.17 -45.55
C LYS E 9 -5.32 27.32 -44.82
N ASP E 10 -5.16 28.38 -44.04
CA ASP E 10 -3.90 28.64 -43.36
C ASP E 10 -3.97 28.48 -41.84
N TYR E 11 -5.17 28.30 -41.28
CA TYR E 11 -5.32 27.83 -39.90
C TYR E 11 -5.67 26.35 -39.99
N LYS E 12 -4.71 25.49 -39.69
CA LYS E 12 -4.93 24.05 -39.72
C LYS E 12 -5.10 23.50 -38.31
N ILE E 13 -5.88 22.44 -38.19
CA ILE E 13 -5.89 21.63 -36.98
C ILE E 13 -4.89 20.51 -37.18
N ALA E 14 -5.09 19.70 -38.23
CA ALA E 14 -4.22 18.57 -38.51
C ALA E 14 -4.68 17.89 -39.78
N GLU E 15 -3.86 16.96 -40.25
CA GLU E 15 -4.27 16.10 -41.34
C GLU E 15 -5.10 14.95 -40.79
N ILE E 16 -6.12 14.56 -41.56
CA ILE E 16 -6.98 13.44 -41.21
C ILE E 16 -6.23 12.13 -41.45
N ASP E 17 -6.10 11.30 -40.42
CA ASP E 17 -5.74 9.91 -40.64
C ASP E 17 -7.00 9.16 -41.07
N LYS E 18 -6.98 8.57 -42.26
CA LYS E 18 -8.16 7.89 -42.76
C LYS E 18 -8.69 6.84 -41.79
N ARG E 19 -7.85 6.35 -40.88
CA ARG E 19 -8.30 5.31 -39.96
C ARG E 19 -9.36 5.79 -38.97
N ILE E 20 -9.63 7.09 -38.91
CA ILE E 20 -10.77 7.53 -38.12
C ILE E 20 -12.09 7.16 -38.76
N TYR E 21 -12.07 6.71 -40.00
CA TYR E 21 -13.27 6.21 -40.68
C TYR E 21 -13.34 4.69 -40.62
N GLY E 22 -12.80 4.11 -39.56
CA GLY E 22 -12.83 2.68 -39.38
C GLY E 22 -14.14 2.19 -38.79
N SER E 23 -14.27 0.87 -38.75
CA SER E 23 -15.43 0.23 -38.14
C SER E 23 -14.92 -0.98 -37.37
N PHE E 24 -15.83 -1.93 -37.11
CA PHE E 24 -15.65 -2.92 -36.05
C PHE E 24 -16.62 -4.08 -36.25
N VAL E 25 -16.12 -5.31 -36.31
CA VAL E 25 -16.96 -6.50 -36.40
C VAL E 25 -16.66 -7.40 -35.22
N GLU E 26 -17.63 -7.60 -34.34
CA GLU E 26 -17.46 -8.55 -33.24
C GLU E 26 -18.21 -9.84 -33.55
N HIS E 27 -17.68 -10.96 -33.07
CA HIS E 27 -18.42 -12.21 -33.12
C HIS E 27 -19.61 -12.12 -32.17
N LEU E 28 -20.61 -11.33 -32.56
CA LEU E 28 -21.75 -10.97 -31.73
C LEU E 28 -22.99 -11.07 -32.60
N GLY E 29 -24.03 -11.67 -32.05
CA GLY E 29 -25.31 -11.69 -32.75
C GLY E 29 -25.16 -12.15 -34.19
N ARG E 30 -25.75 -11.41 -35.12
CA ARG E 30 -25.73 -11.78 -36.52
C ARG E 30 -24.70 -10.99 -37.33
N ALA E 31 -23.70 -10.43 -36.66
CA ALA E 31 -22.66 -9.66 -37.37
C ALA E 31 -22.00 -10.52 -38.43
N VAL E 32 -21.63 -11.74 -38.08
CA VAL E 32 -20.88 -12.64 -38.95
C VAL E 32 -21.85 -13.67 -39.50
N TYR E 33 -22.41 -14.50 -38.62
CA TYR E 33 -23.35 -15.53 -39.02
C TYR E 33 -24.74 -14.92 -39.22
N ASP E 34 -25.35 -15.23 -40.37
CA ASP E 34 -26.52 -14.53 -40.86
C ASP E 34 -26.21 -13.04 -40.99
N GLY E 35 -24.97 -12.76 -41.36
CA GLY E 35 -24.53 -11.40 -41.55
C GLY E 35 -23.67 -11.32 -42.78
N LEU E 36 -22.38 -11.03 -42.59
CA LEU E 36 -21.49 -10.98 -43.74
C LEU E 36 -21.22 -12.36 -44.31
N TYR E 37 -21.41 -13.40 -43.50
CA TYR E 37 -21.03 -14.77 -43.86
C TYR E 37 -22.29 -15.62 -43.95
N GLN E 38 -22.69 -15.97 -45.17
CA GLN E 38 -23.99 -16.62 -45.44
C GLN E 38 -23.78 -17.66 -46.52
N PRO E 39 -23.31 -18.86 -46.15
CA PRO E 39 -22.72 -19.76 -47.16
C PRO E 39 -23.73 -20.40 -48.11
N GLY E 40 -24.94 -20.75 -47.65
CA GLY E 40 -25.84 -21.39 -48.60
C GLY E 40 -26.72 -20.45 -49.40
N ASN E 41 -26.27 -19.22 -49.61
CA ASN E 41 -27.18 -18.14 -49.97
C ASN E 41 -26.99 -17.76 -51.44
N SER E 42 -28.12 -17.48 -52.10
CA SER E 42 -28.11 -17.09 -53.50
C SER E 42 -27.15 -15.93 -53.76
N LYS E 43 -26.98 -15.05 -52.77
CA LYS E 43 -26.20 -13.84 -52.95
C LYS E 43 -24.75 -13.95 -52.46
N SER E 44 -24.31 -15.13 -52.01
CA SER E 44 -22.95 -15.27 -51.50
C SER E 44 -21.97 -15.72 -52.60
N ASP E 45 -20.69 -15.44 -52.38
CA ASP E 45 -19.66 -15.83 -53.31
C ASP E 45 -19.10 -17.20 -52.91
N GLU E 46 -17.96 -17.56 -53.51
CA GLU E 46 -17.42 -18.91 -53.33
C GLU E 46 -16.93 -19.12 -51.91
N ASP E 47 -16.57 -18.04 -51.22
CA ASP E 47 -16.13 -18.13 -49.84
C ASP E 47 -17.29 -18.08 -48.85
N GLY E 48 -18.51 -17.81 -49.33
CA GLY E 48 -19.67 -17.71 -48.47
C GLY E 48 -20.02 -16.31 -48.02
N PHE E 49 -19.38 -15.28 -48.56
CA PHE E 49 -19.63 -13.90 -48.15
C PHE E 49 -20.74 -13.29 -48.99
N ARG E 50 -21.74 -12.73 -48.31
CA ARG E 50 -22.76 -11.94 -48.98
C ARG E 50 -22.15 -10.87 -49.90
N LYS E 51 -22.32 -11.04 -51.22
CA LYS E 51 -21.74 -10.09 -52.19
C LYS E 51 -22.35 -8.69 -52.07
N ASP E 52 -23.62 -8.59 -51.68
CA ASP E 52 -24.26 -7.28 -51.56
C ASP E 52 -23.77 -6.55 -50.32
N VAL E 53 -23.59 -7.26 -49.21
CA VAL E 53 -22.97 -6.67 -48.02
C VAL E 53 -21.58 -6.16 -48.36
N ILE E 54 -20.79 -6.94 -49.11
CA ILE E 54 -19.45 -6.49 -49.46
C ILE E 54 -19.50 -5.16 -50.21
N GLU E 55 -20.45 -5.00 -51.15
CA GLU E 55 -20.54 -3.74 -51.88
C GLU E 55 -21.05 -2.61 -50.98
N LEU E 56 -22.01 -2.92 -50.09
CA LEU E 56 -22.46 -1.89 -49.16
C LEU E 56 -21.31 -1.39 -48.28
N VAL E 57 -20.48 -2.28 -47.75
CA VAL E 57 -19.36 -1.87 -46.92
C VAL E 57 -18.36 -1.05 -47.74
N LYS E 58 -18.13 -1.44 -49.00
CA LYS E 58 -17.18 -0.70 -49.81
C LYS E 58 -17.67 0.71 -50.07
N GLU E 59 -18.99 0.92 -50.07
CA GLU E 59 -19.55 2.27 -50.19
C GLU E 59 -19.21 3.15 -48.99
N LEU E 60 -18.86 2.56 -47.84
CA LEU E 60 -18.46 3.37 -46.69
C LEU E 60 -16.97 3.66 -46.66
N ASN E 61 -16.17 2.99 -47.49
CA ASN E 61 -14.74 3.28 -47.63
C ASN E 61 -14.02 3.18 -46.28
N VAL E 62 -14.32 2.10 -45.57
CA VAL E 62 -13.73 1.81 -44.27
C VAL E 62 -12.33 1.27 -44.50
N PRO E 63 -11.28 1.93 -44.01
CA PRO E 63 -9.91 1.42 -44.25
C PRO E 63 -9.45 0.40 -43.21
N ILE E 64 -10.03 0.41 -42.01
CA ILE E 64 -9.58 -0.45 -40.92
C ILE E 64 -10.78 -0.96 -40.16
N ILE E 65 -10.73 -2.22 -39.76
CA ILE E 65 -11.83 -2.85 -39.06
C ILE E 65 -11.29 -3.57 -37.84
N ALA E 66 -11.81 -3.22 -36.66
CA ALA E 66 -11.43 -3.92 -35.45
C ALA E 66 -12.08 -5.30 -35.43
N TYR E 67 -11.38 -6.26 -34.84
CA TYR E 67 -11.78 -7.66 -34.86
C TYR E 67 -10.95 -8.41 -33.84
N PRO E 68 -11.50 -9.40 -33.14
CA PRO E 68 -12.89 -9.90 -33.14
C PRO E 68 -13.75 -9.47 -31.95
N GLY E 69 -13.34 -8.43 -31.22
CA GLY E 69 -14.09 -7.94 -30.07
C GLY E 69 -13.34 -6.76 -29.49
N GLY E 70 -13.97 -6.08 -28.51
CA GLY E 70 -15.26 -6.46 -27.96
C GLY E 70 -15.16 -7.51 -26.85
N ASN E 71 -16.25 -7.68 -26.10
CA ASN E 71 -16.23 -8.60 -24.97
C ASN E 71 -15.92 -10.02 -25.40
N PHE E 72 -16.27 -10.37 -26.63
CA PHE E 72 -16.02 -11.71 -27.14
C PHE E 72 -14.55 -12.12 -26.99
N VAL E 73 -13.62 -11.16 -27.16
CA VAL E 73 -12.20 -11.53 -27.27
C VAL E 73 -11.65 -11.97 -25.93
N SER E 74 -12.24 -11.50 -24.83
CA SER E 74 -11.70 -11.79 -23.52
C SER E 74 -11.81 -13.24 -23.13
N ASN E 75 -12.50 -14.07 -23.94
CA ASN E 75 -12.45 -15.51 -23.70
C ASN E 75 -12.35 -16.30 -25.01
N TYR E 76 -11.79 -15.69 -26.04
CA TYR E 76 -11.59 -16.32 -27.33
C TYR E 76 -10.24 -17.05 -27.36
N PHE E 77 -10.25 -18.25 -27.90
CA PHE E 77 -9.00 -18.96 -28.16
C PHE E 77 -8.81 -19.02 -29.66
N TRP E 78 -7.82 -18.28 -30.17
CA TRP E 78 -7.71 -18.03 -31.60
C TRP E 78 -7.42 -19.30 -32.41
N GLU E 79 -6.83 -20.33 -31.80
CA GLU E 79 -6.62 -21.60 -32.50
C GLU E 79 -7.95 -22.28 -32.85
N ASP E 80 -9.01 -21.97 -32.10
CA ASP E 80 -10.30 -22.57 -32.37
C ASP E 80 -10.86 -22.15 -33.72
N GLY E 81 -10.36 -21.04 -34.28
CA GLY E 81 -10.88 -20.50 -35.53
C GLY E 81 -9.95 -20.59 -36.72
N VAL E 82 -8.92 -21.43 -36.64
CA VAL E 82 -8.03 -21.65 -37.78
C VAL E 82 -7.82 -23.15 -37.95
N GLY E 83 -7.27 -23.52 -39.10
CA GLY E 83 -7.13 -24.91 -39.46
C GLY E 83 -8.38 -25.45 -40.14
N PRO E 84 -8.34 -26.74 -40.52
CA PRO E 84 -9.50 -27.37 -41.19
C PRO E 84 -10.82 -27.21 -40.44
N VAL E 85 -11.84 -26.67 -41.12
CA VAL E 85 -13.08 -26.25 -40.44
C VAL E 85 -13.78 -27.42 -39.78
N GLU E 86 -13.64 -28.63 -40.32
CA GLU E 86 -14.29 -29.79 -39.70
C GLU E 86 -13.71 -30.07 -38.33
N ASP E 87 -12.45 -29.67 -38.09
CA ASP E 87 -11.78 -29.86 -36.81
C ASP E 87 -11.94 -28.68 -35.86
N ARG E 88 -12.60 -27.61 -36.28
CA ARG E 88 -12.79 -26.47 -35.38
C ARG E 88 -13.92 -26.75 -34.39
N PRO E 89 -13.74 -26.46 -33.12
CA PRO E 89 -14.78 -26.74 -32.12
C PRO E 89 -15.84 -25.65 -32.05
N ARG E 90 -16.94 -26.00 -31.40
CA ARG E 90 -17.96 -25.04 -31.00
C ARG E 90 -17.69 -24.66 -29.56
N ARG E 91 -17.69 -23.37 -29.26
CA ARG E 91 -17.41 -22.91 -27.90
C ARG E 91 -18.60 -22.13 -27.38
N LEU E 92 -18.78 -22.20 -26.07
CA LEU E 92 -19.60 -21.20 -25.40
C LEU E 92 -18.91 -19.85 -25.50
N ASP E 93 -19.66 -18.85 -25.99
CA ASP E 93 -19.28 -17.46 -25.85
C ASP E 93 -19.95 -16.92 -24.59
N LEU E 94 -19.16 -16.74 -23.51
CA LEU E 94 -19.82 -16.36 -22.25
C LEU E 94 -20.31 -14.92 -22.28
N ALA E 95 -19.63 -14.05 -23.03
CA ALA E 95 -19.99 -12.64 -23.02
C ALA E 95 -21.41 -12.42 -23.53
N TRP E 96 -21.80 -13.15 -24.58
CA TRP E 96 -23.10 -12.93 -25.22
C TRP E 96 -24.01 -14.14 -25.16
N LYS E 97 -23.66 -15.15 -24.35
CA LYS E 97 -24.51 -16.33 -24.13
C LYS E 97 -24.91 -16.96 -25.47
N SER E 98 -23.94 -17.12 -26.34
CA SER E 98 -24.15 -17.69 -27.66
C SER E 98 -23.21 -18.87 -27.85
N ILE E 99 -23.49 -19.68 -28.86
CA ILE E 99 -22.56 -20.71 -29.33
C ILE E 99 -21.78 -20.12 -30.48
N GLU E 100 -20.46 -20.24 -30.41
CA GLU E 100 -19.60 -19.77 -31.47
C GLU E 100 -19.14 -20.98 -32.26
N PRO E 101 -19.59 -21.17 -33.50
CA PRO E 101 -19.16 -22.36 -34.27
C PRO E 101 -17.76 -22.26 -34.83
N ASN E 102 -17.20 -21.04 -34.91
CA ASN E 102 -15.82 -20.80 -35.37
C ASN E 102 -15.61 -21.17 -36.83
N GLN E 103 -16.66 -21.03 -37.65
CA GLN E 103 -16.49 -21.24 -39.08
C GLN E 103 -15.81 -20.05 -39.74
N VAL E 104 -16.01 -18.85 -39.19
CA VAL E 104 -15.21 -17.68 -39.54
C VAL E 104 -14.16 -17.50 -38.45
N GLY E 105 -12.90 -17.44 -38.86
CA GLY E 105 -11.79 -17.15 -37.98
C GLY E 105 -10.83 -16.20 -38.69
N ILE E 106 -9.60 -16.13 -38.17
CA ILE E 106 -8.66 -15.10 -38.63
C ILE E 106 -8.55 -15.12 -40.15
N ASN E 107 -8.37 -16.32 -40.71
CA ASN E 107 -8.05 -16.40 -42.14
C ASN E 107 -9.27 -16.09 -43.01
N GLU E 108 -10.45 -16.58 -42.65
CA GLU E 108 -11.64 -16.19 -43.38
C GLU E 108 -11.88 -14.69 -43.26
N PHE E 109 -11.80 -14.16 -42.04
CA PHE E 109 -12.09 -12.75 -41.88
C PHE E 109 -11.05 -11.89 -42.57
N ALA E 110 -9.78 -12.32 -42.59
CA ALA E 110 -8.77 -11.57 -43.33
C ALA E 110 -9.15 -11.44 -44.81
N LYS E 111 -9.52 -12.55 -45.47
CA LYS E 111 -9.83 -12.39 -46.88
C LYS E 111 -11.11 -11.58 -47.10
N TRP E 112 -12.10 -11.68 -46.20
CA TRP E 112 -13.22 -10.75 -46.26
C TRP E 112 -12.74 -9.31 -46.26
N CYS E 113 -11.77 -8.97 -45.40
CA CYS E 113 -11.28 -7.60 -45.34
C CYS E 113 -10.58 -7.20 -46.64
N LYS E 114 -9.87 -8.13 -47.27
CA LYS E 114 -9.31 -7.86 -48.59
C LYS E 114 -10.42 -7.50 -49.59
N LYS E 115 -11.53 -8.23 -49.53
CA LYS E 115 -12.62 -8.00 -50.47
C LYS E 115 -13.31 -6.66 -50.26
N VAL E 116 -13.26 -6.10 -49.06
CA VAL E 116 -13.85 -4.79 -48.80
C VAL E 116 -12.79 -3.69 -48.70
N ASN E 117 -11.55 -3.98 -49.11
CA ASN E 117 -10.43 -3.00 -49.10
C ASN E 117 -10.18 -2.42 -47.70
N ALA E 118 -10.20 -3.28 -46.69
CA ALA E 118 -9.91 -2.84 -45.33
C ALA E 118 -8.77 -3.67 -44.74
N GLU E 119 -8.05 -3.06 -43.82
CA GLU E 119 -7.10 -3.77 -42.96
C GLU E 119 -7.81 -4.23 -41.70
N ILE E 120 -7.28 -5.31 -41.09
CA ILE E 120 -7.68 -5.72 -39.76
C ILE E 120 -6.92 -4.91 -38.71
N MET E 121 -7.63 -4.52 -37.65
CA MET E 121 -7.03 -4.13 -36.37
C MET E 121 -7.38 -5.25 -35.40
N MET E 122 -6.38 -5.97 -34.93
CA MET E 122 -6.61 -7.25 -34.29
C MET E 122 -6.49 -7.11 -32.78
N ALA E 123 -7.46 -7.66 -32.05
CA ALA E 123 -7.44 -7.65 -30.60
C ALA E 123 -7.05 -9.03 -30.11
N VAL E 124 -6.26 -9.07 -29.04
CA VAL E 124 -5.77 -10.31 -28.44
C VAL E 124 -6.51 -10.52 -27.13
N ASN E 125 -6.72 -11.78 -26.78
CA ASN E 125 -7.34 -12.16 -25.51
C ASN E 125 -6.36 -11.89 -24.37
N LEU E 126 -6.63 -10.85 -23.56
CA LEU E 126 -5.90 -10.62 -22.31
C LEU E 126 -6.81 -10.83 -21.10
N GLY E 127 -7.95 -11.48 -21.33
CA GLY E 127 -8.86 -11.81 -20.25
C GLY E 127 -8.47 -13.11 -19.60
N THR E 128 -8.56 -14.21 -20.34
CA THR E 128 -8.26 -15.54 -19.80
C THR E 128 -6.95 -16.10 -20.34
N ARG E 129 -6.27 -15.36 -21.21
CA ARG E 129 -4.97 -15.73 -21.75
C ARG E 129 -4.05 -14.54 -21.55
N GLY E 130 -2.77 -14.68 -21.95
CA GLY E 130 -1.76 -13.68 -21.64
C GLY E 130 -0.67 -13.60 -22.68
N ILE E 131 0.57 -13.43 -22.19
CA ILE E 131 1.65 -12.95 -23.05
C ILE E 131 1.92 -13.94 -24.17
N SER E 132 2.06 -15.23 -23.83
CA SER E 132 2.56 -16.16 -24.83
C SER E 132 1.54 -16.41 -25.92
N ASP E 133 0.25 -16.34 -25.59
CA ASP E 133 -0.78 -16.50 -26.62
C ASP E 133 -0.84 -15.29 -27.52
N ALA E 134 -0.60 -14.10 -26.98
CA ALA E 134 -0.51 -12.92 -27.85
C ALA E 134 0.68 -13.04 -28.79
N CYS E 135 1.79 -13.59 -28.30
CA CYS E 135 2.97 -13.77 -29.12
C CYS E 135 2.72 -14.80 -30.22
N ASN E 136 2.06 -15.90 -29.90
CA ASN E 136 1.80 -16.92 -30.90
C ASN E 136 0.95 -16.36 -32.03
N LEU E 137 -0.11 -15.62 -31.65
CA LEU E 137 -1.01 -15.04 -32.65
C LEU E 137 -0.26 -14.03 -33.49
N LEU E 138 0.57 -13.19 -32.86
CA LEU E 138 1.37 -12.25 -33.64
C LEU E 138 2.29 -12.98 -34.60
N GLU E 139 2.94 -14.06 -34.16
CA GLU E 139 3.83 -14.80 -35.04
C GLU E 139 3.05 -15.47 -36.16
N TYR E 140 1.88 -16.03 -35.83
CA TYR E 140 1.00 -16.61 -36.84
C TYR E 140 0.69 -15.61 -37.95
N CYS E 141 0.36 -14.37 -37.60
CA CYS E 141 -0.15 -13.42 -38.57
C CYS E 141 0.95 -12.64 -39.29
N ASN E 142 2.07 -12.33 -38.62
CA ASN E 142 3.06 -11.41 -39.18
C ASN E 142 4.43 -12.01 -39.47
N HIS E 143 4.74 -13.23 -39.01
CA HIS E 143 6.09 -13.70 -39.31
C HIS E 143 6.12 -14.44 -40.67
N PRO E 144 7.12 -14.22 -41.52
CA PRO E 144 7.08 -14.78 -42.88
C PRO E 144 6.89 -16.29 -42.93
N GLY E 145 7.57 -17.02 -42.06
CA GLY E 145 7.73 -18.45 -42.21
C GLY E 145 9.03 -18.89 -41.58
N GLY E 146 9.17 -20.20 -41.42
CA GLY E 146 10.37 -20.75 -40.85
C GLY E 146 10.37 -20.86 -39.34
N SER E 147 9.22 -20.62 -38.70
CA SER E 147 9.03 -20.84 -37.29
C SER E 147 7.73 -21.61 -37.10
N LYS E 148 7.48 -22.03 -35.86
CA LYS E 148 6.36 -22.92 -35.60
C LYS E 148 5.03 -22.32 -36.04
N TYR E 149 4.72 -21.10 -35.59
CA TYR E 149 3.38 -20.59 -35.84
C TYR E 149 3.24 -19.97 -37.22
N SER E 150 4.32 -19.41 -37.76
CA SER E 150 4.26 -18.91 -39.14
C SER E 150 4.12 -20.06 -40.15
N ASP E 151 4.83 -21.16 -39.92
CA ASP E 151 4.61 -22.34 -40.76
C ASP E 151 3.21 -22.90 -40.57
N MET E 152 2.61 -22.69 -39.39
CA MET E 152 1.25 -23.16 -39.18
C MET E 152 0.28 -22.39 -40.07
N ARG E 153 0.41 -21.07 -40.14
CA ARG E 153 -0.38 -20.29 -41.08
C ARG E 153 -0.23 -20.83 -42.50
N ILE E 154 0.99 -21.14 -42.90
CA ILE E 154 1.26 -21.60 -44.26
C ILE E 154 0.58 -22.95 -44.49
N LYS E 155 0.75 -23.91 -43.57
CA LYS E 155 0.06 -25.18 -43.70
C LYS E 155 -1.46 -24.99 -43.80
N HIS E 156 -2.00 -24.01 -43.07
CA HIS E 156 -3.42 -23.69 -43.10
C HIS E 156 -3.85 -22.96 -44.38
N GLY E 157 -2.91 -22.62 -45.26
CA GLY E 157 -3.27 -22.15 -46.58
C GLY E 157 -3.03 -20.69 -46.87
N VAL E 158 -2.43 -19.94 -45.96
CA VAL E 158 -2.11 -18.54 -46.22
C VAL E 158 -0.59 -18.41 -46.25
N LYS E 159 -0.02 -18.38 -47.46
CA LYS E 159 1.43 -18.35 -47.61
C LYS E 159 2.00 -16.99 -47.18
N GLU E 160 1.42 -15.90 -47.71
CA GLU E 160 1.96 -14.60 -47.29
C GLU E 160 1.37 -14.23 -45.93
N PRO E 161 2.18 -13.65 -45.04
CA PRO E 161 1.65 -13.21 -43.75
C PRO E 161 0.66 -12.08 -43.89
N HIS E 162 -0.33 -12.08 -42.97
CA HIS E 162 -1.35 -11.02 -42.94
C HIS E 162 -0.76 -9.65 -42.68
N ASN E 163 0.39 -9.60 -42.01
CA ASN E 163 1.05 -8.36 -41.60
C ASN E 163 0.04 -7.34 -41.05
N ILE E 164 -0.59 -7.74 -39.94
CA ILE E 164 -1.51 -6.84 -39.24
C ILE E 164 -0.72 -5.77 -38.52
N LYS E 165 -1.10 -4.51 -38.73
CA LYS E 165 -0.35 -3.33 -38.36
C LYS E 165 -0.70 -2.82 -36.96
N VAL E 166 -1.97 -2.84 -36.57
CA VAL E 166 -2.45 -2.36 -35.28
C VAL E 166 -3.03 -3.51 -34.49
N TRP E 167 -2.61 -3.64 -33.25
CA TRP E 167 -3.10 -4.65 -32.33
C TRP E 167 -3.59 -3.98 -31.07
N CYS E 168 -4.69 -4.50 -30.52
CA CYS E 168 -5.27 -4.01 -29.28
C CYS E 168 -4.94 -4.98 -28.17
N LEU E 169 -4.43 -4.45 -27.07
CA LEU E 169 -4.06 -5.27 -25.92
C LEU E 169 -5.32 -5.57 -25.11
N GLY E 170 -6.01 -6.63 -25.49
CA GLY E 170 -7.26 -6.99 -24.83
C GLY E 170 -8.42 -6.12 -25.29
N ASN E 171 -9.50 -6.23 -24.53
CA ASN E 171 -10.63 -5.33 -24.58
C ASN E 171 -10.67 -4.66 -23.22
N ALA E 172 -11.41 -3.56 -23.13
CA ALA E 172 -11.70 -2.94 -21.85
C ALA E 172 -12.17 -3.97 -20.83
N MET E 173 -11.49 -4.03 -19.69
CA MET E 173 -11.72 -5.09 -18.71
C MET E 173 -12.09 -4.54 -17.34
N ASP E 174 -12.57 -3.31 -17.28
CA ASP E 174 -12.81 -2.66 -15.99
C ASP E 174 -14.17 -3.00 -15.39
N GLY E 175 -15.04 -3.68 -16.11
CA GLY E 175 -16.41 -3.83 -15.66
C GLY E 175 -16.75 -5.20 -15.07
N PRO E 176 -17.72 -5.22 -14.15
CA PRO E 176 -18.12 -6.49 -13.52
C PRO E 176 -18.87 -7.45 -14.44
N TRP E 177 -19.23 -7.05 -15.65
CA TRP E 177 -19.92 -7.92 -16.60
C TRP E 177 -18.96 -8.65 -17.54
N GLN E 178 -17.66 -8.56 -17.32
CA GLN E 178 -16.67 -9.04 -18.28
C GLN E 178 -15.89 -10.24 -17.74
N VAL E 179 -15.72 -11.28 -18.58
CA VAL E 179 -14.83 -12.38 -18.22
C VAL E 179 -13.40 -11.87 -18.17
N GLY E 180 -12.64 -12.34 -17.19
CA GLY E 180 -11.29 -11.82 -17.04
C GLY E 180 -11.20 -10.35 -16.66
N HIS E 181 -12.16 -9.85 -15.87
CA HIS E 181 -12.10 -8.48 -15.37
C HIS E 181 -10.79 -8.25 -14.62
N LYS E 182 -10.20 -7.07 -14.83
CA LYS E 182 -8.91 -6.72 -14.22
C LYS E 182 -9.01 -5.40 -13.45
N THR E 183 -8.22 -5.29 -12.38
CA THR E 183 -8.00 -3.96 -11.83
C THR E 183 -7.07 -3.19 -12.75
N MET E 184 -6.98 -1.87 -12.54
CA MET E 184 -6.14 -1.08 -13.43
C MET E 184 -4.67 -1.46 -13.30
N ASP E 185 -4.23 -1.89 -12.12
CA ASP E 185 -2.83 -2.30 -11.99
C ASP E 185 -2.59 -3.65 -12.63
N GLU E 186 -3.57 -4.58 -12.51
CA GLU E 186 -3.42 -5.84 -13.22
C GLU E 186 -3.37 -5.61 -14.72
N TYR E 187 -4.25 -4.75 -15.23
CA TYR E 187 -4.26 -4.58 -16.68
C TYR E 187 -3.03 -3.81 -17.13
N GLY E 188 -2.60 -2.82 -16.34
CA GLY E 188 -1.36 -2.11 -16.64
C GLY E 188 -0.16 -3.04 -16.82
N ARG E 189 0.01 -3.99 -15.90
CA ARG E 189 1.15 -4.90 -15.97
C ARG E 189 1.05 -5.84 -17.17
N ILE E 190 -0.15 -6.39 -17.45
CA ILE E 190 -0.24 -7.37 -18.53
C ILE E 190 -0.14 -6.67 -19.89
N ALA E 191 -0.73 -5.48 -20.00
CA ALA E 191 -0.54 -4.69 -21.22
C ALA E 191 0.92 -4.33 -21.42
N GLU E 192 1.61 -3.93 -20.34
CA GLU E 192 3.03 -3.59 -20.44
C GLU E 192 3.85 -4.77 -20.98
N GLU E 193 3.67 -5.96 -20.37
CA GLU E 193 4.51 -7.09 -20.75
C GLU E 193 4.11 -7.67 -22.10
N THR E 194 2.81 -7.70 -22.40
CA THR E 194 2.37 -8.17 -23.72
C THR E 194 2.92 -7.27 -24.81
N ALA E 195 2.80 -5.96 -24.64
CA ALA E 195 3.34 -5.01 -25.61
C ALA E 195 4.84 -5.18 -25.78
N ARG E 196 5.58 -5.28 -24.66
CA ARG E 196 7.03 -5.45 -24.72
C ARG E 196 7.41 -6.67 -25.53
N ALA E 197 6.79 -7.82 -25.23
CA ALA E 197 7.15 -9.04 -25.94
C ALA E 197 6.67 -8.98 -27.39
N MET E 198 5.49 -8.40 -27.61
CA MET E 198 5.01 -8.31 -28.98
C MET E 198 5.96 -7.49 -29.84
N LYS E 199 6.49 -6.38 -29.32
CA LYS E 199 7.39 -5.54 -30.09
C LYS E 199 8.72 -6.23 -30.36
N MET E 200 9.11 -7.21 -29.54
CA MET E 200 10.29 -7.98 -29.86
C MET E 200 10.08 -8.90 -31.06
N ILE E 201 8.83 -9.31 -31.35
CA ILE E 201 8.60 -10.17 -32.51
C ILE E 201 8.49 -9.34 -33.78
N ASP E 202 7.76 -8.23 -33.74
CA ASP E 202 7.54 -7.36 -34.90
C ASP E 202 7.54 -5.92 -34.42
N PRO E 203 8.69 -5.25 -34.45
CA PRO E 203 8.72 -3.85 -34.01
C PRO E 203 7.98 -2.91 -34.92
N SER E 204 7.48 -3.36 -36.05
CA SER E 204 6.79 -2.40 -36.91
C SER E 204 5.30 -2.26 -36.57
N ILE E 205 4.75 -3.12 -35.71
CA ILE E 205 3.34 -2.99 -35.36
C ILE E 205 3.11 -1.77 -34.47
N GLU E 206 1.85 -1.38 -34.34
CA GLU E 206 1.39 -0.38 -33.39
C GLU E 206 0.45 -1.02 -32.38
N LEU E 207 0.43 -0.52 -31.14
CA LEU E 207 -0.33 -1.16 -30.09
C LEU E 207 -1.26 -0.18 -29.42
N VAL E 208 -2.47 -0.67 -29.11
CA VAL E 208 -3.53 0.12 -28.47
C VAL E 208 -3.69 -0.41 -27.05
N ALA E 209 -3.45 0.44 -26.06
CA ALA E 209 -3.82 0.11 -24.68
C ALA E 209 -5.29 0.44 -24.48
N CYS E 210 -5.99 -0.40 -23.74
CA CYS E 210 -7.42 -0.19 -23.54
C CYS E 210 -7.67 0.79 -22.41
N GLY E 211 -8.52 1.77 -22.68
CA GLY E 211 -9.04 2.66 -21.67
C GLY E 211 -10.28 2.09 -21.01
N SER E 212 -10.89 2.92 -20.17
CA SER E 212 -12.10 2.57 -19.45
C SER E 212 -13.18 2.14 -20.42
N SER E 213 -14.11 1.33 -19.93
CA SER E 213 -15.16 0.90 -20.85
C SER E 213 -16.12 2.04 -21.17
N SER E 214 -16.09 3.12 -20.40
CA SER E 214 -16.89 4.32 -20.66
C SER E 214 -16.47 5.41 -19.67
N LYS E 215 -16.79 6.65 -19.99
CA LYS E 215 -16.37 7.75 -19.12
C LYS E 215 -17.09 7.73 -17.78
N ASP E 216 -18.17 6.97 -17.64
CA ASP E 216 -18.94 6.97 -16.42
C ASP E 216 -18.44 5.96 -15.42
N MET E 217 -17.47 5.13 -15.78
CA MET E 217 -16.90 4.19 -14.84
C MET E 217 -16.18 4.97 -13.74
N PRO E 218 -16.28 4.55 -12.49
CA PRO E 218 -15.65 5.32 -11.40
C PRO E 218 -14.14 5.43 -11.55
N THR E 219 -13.53 4.44 -12.20
CA THR E 219 -12.10 4.38 -12.40
C THR E 219 -11.65 5.10 -13.67
N PHE E 220 -12.55 5.67 -14.44
CA PHE E 220 -12.10 6.66 -15.41
C PHE E 220 -11.89 8.01 -14.72
N PRO E 221 -10.79 8.74 -15.00
CA PRO E 221 -9.69 8.42 -15.94
C PRO E 221 -8.43 7.85 -15.28
N GLN E 222 -8.50 7.49 -14.00
CA GLN E 222 -7.33 6.90 -13.36
C GLN E 222 -6.90 5.60 -14.04
N TRP E 223 -7.87 4.82 -14.56
CA TRP E 223 -7.52 3.64 -15.33
C TRP E 223 -6.56 3.99 -16.45
N GLU E 224 -6.91 5.01 -17.25
CA GLU E 224 -6.08 5.40 -18.39
C GLU E 224 -4.70 5.88 -17.92
N ALA E 225 -4.67 6.73 -16.88
CA ALA E 225 -3.40 7.19 -16.33
C ALA E 225 -2.53 6.04 -15.86
N THR E 226 -3.12 5.08 -15.13
CA THR E 226 -2.32 3.96 -14.65
C THR E 226 -1.78 3.10 -15.78
N VAL E 227 -2.64 2.77 -16.76
CA VAL E 227 -2.21 1.91 -17.86
C VAL E 227 -1.09 2.57 -18.64
N LEU E 228 -1.24 3.85 -18.97
CA LEU E 228 -0.18 4.58 -19.69
C LEU E 228 1.08 4.69 -18.84
N ASP E 229 0.92 4.86 -17.53
CA ASP E 229 2.08 4.86 -16.65
C ASP E 229 2.87 3.56 -16.77
N TYR E 230 2.19 2.41 -16.80
CA TYR E 230 2.94 1.16 -16.93
C TYR E 230 3.51 0.98 -18.32
N ALA E 231 2.72 1.29 -19.33
CA ALA E 231 2.97 0.77 -20.67
C ALA E 231 3.47 1.82 -21.65
N TYR E 232 3.63 3.08 -21.19
CA TYR E 232 3.90 4.23 -22.05
C TYR E 232 4.87 3.95 -23.19
N ASP E 233 5.98 3.29 -22.87
CA ASP E 233 7.08 3.14 -23.81
C ASP E 233 6.79 2.12 -24.90
N TYR E 234 5.78 1.27 -24.72
CA TYR E 234 5.55 0.19 -25.67
C TYR E 234 4.22 0.31 -26.40
N VAL E 235 3.41 1.33 -26.11
CA VAL E 235 2.12 1.48 -26.77
C VAL E 235 2.08 2.79 -27.53
N ASP E 236 1.14 2.89 -28.43
CA ASP E 236 0.99 4.09 -29.25
C ASP E 236 -0.35 4.77 -29.08
N TYR E 237 -1.38 4.04 -28.66
CA TYR E 237 -2.71 4.59 -28.54
C TYR E 237 -3.33 4.18 -27.23
N ILE E 238 -4.22 5.04 -26.77
CA ILE E 238 -5.15 4.71 -25.70
C ILE E 238 -6.53 4.66 -26.34
N SER E 239 -7.36 3.72 -25.91
CA SER E 239 -8.66 3.55 -26.54
C SER E 239 -9.76 4.30 -25.78
N LEU E 240 -10.80 4.68 -26.51
CA LEU E 240 -11.98 5.34 -25.97
C LEU E 240 -13.25 4.66 -26.47
N HIS E 241 -14.25 4.56 -25.60
CA HIS E 241 -15.55 4.01 -25.97
C HIS E 241 -16.62 5.02 -25.59
N GLN E 242 -17.60 5.21 -26.47
CA GLN E 242 -18.73 6.08 -26.14
C GLN E 242 -19.96 5.68 -26.96
N TYR E 243 -21.07 5.47 -26.27
CA TYR E 243 -22.37 5.29 -26.88
C TYR E 243 -23.33 6.33 -26.31
N TYR E 244 -24.27 6.79 -27.13
CA TYR E 244 -25.35 7.64 -26.66
C TYR E 244 -26.70 7.01 -26.95
N GLY E 245 -27.68 7.35 -26.11
CA GLY E 245 -29.05 6.90 -26.31
C GLY E 245 -30.04 8.03 -26.08
N ASN E 246 -31.22 7.87 -26.70
CA ASN E 246 -32.30 8.83 -26.46
C ASN E 246 -33.48 8.13 -25.78
N LYS E 247 -33.17 7.34 -24.74
CA LYS E 247 -34.21 6.73 -23.92
C LYS E 247 -35.13 7.78 -23.34
N GLU E 248 -34.59 8.94 -22.95
CA GLU E 248 -35.38 9.99 -22.34
C GLU E 248 -36.35 10.64 -23.33
N ASN E 249 -36.25 10.33 -24.62
CA ASN E 249 -37.19 10.83 -25.62
C ASN E 249 -37.18 12.36 -25.65
N ASP E 250 -36.00 12.93 -25.86
CA ASP E 250 -35.77 14.37 -25.77
C ASP E 250 -34.75 14.71 -26.84
N THR E 251 -35.24 15.09 -28.02
CA THR E 251 -34.38 15.19 -29.19
C THR E 251 -33.35 16.29 -29.04
N ALA E 252 -33.73 17.40 -28.40
CA ALA E 252 -32.81 18.50 -28.28
C ALA E 252 -31.62 18.11 -27.42
N ASP E 253 -31.88 17.58 -26.22
CA ASP E 253 -30.82 17.08 -25.36
C ASP E 253 -30.02 15.97 -26.03
N PHE E 254 -30.67 15.07 -26.75
CA PHE E 254 -29.98 14.02 -27.47
C PHE E 254 -28.91 14.58 -28.41
N LEU E 255 -29.27 15.59 -29.20
CA LEU E 255 -28.33 16.16 -30.15
C LEU E 255 -27.27 17.04 -29.47
N ALA E 256 -27.49 17.44 -28.22
CA ALA E 256 -26.45 18.12 -27.44
C ALA E 256 -25.34 17.18 -26.95
N LYS E 257 -25.46 15.87 -27.13
CA LYS E 257 -24.52 15.00 -26.44
C LYS E 257 -23.14 14.97 -27.10
N SER E 258 -22.99 15.49 -28.32
CA SER E 258 -21.65 15.64 -28.88
C SER E 258 -20.79 16.63 -28.09
N ASP E 259 -21.43 17.49 -27.28
CA ASP E 259 -20.69 18.33 -26.34
C ASP E 259 -20.03 17.49 -25.25
N ASP E 260 -20.69 16.43 -24.81
CA ASP E 260 -20.06 15.54 -23.83
C ASP E 260 -18.93 14.74 -24.47
N LEU E 261 -19.15 14.26 -25.69
CA LEU E 261 -18.12 13.54 -26.42
C LEU E 261 -16.86 14.38 -26.53
N ASP E 262 -17.02 15.68 -26.79
CA ASP E 262 -15.87 16.57 -26.90
C ASP E 262 -15.15 16.70 -25.55
N ASP E 263 -15.90 16.97 -24.48
CA ASP E 263 -15.32 16.98 -23.14
C ASP E 263 -14.59 15.68 -22.85
N PHE E 264 -15.25 14.55 -23.11
CA PHE E 264 -14.64 13.23 -22.95
C PHE E 264 -13.26 13.21 -23.62
N ILE E 265 -13.21 13.59 -24.90
CA ILE E 265 -11.97 13.49 -25.68
C ILE E 265 -10.86 14.34 -25.07
N ARG E 266 -11.22 15.51 -24.52
CA ARG E 266 -10.21 16.42 -23.97
C ARG E 266 -9.65 15.89 -22.67
N SER E 267 -10.51 15.34 -21.81
CA SER E 267 -10.09 14.69 -20.58
C SER E 267 -9.04 13.63 -20.81
N VAL E 268 -9.24 12.79 -21.83
CA VAL E 268 -8.28 11.73 -22.11
C VAL E 268 -6.98 12.32 -22.64
N ILE E 269 -7.07 13.37 -23.47
CA ILE E 269 -5.86 14.03 -23.96
C ILE E 269 -5.12 14.67 -22.79
N ALA E 270 -5.87 15.27 -21.86
CA ALA E 270 -5.24 15.78 -20.64
C ALA E 270 -4.55 14.64 -19.87
N THR E 271 -5.21 13.48 -19.79
CA THR E 271 -4.62 12.35 -19.09
C THR E 271 -3.34 11.89 -19.77
N CYS E 272 -3.34 11.83 -21.10
CA CYS E 272 -2.12 11.45 -21.82
C CYS E 272 -0.99 12.44 -21.57
N ASP E 273 -1.28 13.75 -21.66
CA ASP E 273 -0.22 14.74 -21.47
C ASP E 273 0.31 14.73 -20.04
N TYR E 274 -0.54 14.40 -19.06
CA TYR E 274 -0.07 14.31 -17.69
C TYR E 274 0.99 13.22 -17.56
N ILE E 275 0.69 12.00 -18.02
CA ILE E 275 1.66 10.91 -17.97
C ILE E 275 2.89 11.26 -18.79
N LYS E 276 2.69 11.87 -19.96
CA LYS E 276 3.82 12.28 -20.78
C LYS E 276 4.77 13.20 -20.00
N ALA E 277 4.22 14.13 -19.21
CA ALA E 277 5.07 14.94 -18.33
C ALA E 277 5.70 14.09 -17.24
N LYS E 278 4.92 13.21 -16.62
CA LYS E 278 5.49 12.29 -15.63
C LYS E 278 6.69 11.55 -16.18
N LYS E 279 6.60 11.10 -17.43
CA LYS E 279 7.67 10.28 -17.99
C LYS E 279 8.77 11.09 -18.67
N ARG E 280 8.61 12.41 -18.80
CA ARG E 280 9.54 13.23 -19.56
C ARG E 280 9.75 12.65 -20.95
N SER E 281 8.65 12.23 -21.55
CA SER E 281 8.72 11.62 -22.86
C SER E 281 8.53 12.69 -23.92
N LYS E 282 9.11 12.45 -25.09
CA LYS E 282 8.86 13.28 -26.26
C LYS E 282 7.75 12.72 -27.13
N LYS E 283 7.31 11.50 -26.87
CA LYS E 283 6.23 10.88 -27.63
C LYS E 283 4.88 11.26 -27.05
N ASP E 284 3.96 11.65 -27.91
CA ASP E 284 2.57 11.75 -27.50
C ASP E 284 1.83 10.45 -27.81
N ILE E 285 1.01 10.02 -26.85
CA ILE E 285 0.06 8.93 -27.04
C ILE E 285 -1.10 9.47 -27.85
N TYR E 286 -1.54 8.69 -28.85
CA TYR E 286 -2.69 9.09 -29.66
C TYR E 286 -3.93 8.34 -29.19
N LEU E 287 -5.07 8.71 -29.76
CA LEU E 287 -6.35 8.18 -29.33
C LEU E 287 -6.90 7.24 -30.39
N SER E 288 -7.31 6.06 -29.96
CA SER E 288 -8.09 5.16 -30.80
C SER E 288 -9.51 5.13 -30.23
N PHE E 289 -10.43 5.84 -30.87
CA PHE E 289 -11.83 5.87 -30.44
C PHE E 289 -12.54 4.67 -31.05
N ASP E 290 -12.21 3.48 -30.53
CA ASP E 290 -12.49 2.25 -31.27
C ASP E 290 -13.84 1.61 -30.93
N GLU E 291 -14.69 2.29 -30.17
CA GLU E 291 -16.12 1.99 -30.15
C GLU E 291 -16.85 3.32 -30.01
N TRP E 292 -17.64 3.68 -31.01
CA TRP E 292 -18.56 4.80 -30.85
C TRP E 292 -19.79 4.54 -31.72
N ASN E 293 -20.96 4.95 -31.24
CA ASN E 293 -22.22 4.88 -31.99
C ASN E 293 -23.36 5.36 -31.09
N VAL E 294 -24.56 5.47 -31.69
CA VAL E 294 -25.80 5.51 -30.92
C VAL E 294 -26.17 4.07 -30.58
N TRP E 295 -26.63 3.82 -29.35
CA TRP E 295 -27.02 2.46 -28.97
C TRP E 295 -28.01 2.54 -27.81
N TYR E 296 -29.30 2.25 -28.08
CA TYR E 296 -30.27 2.13 -26.99
C TYR E 296 -31.53 1.37 -27.38
N HIS E 297 -31.86 1.30 -28.68
CA HIS E 297 -33.18 0.82 -29.10
C HIS E 297 -33.46 -0.62 -28.65
N SER E 298 -32.47 -1.51 -28.77
CA SER E 298 -32.71 -2.95 -28.64
C SER E 298 -32.40 -3.51 -27.27
N ASN E 299 -32.26 -2.66 -26.24
CA ASN E 299 -31.79 -3.14 -24.93
C ASN E 299 -32.70 -4.21 -24.34
N ASN E 300 -34.03 -3.96 -24.32
CA ASN E 300 -34.94 -4.90 -23.67
C ASN E 300 -35.00 -6.21 -24.45
N GLU E 301 -34.91 -6.13 -25.78
CA GLU E 301 -34.87 -7.34 -26.59
C GLU E 301 -33.65 -8.17 -26.27
N ASP E 302 -32.48 -7.54 -26.15
CA ASP E 302 -31.28 -8.30 -25.83
C ASP E 302 -31.33 -8.90 -24.45
N ALA E 303 -32.00 -8.22 -23.51
CA ALA E 303 -32.11 -8.77 -22.16
C ALA E 303 -32.84 -10.10 -22.15
N ASN E 304 -33.89 -10.23 -22.96
CA ASN E 304 -34.68 -11.44 -22.86
C ASN E 304 -34.02 -12.60 -23.60
N ILE E 305 -33.35 -12.34 -24.71
CA ILE E 305 -32.65 -13.43 -25.41
C ILE E 305 -31.59 -14.06 -24.52
N MET E 306 -30.84 -13.23 -23.79
CA MET E 306 -29.92 -13.71 -22.75
C MET E 306 -30.41 -13.12 -21.44
N GLN E 307 -31.11 -13.92 -20.63
CA GLN E 307 -31.13 -15.35 -20.85
C GLN E 307 -32.48 -15.99 -20.62
N ASN E 308 -33.33 -15.93 -21.66
CA ASN E 308 -34.41 -16.89 -21.86
C ASN E 308 -34.12 -17.83 -23.01
N GLU E 309 -33.38 -17.39 -24.01
CA GLU E 309 -32.98 -18.20 -25.15
C GLU E 309 -31.45 -18.23 -25.30
N PRO E 310 -30.72 -18.67 -24.27
CA PRO E 310 -29.26 -18.68 -24.37
C PRO E 310 -28.75 -19.80 -25.27
N TRP E 311 -27.52 -19.60 -25.75
CA TRP E 311 -26.75 -20.62 -26.46
C TRP E 311 -27.30 -20.92 -27.85
N ARG E 312 -27.94 -19.95 -28.48
CA ARG E 312 -28.19 -20.05 -29.91
C ARG E 312 -26.93 -19.66 -30.67
N ILE E 313 -26.75 -20.25 -31.84
CA ILE E 313 -25.89 -19.64 -32.83
C ILE E 313 -26.63 -18.42 -33.38
N ALA E 314 -25.95 -17.30 -33.51
CA ALA E 314 -26.49 -16.13 -34.18
C ALA E 314 -27.86 -15.66 -33.67
N PRO E 315 -28.02 -15.45 -32.37
CA PRO E 315 -29.23 -14.77 -31.89
C PRO E 315 -29.27 -13.35 -32.42
N PRO E 316 -30.45 -12.72 -32.49
CA PRO E 316 -30.49 -11.39 -33.12
C PRO E 316 -30.28 -10.27 -32.11
N LEU E 317 -29.04 -10.12 -31.64
CA LEU E 317 -28.67 -9.21 -30.55
C LEU E 317 -28.26 -7.83 -31.07
N LEU E 318 -28.53 -6.81 -30.25
CA LEU E 318 -28.07 -5.43 -30.49
C LEU E 318 -28.58 -4.87 -31.82
N GLU E 319 -29.74 -5.35 -32.26
CA GLU E 319 -30.28 -4.92 -33.57
C GLU E 319 -31.11 -3.65 -33.38
N ASP E 320 -30.40 -2.56 -33.09
CA ASP E 320 -30.99 -1.24 -33.12
C ASP E 320 -31.39 -0.87 -34.55
N ILE E 321 -32.62 -0.36 -34.75
CA ILE E 321 -33.04 0.21 -36.02
C ILE E 321 -33.05 1.72 -35.88
N TYR E 322 -32.22 2.40 -36.66
CA TYR E 322 -31.95 3.78 -36.36
C TYR E 322 -33.00 4.72 -36.96
N THR E 323 -33.30 5.78 -36.21
CA THR E 323 -34.17 6.84 -36.66
C THR E 323 -33.34 7.95 -37.32
N PHE E 324 -34.03 9.01 -37.73
CA PHE E 324 -33.34 10.10 -38.40
C PHE E 324 -32.57 10.94 -37.40
N GLU E 325 -33.16 11.21 -36.22
CA GLU E 325 -32.40 11.88 -35.17
C GLU E 325 -31.12 11.11 -34.83
N ASP E 326 -31.21 9.77 -34.72
CA ASP E 326 -30.00 8.97 -34.53
C ASP E 326 -28.95 9.33 -35.56
N ALA E 327 -29.36 9.51 -36.81
CA ALA E 327 -28.37 9.85 -37.82
C ALA E 327 -27.84 11.27 -37.60
N LEU E 328 -28.61 12.17 -37.01
CA LEU E 328 -28.08 13.50 -36.75
C LEU E 328 -26.97 13.45 -35.70
N LEU E 329 -27.18 12.69 -34.61
CA LEU E 329 -26.13 12.58 -33.60
C LEU E 329 -24.90 11.89 -34.15
N VAL E 330 -25.10 10.86 -34.99
CA VAL E 330 -23.95 10.18 -35.59
C VAL E 330 -23.12 11.18 -36.40
N GLY E 331 -23.80 12.02 -37.18
CA GLY E 331 -23.08 13.05 -37.92
C GLY E 331 -22.41 14.07 -37.02
N LEU E 332 -23.05 14.41 -35.90
CA LEU E 332 -22.43 15.31 -34.93
C LEU E 332 -21.22 14.68 -34.26
N MET E 333 -21.24 13.36 -34.06
CA MET E 333 -20.08 12.70 -33.48
C MET E 333 -18.93 12.68 -34.48
N LEU E 334 -19.23 12.47 -35.77
CA LEU E 334 -18.20 12.52 -36.80
C LEU E 334 -17.57 13.91 -36.88
N ILE E 335 -18.37 14.95 -36.71
CA ILE E 335 -17.82 16.30 -36.73
C ILE E 335 -16.87 16.50 -35.54
N THR E 336 -17.28 16.06 -34.34
CA THR E 336 -16.42 16.18 -33.16
C THR E 336 -15.15 15.34 -33.28
N LEU E 337 -15.25 14.16 -33.91
CA LEU E 337 -14.05 13.37 -34.18
C LEU E 337 -13.13 14.11 -35.13
N MET E 338 -13.70 14.75 -36.16
CA MET E 338 -12.88 15.45 -37.12
C MET E 338 -12.15 16.62 -36.47
N LYS E 339 -12.81 17.32 -35.54
CA LYS E 339 -12.23 18.47 -34.87
C LYS E 339 -11.02 18.10 -34.02
N HIS E 340 -10.89 16.81 -33.66
CA HIS E 340 -9.82 16.33 -32.79
C HIS E 340 -8.87 15.41 -33.55
N ALA E 341 -8.82 15.56 -34.87
CA ALA E 341 -7.99 14.77 -35.75
C ALA E 341 -6.51 14.93 -35.46
N ASP E 342 -6.11 15.90 -34.63
CA ASP E 342 -4.70 16.00 -34.30
C ASP E 342 -4.28 14.94 -33.29
N ARG E 343 -5.21 14.51 -32.42
CA ARG E 343 -4.92 13.45 -31.48
C ARG E 343 -5.64 12.13 -31.76
N ILE E 344 -6.85 12.15 -32.33
CA ILE E 344 -7.56 10.92 -32.67
C ILE E 344 -7.12 10.47 -34.05
N LYS E 345 -6.42 9.34 -34.11
CA LYS E 345 -5.89 8.82 -35.37
C LYS E 345 -6.59 7.54 -35.80
N ILE E 346 -7.36 6.91 -34.92
CA ILE E 346 -8.11 5.72 -35.24
C ILE E 346 -9.46 5.85 -34.59
N ALA E 347 -10.52 5.54 -35.34
CA ALA E 347 -11.86 5.46 -34.77
C ALA E 347 -12.63 4.35 -35.49
N CYS E 348 -13.54 3.72 -34.75
CA CYS E 348 -14.29 2.58 -35.25
C CYS E 348 -15.76 2.78 -34.93
N LEU E 349 -16.58 2.98 -35.97
CA LEU E 349 -18.03 2.89 -35.80
C LEU E 349 -18.37 1.48 -35.36
N ALA E 350 -18.99 1.35 -34.19
CA ALA E 350 -19.38 0.05 -33.65
C ALA E 350 -20.89 -0.14 -33.85
N GLN E 351 -21.28 -1.13 -34.66
CA GLN E 351 -20.42 -1.99 -35.45
C GLN E 351 -20.84 -1.91 -36.93
N LEU E 352 -20.29 -2.80 -37.76
CA LEU E 352 -20.42 -2.64 -39.19
C LEU E 352 -21.64 -3.37 -39.77
N ILE E 353 -21.90 -4.61 -39.36
CA ILE E 353 -22.96 -5.44 -39.91
C ILE E 353 -23.95 -5.83 -38.82
N ASN E 354 -25.24 -5.53 -39.03
CA ASN E 354 -26.38 -5.97 -38.21
C ASN E 354 -26.33 -5.51 -36.76
N VAL E 355 -25.18 -5.63 -36.09
CA VAL E 355 -25.05 -5.27 -34.69
C VAL E 355 -24.84 -3.76 -34.60
N ILE E 356 -25.81 -3.06 -34.00
CA ILE E 356 -25.85 -1.59 -33.90
C ILE E 356 -25.15 -0.98 -35.11
N ALA E 357 -25.71 -1.21 -36.30
CA ALA E 357 -24.90 -1.13 -37.51
C ALA E 357 -25.55 -0.28 -38.59
N PRO E 358 -24.75 0.27 -39.51
CA PRO E 358 -25.34 1.01 -40.63
C PRO E 358 -25.86 0.10 -41.73
N ILE E 359 -25.51 -1.19 -41.69
CA ILE E 359 -25.84 -2.17 -42.72
C ILE E 359 -26.56 -3.32 -42.04
N VAL E 360 -27.75 -3.68 -42.55
CA VAL E 360 -28.59 -4.73 -41.97
C VAL E 360 -28.91 -5.77 -43.03
N THR E 361 -28.96 -7.04 -42.61
CA THR E 361 -29.56 -8.10 -43.40
C THR E 361 -30.70 -8.67 -42.58
N GLU E 362 -31.85 -8.88 -43.24
CA GLU E 362 -33.15 -8.94 -42.56
C GLU E 362 -33.18 -9.99 -41.46
N ARG E 363 -32.84 -11.25 -41.81
CA ARG E 363 -32.79 -12.41 -40.90
C ARG E 363 -33.15 -13.65 -41.70
N ASN E 364 -32.41 -14.72 -41.47
CA ASN E 364 -32.60 -16.00 -42.18
C ASN E 364 -32.42 -15.82 -43.69
N GLY E 365 -31.42 -15.03 -44.08
CA GLY E 365 -30.94 -15.06 -45.44
C GLY E 365 -31.36 -13.89 -46.29
N GLY E 366 -32.29 -13.07 -45.85
CA GLY E 366 -32.55 -11.86 -46.61
C GLY E 366 -32.13 -10.68 -45.78
N ALA E 367 -31.92 -9.50 -46.36
CA ALA E 367 -31.89 -9.23 -47.80
C ALA E 367 -30.95 -8.04 -48.09
N ALA E 368 -30.76 -7.16 -47.09
CA ALA E 368 -29.68 -6.16 -46.99
C ALA E 368 -30.08 -4.75 -47.39
N TRP E 369 -29.94 -3.79 -46.45
CA TRP E 369 -30.38 -2.41 -46.64
C TRP E 369 -29.55 -1.47 -45.77
N ARG E 370 -29.79 -0.17 -45.94
CA ARG E 370 -29.02 0.89 -45.31
C ARG E 370 -29.83 1.55 -44.21
N GLN E 371 -29.31 1.52 -42.99
CA GLN E 371 -29.94 2.26 -41.91
C GLN E 371 -29.73 3.74 -42.17
N THR E 372 -30.32 4.57 -41.32
CA THR E 372 -30.19 6.01 -41.49
C THR E 372 -28.76 6.48 -41.22
N ILE E 373 -28.09 5.87 -40.24
CA ILE E 373 -26.76 6.32 -39.84
C ILE E 373 -25.74 6.01 -40.93
N PHE E 374 -26.09 5.15 -41.89
CA PHE E 374 -25.21 4.82 -43.00
C PHE E 374 -24.68 6.06 -43.73
N TYR E 375 -25.50 7.11 -43.86
CA TYR E 375 -25.19 8.14 -44.84
C TYR E 375 -24.31 9.28 -44.31
N PRO E 376 -24.49 9.77 -43.09
CA PRO E 376 -23.48 10.73 -42.58
C PRO E 376 -22.10 10.10 -42.49
N PHE E 377 -22.03 8.80 -42.17
CA PHE E 377 -20.74 8.12 -42.18
C PHE E 377 -20.20 8.00 -43.60
N MET E 378 -21.05 7.63 -44.55
CA MET E 378 -20.66 7.58 -45.96
C MET E 378 -20.05 8.90 -46.42
N HIS E 379 -20.74 10.01 -46.13
CA HIS E 379 -20.24 11.31 -46.54
C HIS E 379 -18.95 11.68 -45.82
N ALA E 380 -18.87 11.40 -44.51
CA ALA E 380 -17.66 11.75 -43.77
C ALA E 380 -16.46 11.00 -44.32
N SER E 381 -16.62 9.69 -44.53
CA SER E 381 -15.49 8.91 -45.03
C SER E 381 -15.13 9.29 -46.46
N LYS E 382 -16.13 9.65 -47.28
CA LYS E 382 -15.84 9.91 -48.69
C LYS E 382 -15.28 11.30 -48.90
N TYR E 383 -15.87 12.33 -48.28
CA TYR E 383 -15.46 13.70 -48.49
C TYR E 383 -14.61 14.26 -47.35
N GLY E 384 -14.21 13.43 -46.40
CA GLY E 384 -13.55 13.93 -45.21
C GLY E 384 -12.07 13.59 -45.13
N ARG E 385 -11.46 13.34 -46.29
CA ARG E 385 -10.04 13.06 -46.40
C ARG E 385 -9.30 14.34 -46.76
N GLY E 386 -8.22 14.63 -46.03
CA GLY E 386 -7.51 15.87 -46.25
C GLY E 386 -7.09 16.52 -44.95
N ILE E 387 -7.23 17.84 -44.86
CA ILE E 387 -6.65 18.62 -43.77
C ILE E 387 -7.75 19.35 -43.05
N VAL E 388 -7.88 19.10 -41.75
CA VAL E 388 -8.92 19.75 -40.96
C VAL E 388 -8.52 21.20 -40.76
N LEU E 389 -9.41 22.11 -41.14
CA LEU E 389 -9.16 23.53 -40.94
C LEU E 389 -9.74 23.97 -39.61
N GLN E 390 -9.03 24.83 -38.91
CA GLN E 390 -9.42 25.30 -37.60
C GLN E 390 -10.83 25.91 -37.69
N PRO E 391 -11.82 25.31 -37.02
CA PRO E 391 -13.16 25.90 -37.03
C PRO E 391 -13.22 27.14 -36.15
N VAL E 392 -13.30 28.31 -36.77
CA VAL E 392 -13.61 29.53 -36.05
C VAL E 392 -15.01 29.93 -36.48
N ILE E 393 -15.92 29.97 -35.52
CA ILE E 393 -17.34 30.04 -35.81
C ILE E 393 -18.03 30.72 -34.64
N ASN E 394 -18.89 31.67 -34.94
CA ASN E 394 -19.88 32.16 -33.98
C ASN E 394 -21.23 31.75 -34.53
N SER E 395 -21.87 30.81 -33.84
CA SER E 395 -23.23 30.32 -33.97
C SER E 395 -24.03 30.76 -32.74
N PRO E 396 -25.34 31.00 -32.90
CA PRO E 396 -26.18 31.20 -31.71
C PRO E 396 -26.18 29.96 -30.84
N LEU E 397 -26.53 30.16 -29.59
CA LEU E 397 -26.62 29.10 -28.61
C LEU E 397 -28.09 28.79 -28.31
N HIS E 398 -28.30 27.83 -27.41
CA HIS E 398 -29.60 27.46 -26.89
C HIS E 398 -29.38 26.43 -25.80
N ASP E 399 -30.27 26.42 -24.82
CA ASP E 399 -30.22 25.39 -23.79
C ASP E 399 -31.05 24.18 -24.21
N THR E 400 -30.79 23.07 -23.52
CA THR E 400 -31.66 21.90 -23.55
C THR E 400 -32.01 21.59 -22.11
N SER E 401 -32.72 20.48 -21.89
CA SER E 401 -33.14 20.14 -20.53
C SER E 401 -31.94 19.95 -19.61
N LYS E 402 -30.85 19.37 -20.14
CA LYS E 402 -29.70 18.98 -19.33
C LYS E 402 -28.39 19.56 -19.82
N HIS E 403 -28.39 20.47 -20.79
CA HIS E 403 -27.18 21.10 -21.29
C HIS E 403 -27.38 22.61 -21.39
N GLU E 404 -26.27 23.34 -21.37
CA GLU E 404 -26.29 24.79 -21.46
C GLU E 404 -25.42 25.23 -22.63
N ASP E 405 -25.84 26.30 -23.30
CA ASP E 405 -25.00 27.01 -24.28
C ASP E 405 -24.51 26.08 -25.39
N VAL E 406 -25.42 25.26 -25.90
CA VAL E 406 -25.04 24.32 -26.94
C VAL E 406 -25.21 25.02 -28.29
N THR E 407 -24.19 24.90 -29.14
CA THR E 407 -24.24 25.65 -30.38
C THR E 407 -25.42 25.15 -31.21
N ASP E 408 -26.03 26.07 -31.96
CA ASP E 408 -27.08 25.67 -32.88
C ASP E 408 -26.47 24.99 -34.10
N ILE E 409 -25.31 25.48 -34.53
CA ILE E 409 -24.60 24.94 -35.68
C ILE E 409 -23.31 24.32 -35.19
N GLU E 410 -23.06 23.09 -35.61
CA GLU E 410 -21.79 22.41 -35.39
C GLU E 410 -21.19 22.17 -36.75
N SER E 411 -19.93 22.55 -36.95
CA SER E 411 -19.39 22.55 -38.29
C SER E 411 -17.88 22.50 -38.27
N VAL E 412 -17.33 21.87 -39.32
CA VAL E 412 -15.89 21.76 -39.54
C VAL E 412 -15.66 21.74 -41.04
N ALA E 413 -14.49 22.22 -41.46
CA ALA E 413 -14.11 22.27 -42.86
C ALA E 413 -12.88 21.41 -43.10
N ILE E 414 -12.93 20.61 -44.17
CA ILE E 414 -11.84 19.71 -44.54
C ILE E 414 -11.35 20.13 -45.91
N TYR E 415 -10.07 20.49 -46.00
CA TYR E 415 -9.45 20.93 -47.24
C TYR E 415 -8.63 19.81 -47.86
N ASN E 416 -8.92 19.49 -49.10
CA ASN E 416 -8.22 18.46 -49.86
C ASN E 416 -7.41 19.15 -50.95
N GLU E 417 -6.12 18.81 -51.05
CA GLU E 417 -5.29 19.43 -52.08
C GLU E 417 -5.31 18.62 -53.38
N GLU E 418 -5.09 17.30 -53.28
CA GLU E 418 -5.04 16.44 -54.45
C GLU E 418 -6.31 16.54 -55.29
N LYS E 419 -7.45 16.87 -54.68
CA LYS E 419 -8.68 17.14 -55.40
C LYS E 419 -8.97 18.63 -55.54
N GLU E 420 -8.16 19.48 -54.91
CA GLU E 420 -8.45 20.88 -54.67
C GLU E 420 -9.94 21.13 -54.51
N GLU E 421 -10.50 20.59 -53.43
CA GLU E 421 -11.83 20.91 -52.96
C GLU E 421 -11.77 21.26 -51.48
N VAL E 422 -12.79 21.95 -51.01
CA VAL E 422 -13.02 22.14 -49.59
C VAL E 422 -14.42 21.62 -49.30
N THR E 423 -14.55 20.88 -48.21
CA THR E 423 -15.81 20.24 -47.84
C THR E 423 -16.23 20.75 -46.48
N ILE E 424 -17.47 21.23 -46.38
CA ILE E 424 -18.00 21.74 -45.12
C ILE E 424 -19.05 20.75 -44.62
N PHE E 425 -18.83 20.22 -43.42
CA PHE E 425 -19.77 19.36 -42.73
C PHE E 425 -20.50 20.20 -41.69
N ALA E 426 -21.81 20.24 -41.78
CA ALA E 426 -22.57 21.12 -40.90
C ALA E 426 -23.82 20.43 -40.42
N VAL E 427 -24.12 20.58 -39.13
CA VAL E 427 -25.36 20.07 -38.59
C VAL E 427 -26.08 21.21 -37.90
N ASN E 428 -27.32 21.44 -38.29
CA ASN E 428 -28.19 22.33 -37.52
C ASN E 428 -28.90 21.44 -36.53
N ARG E 429 -28.55 21.58 -35.25
CA ARG E 429 -29.23 20.87 -34.18
C ARG E 429 -30.14 21.80 -33.39
N ASN E 430 -30.63 22.86 -34.05
CA ASN E 430 -31.64 23.71 -33.44
C ASN E 430 -33.05 23.16 -33.60
N ILE E 431 -33.25 22.16 -34.46
CA ILE E 431 -34.47 21.33 -34.50
C ILE E 431 -35.74 22.16 -34.76
N HIS E 432 -35.74 23.42 -34.34
CA HIS E 432 -36.88 24.33 -34.45
C HIS E 432 -36.68 25.42 -35.48
N GLU E 433 -35.59 26.19 -35.39
CA GLU E 433 -35.36 27.33 -36.26
C GLU E 433 -34.33 26.98 -37.33
N ASP E 434 -34.71 27.15 -38.59
CA ASP E 434 -33.71 27.12 -39.66
C ASP E 434 -32.74 28.28 -39.49
N ILE E 435 -31.52 28.10 -40.02
CA ILE E 435 -30.41 29.00 -39.76
C ILE E 435 -29.56 29.09 -41.03
N VAL E 436 -28.97 30.26 -41.25
CA VAL E 436 -28.15 30.51 -42.42
C VAL E 436 -26.70 30.64 -41.96
N LEU E 437 -25.80 29.96 -42.65
CA LEU E 437 -24.39 29.94 -42.29
C LEU E 437 -23.63 30.63 -43.42
N VAL E 438 -23.06 31.79 -43.11
CA VAL E 438 -22.21 32.48 -44.05
C VAL E 438 -20.78 32.23 -43.61
N SER E 439 -19.98 31.73 -44.53
CA SER E 439 -18.63 31.28 -44.26
C SER E 439 -17.69 32.12 -45.14
N ASP E 440 -17.01 33.07 -44.51
CA ASP E 440 -15.94 33.81 -45.17
C ASP E 440 -14.81 32.84 -45.55
N VAL E 441 -14.90 32.24 -46.74
CA VAL E 441 -13.83 31.38 -47.26
C VAL E 441 -12.72 32.29 -47.80
N ARG E 442 -11.62 32.38 -47.06
CA ARG E 442 -10.51 33.27 -47.40
C ARG E 442 -9.61 32.57 -48.42
N GLY E 443 -9.69 33.02 -49.67
CA GLY E 443 -8.86 32.51 -50.76
C GLY E 443 -9.08 31.05 -51.08
N MET E 444 -9.64 30.68 -52.25
CA MET E 444 -10.06 31.52 -53.38
C MET E 444 -9.00 32.50 -53.91
N ARG E 448 -16.10 27.91 -55.66
CA ARG E 448 -16.84 27.53 -56.85
C ARG E 448 -17.76 26.39 -56.44
N LEU E 449 -18.94 26.78 -55.94
CA LEU E 449 -19.83 25.83 -55.29
C LEU E 449 -20.16 24.65 -56.19
N LEU E 450 -19.69 23.45 -55.82
CA LEU E 450 -20.06 22.23 -56.54
C LEU E 450 -21.48 21.82 -56.18
N GLU E 451 -21.64 21.01 -55.14
CA GLU E 451 -22.96 20.61 -54.72
C GLU E 451 -23.20 20.94 -53.26
N HIS E 452 -24.42 20.64 -52.82
CA HIS E 452 -24.85 20.80 -51.44
C HIS E 452 -25.75 19.62 -51.15
N ILE E 453 -25.27 18.70 -50.33
CA ILE E 453 -26.02 17.49 -50.03
C ILE E 453 -26.68 17.68 -48.67
N VAL E 454 -27.86 17.07 -48.50
CA VAL E 454 -28.55 17.11 -47.23
C VAL E 454 -29.10 15.73 -46.87
N LEU E 455 -29.21 15.50 -45.55
CA LEU E 455 -30.17 14.56 -44.96
C LEU E 455 -31.10 15.40 -44.12
N GLU E 456 -32.33 15.54 -44.57
CA GLU E 456 -33.35 16.24 -43.82
C GLU E 456 -34.60 15.39 -43.84
N HIS E 457 -35.50 15.70 -42.92
CA HIS E 457 -36.78 15.00 -42.80
C HIS E 457 -37.57 15.72 -41.73
N GLN E 458 -38.89 15.72 -41.90
CA GLN E 458 -39.73 16.37 -40.91
C GLN E 458 -40.06 15.45 -39.74
N ASP E 459 -40.07 14.14 -39.97
CA ASP E 459 -40.30 13.16 -38.89
C ASP E 459 -38.94 12.75 -38.32
N LEU E 460 -38.61 13.29 -37.15
CA LEU E 460 -37.35 12.96 -36.51
C LEU E 460 -37.24 11.50 -36.14
N LYS E 461 -38.36 10.81 -35.97
CA LYS E 461 -38.38 9.43 -35.52
C LYS E 461 -38.45 8.43 -36.66
N ILE E 462 -38.40 8.88 -37.92
CA ILE E 462 -38.63 7.95 -39.02
C ILE E 462 -37.40 7.06 -39.19
N ARG E 463 -37.63 5.79 -39.49
CA ARG E 463 -36.58 4.79 -39.66
C ARG E 463 -36.47 4.43 -41.13
N ASN E 464 -35.54 3.53 -41.43
CA ASN E 464 -35.44 2.86 -42.71
C ASN E 464 -35.79 1.39 -42.52
N SER E 465 -35.84 0.65 -43.63
CA SER E 465 -36.16 -0.78 -43.59
C SER E 465 -35.82 -1.37 -44.95
N VAL E 466 -35.99 -2.70 -45.09
CA VAL E 466 -35.87 -3.33 -46.40
C VAL E 466 -36.73 -2.65 -47.45
N ASN E 467 -37.96 -2.30 -47.08
CA ASN E 467 -38.93 -1.83 -48.07
C ASN E 467 -38.57 -0.48 -48.66
N GLY E 468 -37.62 0.24 -48.08
CA GLY E 468 -37.12 1.45 -48.69
C GLY E 468 -36.52 2.38 -47.68
N GLU E 469 -35.66 3.26 -48.19
CA GLU E 469 -35.02 4.29 -47.38
C GLU E 469 -35.92 5.52 -47.34
N GLU E 470 -36.34 5.92 -46.15
CA GLU E 470 -37.00 7.20 -45.94
C GLU E 470 -36.02 8.34 -45.68
N VAL E 471 -34.76 7.99 -45.35
CA VAL E 471 -33.69 8.94 -45.13
C VAL E 471 -32.58 8.58 -46.10
N TYR E 472 -32.26 9.50 -47.01
CA TYR E 472 -31.22 9.24 -47.99
C TYR E 472 -30.75 10.58 -48.51
N PRO E 473 -29.51 10.67 -49.00
CA PRO E 473 -29.00 11.99 -49.40
C PRO E 473 -29.76 12.50 -50.61
N LYS E 474 -30.28 13.68 -50.42
CA LYS E 474 -30.96 14.36 -51.46
C LYS E 474 -30.13 15.58 -51.74
N ASN E 475 -29.83 15.81 -52.99
CA ASN E 475 -29.11 16.99 -53.41
C ASN E 475 -30.07 18.11 -53.24
N SER E 476 -29.69 19.13 -52.52
CA SER E 476 -30.57 20.25 -52.31
C SER E 476 -29.80 21.49 -51.95
N ASP E 477 -30.51 22.59 -51.91
CA ASP E 477 -29.90 23.82 -51.51
C ASP E 477 -29.74 23.73 -49.99
N PHE E 481 -23.11 30.10 -54.26
CA PHE E 481 -21.88 30.60 -53.64
C PHE E 481 -22.02 32.09 -53.40
N ASP E 482 -21.36 32.86 -54.27
CA ASP E 482 -21.34 34.32 -54.33
C ASP E 482 -20.18 34.76 -55.23
N ASP E 483 -19.05 35.10 -54.61
CA ASP E 483 -17.80 35.41 -55.31
C ASP E 483 -16.63 35.28 -54.34
N GLY E 484 -16.91 35.34 -53.04
CA GLY E 484 -15.91 35.04 -52.02
C GLY E 484 -16.52 34.45 -50.77
N ILE E 485 -17.77 34.83 -50.49
CA ILE E 485 -18.52 34.38 -49.33
C ILE E 485 -19.46 33.26 -49.74
N LEU E 486 -19.54 32.22 -48.93
CA LEU E 486 -20.47 31.11 -49.17
C LEU E 486 -21.66 31.24 -48.23
N THR E 487 -22.86 31.26 -48.80
CA THR E 487 -24.08 31.38 -48.02
C THR E 487 -24.88 30.08 -48.15
N SER E 488 -25.42 29.62 -47.02
CA SER E 488 -26.05 28.30 -47.01
C SER E 488 -27.20 28.27 -46.01
N MET E 489 -28.33 27.72 -46.46
CA MET E 489 -29.52 27.54 -45.62
C MET E 489 -29.40 26.19 -44.92
N LEU E 490 -29.09 26.23 -43.61
CA LEU E 490 -29.04 25.02 -42.80
C LEU E 490 -30.40 24.85 -42.16
N ARG E 491 -31.18 23.90 -42.71
CA ARG E 491 -32.52 23.63 -42.23
C ARG E 491 -32.50 23.04 -40.82
N ARG E 492 -33.56 23.31 -40.05
CA ARG E 492 -33.63 22.80 -38.69
C ARG E 492 -33.47 21.29 -38.70
N ALA E 493 -32.71 20.76 -37.74
CA ALA E 493 -32.51 19.33 -37.56
C ALA E 493 -32.06 18.66 -38.87
N SER E 494 -30.93 19.14 -39.40
CA SER E 494 -30.46 18.59 -40.66
C SER E 494 -28.94 18.46 -40.67
N TRP E 495 -28.47 17.63 -41.60
CA TRP E 495 -27.06 17.35 -41.83
C TRP E 495 -26.69 17.85 -43.22
N ASN E 496 -25.56 18.54 -43.32
CA ASN E 496 -25.20 19.22 -44.56
C ASN E 496 -23.74 19.02 -44.92
N VAL E 497 -23.49 18.69 -46.19
CA VAL E 497 -22.16 18.55 -46.75
C VAL E 497 -22.08 19.48 -47.95
N ILE E 498 -21.39 20.60 -47.79
CA ILE E 498 -21.28 21.62 -48.82
C ILE E 498 -19.88 21.58 -49.42
N ARG E 499 -19.79 21.39 -50.73
CA ARG E 499 -18.52 21.23 -51.42
C ARG E 499 -18.22 22.41 -52.33
N ILE E 500 -16.93 22.61 -52.59
CA ILE E 500 -16.38 23.81 -53.20
C ILE E 500 -15.11 23.41 -53.93
N GLY E 501 -14.87 23.99 -55.11
CA GLY E 501 -13.70 23.63 -55.91
C GLY E 501 -13.32 24.62 -57.00
N LYS F 1 40.86 -28.36 28.33
CA LYS F 1 41.69 -27.79 29.40
C LYS F 1 42.77 -26.84 28.86
N LYS F 2 43.08 -26.94 27.58
CA LYS F 2 43.96 -26.00 26.90
C LYS F 2 43.16 -25.10 25.96
N ALA F 3 43.62 -23.87 25.80
CA ALA F 3 43.02 -22.95 24.83
C ALA F 3 44.12 -22.05 24.28
N ARG F 4 44.19 -21.96 22.96
CA ARG F 4 45.30 -21.28 22.29
C ARG F 4 44.78 -20.05 21.57
N MET F 5 45.45 -18.93 21.81
CA MET F 5 45.10 -17.64 21.24
C MET F 5 46.38 -16.95 20.79
N THR F 6 46.41 -16.51 19.53
CA THR F 6 47.60 -15.86 19.00
C THR F 6 47.26 -14.40 18.69
N VAL F 7 47.83 -13.50 19.46
CA VAL F 7 47.68 -12.06 19.26
C VAL F 7 48.79 -11.58 18.35
N ASP F 8 48.48 -10.62 17.48
CA ASP F 8 49.54 -9.98 16.70
C ASP F 8 49.14 -8.54 16.43
N LYS F 9 50.05 -7.62 16.77
CA LYS F 9 49.85 -6.21 16.51
C LYS F 9 49.35 -5.94 15.10
N ASP F 10 49.84 -6.71 14.13
CA ASP F 10 49.49 -6.47 12.73
C ASP F 10 48.05 -6.83 12.40
N TYR F 11 47.34 -7.49 13.30
CA TYR F 11 45.98 -7.88 12.98
C TYR F 11 45.00 -7.06 13.82
N LYS F 12 44.65 -5.88 13.29
CA LYS F 12 43.76 -4.97 13.97
C LYS F 12 42.31 -5.24 13.60
N ILE F 13 41.42 -4.92 14.53
CA ILE F 13 39.99 -4.78 14.25
C ILE F 13 39.62 -3.33 14.11
N ALA F 14 40.00 -2.50 15.08
CA ALA F 14 39.85 -1.04 14.97
C ALA F 14 40.42 -0.40 16.23
N GLU F 15 40.49 0.92 16.20
CA GLU F 15 40.70 1.70 17.40
C GLU F 15 39.43 1.76 18.23
N ILE F 16 39.58 1.67 19.55
CA ILE F 16 38.48 1.83 20.48
C ILE F 16 38.08 3.30 20.54
N ASP F 17 36.81 3.58 20.24
CA ASP F 17 36.22 4.86 20.62
C ASP F 17 35.87 4.82 22.10
N LYS F 18 36.34 5.80 22.87
CA LYS F 18 36.17 5.70 24.31
C LYS F 18 34.70 5.82 24.72
N ARG F 19 33.84 6.31 23.82
CA ARG F 19 32.44 6.48 24.17
C ARG F 19 31.70 5.14 24.28
N ILE F 20 32.35 4.01 24.03
CA ILE F 20 31.72 2.72 24.35
C ILE F 20 31.75 2.40 25.83
N TYR F 21 32.44 3.20 26.65
CA TYR F 21 32.35 3.08 28.09
C TYR F 21 31.46 4.16 28.70
N GLY F 22 30.47 4.61 27.94
CA GLY F 22 29.48 5.51 28.47
C GLY F 22 28.43 4.81 29.32
N SER F 23 27.57 5.64 29.92
CA SER F 23 26.45 5.10 30.67
C SER F 23 25.23 6.00 30.48
N PHE F 24 24.30 5.97 31.44
CA PHE F 24 22.93 6.37 31.17
C PHE F 24 22.25 6.68 32.50
N VAL F 25 21.67 7.87 32.61
CA VAL F 25 20.88 8.27 33.76
C VAL F 25 19.48 8.63 33.27
N GLU F 26 18.48 7.86 33.71
CA GLU F 26 17.10 8.22 33.43
C GLU F 26 16.46 8.80 34.70
N HIS F 27 15.53 9.74 34.52
CA HIS F 27 14.66 10.17 35.61
C HIS F 27 13.71 8.99 35.93
N LEU F 28 14.26 8.04 36.67
CA LEU F 28 13.58 6.79 36.99
C LEU F 28 14.02 6.41 38.40
N GLY F 29 13.06 6.01 39.24
CA GLY F 29 13.40 5.52 40.56
C GLY F 29 14.26 6.48 41.37
N ARG F 30 15.31 5.94 41.98
CA ARG F 30 16.24 6.74 42.77
C ARG F 30 17.56 6.97 42.04
N ALA F 31 17.54 6.97 40.70
CA ALA F 31 18.71 7.39 39.94
C ALA F 31 19.09 8.82 40.27
N VAL F 32 18.10 9.71 40.36
CA VAL F 32 18.36 11.14 40.53
C VAL F 32 17.98 11.56 41.96
N TYR F 33 16.67 11.59 42.26
CA TYR F 33 16.24 11.96 43.60
C TYR F 33 16.56 10.83 44.55
N ASP F 34 17.20 11.17 45.68
CA ASP F 34 17.77 10.16 46.58
C ASP F 34 18.69 9.22 45.80
N GLY F 35 19.35 9.77 44.77
CA GLY F 35 20.37 9.11 43.98
C GLY F 35 21.59 10.02 43.87
N LEU F 36 21.90 10.50 42.66
CA LEU F 36 23.01 11.42 42.57
C LEU F 36 22.68 12.77 43.18
N TYR F 37 21.39 13.07 43.40
CA TYR F 37 20.94 14.40 43.82
C TYR F 37 20.26 14.27 45.18
N GLN F 38 20.89 14.85 46.21
CA GLN F 38 20.41 14.77 47.59
C GLN F 38 20.72 16.07 48.30
N PRO F 39 19.91 17.07 48.10
CA PRO F 39 20.11 18.41 48.61
C PRO F 39 20.74 18.70 49.96
N GLY F 40 20.29 18.12 51.07
CA GLY F 40 20.93 18.49 52.33
C GLY F 40 21.94 17.57 52.92
N ASN F 41 22.20 16.47 52.26
CA ASN F 41 23.10 15.46 52.74
C ASN F 41 24.47 15.95 53.11
N SER F 42 24.99 15.34 54.15
CA SER F 42 26.27 15.68 54.66
C SER F 42 27.32 15.24 53.70
N LYS F 43 26.98 14.33 52.81
CA LYS F 43 27.90 13.84 51.81
C LYS F 43 27.72 14.50 50.44
N SER F 44 26.95 15.60 50.36
CA SER F 44 26.68 16.28 49.10
C SER F 44 27.38 17.63 49.08
N ASP F 45 27.63 18.16 47.88
CA ASP F 45 28.24 19.48 47.78
C ASP F 45 27.16 20.55 47.94
N GLU F 46 27.49 21.81 47.69
CA GLU F 46 26.51 22.86 47.90
C GLU F 46 25.38 22.83 46.87
N ASP F 47 25.62 22.25 45.68
CA ASP F 47 24.57 22.09 44.67
C ASP F 47 23.68 20.88 44.91
N GLY F 48 23.92 20.10 45.97
CA GLY F 48 23.11 18.93 46.25
C GLY F 48 23.62 17.63 45.67
N PHE F 49 24.79 17.61 45.02
CA PHE F 49 25.29 16.37 44.41
C PHE F 49 26.09 15.58 45.43
N ARG F 50 25.69 14.33 45.65
CA ARG F 50 26.45 13.39 46.47
C ARG F 50 27.88 13.26 45.98
N LYS F 51 28.83 13.66 46.81
CA LYS F 51 30.23 13.69 46.37
C LYS F 51 30.85 12.31 46.34
N ASP F 52 30.37 11.40 47.17
CA ASP F 52 30.90 10.05 47.13
C ASP F 52 30.50 9.33 45.84
N VAL F 53 29.25 9.55 45.39
CA VAL F 53 28.78 9.01 44.11
C VAL F 53 29.62 9.55 42.97
N ILE F 54 29.84 10.87 42.95
CA ILE F 54 30.71 11.47 41.95
C ILE F 54 32.05 10.72 41.88
N GLU F 55 32.67 10.48 43.05
CA GLU F 55 33.95 9.75 43.07
C GLU F 55 33.82 8.36 42.46
N LEU F 56 32.74 7.64 42.79
CA LEU F 56 32.58 6.29 42.22
C LEU F 56 32.36 6.35 40.71
N VAL F 57 31.63 7.35 40.22
CA VAL F 57 31.47 7.50 38.78
C VAL F 57 32.81 7.77 38.12
N LYS F 58 33.61 8.66 38.71
CA LYS F 58 34.91 8.96 38.11
C LYS F 58 35.81 7.74 38.06
N GLU F 59 35.62 6.77 38.97
CA GLU F 59 36.40 5.53 38.93
C GLU F 59 36.07 4.65 37.74
N LEU F 60 34.91 4.85 37.12
CA LEU F 60 34.52 4.06 35.95
C LEU F 60 34.94 4.72 34.65
N ASN F 61 35.52 5.92 34.70
CA ASN F 61 36.03 6.62 33.51
C ASN F 61 34.97 6.71 32.43
N VAL F 62 33.81 7.23 32.80
CA VAL F 62 32.67 7.31 31.90
C VAL F 62 32.78 8.61 31.12
N PRO F 63 32.97 8.57 29.80
CA PRO F 63 33.12 9.80 29.01
C PRO F 63 31.82 10.38 28.47
N ILE F 64 30.72 9.63 28.48
CA ILE F 64 29.47 10.11 27.89
C ILE F 64 28.31 9.46 28.63
N ILE F 65 27.28 10.25 28.91
CA ILE F 65 26.15 9.80 29.72
C ILE F 65 24.86 10.13 28.97
N ALA F 66 24.12 9.10 28.59
CA ALA F 66 22.79 9.29 27.99
C ALA F 66 21.83 9.93 28.99
N TYR F 67 20.98 10.85 28.53
CA TYR F 67 20.08 11.56 29.42
C TYR F 67 18.97 12.21 28.60
N PRO F 68 17.73 12.31 29.13
CA PRO F 68 17.18 11.87 30.42
C PRO F 68 16.34 10.61 30.37
N GLY F 69 16.44 9.89 29.26
CA GLY F 69 15.62 8.69 29.04
C GLY F 69 16.04 8.08 27.73
N GLY F 70 15.57 6.86 27.49
CA GLY F 70 14.68 6.17 28.40
C GLY F 70 13.23 6.43 28.04
N ASN F 71 12.33 5.56 28.54
CA ASN F 71 10.89 5.75 28.30
C ASN F 71 10.42 7.12 28.78
N PHE F 72 11.09 7.65 29.80
CA PHE F 72 10.75 8.93 30.38
C PHE F 72 10.74 10.05 29.35
N VAL F 73 11.70 10.06 28.41
CA VAL F 73 11.84 11.24 27.55
C VAL F 73 10.62 11.42 26.64
N SER F 74 9.95 10.31 26.31
CA SER F 74 8.87 10.36 25.32
C SER F 74 7.64 11.10 25.81
N ASN F 75 7.60 11.54 27.06
CA ASN F 75 6.54 12.45 27.46
C ASN F 75 7.08 13.58 28.33
N TYR F 76 8.36 13.90 28.17
CA TYR F 76 9.04 14.97 28.92
C TYR F 76 8.91 16.30 28.18
N PHE F 77 8.62 17.37 28.91
CA PHE F 77 8.65 18.72 28.36
C PHE F 77 9.86 19.43 28.98
N TRP F 78 10.93 19.57 28.18
CA TRP F 78 12.20 20.01 28.74
C TRP F 78 12.11 21.36 29.45
N GLU F 79 11.24 22.26 28.98
CA GLU F 79 11.13 23.58 29.62
C GLU F 79 10.71 23.47 31.09
N ASP F 80 10.11 22.36 31.49
CA ASP F 80 9.69 22.15 32.87
C ASP F 80 10.88 22.04 33.82
N GLY F 81 12.05 21.65 33.31
CA GLY F 81 13.24 21.45 34.10
C GLY F 81 14.31 22.53 34.03
N VAL F 82 13.99 23.72 33.48
CA VAL F 82 14.92 24.84 33.48
C VAL F 82 14.20 26.06 34.04
N GLY F 83 15.01 27.07 34.39
CA GLY F 83 14.49 28.30 34.95
C GLY F 83 14.43 28.17 36.45
N PRO F 84 13.94 29.21 37.12
CA PRO F 84 13.88 29.21 38.59
C PRO F 84 13.10 28.01 39.11
N VAL F 85 13.70 27.31 40.08
CA VAL F 85 13.12 26.06 40.57
C VAL F 85 11.73 26.27 41.18
N GLU F 86 11.49 27.43 41.82
CA GLU F 86 10.19 27.77 42.39
C GLU F 86 9.07 27.75 41.35
N ASP F 87 9.40 27.90 40.07
CA ASP F 87 8.41 27.97 39.02
C ASP F 87 8.36 26.71 38.17
N ARG F 88 9.03 25.65 38.58
CA ARG F 88 9.02 24.44 37.78
C ARG F 88 7.87 23.54 38.22
N PRO F 89 7.09 23.00 37.29
CA PRO F 89 5.93 22.19 37.68
C PRO F 89 6.36 20.82 38.19
N ARG F 90 5.45 20.19 38.92
CA ARG F 90 5.45 18.75 39.10
C ARG F 90 4.64 18.16 37.97
N ARG F 91 5.09 17.02 37.43
CA ARG F 91 4.42 16.38 36.31
C ARG F 91 4.25 14.89 36.56
N LEU F 92 3.17 14.35 36.00
CA LEU F 92 3.01 12.91 35.96
C LEU F 92 4.01 12.31 34.99
N ASP F 93 4.77 11.33 35.45
CA ASP F 93 5.64 10.54 34.60
C ASP F 93 4.88 9.27 34.24
N LEU F 94 4.33 9.22 33.04
CA LEU F 94 3.48 8.11 32.67
C LEU F 94 4.27 6.82 32.59
N ALA F 95 5.52 6.87 32.11
CA ALA F 95 6.28 5.63 31.90
C ALA F 95 6.47 4.86 33.21
N TRP F 96 6.81 5.56 34.29
CA TRP F 96 7.18 4.89 35.53
C TRP F 96 6.25 5.23 36.66
N LYS F 97 5.12 5.87 36.35
CA LYS F 97 4.02 6.02 37.29
C LYS F 97 4.48 6.73 38.57
N SER F 98 5.15 7.85 38.37
CA SER F 98 5.81 8.62 39.41
C SER F 98 5.51 10.09 39.20
N ILE F 99 5.75 10.88 40.24
CA ILE F 99 5.73 12.34 40.13
C ILE F 99 7.15 12.81 39.89
N GLU F 100 7.35 13.60 38.84
CA GLU F 100 8.63 14.19 38.55
C GLU F 100 8.58 15.65 39.01
N PRO F 101 9.39 16.04 40.00
CA PRO F 101 9.35 17.42 40.49
C PRO F 101 10.28 18.37 39.75
N ASN F 102 11.13 17.86 38.86
CA ASN F 102 11.91 18.69 37.94
C ASN F 102 12.91 19.58 38.67
N GLN F 103 13.42 19.07 39.80
CA GLN F 103 14.49 19.76 40.50
C GLN F 103 15.78 19.68 39.73
N VAL F 104 16.06 18.51 39.16
CA VAL F 104 17.14 18.33 38.20
C VAL F 104 16.56 18.43 36.78
N GLY F 105 17.09 19.36 36.00
CA GLY F 105 16.82 19.48 34.58
C GLY F 105 18.12 19.60 33.81
N ILE F 106 18.03 20.16 32.61
CA ILE F 106 19.19 20.24 31.71
C ILE F 106 20.39 20.88 32.41
N ASN F 107 20.19 22.03 33.07
CA ASN F 107 21.37 22.75 33.54
C ASN F 107 21.99 22.10 34.78
N GLU F 108 21.18 21.59 35.72
CA GLU F 108 21.78 20.88 36.83
C GLU F 108 22.47 19.61 36.36
N PHE F 109 21.86 18.90 35.40
CA PHE F 109 22.48 17.64 35.02
C PHE F 109 23.76 17.86 34.23
N ALA F 110 23.85 18.97 33.47
CA ALA F 110 25.08 19.33 32.80
C ALA F 110 26.18 19.67 33.80
N LYS F 111 25.84 20.43 34.84
CA LYS F 111 26.80 20.69 35.92
C LYS F 111 27.31 19.39 36.51
N TRP F 112 26.42 18.43 36.77
CA TRP F 112 26.84 17.14 37.31
C TRP F 112 27.80 16.44 36.36
N CYS F 113 27.57 16.54 35.04
CA CYS F 113 28.44 15.85 34.11
C CYS F 113 29.84 16.47 34.06
N LYS F 114 29.92 17.80 34.23
CA LYS F 114 31.21 18.43 34.49
C LYS F 114 31.92 17.75 35.65
N LYS F 115 31.20 17.58 36.78
CA LYS F 115 31.84 17.08 37.99
C LYS F 115 32.31 15.63 37.86
N VAL F 116 31.69 14.82 36.99
CA VAL F 116 32.16 13.45 36.80
C VAL F 116 32.99 13.29 35.52
N ASN F 117 33.43 14.39 34.90
CA ASN F 117 34.29 14.32 33.70
C ASN F 117 33.60 13.66 32.52
N ALA F 118 32.29 13.85 32.39
CA ALA F 118 31.52 13.20 31.34
C ALA F 118 30.83 14.27 30.50
N GLU F 119 30.40 13.86 29.31
CA GLU F 119 29.56 14.67 28.45
C GLU F 119 28.13 14.12 28.42
N ILE F 120 27.17 14.98 28.13
CA ILE F 120 25.80 14.53 27.91
C ILE F 120 25.66 13.99 26.48
N MET F 121 24.94 12.87 26.35
CA MET F 121 24.22 12.54 25.12
C MET F 121 22.73 12.80 25.38
N MET F 122 22.17 13.81 24.73
CA MET F 122 20.81 14.28 24.99
C MET F 122 19.77 13.60 24.11
N ALA F 123 18.73 13.04 24.73
CA ALA F 123 17.58 12.52 24.02
C ALA F 123 16.48 13.58 24.00
N VAL F 124 15.82 13.72 22.85
CA VAL F 124 14.72 14.66 22.66
C VAL F 124 13.42 13.88 22.59
N ASN F 125 12.34 14.52 23.04
CA ASN F 125 10.99 13.94 23.03
C ASN F 125 10.41 13.94 21.62
N LEU F 126 10.33 12.76 21.01
CA LEU F 126 9.59 12.60 19.76
C LEU F 126 8.40 11.66 19.93
N GLY F 127 7.89 11.54 21.16
CA GLY F 127 6.70 10.77 21.45
C GLY F 127 5.50 11.65 21.38
N THR F 128 5.41 12.62 22.31
CA THR F 128 4.32 13.61 22.33
C THR F 128 4.74 15.00 21.87
N ARG F 129 6.00 15.19 21.47
CA ARG F 129 6.42 16.42 20.78
C ARG F 129 7.20 16.03 19.52
N GLY F 130 7.67 17.03 18.76
CA GLY F 130 8.26 16.79 17.45
C GLY F 130 9.35 17.77 17.10
N ILE F 131 9.36 18.20 15.84
CA ILE F 131 10.49 18.92 15.25
C ILE F 131 10.79 20.21 16.02
N SER F 132 9.79 21.08 16.19
CA SER F 132 10.12 22.40 16.67
C SER F 132 10.62 22.36 18.11
N ASP F 133 10.20 21.37 18.91
CA ASP F 133 10.69 21.31 20.28
C ASP F 133 12.08 20.73 20.36
N ALA F 134 12.46 19.88 19.42
CA ALA F 134 13.86 19.45 19.36
C ALA F 134 14.74 20.61 18.95
N CYS F 135 14.27 21.43 18.01
CA CYS F 135 15.02 22.60 17.59
C CYS F 135 15.25 23.56 18.75
N ASN F 136 14.20 23.82 19.54
CA ASN F 136 14.32 24.75 20.66
C ASN F 136 15.34 24.26 21.66
N LEU F 137 15.28 22.97 22.00
CA LEU F 137 16.20 22.42 22.98
C LEU F 137 17.63 22.52 22.48
N LEU F 138 17.83 22.29 21.17
CA LEU F 138 19.17 22.31 20.62
C LEU F 138 19.71 23.73 20.60
N GLU F 139 18.86 24.69 20.22
CA GLU F 139 19.26 26.09 20.26
C GLU F 139 19.59 26.51 21.68
N TYR F 140 18.77 26.11 22.64
CA TYR F 140 18.99 26.44 24.04
C TYR F 140 20.35 25.94 24.50
N CYS F 141 20.73 24.73 24.09
CA CYS F 141 21.94 24.08 24.57
C CYS F 141 23.21 24.48 23.81
N ASN F 142 23.10 24.67 22.48
CA ASN F 142 24.27 24.77 21.62
C ASN F 142 24.47 26.12 20.94
N HIS F 143 23.43 26.95 20.81
CA HIS F 143 23.62 28.25 20.16
C HIS F 143 24.19 29.24 21.17
N PRO F 144 25.20 30.03 20.79
CA PRO F 144 25.90 30.86 21.80
C PRO F 144 25.00 31.89 22.49
N GLY F 145 24.24 32.66 21.73
CA GLY F 145 23.42 33.71 22.30
C GLY F 145 22.82 34.52 21.17
N GLY F 146 22.03 35.53 21.55
CA GLY F 146 21.40 36.37 20.56
C GLY F 146 20.16 35.79 19.90
N SER F 147 19.56 34.75 20.48
CA SER F 147 18.27 34.26 19.99
C SER F 147 17.41 33.85 21.19
N LYS F 148 16.11 33.69 20.92
CA LYS F 148 15.14 33.51 21.99
C LYS F 148 15.58 32.44 22.98
N TYR F 149 15.99 31.29 22.49
CA TYR F 149 16.29 30.18 23.39
C TYR F 149 17.73 30.18 23.88
N SER F 150 18.69 30.71 23.13
CA SER F 150 20.04 30.83 23.68
C SER F 150 20.05 31.90 24.78
N ASP F 151 19.46 33.07 24.53
CA ASP F 151 19.36 34.07 25.58
C ASP F 151 18.59 33.56 26.79
N MET F 152 17.61 32.67 26.58
CA MET F 152 16.89 32.08 27.70
C MET F 152 17.82 31.21 28.56
N ARG F 153 18.69 30.41 27.92
CA ARG F 153 19.71 29.71 28.69
C ARG F 153 20.59 30.68 29.46
N ILE F 154 21.02 31.76 28.80
CA ILE F 154 21.85 32.75 29.47
C ILE F 154 21.11 33.35 30.66
N LYS F 155 19.86 33.77 30.45
CA LYS F 155 19.06 34.30 31.55
C LYS F 155 18.82 33.27 32.67
N HIS F 156 19.01 31.98 32.39
CA HIS F 156 18.87 30.96 33.43
C HIS F 156 20.18 30.69 34.16
N GLY F 157 21.25 31.39 33.83
CA GLY F 157 22.47 31.34 34.59
C GLY F 157 23.59 30.54 33.97
N VAL F 158 23.50 30.21 32.68
CA VAL F 158 24.51 29.42 32.01
C VAL F 158 24.93 30.22 30.77
N LYS F 159 26.04 30.95 30.88
CA LYS F 159 26.44 31.83 29.79
C LYS F 159 27.00 31.04 28.63
N GLU F 160 27.77 29.99 28.92
CA GLU F 160 28.36 29.23 27.82
C GLU F 160 27.40 28.14 27.36
N PRO F 161 27.34 27.88 26.05
CA PRO F 161 26.48 26.78 25.57
C PRO F 161 27.04 25.46 26.04
N HIS F 162 26.14 24.53 26.33
CA HIS F 162 26.59 23.19 26.71
C HIS F 162 27.32 22.50 25.56
N ASN F 163 27.05 22.89 24.33
CA ASN F 163 27.61 22.28 23.12
C ASN F 163 27.59 20.74 23.20
N ILE F 164 26.36 20.22 23.26
CA ILE F 164 26.16 18.78 23.31
C ILE F 164 26.43 18.18 21.93
N LYS F 165 27.28 17.17 21.89
CA LYS F 165 27.80 16.65 20.63
C LYS F 165 26.86 15.62 19.99
N VAL F 166 26.31 14.70 20.76
CA VAL F 166 25.50 13.60 20.25
C VAL F 166 24.08 13.78 20.79
N TRP F 167 23.10 13.68 19.90
CA TRP F 167 21.70 13.71 20.31
C TRP F 167 21.00 12.45 19.80
N CYS F 168 20.00 12.03 20.55
CA CYS F 168 19.25 10.82 20.24
C CYS F 168 17.81 11.20 19.85
N LEU F 169 17.37 10.71 18.69
CA LEU F 169 16.08 11.14 18.13
C LEU F 169 14.97 10.36 18.82
N GLY F 170 14.56 10.85 19.99
CA GLY F 170 13.56 10.15 20.78
C GLY F 170 14.15 8.94 21.48
N ASN F 171 13.26 8.08 21.97
CA ASN F 171 13.61 6.77 22.50
C ASN F 171 12.97 5.71 21.62
N ALA F 172 13.29 4.43 21.87
CA ALA F 172 12.61 3.36 21.15
C ALA F 172 11.11 3.49 21.37
N MET F 173 10.36 3.51 20.28
CA MET F 173 8.94 3.80 20.37
C MET F 173 8.10 2.72 19.69
N ASP F 174 8.63 1.50 19.60
CA ASP F 174 7.98 0.38 18.95
C ASP F 174 7.13 -0.45 19.91
N GLY F 175 7.21 -0.19 21.20
CA GLY F 175 6.50 -1.01 22.15
C GLY F 175 5.16 -0.42 22.56
N PRO F 176 4.17 -1.29 22.76
CA PRO F 176 2.85 -0.83 23.20
C PRO F 176 2.78 -0.37 24.65
N TRP F 177 3.93 -0.32 25.35
CA TRP F 177 4.01 0.19 26.72
C TRP F 177 4.62 1.58 26.84
N GLN F 178 4.93 2.24 25.73
CA GLN F 178 5.53 3.58 25.76
C GLN F 178 4.54 4.62 25.24
N VAL F 179 4.46 5.75 25.94
CA VAL F 179 3.70 6.89 25.44
C VAL F 179 4.23 7.29 24.07
N GLY F 180 3.32 7.61 23.16
CA GLY F 180 3.72 7.96 21.82
C GLY F 180 4.32 6.83 21.02
N HIS F 181 3.84 5.60 21.21
CA HIS F 181 4.16 4.52 20.30
C HIS F 181 4.04 4.97 18.84
N LYS F 182 5.02 4.58 18.02
CA LYS F 182 4.97 4.91 16.60
C LYS F 182 5.16 3.65 15.76
N THR F 183 4.57 3.65 14.56
CA THR F 183 4.95 2.63 13.58
C THR F 183 6.31 2.98 13.00
N MET F 184 6.95 2.00 12.37
CA MET F 184 8.28 2.27 11.84
C MET F 184 8.25 3.38 10.80
N ASP F 185 7.19 3.42 9.97
CA ASP F 185 7.10 4.48 8.97
C ASP F 185 6.87 5.83 9.63
N GLU F 186 6.02 5.90 10.64
CA GLU F 186 5.83 7.19 11.33
C GLU F 186 7.14 7.67 11.96
N TYR F 187 7.84 6.76 12.65
CA TYR F 187 9.07 7.16 13.32
C TYR F 187 10.15 7.52 12.32
N GLY F 188 10.24 6.76 11.22
CA GLY F 188 11.21 7.10 10.20
C GLY F 188 11.07 8.53 9.71
N ARG F 189 9.81 8.96 9.52
CA ARG F 189 9.55 10.30 8.99
C ARG F 189 9.92 11.37 10.01
N ILE F 190 9.45 11.23 11.25
CA ILE F 190 9.69 12.25 12.26
C ILE F 190 11.20 12.33 12.57
N ALA F 191 11.89 11.19 12.56
CA ALA F 191 13.33 11.18 12.78
C ALA F 191 14.08 11.88 11.65
N GLU F 192 13.67 11.63 10.41
CA GLU F 192 14.31 12.24 9.25
C GLU F 192 14.10 13.75 9.27
N GLU F 193 12.91 14.19 9.65
CA GLU F 193 12.61 15.62 9.60
C GLU F 193 13.18 16.36 10.80
N THR F 194 13.18 15.72 11.97
CA THR F 194 13.84 16.32 13.13
C THR F 194 15.34 16.43 12.88
N ALA F 195 15.93 15.36 12.36
CA ALA F 195 17.36 15.34 12.05
C ALA F 195 17.73 16.40 11.02
N ARG F 196 16.91 16.54 9.97
CA ARG F 196 17.16 17.56 8.94
C ARG F 196 17.23 18.95 9.56
N ALA F 197 16.22 19.30 10.36
CA ALA F 197 16.17 20.64 10.92
C ALA F 197 17.29 20.87 11.93
N MET F 198 17.54 19.89 12.81
CA MET F 198 18.58 20.04 13.82
C MET F 198 19.96 20.29 13.21
N LYS F 199 20.29 19.57 12.13
CA LYS F 199 21.58 19.77 11.47
C LYS F 199 21.66 21.14 10.82
N MET F 200 20.52 21.80 10.60
CA MET F 200 20.54 23.18 10.13
C MET F 200 20.82 24.18 11.26
N ILE F 201 20.48 23.85 12.51
CA ILE F 201 20.88 24.72 13.61
C ILE F 201 22.36 24.52 13.95
N ASP F 202 22.79 23.27 14.12
CA ASP F 202 24.17 22.97 14.52
C ASP F 202 24.67 21.81 13.66
N PRO F 203 25.39 22.10 12.57
CA PRO F 203 25.85 21.00 11.70
C PRO F 203 26.96 20.14 12.31
N SER F 204 27.56 20.55 13.43
CA SER F 204 28.62 19.75 14.08
C SER F 204 28.08 18.63 14.98
N ILE F 205 26.79 18.53 15.21
CA ILE F 205 26.31 17.46 16.08
C ILE F 205 26.27 16.14 15.32
N GLU F 206 26.25 15.05 16.08
CA GLU F 206 25.96 13.72 15.58
C GLU F 206 24.60 13.28 16.08
N LEU F 207 23.91 12.43 15.30
CA LEU F 207 22.54 12.05 15.64
C LEU F 207 22.41 10.54 15.68
N VAL F 208 21.59 10.06 16.61
CA VAL F 208 21.33 8.63 16.80
C VAL F 208 19.88 8.36 16.41
N ALA F 209 19.67 7.47 15.46
CA ALA F 209 18.32 7.00 15.18
C ALA F 209 18.03 5.83 16.11
N CYS F 210 16.80 5.77 16.61
CA CYS F 210 16.45 4.70 17.53
C CYS F 210 16.15 3.42 16.77
N GLY F 211 16.81 2.33 17.18
CA GLY F 211 16.48 1.00 16.70
C GLY F 211 15.32 0.41 17.47
N SER F 212 15.19 -0.91 17.38
CA SER F 212 14.08 -1.59 18.05
C SER F 212 14.29 -1.54 19.54
N SER F 213 13.21 -1.73 20.30
CA SER F 213 13.40 -1.75 21.75
C SER F 213 14.08 -3.03 22.20
N SER F 214 14.03 -4.09 21.39
CA SER F 214 14.83 -5.27 21.64
C SER F 214 14.83 -6.11 20.37
N LYS F 215 15.77 -7.04 20.30
CA LYS F 215 15.82 -7.89 19.11
C LYS F 215 14.63 -8.83 19.02
N ASP F 216 13.85 -8.99 20.09
CA ASP F 216 12.73 -9.92 20.04
C ASP F 216 11.45 -9.28 19.53
N MET F 217 11.45 -7.97 19.32
CA MET F 217 10.27 -7.32 18.77
C MET F 217 10.03 -7.85 17.35
N PRO F 218 8.81 -8.19 16.99
CA PRO F 218 8.57 -8.72 15.63
C PRO F 218 8.98 -7.74 14.53
N THR F 219 9.05 -6.45 14.82
CA THR F 219 9.47 -5.47 13.84
C THR F 219 10.99 -5.26 13.81
N PHE F 220 11.75 -6.00 14.63
CA PHE F 220 13.20 -6.04 14.40
C PHE F 220 13.51 -7.09 13.34
N PRO F 221 14.41 -6.80 12.38
CA PRO F 221 15.15 -5.57 12.14
C PRO F 221 14.56 -4.74 10.99
N GLN F 222 13.30 -4.98 10.63
CA GLN F 222 12.71 -4.12 9.61
C GLN F 222 12.58 -2.68 10.09
N TRP F 223 12.37 -2.48 11.40
CA TRP F 223 12.29 -1.13 11.96
C TRP F 223 13.57 -0.35 11.68
N GLU F 224 14.72 -0.94 12.01
CA GLU F 224 16.01 -0.34 11.71
C GLU F 224 16.14 -0.05 10.22
N ALA F 225 15.75 -1.00 9.37
CA ALA F 225 15.88 -0.79 7.93
C ALA F 225 15.05 0.39 7.47
N THR F 226 13.83 0.51 7.97
CA THR F 226 12.94 1.59 7.56
C THR F 226 13.45 2.96 8.01
N VAL F 227 13.82 3.09 9.30
CA VAL F 227 14.35 4.34 9.82
C VAL F 227 15.57 4.80 9.05
N LEU F 228 16.50 3.87 8.81
CA LEU F 228 17.71 4.21 8.09
C LEU F 228 17.40 4.57 6.63
N ASP F 229 16.42 3.91 6.02
CA ASP F 229 16.05 4.25 4.65
C ASP F 229 15.57 5.71 4.57
N TYR F 230 14.75 6.15 5.53
CA TYR F 230 14.28 7.53 5.53
C TYR F 230 15.38 8.51 5.89
N ALA F 231 16.15 8.23 6.94
CA ALA F 231 16.96 9.26 7.58
C ALA F 231 18.45 9.15 7.32
N TYR F 232 18.87 8.17 6.51
CA TYR F 232 20.28 7.84 6.35
C TYR F 232 21.20 9.05 6.22
N ASP F 233 20.84 10.00 5.36
CA ASP F 233 21.80 11.05 5.07
C ASP F 233 21.97 12.01 6.24
N TYR F 234 21.13 11.93 7.26
CA TYR F 234 21.13 12.93 8.31
C TYR F 234 21.50 12.40 9.67
N VAL F 235 21.63 11.09 9.84
CA VAL F 235 21.98 10.49 11.13
C VAL F 235 23.33 9.79 11.00
N ASP F 236 23.94 9.49 12.14
CA ASP F 236 25.24 8.87 12.19
C ASP F 236 25.25 7.53 12.87
N TYR F 237 24.28 7.27 13.74
CA TYR F 237 24.24 6.02 14.48
C TYR F 237 22.83 5.48 14.44
N ILE F 238 22.76 4.17 14.64
CA ILE F 238 21.54 3.46 14.94
C ILE F 238 21.74 2.87 16.33
N SER F 239 20.70 2.86 17.13
CA SER F 239 20.84 2.40 18.50
C SER F 239 20.35 0.97 18.64
N LEU F 240 20.93 0.26 19.61
CA LEU F 240 20.55 -1.09 19.98
C LEU F 240 20.40 -1.16 21.50
N HIS F 241 19.46 -1.98 21.94
CA HIS F 241 19.19 -2.22 23.35
C HIS F 241 19.25 -3.71 23.60
N GLN F 242 19.87 -4.13 24.69
CA GLN F 242 19.84 -5.54 25.04
C GLN F 242 20.00 -5.72 26.55
N TYR F 243 19.09 -6.48 27.13
CA TYR F 243 19.20 -6.91 28.51
C TYR F 243 19.15 -8.44 28.58
N TYR F 244 19.80 -8.98 29.61
CA TYR F 244 19.83 -10.41 29.87
C TYR F 244 19.45 -10.69 31.32
N GLY F 245 18.87 -11.88 31.52
CA GLY F 245 18.46 -12.31 32.84
C GLY F 245 18.66 -13.80 33.03
N ASN F 246 18.62 -14.22 34.30
CA ASN F 246 18.80 -15.61 34.69
C ASN F 246 17.69 -16.08 35.62
N LYS F 247 16.44 -15.79 35.26
CA LYS F 247 15.33 -16.33 36.01
C LYS F 247 15.29 -17.85 35.95
N GLU F 248 15.69 -18.44 34.82
CA GLU F 248 15.72 -19.90 34.69
C GLU F 248 16.76 -20.55 35.60
N ASN F 249 17.59 -19.76 36.26
CA ASN F 249 18.67 -20.25 37.13
C ASN F 249 19.50 -21.33 36.45
N ASP F 250 20.12 -20.95 35.34
CA ASP F 250 20.93 -21.83 34.53
C ASP F 250 22.19 -21.05 34.18
N THR F 251 23.13 -21.03 35.12
CA THR F 251 24.30 -20.17 34.99
C THR F 251 25.16 -20.56 33.80
N ALA F 252 25.10 -21.82 33.37
CA ALA F 252 25.82 -22.23 32.17
C ALA F 252 25.23 -21.57 30.93
N ASP F 253 23.91 -21.68 30.75
CA ASP F 253 23.23 -21.02 29.65
C ASP F 253 23.25 -19.50 29.81
N PHE F 254 23.18 -19.00 31.04
CA PHE F 254 23.24 -17.55 31.27
C PHE F 254 24.48 -16.95 30.64
N LEU F 255 25.63 -17.57 30.85
CA LEU F 255 26.88 -17.00 30.34
C LEU F 255 27.10 -17.28 28.86
N ALA F 256 26.28 -18.12 28.25
CA ALA F 256 26.30 -18.31 26.81
C ALA F 256 25.57 -17.20 26.06
N LYS F 257 24.81 -16.34 26.76
CA LYS F 257 24.00 -15.36 26.08
C LYS F 257 24.83 -14.29 25.37
N SER F 258 26.08 -14.09 25.79
CA SER F 258 26.97 -13.21 25.03
C SER F 258 27.05 -13.62 23.56
N ASP F 259 26.86 -14.90 23.26
CA ASP F 259 26.81 -15.34 21.86
C ASP F 259 25.61 -14.74 21.14
N ASP F 260 24.47 -14.63 21.82
CA ASP F 260 23.32 -13.98 21.22
C ASP F 260 23.59 -12.50 20.99
N LEU F 261 24.35 -11.88 21.90
CA LEU F 261 24.74 -10.47 21.73
C LEU F 261 25.58 -10.29 20.48
N ASP F 262 26.51 -11.21 20.25
CA ASP F 262 27.35 -11.14 19.05
C ASP F 262 26.49 -11.23 17.79
N ASP F 263 25.47 -12.10 17.83
CA ASP F 263 24.64 -12.28 16.66
C ASP F 263 23.72 -11.08 16.43
N PHE F 264 23.15 -10.54 17.51
CA PHE F 264 22.33 -9.33 17.40
C PHE F 264 23.10 -8.21 16.72
N ILE F 265 24.35 -8.01 17.12
CA ILE F 265 25.18 -6.92 16.62
C ILE F 265 25.43 -7.08 15.13
N ARG F 266 25.83 -8.28 14.71
CA ARG F 266 26.08 -8.50 13.29
C ARG F 266 24.82 -8.30 12.47
N SER F 267 23.66 -8.72 13.01
CA SER F 267 22.38 -8.45 12.35
C SER F 267 22.19 -6.95 12.09
N VAL F 268 22.45 -6.12 13.10
CA VAL F 268 22.23 -4.69 12.92
C VAL F 268 23.22 -4.13 11.90
N ILE F 269 24.45 -4.62 11.93
CA ILE F 269 25.47 -4.17 10.97
C ILE F 269 25.07 -4.55 9.55
N ALA F 270 24.62 -5.80 9.35
CA ALA F 270 24.16 -6.21 8.02
C ALA F 270 23.03 -5.31 7.52
N THR F 271 22.10 -4.99 8.41
CA THR F 271 20.98 -4.09 8.09
C THR F 271 21.47 -2.71 7.68
N CYS F 272 22.46 -2.16 8.38
CA CYS F 272 23.05 -0.89 7.99
C CYS F 272 23.66 -0.97 6.59
N ASP F 273 24.46 -2.02 6.35
CA ASP F 273 25.11 -2.18 5.05
C ASP F 273 24.11 -2.48 3.95
N TYR F 274 22.99 -3.12 4.27
CA TYR F 274 21.96 -3.30 3.27
C TYR F 274 21.40 -1.96 2.84
N ILE F 275 21.09 -1.09 3.79
CA ILE F 275 20.59 0.24 3.45
C ILE F 275 21.69 1.07 2.79
N LYS F 276 22.93 0.91 3.25
CA LYS F 276 24.06 1.55 2.57
C LYS F 276 24.05 1.27 1.07
N ALA F 277 24.03 -0.02 0.70
CA ALA F 277 24.01 -0.39 -0.71
C ALA F 277 22.79 0.15 -1.43
N LYS F 278 21.69 0.32 -0.71
CA LYS F 278 20.47 0.82 -1.31
C LYS F 278 20.50 2.33 -1.55
N LYS F 279 21.20 3.09 -0.71
CA LYS F 279 21.35 4.52 -0.93
C LYS F 279 22.58 4.85 -1.76
N ARG F 280 23.34 3.84 -2.21
CA ARG F 280 24.68 3.97 -2.76
C ARG F 280 25.53 4.99 -2.01
N SER F 281 25.42 5.01 -0.68
CA SER F 281 26.17 5.97 0.08
C SER F 281 27.57 5.45 0.34
N LYS F 282 28.51 6.37 0.51
CA LYS F 282 29.84 5.99 0.98
C LYS F 282 29.99 6.18 2.48
N LYS F 283 28.98 6.71 3.17
CA LYS F 283 29.01 6.82 4.62
C LYS F 283 28.64 5.50 5.28
N ASP F 284 29.30 5.18 6.38
CA ASP F 284 28.95 4.05 7.21
C ASP F 284 28.17 4.52 8.44
N ILE F 285 27.07 3.83 8.73
CA ILE F 285 26.33 4.02 9.97
C ILE F 285 27.02 3.24 11.07
N TYR F 286 27.24 3.89 12.20
CA TYR F 286 27.86 3.24 13.35
C TYR F 286 26.78 2.85 14.35
N LEU F 287 27.17 2.03 15.33
CA LEU F 287 26.23 1.51 16.30
C LEU F 287 26.37 2.27 17.60
N SER F 288 25.24 2.67 18.17
CA SER F 288 25.17 3.27 19.48
C SER F 288 24.40 2.30 20.36
N PHE F 289 25.12 1.51 21.15
CA PHE F 289 24.52 0.49 22.00
C PHE F 289 24.12 1.11 23.34
N ASP F 290 23.17 2.04 23.28
CA ASP F 290 22.93 2.93 24.43
C ASP F 290 22.01 2.35 25.51
N GLU F 291 21.72 1.04 25.48
CA GLU F 291 21.06 0.41 26.63
C GLU F 291 21.55 -1.04 26.68
N TRP F 292 22.44 -1.34 27.63
CA TRP F 292 22.85 -2.73 27.83
C TRP F 292 23.20 -2.95 29.29
N ASN F 293 22.82 -4.13 29.81
CA ASN F 293 23.10 -4.59 31.16
C ASN F 293 22.38 -5.89 31.46
N VAL F 294 22.71 -6.53 32.59
CA VAL F 294 21.88 -7.60 33.14
C VAL F 294 20.70 -6.96 33.89
N TRP F 295 19.52 -7.53 33.74
CA TRP F 295 18.34 -6.94 34.37
C TRP F 295 17.28 -8.03 34.54
N TYR F 296 16.95 -8.37 35.78
CA TYR F 296 15.89 -9.36 36.06
C TYR F 296 15.54 -9.49 37.54
N HIS F 297 16.42 -9.06 38.45
CA HIS F 297 16.21 -9.37 39.87
C HIS F 297 15.01 -8.63 40.43
N SER F 298 14.84 -7.35 40.12
CA SER F 298 13.86 -6.52 40.80
C SER F 298 12.49 -6.55 40.13
N ASN F 299 12.29 -7.49 39.20
CA ASN F 299 11.12 -7.41 38.31
C ASN F 299 9.81 -7.39 39.08
N ASN F 300 9.73 -8.14 40.18
CA ASN F 300 8.44 -8.28 40.85
C ASN F 300 8.15 -7.13 41.81
N GLU F 301 9.16 -6.62 42.52
CA GLU F 301 8.95 -5.42 43.34
C GLU F 301 8.46 -4.26 42.49
N ASP F 302 9.03 -4.09 41.29
CA ASP F 302 8.64 -2.99 40.41
C ASP F 302 7.18 -3.12 40.01
N ALA F 303 6.72 -4.33 39.71
CA ALA F 303 5.31 -4.53 39.39
C ALA F 303 4.42 -4.21 40.60
N ASN F 304 4.87 -4.56 41.80
CA ASN F 304 4.12 -4.15 42.98
C ASN F 304 3.98 -2.63 43.04
N ILE F 305 5.11 -1.92 43.00
CA ILE F 305 5.07 -0.46 43.14
C ILE F 305 4.19 0.24 42.11
N MET F 306 3.91 -0.42 40.96
CA MET F 306 2.97 0.11 39.98
C MET F 306 2.00 -0.99 39.55
N GLN F 307 0.74 -0.89 39.96
CA GLN F 307 0.23 0.26 40.66
C GLN F 307 -0.38 -0.16 41.97
N ASN F 308 0.46 -0.26 43.00
CA ASN F 308 0.04 -0.28 44.40
C ASN F 308 0.18 1.11 45.01
N GLU F 309 1.41 1.65 44.98
CA GLU F 309 1.73 2.99 45.45
C GLU F 309 2.23 3.81 44.27
N PRO F 310 1.35 4.26 43.39
CA PRO F 310 1.79 5.06 42.25
C PRO F 310 1.91 6.52 42.65
N TRP F 311 2.51 7.30 41.75
CA TRP F 311 2.61 8.76 41.87
C TRP F 311 3.47 9.18 43.06
N ARG F 312 4.48 8.38 43.38
CA ARG F 312 5.50 8.75 44.35
C ARG F 312 6.64 9.48 43.63
N ILE F 313 7.31 10.39 44.34
CA ILE F 313 8.62 10.87 43.90
C ILE F 313 9.63 9.81 44.29
N ALA F 314 10.50 9.45 43.35
CA ALA F 314 11.63 8.57 43.65
C ALA F 314 11.25 7.26 44.34
N PRO F 315 10.35 6.46 43.75
CA PRO F 315 10.12 5.13 44.30
C PRO F 315 11.26 4.19 43.93
N PRO F 316 11.53 3.17 44.73
CA PRO F 316 12.75 2.36 44.46
C PRO F 316 12.56 1.33 43.34
N LEU F 317 12.50 1.82 42.10
CA LEU F 317 12.25 0.96 40.94
C LEU F 317 13.55 0.39 40.38
N LEU F 318 13.45 -0.80 39.81
CA LEU F 318 14.55 -1.44 39.08
C LEU F 318 15.81 -1.59 39.96
N GLU F 319 15.65 -1.74 41.28
CA GLU F 319 16.82 -1.87 42.16
C GLU F 319 17.30 -3.32 42.16
N ASP F 320 17.89 -3.73 41.03
CA ASP F 320 18.54 -5.02 40.92
C ASP F 320 19.79 -5.05 41.77
N ILE F 321 19.98 -6.13 42.53
CA ILE F 321 21.22 -6.35 43.30
C ILE F 321 21.96 -7.50 42.64
N TYR F 322 23.18 -7.26 42.20
CA TYR F 322 23.82 -8.16 41.25
C TYR F 322 24.68 -9.21 41.96
N THR F 323 24.79 -10.35 41.29
CA THR F 323 25.53 -11.49 41.82
C THR F 323 26.91 -11.53 41.17
N PHE F 324 27.73 -12.51 41.56
CA PHE F 324 29.00 -12.69 40.87
C PHE F 324 28.77 -13.16 39.44
N GLU F 325 27.78 -14.03 39.24
CA GLU F 325 27.50 -14.52 37.89
C GLU F 325 27.03 -13.39 36.97
N ASP F 326 26.33 -12.38 37.51
CA ASP F 326 25.96 -11.24 36.69
C ASP F 326 27.20 -10.46 36.24
N ALA F 327 28.16 -10.29 37.13
CA ALA F 327 29.39 -9.61 36.75
C ALA F 327 30.09 -10.34 35.62
N LEU F 328 30.03 -11.68 35.63
CA LEU F 328 30.65 -12.47 34.58
C LEU F 328 29.99 -12.21 33.23
N LEU F 329 28.66 -12.09 33.21
CA LEU F 329 28.00 -11.76 31.95
C LEU F 329 28.30 -10.33 31.52
N VAL F 330 28.25 -9.37 32.45
CA VAL F 330 28.62 -7.99 32.10
C VAL F 330 30.02 -7.94 31.53
N GLY F 331 30.93 -8.77 32.06
CA GLY F 331 32.26 -8.85 31.48
C GLY F 331 32.25 -9.47 30.10
N LEU F 332 31.49 -10.54 29.93
CA LEU F 332 31.34 -11.14 28.61
C LEU F 332 30.74 -10.15 27.61
N MET F 333 29.74 -9.38 28.06
CA MET F 333 29.15 -8.37 27.19
C MET F 333 30.17 -7.32 26.79
N LEU F 334 31.02 -6.91 27.73
CA LEU F 334 32.07 -5.95 27.38
C LEU F 334 33.05 -6.52 26.38
N ILE F 335 33.40 -7.81 26.53
CA ILE F 335 34.30 -8.43 25.56
C ILE F 335 33.68 -8.42 24.18
N THR F 336 32.36 -8.67 24.10
CA THR F 336 31.66 -8.67 22.83
C THR F 336 31.57 -7.26 22.26
N LEU F 337 31.39 -6.25 23.10
CA LEU F 337 31.43 -4.88 22.62
C LEU F 337 32.79 -4.55 22.01
N MET F 338 33.85 -4.93 22.71
CA MET F 338 35.20 -4.66 22.21
C MET F 338 35.44 -5.33 20.86
N LYS F 339 34.98 -6.58 20.69
CA LYS F 339 35.20 -7.34 19.47
C LYS F 339 34.53 -6.71 18.25
N HIS F 340 33.61 -5.75 18.44
CA HIS F 340 32.90 -5.08 17.37
C HIS F 340 33.12 -3.56 17.42
N ALA F 341 34.28 -3.15 17.93
CA ALA F 341 34.63 -1.74 18.04
C ALA F 341 34.85 -1.06 16.70
N ASP F 342 34.92 -1.83 15.60
CA ASP F 342 34.98 -1.18 14.29
C ASP F 342 33.66 -0.53 13.92
N ARG F 343 32.54 -1.04 14.43
CA ARG F 343 31.25 -0.43 14.17
C ARG F 343 30.59 0.18 15.40
N ILE F 344 30.73 -0.42 16.57
CA ILE F 344 30.12 0.14 17.77
C ILE F 344 31.03 1.24 18.30
N LYS F 345 30.59 2.51 18.21
CA LYS F 345 31.38 3.65 18.65
C LYS F 345 30.82 4.33 19.89
N ILE F 346 29.63 3.93 20.33
CA ILE F 346 29.01 4.46 21.54
C ILE F 346 28.28 3.31 22.21
N ALA F 347 28.42 3.21 23.53
CA ALA F 347 27.63 2.24 24.28
C ALA F 347 27.39 2.80 25.66
N CYS F 348 26.21 2.51 26.20
CA CYS F 348 25.83 2.98 27.52
C CYS F 348 25.40 1.80 28.36
N LEU F 349 26.17 1.50 29.41
CA LEU F 349 25.66 0.63 30.47
C LEU F 349 24.43 1.27 31.09
N ALA F 350 23.33 0.54 31.15
CA ALA F 350 22.07 1.06 31.69
C ALA F 350 21.75 0.38 33.01
N GLN F 351 21.71 1.14 34.11
CA GLN F 351 22.03 2.56 34.14
C GLN F 351 23.17 2.78 35.14
N LEU F 352 23.44 4.05 35.51
CA LEU F 352 24.63 4.40 36.30
C LEU F 352 24.40 4.43 37.82
N ILE F 353 23.33 5.07 38.29
CA ILE F 353 23.07 5.24 39.72
C ILE F 353 21.77 4.54 40.08
N ASN F 354 21.85 3.55 41.00
CA ASN F 354 20.72 2.93 41.68
C ASN F 354 19.82 2.08 40.79
N VAL F 355 19.46 2.59 39.61
CA VAL F 355 18.60 1.89 38.65
C VAL F 355 19.46 0.90 37.86
N ILE F 356 19.24 -0.40 38.07
CA ILE F 356 20.04 -1.52 37.54
C ILE F 356 21.49 -1.07 37.36
N ALA F 357 22.16 -0.76 38.46
CA ALA F 357 23.33 0.10 38.36
C ALA F 357 24.55 -0.49 39.03
N PRO F 358 25.75 -0.15 38.55
CA PRO F 358 26.98 -0.57 39.24
C PRO F 358 27.21 0.17 40.54
N ILE F 359 26.50 1.27 40.78
CA ILE F 359 26.68 2.16 41.93
C ILE F 359 25.35 2.35 42.61
N VAL F 360 25.29 2.07 43.92
CA VAL F 360 24.07 2.14 44.71
C VAL F 360 24.28 3.07 45.90
N THR F 361 23.27 3.87 46.22
CA THR F 361 23.15 4.55 47.51
C THR F 361 21.98 3.93 48.25
N GLU F 362 22.14 3.74 49.54
CA GLU F 362 21.11 3.16 50.33
C GLU F 362 19.99 4.19 50.49
N ARG F 363 18.77 3.73 50.58
CA ARG F 363 17.62 4.61 50.66
C ARG F 363 17.59 5.62 51.81
N ASN F 364 17.07 6.81 51.56
CA ASN F 364 16.83 7.80 52.57
C ASN F 364 18.16 8.42 52.96
N GLY F 365 19.08 8.52 52.02
CA GLY F 365 20.34 9.18 52.24
C GLY F 365 21.51 8.38 52.70
N GLY F 366 21.45 7.07 52.57
CA GLY F 366 22.48 6.17 53.02
C GLY F 366 23.69 6.06 52.16
N ALA F 367 24.57 5.15 52.52
CA ALA F 367 25.91 5.20 52.00
C ALA F 367 25.99 4.60 50.62
N ALA F 368 27.00 4.94 49.88
CA ALA F 368 27.14 4.44 48.53
C ALA F 368 28.00 3.20 48.49
N TRP F 369 27.75 2.30 47.56
CA TRP F 369 28.55 1.10 47.46
C TRP F 369 28.61 0.59 46.02
N ARG F 370 29.56 -0.29 45.74
CA ARG F 370 29.80 -0.84 44.41
C ARG F 370 29.16 -2.21 44.28
N GLN F 371 28.44 -2.42 43.19
CA GLN F 371 27.87 -3.74 42.94
C GLN F 371 28.90 -4.64 42.26
N THR F 372 28.57 -5.92 42.13
CA THR F 372 29.53 -6.84 41.53
C THR F 372 29.87 -6.42 40.11
N ILE F 373 28.87 -5.96 39.35
CA ILE F 373 29.11 -5.52 37.97
C ILE F 373 29.95 -4.25 37.89
N PHE F 374 30.17 -3.54 39.00
CA PHE F 374 31.02 -2.35 38.95
C PHE F 374 32.40 -2.66 38.36
N TYR F 375 32.96 -3.81 38.70
CA TYR F 375 34.38 -4.04 38.46
C TYR F 375 34.75 -4.49 37.06
N PRO F 376 34.00 -5.39 36.41
CA PRO F 376 34.37 -5.68 35.01
C PRO F 376 34.33 -4.44 34.15
N PHE F 377 33.34 -3.56 34.37
CA PHE F 377 33.26 -2.32 33.62
C PHE F 377 34.42 -1.38 33.97
N MET F 378 34.73 -1.24 35.26
CA MET F 378 35.89 -0.44 35.66
C MET F 378 37.15 -0.91 34.94
N HIS F 379 37.37 -2.22 34.88
CA HIS F 379 38.55 -2.76 34.21
C HIS F 379 38.51 -2.46 32.72
N ALA F 380 37.36 -2.68 32.07
CA ALA F 380 37.29 -2.48 30.64
C ALA F 380 37.55 -1.03 30.29
N SER F 381 37.01 -0.11 31.09
CA SER F 381 37.19 1.30 30.78
C SER F 381 38.59 1.80 31.14
N LYS F 382 39.26 1.16 32.08
CA LYS F 382 40.60 1.59 32.49
C LYS F 382 41.66 1.11 31.50
N TYR F 383 41.69 -0.20 31.23
CA TYR F 383 42.76 -0.81 30.44
C TYR F 383 42.37 -1.05 28.98
N GLY F 384 41.12 -0.73 28.61
CA GLY F 384 40.64 -1.06 27.28
C GLY F 384 40.56 0.10 26.31
N ARG F 385 41.52 1.03 26.39
CA ARG F 385 41.71 2.05 25.37
C ARG F 385 42.90 1.65 24.51
N GLY F 386 42.81 1.96 23.21
CA GLY F 386 43.82 1.49 22.29
C GLY F 386 43.23 0.82 21.08
N ILE F 387 43.83 -0.28 20.61
CA ILE F 387 43.46 -0.91 19.35
C ILE F 387 43.05 -2.35 19.63
N VAL F 388 41.89 -2.72 19.13
CA VAL F 388 41.36 -4.07 19.29
C VAL F 388 42.00 -4.97 18.23
N LEU F 389 42.79 -5.93 18.67
CA LEU F 389 43.39 -6.90 17.75
C LEU F 389 42.45 -8.07 17.52
N GLN F 390 42.50 -8.64 16.33
CA GLN F 390 41.57 -9.71 16.01
C GLN F 390 41.81 -10.91 16.89
N PRO F 391 40.84 -11.33 17.69
CA PRO F 391 40.98 -12.61 18.39
C PRO F 391 40.98 -13.75 17.39
N VAL F 392 42.13 -14.43 17.25
CA VAL F 392 42.19 -15.69 16.53
C VAL F 392 42.36 -16.78 17.59
N ILE F 393 41.35 -17.64 17.71
CA ILE F 393 41.18 -18.45 18.91
C ILE F 393 40.67 -19.82 18.52
N ASN F 394 41.29 -20.86 19.07
CA ASN F 394 40.66 -22.14 19.22
C ASN F 394 40.55 -22.41 20.72
N SER F 395 39.34 -22.71 21.16
CA SER F 395 39.02 -22.94 22.56
C SER F 395 38.06 -24.11 22.62
N PRO F 396 38.12 -24.90 23.70
CA PRO F 396 37.16 -25.98 23.85
C PRO F 396 35.74 -25.44 23.77
N LEU F 397 34.82 -26.33 23.45
CA LEU F 397 33.43 -25.97 23.34
C LEU F 397 32.64 -26.68 24.44
N HIS F 398 31.42 -26.19 24.66
CA HIS F 398 30.46 -26.90 25.46
C HIS F 398 29.06 -26.55 24.97
N ASP F 399 28.12 -27.41 25.28
CA ASP F 399 26.73 -27.09 25.04
C ASP F 399 26.07 -26.76 26.37
N THR F 400 24.96 -26.00 26.29
CA THR F 400 24.14 -25.75 27.47
C THR F 400 22.73 -26.18 27.12
N SER F 401 21.78 -25.92 28.02
CA SER F 401 20.41 -26.38 27.80
C SER F 401 19.78 -25.74 26.57
N LYS F 402 20.30 -24.58 26.13
CA LYS F 402 19.67 -23.81 25.08
C LYS F 402 20.64 -23.17 24.11
N HIS F 403 21.95 -23.27 24.34
CA HIS F 403 22.95 -22.84 23.39
C HIS F 403 23.82 -24.03 23.03
N GLU F 404 24.49 -23.92 21.89
CA GLU F 404 25.28 -24.99 21.35
C GLU F 404 26.65 -24.45 20.96
N ASP F 405 27.68 -25.28 21.11
CA ASP F 405 29.04 -24.92 20.69
C ASP F 405 29.49 -23.61 21.33
N VAL F 406 29.05 -23.39 22.57
CA VAL F 406 29.43 -22.20 23.32
C VAL F 406 30.93 -22.22 23.57
N THR F 407 31.61 -21.15 23.18
CA THR F 407 33.02 -21.01 23.45
C THR F 407 33.28 -21.15 24.94
N ASP F 408 34.29 -21.96 25.28
CA ASP F 408 34.63 -22.14 26.69
C ASP F 408 35.27 -20.89 27.25
N ILE F 409 36.22 -20.33 26.52
CA ILE F 409 36.94 -19.12 26.92
C ILE F 409 36.70 -18.05 25.89
N GLU F 410 36.07 -16.98 26.31
CA GLU F 410 35.90 -15.77 25.51
C GLU F 410 36.98 -14.77 25.86
N SER F 411 37.57 -14.15 24.85
CA SER F 411 38.76 -13.34 25.11
C SER F 411 38.98 -12.34 23.98
N VAL F 412 39.67 -11.25 24.31
CA VAL F 412 40.09 -10.24 23.33
C VAL F 412 41.27 -9.50 23.91
N ALA F 413 42.12 -8.94 23.03
CA ALA F 413 43.31 -8.19 23.44
C ALA F 413 43.31 -6.81 22.82
N ILE F 414 43.80 -5.83 23.58
CA ILE F 414 43.74 -4.41 23.21
C ILE F 414 45.13 -3.79 23.38
N TYR F 415 45.77 -3.46 22.26
CA TYR F 415 47.13 -2.94 22.27
C TYR F 415 47.09 -1.41 22.40
N ASN F 416 47.61 -0.91 23.51
CA ASN F 416 47.76 0.52 23.75
C ASN F 416 49.13 0.94 23.23
N GLU F 417 49.16 1.69 22.13
CA GLU F 417 50.43 1.97 21.48
C GLU F 417 51.24 3.00 22.26
N GLU F 418 50.60 4.09 22.68
CA GLU F 418 51.33 5.14 23.40
C GLU F 418 51.91 4.64 24.72
N LYS F 419 51.38 3.54 25.27
CA LYS F 419 51.82 3.03 26.57
C LYS F 419 52.63 1.75 26.47
N GLU F 420 52.78 1.17 25.28
CA GLU F 420 53.52 -0.07 25.06
C GLU F 420 52.99 -1.22 25.88
N GLU F 421 51.78 -1.08 26.42
CA GLU F 421 51.11 -2.15 27.13
C GLU F 421 50.16 -2.88 26.21
N VAL F 422 49.77 -4.09 26.62
CA VAL F 422 48.81 -4.90 25.89
C VAL F 422 47.93 -5.57 26.94
N THR F 423 46.63 -5.31 26.90
CA THR F 423 45.73 -5.84 27.90
C THR F 423 44.86 -6.92 27.29
N ILE F 424 44.81 -8.09 27.93
CA ILE F 424 44.03 -9.22 27.49
C ILE F 424 42.89 -9.42 28.48
N PHE F 425 41.66 -9.21 28.01
CA PHE F 425 40.47 -9.56 28.76
C PHE F 425 40.06 -10.96 28.37
N ALA F 426 39.82 -11.81 29.37
CA ALA F 426 39.38 -13.18 29.09
C ALA F 426 38.42 -13.61 30.18
N VAL F 427 37.28 -14.17 29.79
CA VAL F 427 36.36 -14.81 30.72
C VAL F 427 36.42 -16.32 30.50
N ASN F 428 36.56 -17.10 31.58
CA ASN F 428 36.31 -18.53 31.51
C ASN F 428 34.85 -18.75 31.86
N ARG F 429 34.03 -19.00 30.84
CA ARG F 429 32.64 -19.31 31.12
C ARG F 429 32.39 -20.80 31.09
N ASN F 430 33.42 -21.62 31.33
CA ASN F 430 33.18 -22.97 31.83
C ASN F 430 32.94 -22.86 33.33
N ILE F 431 31.71 -23.14 33.75
CA ILE F 431 31.30 -23.00 35.14
C ILE F 431 32.09 -23.95 36.04
N HIS F 432 32.49 -25.09 35.50
CA HIS F 432 33.09 -26.18 36.27
C HIS F 432 34.60 -26.31 36.08
N GLU F 433 35.05 -26.38 34.83
CA GLU F 433 36.37 -26.86 34.49
C GLU F 433 37.34 -25.70 34.31
N ASP F 434 38.36 -25.64 35.17
CA ASP F 434 39.44 -24.67 35.02
C ASP F 434 40.20 -24.93 33.71
N ILE F 435 40.74 -23.86 33.14
CA ILE F 435 41.33 -23.88 31.80
C ILE F 435 42.56 -22.99 31.79
N VAL F 436 43.56 -23.38 30.99
CA VAL F 436 44.73 -22.55 30.76
C VAL F 436 44.63 -21.98 29.36
N LEU F 437 45.00 -20.71 29.21
CA LEU F 437 45.07 -20.04 27.92
C LEU F 437 46.51 -19.72 27.61
N VAL F 438 46.99 -20.24 26.47
CA VAL F 438 48.36 -20.05 26.00
C VAL F 438 48.31 -19.05 24.86
N SER F 439 48.97 -17.91 25.05
CA SER F 439 48.78 -16.74 24.20
C SER F 439 50.07 -16.39 23.44
N ASP F 440 50.15 -16.78 22.17
CA ASP F 440 51.32 -16.46 21.36
C ASP F 440 51.34 -15.00 20.97
N VAL F 441 51.98 -14.16 21.78
CA VAL F 441 52.30 -12.80 21.33
C VAL F 441 53.34 -12.93 20.22
N ARG F 442 52.96 -12.59 19.00
CA ARG F 442 53.92 -12.48 17.92
C ARG F 442 54.34 -11.03 17.69
N GLY F 443 53.98 -10.13 18.61
CA GLY F 443 54.16 -8.69 18.48
C GLY F 443 55.50 -8.16 17.97
N MET F 444 56.39 -7.63 18.83
CA MET F 444 56.30 -7.49 20.30
C MET F 444 56.16 -8.82 21.03
N ARG F 448 58.00 -8.19 31.13
CA ARG F 448 56.97 -7.40 30.51
C ARG F 448 55.57 -7.97 30.81
N LEU F 449 55.47 -8.76 31.87
CA LEU F 449 54.20 -9.29 32.30
C LEU F 449 53.90 -8.49 33.52
N LEU F 450 53.13 -7.43 33.30
CA LEU F 450 52.74 -6.48 34.32
C LEU F 450 52.03 -7.11 35.48
N GLU F 451 50.77 -7.47 35.30
CA GLU F 451 50.03 -8.09 36.36
C GLU F 451 48.93 -8.96 35.84
N HIS F 452 48.11 -9.43 36.74
CA HIS F 452 47.08 -10.34 36.31
C HIS F 452 45.91 -10.23 37.28
N ILE F 453 45.03 -9.24 37.05
CA ILE F 453 43.90 -8.96 37.94
C ILE F 453 42.77 -9.93 37.66
N VAL F 454 42.09 -10.40 38.70
CA VAL F 454 41.08 -11.42 38.54
C VAL F 454 39.85 -11.10 39.37
N LEU F 455 38.68 -11.45 38.83
CA LEU F 455 37.41 -11.40 39.52
C LEU F 455 36.92 -12.83 39.66
N GLU F 456 37.21 -13.46 40.79
CA GLU F 456 36.69 -14.80 41.03
C GLU F 456 36.00 -14.84 42.39
N HIS F 457 35.13 -15.84 42.54
CA HIS F 457 34.53 -16.10 43.84
C HIS F 457 34.00 -17.53 43.86
N GLN F 458 34.10 -18.16 45.03
CA GLN F 458 33.57 -19.50 45.21
C GLN F 458 32.10 -19.58 44.81
N ASP F 459 31.30 -18.63 45.30
CA ASP F 459 29.85 -18.70 45.23
C ASP F 459 29.35 -17.82 44.08
N LEU F 460 28.70 -18.44 43.09
CA LEU F 460 28.26 -17.69 41.92
C LEU F 460 27.06 -16.81 42.21
N LYS F 461 26.34 -17.04 43.30
CA LYS F 461 25.19 -16.21 43.64
C LYS F 461 25.50 -15.19 44.72
N ILE F 462 26.76 -15.04 45.12
CA ILE F 462 27.12 -14.06 46.14
C ILE F 462 26.79 -12.65 45.65
N ARG F 463 26.46 -11.77 46.58
CA ARG F 463 26.11 -10.40 46.27
C ARG F 463 27.08 -9.45 46.95
N ASN F 464 27.02 -8.18 46.55
CA ASN F 464 27.65 -7.10 47.31
C ASN F 464 26.56 -6.34 48.06
N SER F 465 27.00 -5.49 49.00
CA SER F 465 26.08 -4.77 49.86
C SER F 465 26.80 -3.56 50.43
N VAL F 466 26.05 -2.74 51.12
CA VAL F 466 26.64 -1.61 51.78
C VAL F 466 27.55 -2.05 52.94
N ASN F 467 27.43 -3.29 53.36
CA ASN F 467 28.23 -3.80 54.44
C ASN F 467 29.56 -4.34 54.00
N GLY F 468 29.80 -4.40 52.71
CA GLY F 468 31.04 -4.88 52.22
C GLY F 468 30.93 -5.59 50.91
N GLU F 469 31.99 -5.50 50.13
CA GLU F 469 32.08 -6.14 48.86
C GLU F 469 32.68 -7.50 49.03
N GLU F 470 32.03 -8.50 48.48
CA GLU F 470 32.50 -9.85 48.50
C GLU F 470 33.15 -10.08 47.18
N VAL F 471 32.88 -9.21 46.24
CA VAL F 471 33.47 -9.34 44.92
C VAL F 471 34.30 -8.09 44.70
N TYR F 472 35.59 -8.27 44.40
CA TYR F 472 36.49 -7.14 44.19
C TYR F 472 37.71 -7.64 43.46
N PRO F 473 38.43 -6.77 42.76
CA PRO F 473 39.53 -7.27 41.93
C PRO F 473 40.65 -7.81 42.80
N LYS F 474 40.88 -9.13 42.73
CA LYS F 474 42.02 -9.73 43.40
C LYS F 474 43.22 -9.62 42.47
N ASN F 475 44.09 -8.67 42.77
CA ASN F 475 45.35 -8.41 42.07
C ASN F 475 46.29 -9.59 42.35
N SER F 476 46.13 -10.66 41.58
CA SER F 476 46.59 -11.97 42.02
C SER F 476 47.33 -12.68 40.89
N ASP F 477 47.47 -14.00 41.05
CA ASP F 477 48.18 -14.94 40.16
C ASP F 477 49.60 -14.51 39.82
N PHE F 481 54.24 -15.90 31.53
CA PHE F 481 54.86 -15.25 30.37
C PHE F 481 56.38 -15.14 30.49
N ASP F 482 57.12 -15.54 29.48
CA ASP F 482 58.57 -15.41 29.53
C ASP F 482 59.39 -15.81 28.29
N ASP F 483 58.82 -15.72 27.10
CA ASP F 483 59.58 -16.10 25.92
C ASP F 483 59.06 -15.44 24.66
N GLY F 484 57.75 -15.41 24.60
CA GLY F 484 56.93 -14.91 23.52
C GLY F 484 55.52 -15.41 23.74
N ILE F 485 55.38 -16.59 24.33
CA ILE F 485 54.12 -17.18 24.64
C ILE F 485 53.79 -16.78 26.06
N LEU F 486 52.55 -16.39 26.29
CA LEU F 486 52.11 -16.05 27.62
C LEU F 486 51.21 -17.14 28.09
N THR F 487 51.46 -17.63 29.29
CA THR F 487 50.63 -18.67 29.86
C THR F 487 50.11 -18.16 31.20
N SER F 488 48.79 -18.13 31.34
CA SER F 488 48.12 -17.86 32.60
C SER F 488 46.85 -18.68 32.61
N MET F 489 46.39 -18.99 33.81
CA MET F 489 45.34 -19.97 34.00
C MET F 489 44.01 -19.28 34.27
N LEU F 490 42.99 -19.67 33.53
CA LEU F 490 41.66 -19.08 33.66
C LEU F 490 40.86 -20.03 34.54
N ARG F 491 40.61 -19.62 35.78
CA ARG F 491 39.81 -20.42 36.69
C ARG F 491 38.37 -20.49 36.20
N ARG F 492 37.70 -21.60 36.52
CA ARG F 492 36.28 -21.75 36.20
C ARG F 492 35.50 -20.53 36.69
N ALA F 493 34.61 -20.04 35.82
CA ALA F 493 33.74 -18.89 36.11
C ALA F 493 34.54 -17.70 36.64
N SER F 494 35.45 -17.19 35.81
CA SER F 494 36.34 -16.11 36.25
C SER F 494 36.49 -15.04 35.17
N TRP F 495 36.87 -13.85 35.61
CA TRP F 495 37.13 -12.68 34.79
C TRP F 495 38.59 -12.29 34.97
N ASN F 496 39.31 -12.13 33.86
CA ASN F 496 40.77 -12.02 33.90
C ASN F 496 41.23 -10.83 33.09
N VAL F 497 42.06 -9.99 33.70
CA VAL F 497 42.68 -8.85 33.05
C VAL F 497 44.19 -9.05 33.13
N ILE F 498 44.79 -9.50 32.03
CA ILE F 498 46.22 -9.83 31.96
C ILE F 498 46.93 -8.76 31.12
N ARG F 499 47.91 -8.10 31.72
CA ARG F 499 48.56 -6.97 31.06
C ARG F 499 50.03 -7.29 30.75
N ILE F 500 50.50 -6.83 29.59
CA ILE F 500 51.84 -7.09 29.08
C ILE F 500 52.52 -5.75 28.80
N GLY F 501 53.80 -5.64 29.12
CA GLY F 501 54.48 -4.36 29.03
C GLY F 501 55.73 -4.26 28.17
#